data_2LLA
#
_entry.id   2LLA
#
_entity_poly.entity_id   1
_entity_poly.type   'polypeptide(L)'
_entity_poly.pdbx_seq_one_letter_code
;MVQDNCQVTNPATGYVFDLNSLKRESGYTISDIRKGSIRLGVCGEVKDCGPGIGACFEGTGIKAGKWNQKLSYVDQVLQL
VYEDGDPCPANLHLKYKSVISFVCKSDAGPTSQPLLLSVDEHTCTLFFSWHTSLACEQEV
;
_entity_poly.pdbx_strand_id   A
#
# COMPACT_ATOMS: atom_id res chain seq x y z
N MET A 1 -6.02 10.73 -18.11
CA MET A 1 -6.02 9.42 -17.47
C MET A 1 -5.33 9.54 -16.16
N VAL A 2 -5.63 8.65 -15.26
CA VAL A 2 -4.90 8.57 -14.04
C VAL A 2 -3.79 7.57 -14.26
N GLN A 3 -2.58 7.98 -14.03
CA GLN A 3 -1.43 7.15 -14.33
C GLN A 3 -1.35 5.93 -13.44
N ASP A 4 -1.35 4.78 -14.08
CA ASP A 4 -1.09 3.54 -13.40
C ASP A 4 0.00 2.81 -14.14
N ASN A 5 1.21 3.25 -13.88
CA ASN A 5 2.37 2.64 -14.47
C ASN A 5 2.91 1.60 -13.53
N CYS A 6 2.79 1.89 -12.21
CA CYS A 6 3.12 0.96 -11.13
C CYS A 6 4.56 0.49 -11.21
N GLN A 7 5.42 1.30 -11.74
CA GLN A 7 6.78 0.92 -11.90
C GLN A 7 7.70 2.07 -11.63
N VAL A 8 8.78 1.78 -11.00
CA VAL A 8 9.80 2.74 -10.72
C VAL A 8 11.15 2.08 -10.91
N THR A 9 12.07 2.78 -11.50
CA THR A 9 13.39 2.26 -11.72
C THR A 9 14.30 2.78 -10.62
N ASN A 10 15.01 1.89 -9.95
CA ASN A 10 15.88 2.31 -8.88
C ASN A 10 17.27 2.62 -9.45
N PRO A 11 17.95 3.65 -8.94
CA PRO A 11 19.29 4.06 -9.43
C PRO A 11 20.42 3.14 -8.96
N ALA A 12 20.15 2.29 -7.99
CA ALA A 12 21.15 1.44 -7.39
C ALA A 12 21.53 0.28 -8.32
N THR A 13 20.57 -0.52 -8.67
CA THR A 13 20.81 -1.69 -9.49
C THR A 13 20.26 -1.54 -10.91
N GLY A 14 19.46 -0.50 -11.13
CA GLY A 14 18.87 -0.31 -12.45
C GLY A 14 17.75 -1.28 -12.72
N TYR A 15 17.04 -1.62 -11.68
CA TYR A 15 15.92 -2.53 -11.78
C TYR A 15 14.63 -1.75 -11.73
N VAL A 16 13.69 -2.20 -12.49
CA VAL A 16 12.39 -1.61 -12.51
C VAL A 16 11.47 -2.50 -11.71
N PHE A 17 10.79 -1.93 -10.77
CA PHE A 17 9.86 -2.68 -9.97
C PHE A 17 8.49 -2.55 -10.58
N ASP A 18 8.06 -3.59 -11.24
CA ASP A 18 6.77 -3.60 -11.90
C ASP A 18 5.75 -4.26 -11.00
N LEU A 19 4.92 -3.44 -10.38
CA LEU A 19 3.91 -3.93 -9.46
C LEU A 19 2.63 -4.32 -10.23
N ASN A 20 2.75 -4.35 -11.56
CA ASN A 20 1.62 -4.67 -12.40
C ASN A 20 1.40 -6.17 -12.42
N SER A 21 2.42 -6.91 -12.04
CA SER A 21 2.34 -8.35 -11.99
C SER A 21 1.45 -8.82 -10.84
N LEU A 22 1.15 -7.92 -9.92
CA LEU A 22 0.24 -8.22 -8.87
C LEU A 22 -1.15 -7.66 -9.18
N LYS A 23 -1.28 -6.31 -9.17
CA LYS A 23 -2.57 -5.60 -9.46
C LYS A 23 -3.72 -5.93 -8.49
N ARG A 24 -4.54 -4.94 -8.26
CA ARG A 24 -5.82 -5.14 -7.67
C ARG A 24 -6.72 -5.82 -8.70
N GLU A 25 -6.82 -7.11 -8.61
CA GLU A 25 -7.76 -7.84 -9.40
C GLU A 25 -9.04 -7.87 -8.62
N SER A 26 -8.87 -8.11 -7.35
CA SER A 26 -9.94 -8.07 -6.42
C SER A 26 -9.60 -7.04 -5.33
N GLY A 27 -8.30 -6.90 -5.06
CA GLY A 27 -7.85 -6.05 -4.00
C GLY A 27 -7.57 -6.88 -2.78
N TYR A 28 -6.44 -6.67 -2.16
CA TYR A 28 -6.10 -7.44 -0.98
C TYR A 28 -6.87 -6.89 0.17
N THR A 29 -7.58 -7.73 0.84
CA THR A 29 -8.35 -7.27 1.93
C THR A 29 -8.10 -8.14 3.15
N ILE A 30 -7.30 -7.62 4.02
CA ILE A 30 -6.94 -8.30 5.21
C ILE A 30 -7.85 -7.88 6.34
N SER A 31 -7.96 -8.72 7.31
CA SER A 31 -8.85 -8.51 8.40
C SER A 31 -8.10 -7.94 9.59
N ASP A 32 -8.62 -6.88 10.14
CA ASP A 32 -8.10 -6.32 11.36
C ASP A 32 -8.96 -6.79 12.51
N ILE A 33 -8.32 -7.36 13.51
CA ILE A 33 -8.98 -8.02 14.63
C ILE A 33 -9.87 -7.04 15.45
N ARG A 34 -9.55 -5.77 15.40
CA ARG A 34 -10.26 -4.78 16.15
C ARG A 34 -11.49 -4.29 15.43
N LYS A 35 -11.35 -4.05 14.15
CA LYS A 35 -12.38 -3.37 13.42
C LYS A 35 -13.05 -4.24 12.37
N GLY A 36 -12.36 -4.49 11.29
CA GLY A 36 -12.92 -5.21 10.19
C GLY A 36 -11.91 -5.34 9.09
N SER A 37 -12.39 -5.46 7.88
CA SER A 37 -11.53 -5.67 6.74
C SER A 37 -10.97 -4.34 6.21
N ILE A 38 -9.85 -4.41 5.58
CA ILE A 38 -9.31 -3.28 4.86
C ILE A 38 -8.92 -3.77 3.47
N ARG A 39 -9.55 -3.20 2.47
CA ARG A 39 -9.35 -3.59 1.10
C ARG A 39 -8.47 -2.57 0.40
N LEU A 40 -7.31 -3.00 -0.02
CA LEU A 40 -6.35 -2.12 -0.66
C LEU A 40 -6.22 -2.45 -2.14
N GLY A 41 -6.29 -1.44 -2.94
CA GLY A 41 -6.13 -1.59 -4.34
C GLY A 41 -4.73 -1.22 -4.79
N VAL A 42 -3.85 -2.17 -4.75
CA VAL A 42 -2.50 -1.94 -5.22
C VAL A 42 -2.49 -1.84 -6.73
N CYS A 43 -1.89 -0.77 -7.24
CA CYS A 43 -1.70 -0.57 -8.67
C CYS A 43 -3.05 -0.38 -9.40
N GLY A 44 -4.09 -0.10 -8.63
CA GLY A 44 -5.39 0.08 -9.19
C GLY A 44 -6.37 0.34 -8.10
N GLU A 45 -6.91 1.51 -8.10
CA GLU A 45 -7.87 1.95 -7.09
C GLU A 45 -9.16 1.13 -7.06
N VAL A 46 -9.87 1.19 -5.97
CA VAL A 46 -11.11 0.48 -5.85
C VAL A 46 -12.27 1.39 -6.16
N LYS A 47 -13.05 1.01 -7.14
CA LYS A 47 -14.20 1.78 -7.57
C LYS A 47 -15.30 1.61 -6.55
N ASP A 48 -15.23 0.50 -5.83
CA ASP A 48 -16.19 0.10 -4.81
C ASP A 48 -16.39 1.20 -3.77
N CYS A 49 -15.32 1.87 -3.41
CA CYS A 49 -15.37 2.92 -2.41
C CYS A 49 -15.16 4.29 -3.04
N GLY A 50 -15.25 4.35 -4.35
CA GLY A 50 -15.04 5.58 -5.06
C GLY A 50 -13.72 5.55 -5.81
N PRO A 51 -13.74 5.71 -7.15
CA PRO A 51 -12.53 5.70 -7.99
C PRO A 51 -11.51 6.70 -7.50
N GLY A 52 -10.30 6.26 -7.43
CA GLY A 52 -9.25 7.07 -6.91
C GLY A 52 -8.84 6.62 -5.53
N ILE A 53 -9.77 6.05 -4.80
CA ILE A 53 -9.48 5.57 -3.47
C ILE A 53 -8.81 4.21 -3.55
N GLY A 54 -7.66 4.09 -2.94
CA GLY A 54 -6.94 2.86 -3.01
C GLY A 54 -7.14 2.02 -1.79
N ALA A 55 -7.03 2.64 -0.65
CA ALA A 55 -7.20 1.93 0.59
C ALA A 55 -8.57 2.23 1.17
N CYS A 56 -9.36 1.22 1.30
CA CYS A 56 -10.69 1.38 1.80
C CYS A 56 -10.87 0.47 2.99
N PHE A 57 -11.48 0.98 4.01
CA PHE A 57 -11.61 0.25 5.22
C PHE A 57 -13.08 -0.06 5.46
N GLU A 58 -13.34 -1.26 5.91
CA GLU A 58 -14.67 -1.72 6.18
C GLU A 58 -15.21 -1.12 7.48
N GLY A 59 -15.77 0.04 7.32
CA GLY A 59 -16.44 0.72 8.38
C GLY A 59 -17.27 1.82 7.82
N THR A 60 -18.34 1.44 7.11
CA THR A 60 -19.26 2.37 6.44
C THR A 60 -18.63 2.95 5.14
N GLY A 61 -17.34 3.18 5.16
CA GLY A 61 -16.65 3.70 4.01
C GLY A 61 -15.52 4.60 4.43
N ILE A 62 -14.68 4.10 5.32
CA ILE A 62 -13.55 4.88 5.77
C ILE A 62 -12.47 4.80 4.72
N LYS A 63 -12.05 5.93 4.24
CA LYS A 63 -11.04 5.98 3.23
C LYS A 63 -9.72 6.24 3.89
N ALA A 64 -8.84 5.28 3.79
CA ALA A 64 -7.57 5.29 4.49
C ALA A 64 -6.45 5.70 3.56
N GLY A 65 -6.81 6.20 2.42
CA GLY A 65 -5.83 6.67 1.51
C GLY A 65 -6.25 6.57 0.07
N LYS A 66 -6.02 7.62 -0.64
CA LYS A 66 -6.26 7.71 -2.04
C LYS A 66 -5.07 7.07 -2.74
N TRP A 67 -5.32 6.36 -3.81
CA TRP A 67 -4.26 5.74 -4.51
C TRP A 67 -3.58 6.79 -5.36
N ASN A 68 -2.33 6.91 -5.16
CA ASN A 68 -1.53 7.87 -5.84
C ASN A 68 -0.20 7.24 -6.06
N GLN A 69 0.46 7.59 -7.13
CA GLN A 69 1.73 7.00 -7.41
C GLN A 69 2.87 7.56 -6.60
N LYS A 70 2.88 7.18 -5.35
CA LYS A 70 3.99 7.40 -4.49
C LYS A 70 4.75 6.12 -4.43
N LEU A 71 5.48 5.87 -5.47
CA LEU A 71 6.26 4.68 -5.58
C LEU A 71 7.69 5.05 -5.34
N SER A 72 8.13 4.84 -4.15
CA SER A 72 9.42 5.27 -3.78
C SER A 72 10.27 4.06 -3.40
N TYR A 73 11.52 4.06 -3.82
CA TYR A 73 12.40 2.99 -3.48
C TYR A 73 13.39 3.45 -2.45
N VAL A 74 13.22 2.96 -1.29
CA VAL A 74 14.15 3.16 -0.23
C VAL A 74 15.06 1.94 -0.25
N ASP A 75 16.24 2.06 0.31
CA ASP A 75 17.25 1.00 0.29
C ASP A 75 16.67 -0.32 0.75
N GLN A 76 16.41 -1.17 -0.25
CA GLN A 76 15.86 -2.50 -0.09
C GLN A 76 14.42 -2.52 0.41
N VAL A 77 13.73 -1.40 0.33
CA VAL A 77 12.36 -1.35 0.80
C VAL A 77 11.50 -0.50 -0.15
N LEU A 78 10.50 -1.13 -0.70
CA LEU A 78 9.58 -0.47 -1.60
C LEU A 78 8.55 0.28 -0.74
N GLN A 79 8.33 1.55 -1.00
CA GLN A 79 7.38 2.32 -0.24
C GLN A 79 6.20 2.73 -1.09
N LEU A 80 5.02 2.40 -0.61
CA LEU A 80 3.77 2.81 -1.20
C LEU A 80 2.92 3.41 -0.11
N VAL A 81 2.66 4.68 -0.20
CA VAL A 81 1.89 5.34 0.81
C VAL A 81 0.59 5.91 0.23
N TYR A 82 -0.48 5.60 0.90
CA TYR A 82 -1.77 6.09 0.57
C TYR A 82 -2.03 7.30 1.42
N GLU A 83 -2.15 8.42 0.79
CA GLU A 83 -2.36 9.66 1.49
C GLU A 83 -3.73 10.18 1.17
N ASP A 84 -4.10 11.28 1.77
CA ASP A 84 -5.42 11.91 1.55
C ASP A 84 -6.58 10.98 1.84
N GLY A 85 -6.70 10.58 3.08
CA GLY A 85 -7.81 9.79 3.49
C GLY A 85 -8.85 10.66 4.13
N ASP A 86 -9.52 10.15 5.11
CA ASP A 86 -10.49 10.92 5.87
C ASP A 86 -9.81 11.57 7.07
N PRO A 87 -10.25 12.78 7.47
CA PRO A 87 -9.68 13.49 8.63
C PRO A 87 -10.08 12.82 9.93
N CYS A 88 -9.18 12.79 10.86
CA CYS A 88 -9.43 12.15 12.13
C CYS A 88 -9.79 13.15 13.21
N PRO A 89 -10.74 12.78 14.10
CA PRO A 89 -11.22 13.65 15.19
C PRO A 89 -10.14 14.06 16.20
N ALA A 90 -9.08 13.27 16.26
CA ALA A 90 -7.99 13.47 17.21
C ALA A 90 -7.34 14.84 17.05
N ASN A 91 -6.71 15.08 15.92
CA ASN A 91 -6.00 16.35 15.69
C ASN A 91 -6.56 17.08 14.50
N LEU A 92 -7.52 16.46 13.82
CA LEU A 92 -8.16 17.02 12.60
C LEU A 92 -7.23 17.05 11.38
N HIS A 93 -6.05 17.65 11.54
CA HIS A 93 -5.04 17.76 10.46
C HIS A 93 -4.58 16.37 10.05
N LEU A 94 -4.64 15.45 10.99
CA LEU A 94 -4.21 14.11 10.78
C LEU A 94 -5.32 13.33 10.10
N LYS A 95 -4.98 12.67 9.05
CA LYS A 95 -5.92 11.90 8.27
C LYS A 95 -5.50 10.45 8.28
N TYR A 96 -6.42 9.58 7.93
CA TYR A 96 -6.12 8.17 7.78
C TYR A 96 -5.13 8.01 6.63
N LYS A 97 -3.95 7.52 6.95
CA LYS A 97 -2.90 7.32 5.98
C LYS A 97 -2.43 5.90 6.08
N SER A 98 -2.15 5.30 4.97
CA SER A 98 -1.71 3.93 4.96
C SER A 98 -0.34 3.85 4.34
N VAL A 99 0.63 3.44 5.09
CA VAL A 99 1.96 3.30 4.56
C VAL A 99 2.38 1.84 4.58
N ILE A 100 2.56 1.30 3.42
CA ILE A 100 2.93 -0.08 3.29
C ILE A 100 4.40 -0.13 2.97
N SER A 101 5.14 -0.70 3.88
CA SER A 101 6.54 -0.84 3.72
C SER A 101 6.80 -2.25 3.19
N PHE A 102 7.16 -2.33 1.93
CA PHE A 102 7.38 -3.59 1.29
C PHE A 102 8.80 -4.05 1.52
N VAL A 103 8.95 -5.09 2.28
CA VAL A 103 10.24 -5.69 2.53
C VAL A 103 10.31 -7.02 1.79
N CYS A 104 11.46 -7.37 1.29
CA CYS A 104 11.57 -8.53 0.43
C CYS A 104 11.55 -9.86 1.17
N LYS A 105 10.92 -10.81 0.51
CA LYS A 105 10.80 -12.16 0.97
C LYS A 105 10.52 -13.01 -0.27
N SER A 106 11.45 -13.86 -0.61
CA SER A 106 11.44 -14.61 -1.87
C SER A 106 10.39 -15.72 -1.96
N ASP A 107 9.91 -16.22 -0.84
CA ASP A 107 8.93 -17.32 -0.88
C ASP A 107 7.52 -16.78 -1.04
N ALA A 108 7.43 -15.50 -1.27
CA ALA A 108 6.15 -14.85 -1.45
C ALA A 108 5.67 -15.03 -2.88
N GLY A 109 6.37 -14.40 -3.82
CA GLY A 109 6.00 -14.49 -5.21
C GLY A 109 4.61 -13.90 -5.43
N PRO A 110 3.72 -14.64 -6.13
CA PRO A 110 2.37 -14.16 -6.42
C PRO A 110 1.51 -13.99 -5.16
N THR A 111 1.94 -14.59 -4.06
CA THR A 111 1.21 -14.46 -2.85
C THR A 111 2.08 -13.84 -1.76
N SER A 112 2.14 -12.53 -1.77
CA SER A 112 2.88 -11.80 -0.81
C SER A 112 2.10 -11.74 0.51
N GLN A 113 2.81 -11.80 1.62
CA GLN A 113 2.15 -11.85 2.91
C GLN A 113 2.24 -10.51 3.64
N PRO A 114 1.10 -9.96 4.07
CA PRO A 114 1.05 -8.72 4.82
C PRO A 114 1.29 -8.96 6.32
N LEU A 115 1.66 -7.91 7.01
CA LEU A 115 1.91 -7.95 8.43
C LEU A 115 1.54 -6.59 9.02
N LEU A 116 0.77 -6.59 10.07
CA LEU A 116 0.41 -5.36 10.73
C LEU A 116 1.46 -4.99 11.75
N LEU A 117 2.13 -3.88 11.53
CA LEU A 117 3.17 -3.44 12.43
C LEU A 117 2.57 -2.65 13.58
N SER A 118 1.77 -1.65 13.26
CA SER A 118 1.20 -0.79 14.25
C SER A 118 0.10 0.05 13.62
N VAL A 119 -0.97 0.21 14.33
CA VAL A 119 -2.04 1.08 13.96
C VAL A 119 -2.02 2.23 14.93
N ASP A 120 -1.76 3.41 14.46
CA ASP A 120 -1.70 4.53 15.35
C ASP A 120 -3.04 5.22 15.37
N GLU A 121 -3.66 5.25 16.52
CA GLU A 121 -5.01 5.80 16.66
C GLU A 121 -5.03 7.33 16.77
N HIS A 122 -3.88 7.95 16.83
CA HIS A 122 -3.82 9.40 16.97
C HIS A 122 -3.65 10.01 15.62
N THR A 123 -2.66 9.50 14.95
CA THR A 123 -2.19 10.02 13.73
C THR A 123 -2.84 9.29 12.54
N CYS A 124 -3.59 8.23 12.88
CA CYS A 124 -4.34 7.41 11.90
C CYS A 124 -3.44 6.83 10.83
N THR A 125 -2.20 6.66 11.18
CA THR A 125 -1.24 6.16 10.29
C THR A 125 -1.16 4.65 10.46
N LEU A 126 -1.45 3.96 9.42
CA LEU A 126 -1.44 2.53 9.40
C LEU A 126 -0.08 2.06 8.92
N PHE A 127 0.65 1.40 9.79
CA PHE A 127 1.96 0.89 9.45
C PHE A 127 1.86 -0.59 9.12
N PHE A 128 2.00 -0.92 7.86
CA PHE A 128 1.92 -2.28 7.40
C PHE A 128 3.20 -2.69 6.72
N SER A 129 3.61 -3.89 7.00
CA SER A 129 4.76 -4.47 6.37
C SER A 129 4.21 -5.43 5.34
N TRP A 130 4.80 -5.46 4.20
CA TRP A 130 4.35 -6.35 3.18
C TRP A 130 5.53 -7.16 2.70
N HIS A 131 5.47 -8.43 2.94
CA HIS A 131 6.54 -9.33 2.57
C HIS A 131 6.30 -9.80 1.16
N THR A 132 7.00 -9.20 0.25
CA THR A 132 6.85 -9.49 -1.16
C THR A 132 8.23 -9.62 -1.79
N SER A 133 8.30 -10.38 -2.85
CA SER A 133 9.56 -10.59 -3.52
C SER A 133 9.87 -9.36 -4.38
N LEU A 134 8.79 -8.66 -4.78
CA LEU A 134 8.87 -7.47 -5.64
C LEU A 134 9.42 -6.26 -4.90
N ALA A 135 9.66 -6.42 -3.62
CA ALA A 135 10.14 -5.33 -2.78
C ALA A 135 11.61 -5.04 -3.00
N CYS A 136 12.35 -6.06 -3.35
CA CYS A 136 13.75 -5.93 -3.61
C CYS A 136 14.02 -6.43 -4.98
N GLU A 137 15.14 -6.07 -5.52
CA GLU A 137 15.54 -6.52 -6.79
C GLU A 137 15.86 -7.98 -6.75
N GLN A 138 14.97 -8.76 -7.23
CA GLN A 138 15.18 -10.18 -7.32
C GLN A 138 15.97 -10.44 -8.58
N GLU A 139 16.83 -11.41 -8.54
CA GLU A 139 17.72 -11.64 -9.65
C GLU A 139 17.03 -12.45 -10.75
N VAL A 140 15.87 -12.97 -10.44
CA VAL A 140 15.07 -13.71 -11.39
C VAL A 140 13.65 -13.21 -11.24
N MET A 1 11.42 5.92 -16.40
CA MET A 1 11.75 6.67 -17.59
C MET A 1 10.56 6.73 -18.52
N VAL A 2 10.31 5.68 -19.29
CA VAL A 2 9.19 5.68 -20.22
C VAL A 2 7.94 5.13 -19.55
N GLN A 3 7.12 6.07 -19.09
CA GLN A 3 5.87 5.80 -18.37
C GLN A 3 6.12 4.91 -17.16
N ASP A 4 6.56 5.51 -16.10
CA ASP A 4 6.84 4.79 -14.90
C ASP A 4 5.99 5.24 -13.74
N ASN A 5 4.90 4.57 -13.59
CA ASN A 5 4.02 4.78 -12.48
C ASN A 5 3.80 3.46 -11.79
N CYS A 6 4.01 3.44 -10.48
CA CYS A 6 3.90 2.22 -9.64
C CYS A 6 4.92 1.18 -10.07
N GLN A 7 5.94 1.69 -10.71
CA GLN A 7 7.01 0.93 -11.20
C GLN A 7 8.18 1.86 -11.22
N VAL A 8 9.32 1.37 -10.88
CA VAL A 8 10.48 2.18 -10.90
C VAL A 8 11.62 1.41 -11.51
N THR A 9 12.34 2.05 -12.38
CA THR A 9 13.41 1.42 -13.08
C THR A 9 14.71 1.94 -12.52
N ASN A 10 15.55 1.09 -12.01
CA ASN A 10 16.83 1.54 -11.53
C ASN A 10 17.83 1.35 -12.66
N PRO A 11 18.55 2.42 -13.06
CA PRO A 11 19.51 2.33 -14.17
C PRO A 11 20.75 1.50 -13.84
N ALA A 12 20.85 1.07 -12.58
CA ALA A 12 21.95 0.25 -12.12
C ALA A 12 21.88 -1.13 -12.77
N THR A 13 20.85 -1.90 -12.43
CA THR A 13 20.69 -3.21 -13.01
C THR A 13 19.80 -3.13 -14.24
N GLY A 14 18.98 -2.11 -14.28
CA GLY A 14 18.05 -1.94 -15.37
C GLY A 14 16.76 -2.66 -15.07
N TYR A 15 16.63 -3.14 -13.85
CA TYR A 15 15.44 -3.84 -13.45
C TYR A 15 14.35 -2.83 -13.12
N VAL A 16 13.22 -3.02 -13.71
CA VAL A 16 12.08 -2.22 -13.44
C VAL A 16 11.18 -2.97 -12.47
N PHE A 17 11.01 -2.43 -11.29
CA PHE A 17 10.17 -3.04 -10.29
C PHE A 17 8.74 -2.73 -10.61
N ASP A 18 8.06 -3.65 -11.22
CA ASP A 18 6.69 -3.47 -11.58
C ASP A 18 5.78 -4.05 -10.53
N LEU A 19 5.20 -3.18 -9.75
CA LEU A 19 4.31 -3.60 -8.69
C LEU A 19 2.92 -3.90 -9.27
N ASN A 20 2.72 -3.55 -10.54
CA ASN A 20 1.45 -3.79 -11.23
C ASN A 20 1.27 -5.28 -11.48
N SER A 21 2.31 -6.03 -11.29
CA SER A 21 2.26 -7.47 -11.49
C SER A 21 1.74 -8.18 -10.23
N LEU A 22 1.74 -7.48 -9.10
CA LEU A 22 1.28 -8.06 -7.86
C LEU A 22 0.00 -7.38 -7.38
N LYS A 23 -0.22 -6.15 -7.88
CA LYS A 23 -1.36 -5.33 -7.46
C LYS A 23 -2.68 -6.06 -7.64
N ARG A 24 -3.55 -5.87 -6.72
CA ARG A 24 -4.84 -6.47 -6.80
C ARG A 24 -5.85 -5.36 -6.61
N GLU A 25 -6.45 -4.90 -7.69
CA GLU A 25 -7.42 -3.80 -7.63
C GLU A 25 -8.73 -4.35 -7.09
N SER A 26 -8.88 -5.67 -7.19
CA SER A 26 -9.99 -6.37 -6.59
C SER A 26 -9.93 -6.17 -5.07
N GLY A 27 -8.73 -5.91 -4.57
CA GLY A 27 -8.56 -5.57 -3.21
C GLY A 27 -8.18 -6.73 -2.35
N TYR A 28 -7.23 -6.50 -1.49
CA TYR A 28 -6.86 -7.45 -0.48
C TYR A 28 -7.85 -7.23 0.64
N THR A 29 -8.62 -8.21 0.94
CA THR A 29 -9.64 -8.08 1.93
C THR A 29 -9.27 -8.90 3.16
N ILE A 30 -8.82 -8.21 4.18
CA ILE A 30 -8.44 -8.86 5.39
C ILE A 30 -9.34 -8.44 6.53
N SER A 31 -9.53 -9.31 7.46
CA SER A 31 -10.37 -9.07 8.59
C SER A 31 -9.62 -8.22 9.61
N ASP A 32 -10.13 -7.02 9.80
CA ASP A 32 -9.54 -6.03 10.69
C ASP A 32 -9.54 -6.49 12.13
N ILE A 33 -8.50 -6.10 12.83
CA ILE A 33 -8.22 -6.52 14.18
C ILE A 33 -9.18 -5.83 15.19
N ARG A 34 -9.79 -4.73 14.76
CA ARG A 34 -10.77 -4.03 15.58
C ARG A 34 -12.17 -4.58 15.30
N LYS A 35 -12.20 -5.60 14.44
CA LYS A 35 -13.37 -6.25 13.95
C LYS A 35 -14.00 -5.42 12.84
N GLY A 36 -13.58 -5.69 11.65
CA GLY A 36 -14.08 -5.05 10.49
C GLY A 36 -13.43 -5.67 9.31
N SER A 37 -13.45 -5.00 8.22
CA SER A 37 -12.86 -5.50 7.03
C SER A 37 -12.27 -4.31 6.28
N ILE A 38 -11.12 -4.48 5.72
CA ILE A 38 -10.46 -3.43 5.02
C ILE A 38 -9.99 -3.96 3.70
N ARG A 39 -10.14 -3.17 2.67
CA ARG A 39 -9.83 -3.59 1.35
C ARG A 39 -8.91 -2.59 0.70
N LEU A 40 -7.77 -3.05 0.31
CA LEU A 40 -6.80 -2.17 -0.31
C LEU A 40 -6.43 -2.69 -1.67
N GLY A 41 -6.37 -1.82 -2.61
CA GLY A 41 -5.90 -2.15 -3.90
C GLY A 41 -4.59 -1.48 -4.12
N VAL A 42 -3.79 -1.95 -5.02
CA VAL A 42 -2.52 -1.30 -5.27
C VAL A 42 -2.61 -0.56 -6.57
N CYS A 43 -2.50 0.77 -6.49
CA CYS A 43 -2.52 1.64 -7.68
C CYS A 43 -3.79 1.47 -8.52
N GLY A 44 -4.84 1.07 -7.85
CA GLY A 44 -6.08 0.85 -8.50
C GLY A 44 -7.14 1.57 -7.75
N GLU A 45 -8.08 2.13 -8.45
CA GLU A 45 -9.14 2.84 -7.82
C GLU A 45 -10.27 1.91 -7.54
N VAL A 46 -10.71 1.89 -6.32
CA VAL A 46 -11.88 1.15 -5.97
C VAL A 46 -13.06 2.12 -6.00
N LYS A 47 -13.79 2.08 -7.10
CA LYS A 47 -14.81 3.07 -7.41
C LYS A 47 -15.98 2.98 -6.45
N ASP A 48 -16.11 1.83 -5.81
CA ASP A 48 -17.17 1.61 -4.84
C ASP A 48 -16.85 2.32 -3.52
N CYS A 49 -15.65 2.81 -3.39
CA CYS A 49 -15.26 3.59 -2.23
C CYS A 49 -14.92 5.01 -2.65
N GLY A 50 -15.18 5.33 -3.91
CA GLY A 50 -14.93 6.64 -4.41
C GLY A 50 -13.88 6.67 -5.49
N PRO A 51 -14.10 7.43 -6.56
CA PRO A 51 -13.11 7.59 -7.62
C PRO A 51 -11.87 8.31 -7.09
N GLY A 52 -10.73 7.73 -7.30
CA GLY A 52 -9.52 8.28 -6.79
C GLY A 52 -9.17 7.73 -5.42
N ILE A 53 -9.85 6.69 -4.99
CA ILE A 53 -9.54 6.06 -3.72
C ILE A 53 -8.99 4.67 -3.99
N GLY A 54 -7.84 4.35 -3.41
CA GLY A 54 -7.21 3.07 -3.64
C GLY A 54 -7.33 2.13 -2.45
N ALA A 55 -7.52 2.70 -1.29
CA ALA A 55 -7.64 1.91 -0.08
C ALA A 55 -8.82 2.41 0.72
N CYS A 56 -9.70 1.52 1.09
CA CYS A 56 -10.86 1.91 1.84
C CYS A 56 -11.24 0.83 2.85
N PHE A 57 -11.90 1.23 3.88
CA PHE A 57 -12.39 0.29 4.84
C PHE A 57 -13.72 -0.22 4.32
N GLU A 58 -13.92 -1.50 4.39
CA GLU A 58 -15.09 -2.12 3.84
C GLU A 58 -16.21 -2.08 4.86
N GLY A 59 -17.06 -1.10 4.72
CA GLY A 59 -18.16 -0.95 5.61
C GLY A 59 -18.69 0.44 5.55
N THR A 60 -18.18 1.29 6.40
CA THR A 60 -18.60 2.66 6.48
C THR A 60 -18.14 3.50 5.28
N GLY A 61 -17.11 3.03 4.60
CA GLY A 61 -16.64 3.71 3.42
C GLY A 61 -15.57 4.73 3.72
N ILE A 62 -14.95 4.62 4.88
CA ILE A 62 -13.87 5.51 5.22
C ILE A 62 -12.63 5.14 4.42
N LYS A 63 -12.02 6.12 3.83
CA LYS A 63 -10.87 5.93 2.99
C LYS A 63 -9.59 5.88 3.80
N ALA A 64 -8.68 5.03 3.39
CA ALA A 64 -7.42 4.82 4.09
C ALA A 64 -6.26 5.30 3.23
N GLY A 65 -6.59 6.01 2.17
CA GLY A 65 -5.58 6.57 1.32
C GLY A 65 -6.06 6.79 -0.09
N LYS A 66 -5.74 7.95 -0.65
CA LYS A 66 -6.08 8.29 -2.00
C LYS A 66 -5.20 7.56 -2.99
N TRP A 67 -5.76 7.31 -4.15
CA TRP A 67 -5.08 6.65 -5.24
C TRP A 67 -3.92 7.51 -5.70
N ASN A 68 -2.77 6.93 -5.72
CA ASN A 68 -1.59 7.60 -6.15
C ASN A 68 -0.73 6.60 -6.83
N GLN A 69 0.14 7.07 -7.64
CA GLN A 69 1.01 6.21 -8.40
C GLN A 69 2.46 6.59 -8.13
N LYS A 70 2.69 7.02 -6.90
CA LYS A 70 4.00 7.41 -6.43
C LYS A 70 4.62 6.30 -5.62
N LEU A 71 5.43 5.51 -6.25
CA LEU A 71 6.10 4.45 -5.55
C LEU A 71 7.51 4.90 -5.22
N SER A 72 7.76 5.11 -3.96
CA SER A 72 9.04 5.56 -3.52
C SER A 72 9.96 4.39 -3.22
N TYR A 73 11.04 4.33 -3.93
CA TYR A 73 12.03 3.32 -3.70
C TYR A 73 13.02 3.94 -2.73
N VAL A 74 12.92 3.59 -1.49
CA VAL A 74 13.74 4.18 -0.47
C VAL A 74 14.77 3.18 -0.01
N ASP A 75 16.00 3.41 -0.47
CA ASP A 75 17.17 2.60 -0.17
C ASP A 75 16.89 1.11 -0.33
N GLN A 76 16.58 0.76 -1.56
CA GLN A 76 16.32 -0.63 -2.00
C GLN A 76 15.06 -1.27 -1.37
N VAL A 77 14.22 -0.45 -0.74
CA VAL A 77 12.95 -0.92 -0.17
C VAL A 77 11.80 -0.19 -0.88
N LEU A 78 10.74 -0.90 -1.17
CA LEU A 78 9.57 -0.32 -1.86
C LEU A 78 8.64 0.30 -0.85
N GLN A 79 8.51 1.57 -0.89
CA GLN A 79 7.65 2.29 0.03
C GLN A 79 6.44 2.82 -0.72
N LEU A 80 5.28 2.32 -0.38
CA LEU A 80 4.06 2.79 -0.96
C LEU A 80 3.18 3.37 0.13
N VAL A 81 3.01 4.66 0.11
CA VAL A 81 2.23 5.31 1.11
C VAL A 81 0.96 5.93 0.53
N TYR A 82 -0.15 5.50 1.05
CA TYR A 82 -1.42 6.05 0.73
C TYR A 82 -1.76 7.12 1.73
N GLU A 83 -1.63 8.35 1.33
CA GLU A 83 -1.92 9.45 2.20
C GLU A 83 -3.29 10.02 1.90
N ASP A 84 -3.68 10.97 2.74
CA ASP A 84 -4.95 11.70 2.69
C ASP A 84 -6.13 10.75 2.64
N GLY A 85 -6.40 10.15 3.77
CA GLY A 85 -7.53 9.27 3.88
C GLY A 85 -8.70 10.01 4.45
N ASP A 86 -9.43 9.37 5.31
CA ASP A 86 -10.54 10.05 5.95
C ASP A 86 -10.01 10.75 7.19
N PRO A 87 -10.47 11.97 7.47
CA PRO A 87 -9.98 12.76 8.60
C PRO A 87 -10.39 12.18 9.95
N CYS A 88 -9.45 12.14 10.83
CA CYS A 88 -9.67 11.65 12.16
C CYS A 88 -9.89 12.84 13.10
N PRO A 89 -10.95 12.79 13.92
CA PRO A 89 -11.37 13.91 14.79
C PRO A 89 -10.41 14.26 15.93
N ALA A 90 -9.28 13.58 16.02
CA ALA A 90 -8.31 13.89 17.04
C ALA A 90 -7.61 15.20 16.72
N ASN A 91 -7.11 15.31 15.50
CA ASN A 91 -6.39 16.52 15.09
C ASN A 91 -6.86 17.04 13.74
N LEU A 92 -7.83 16.35 13.13
CA LEU A 92 -8.42 16.72 11.81
C LEU A 92 -7.45 16.58 10.62
N HIS A 93 -6.23 17.08 10.78
CA HIS A 93 -5.19 16.94 9.76
C HIS A 93 -4.62 15.53 9.79
N LEU A 94 -5.05 14.76 10.76
CA LEU A 94 -4.68 13.39 10.85
C LEU A 94 -5.70 12.63 10.06
N LYS A 95 -5.27 11.84 9.16
CA LYS A 95 -6.16 11.07 8.35
C LYS A 95 -5.65 9.66 8.29
N TYR A 96 -6.52 8.73 7.96
CA TYR A 96 -6.15 7.35 7.79
C TYR A 96 -5.14 7.25 6.66
N LYS A 97 -3.93 6.89 7.01
CA LYS A 97 -2.84 6.79 6.09
C LYS A 97 -2.26 5.42 6.16
N SER A 98 -1.99 4.84 5.05
CA SER A 98 -1.48 3.52 5.03
C SER A 98 -0.10 3.51 4.36
N VAL A 99 0.90 3.16 5.11
CA VAL A 99 2.24 3.06 4.57
C VAL A 99 2.67 1.61 4.50
N ILE A 100 2.75 1.12 3.31
CA ILE A 100 3.11 -0.24 3.10
C ILE A 100 4.56 -0.32 2.69
N SER A 101 5.36 -0.86 3.55
CA SER A 101 6.74 -1.07 3.27
C SER A 101 6.91 -2.45 2.69
N PHE A 102 7.26 -2.53 1.44
CA PHE A 102 7.48 -3.78 0.80
C PHE A 102 8.91 -4.17 1.05
N VAL A 103 9.06 -5.09 1.94
CA VAL A 103 10.33 -5.56 2.35
C VAL A 103 10.57 -6.94 1.77
N CYS A 104 11.78 -7.36 1.72
CA CYS A 104 12.17 -8.57 1.05
C CYS A 104 11.84 -9.84 1.81
N LYS A 105 11.34 -10.79 1.08
CA LYS A 105 11.10 -12.14 1.51
C LYS A 105 11.26 -12.98 0.28
N SER A 106 12.35 -13.68 0.15
CA SER A 106 12.60 -14.47 -1.03
C SER A 106 11.53 -15.54 -1.18
N ASP A 107 11.12 -16.12 -0.06
CA ASP A 107 10.07 -17.10 -0.08
C ASP A 107 8.73 -16.44 0.20
N ALA A 108 8.22 -15.76 -0.80
CA ALA A 108 6.92 -15.14 -0.71
C ALA A 108 6.07 -15.56 -1.89
N GLY A 109 6.50 -15.16 -3.08
CA GLY A 109 5.79 -15.49 -4.29
C GLY A 109 4.45 -14.81 -4.33
N PRO A 110 3.37 -15.54 -4.68
CA PRO A 110 2.02 -14.97 -4.75
C PRO A 110 1.51 -14.65 -3.35
N THR A 111 2.10 -15.27 -2.36
CA THR A 111 1.74 -15.06 -1.02
C THR A 111 2.73 -14.14 -0.33
N SER A 112 2.65 -12.89 -0.68
CA SER A 112 3.44 -11.89 -0.04
C SER A 112 2.67 -11.44 1.20
N GLN A 113 3.12 -11.87 2.35
CA GLN A 113 2.40 -11.69 3.59
C GLN A 113 2.48 -10.27 4.13
N PRO A 114 1.31 -9.66 4.39
CA PRO A 114 1.22 -8.36 5.00
C PRO A 114 1.30 -8.46 6.52
N LEU A 115 2.37 -7.98 7.07
CA LEU A 115 2.56 -7.97 8.47
C LEU A 115 1.98 -6.69 9.03
N LEU A 116 1.07 -6.85 9.96
CA LEU A 116 0.49 -5.73 10.62
C LEU A 116 1.47 -5.27 11.68
N LEU A 117 2.32 -4.35 11.31
CA LEU A 117 3.38 -3.89 12.15
C LEU A 117 2.81 -3.11 13.32
N SER A 118 2.11 -2.06 13.03
CA SER A 118 1.60 -1.19 14.06
C SER A 118 0.43 -0.40 13.53
N VAL A 119 -0.63 -0.36 14.28
CA VAL A 119 -1.75 0.48 13.98
C VAL A 119 -1.72 1.61 14.96
N ASP A 120 -1.42 2.80 14.50
CA ASP A 120 -1.43 3.90 15.41
C ASP A 120 -2.78 4.52 15.32
N GLU A 121 -3.57 4.23 16.28
CA GLU A 121 -4.97 4.56 16.28
C GLU A 121 -5.24 6.05 16.50
N HIS A 122 -4.29 6.76 17.07
CA HIS A 122 -4.49 8.17 17.35
C HIS A 122 -4.16 8.99 16.10
N THR A 123 -3.04 8.68 15.46
CA THR A 123 -2.63 9.42 14.28
C THR A 123 -3.28 8.88 13.01
N CYS A 124 -3.81 7.65 13.13
CA CYS A 124 -4.46 6.93 12.03
C CYS A 124 -3.43 6.48 11.00
N THR A 125 -2.22 6.29 11.47
CA THR A 125 -1.14 5.86 10.65
C THR A 125 -1.04 4.34 10.71
N LEU A 126 -1.24 3.69 9.60
CA LEU A 126 -1.19 2.26 9.51
C LEU A 126 0.16 1.83 8.97
N PHE A 127 0.92 1.10 9.76
CA PHE A 127 2.22 0.61 9.35
C PHE A 127 2.09 -0.86 8.96
N PHE A 128 2.36 -1.15 7.71
CA PHE A 128 2.33 -2.51 7.19
C PHE A 128 3.67 -2.90 6.64
N SER A 129 4.11 -4.06 6.99
CA SER A 129 5.33 -4.61 6.48
C SER A 129 4.96 -5.72 5.51
N TRP A 130 5.06 -5.46 4.26
CA TRP A 130 4.66 -6.40 3.27
C TRP A 130 5.88 -7.18 2.82
N HIS A 131 5.96 -8.42 3.23
CA HIS A 131 7.08 -9.26 2.85
C HIS A 131 6.83 -9.85 1.51
N THR A 132 7.49 -9.32 0.53
CA THR A 132 7.33 -9.79 -0.79
C THR A 132 8.68 -10.02 -1.45
N SER A 133 8.71 -10.97 -2.34
CA SER A 133 9.87 -11.28 -3.10
C SER A 133 10.08 -10.25 -4.20
N LEU A 134 9.01 -9.57 -4.56
CA LEU A 134 9.05 -8.55 -5.62
C LEU A 134 9.80 -7.31 -5.12
N ALA A 135 10.13 -7.31 -3.83
CA ALA A 135 10.79 -6.18 -3.20
C ALA A 135 12.27 -6.46 -3.05
N CYS A 136 12.65 -7.64 -3.41
CA CYS A 136 14.02 -8.08 -3.33
C CYS A 136 14.73 -7.68 -4.61
N GLU A 137 16.00 -7.91 -4.70
CA GLU A 137 16.72 -7.60 -5.89
C GLU A 137 16.65 -8.78 -6.85
N GLN A 138 16.17 -8.56 -8.03
CA GLN A 138 16.17 -9.59 -9.01
C GLN A 138 17.15 -9.21 -10.08
N GLU A 139 18.17 -10.00 -10.22
CA GLU A 139 19.19 -9.80 -11.23
C GLU A 139 18.68 -10.41 -12.52
N VAL A 140 17.75 -11.35 -12.33
CA VAL A 140 17.09 -12.12 -13.36
C VAL A 140 18.07 -13.15 -13.91
N MET A 1 9.80 8.53 -20.91
CA MET A 1 10.27 7.15 -21.08
C MET A 1 9.83 6.29 -19.91
N VAL A 2 9.83 6.86 -18.73
CA VAL A 2 9.42 6.15 -17.55
C VAL A 2 8.19 6.82 -16.99
N GLN A 3 7.06 6.39 -17.46
CA GLN A 3 5.82 6.82 -16.94
C GLN A 3 5.53 5.88 -15.82
N ASP A 4 5.97 6.29 -14.68
CA ASP A 4 5.98 5.47 -13.51
C ASP A 4 4.61 5.25 -12.90
N ASN A 5 3.92 4.31 -13.47
CA ASN A 5 2.67 3.83 -12.95
C ASN A 5 3.01 2.66 -12.09
N CYS A 6 3.44 2.95 -10.87
CA CYS A 6 3.84 1.93 -9.91
C CYS A 6 5.08 1.16 -10.38
N GLN A 7 6.03 1.87 -10.95
CA GLN A 7 7.28 1.27 -11.36
C GLN A 7 8.42 2.19 -10.98
N VAL A 8 9.59 1.64 -10.74
CA VAL A 8 10.77 2.43 -10.47
C VAL A 8 12.03 1.60 -10.77
N THR A 9 13.01 2.22 -11.37
CA THR A 9 14.22 1.54 -11.76
C THR A 9 15.30 1.76 -10.70
N ASN A 10 15.97 0.70 -10.30
CA ASN A 10 17.06 0.84 -9.36
C ASN A 10 18.36 0.83 -10.17
N PRO A 11 19.21 1.83 -10.00
CA PRO A 11 20.48 1.94 -10.73
C PRO A 11 21.51 0.86 -10.36
N ALA A 12 21.24 0.12 -9.29
CA ALA A 12 22.14 -0.93 -8.83
C ALA A 12 22.16 -2.08 -9.81
N THR A 13 21.03 -2.70 -10.01
CA THR A 13 20.92 -3.85 -10.89
C THR A 13 20.44 -3.43 -12.28
N GLY A 14 19.70 -2.34 -12.34
CA GLY A 14 19.11 -1.92 -13.59
C GLY A 14 17.74 -2.54 -13.76
N TYR A 15 17.26 -3.12 -12.69
CA TYR A 15 15.98 -3.75 -12.65
C TYR A 15 14.90 -2.72 -12.39
N VAL A 16 13.82 -2.83 -13.11
CA VAL A 16 12.70 -1.96 -12.96
C VAL A 16 11.66 -2.68 -12.12
N PHE A 17 11.40 -2.18 -10.95
CA PHE A 17 10.41 -2.76 -10.08
C PHE A 17 9.04 -2.35 -10.57
N ASP A 18 8.41 -3.24 -11.29
CA ASP A 18 7.09 -3.01 -11.80
C ASP A 18 6.12 -3.75 -10.94
N LEU A 19 5.37 -3.02 -10.15
CA LEU A 19 4.48 -3.63 -9.21
C LEU A 19 3.13 -3.95 -9.86
N ASN A 20 3.04 -3.71 -11.17
CA ASN A 20 1.80 -3.98 -11.91
C ASN A 20 1.59 -5.48 -12.05
N SER A 21 2.65 -6.24 -11.86
CA SER A 21 2.61 -7.69 -11.91
C SER A 21 2.07 -8.25 -10.57
N LEU A 22 1.96 -7.41 -9.58
CA LEU A 22 1.47 -7.83 -8.27
C LEU A 22 0.17 -7.13 -7.92
N LYS A 23 -0.04 -5.96 -8.49
CA LYS A 23 -1.17 -5.12 -8.17
C LYS A 23 -2.50 -5.83 -8.39
N ARG A 24 -3.41 -5.57 -7.52
CA ARG A 24 -4.69 -6.18 -7.56
C ARG A 24 -5.73 -5.08 -7.48
N GLU A 25 -6.37 -4.81 -8.60
CA GLU A 25 -7.37 -3.76 -8.72
C GLU A 25 -8.61 -4.09 -7.85
N SER A 26 -8.91 -5.37 -7.75
CA SER A 26 -10.02 -5.81 -6.93
C SER A 26 -9.66 -5.70 -5.43
N GLY A 27 -8.38 -5.46 -5.17
CA GLY A 27 -7.90 -5.23 -3.84
C GLY A 27 -7.74 -6.48 -3.02
N TYR A 28 -6.97 -6.37 -1.97
CA TYR A 28 -6.83 -7.44 -1.00
C TYR A 28 -7.74 -7.13 0.13
N THR A 29 -8.54 -8.08 0.48
CA THR A 29 -9.48 -7.91 1.53
C THR A 29 -8.93 -8.54 2.79
N ILE A 30 -8.35 -7.75 3.63
CA ILE A 30 -7.83 -8.26 4.87
C ILE A 30 -8.69 -7.79 6.02
N SER A 31 -9.38 -8.71 6.60
CA SER A 31 -10.27 -8.42 7.65
C SER A 31 -9.61 -8.64 9.01
N ASP A 32 -9.40 -7.55 9.73
CA ASP A 32 -8.89 -7.60 11.07
C ASP A 32 -10.06 -7.43 11.97
N ILE A 33 -10.31 -8.40 12.81
CA ILE A 33 -11.52 -8.46 13.61
C ILE A 33 -11.58 -7.32 14.68
N ARG A 34 -10.49 -6.62 14.86
CA ARG A 34 -10.40 -5.58 15.83
C ARG A 34 -10.76 -4.23 15.20
N LYS A 35 -10.32 -4.00 13.98
CA LYS A 35 -10.56 -2.70 13.32
C LYS A 35 -11.58 -2.79 12.18
N GLY A 36 -11.58 -3.89 11.48
CA GLY A 36 -12.53 -4.07 10.41
C GLY A 36 -11.88 -4.68 9.18
N SER A 37 -12.68 -4.90 8.18
CA SER A 37 -12.21 -5.39 6.91
C SER A 37 -11.64 -4.21 6.15
N ILE A 38 -10.45 -4.32 5.67
CA ILE A 38 -9.87 -3.26 4.94
C ILE A 38 -9.46 -3.80 3.58
N ARG A 39 -9.99 -3.20 2.57
CA ARG A 39 -9.76 -3.65 1.24
C ARG A 39 -8.84 -2.66 0.56
N LEU A 40 -7.67 -3.12 0.19
CA LEU A 40 -6.69 -2.25 -0.41
C LEU A 40 -6.37 -2.72 -1.80
N GLY A 41 -6.59 -1.88 -2.75
CA GLY A 41 -6.24 -2.19 -4.10
C GLY A 41 -4.87 -1.65 -4.38
N VAL A 42 -3.94 -2.50 -4.72
CA VAL A 42 -2.61 -2.03 -5.05
C VAL A 42 -2.67 -1.43 -6.41
N CYS A 43 -2.42 -0.13 -6.50
CA CYS A 43 -2.38 0.59 -7.77
C CYS A 43 -3.70 0.49 -8.52
N GLY A 44 -4.73 0.19 -7.79
CA GLY A 44 -6.02 0.02 -8.33
C GLY A 44 -6.99 0.70 -7.46
N GLU A 45 -7.83 1.44 -8.06
CA GLU A 45 -8.83 2.17 -7.35
C GLU A 45 -9.91 1.19 -6.96
N VAL A 46 -10.28 1.21 -5.73
CA VAL A 46 -11.32 0.34 -5.29
C VAL A 46 -12.68 0.91 -5.65
N LYS A 47 -13.20 0.49 -6.81
CA LYS A 47 -14.50 0.95 -7.34
C LYS A 47 -15.59 0.62 -6.37
N ASP A 48 -15.33 -0.40 -5.60
CA ASP A 48 -16.20 -0.86 -4.53
C ASP A 48 -16.49 0.26 -3.54
N CYS A 49 -15.50 1.09 -3.28
CA CYS A 49 -15.62 2.17 -2.32
C CYS A 49 -15.70 3.52 -3.06
N GLY A 50 -15.15 3.56 -4.26
CA GLY A 50 -15.18 4.77 -5.05
C GLY A 50 -13.88 4.95 -5.83
N PRO A 51 -13.93 5.48 -7.05
CA PRO A 51 -12.73 5.72 -7.87
C PRO A 51 -11.81 6.73 -7.19
N GLY A 52 -10.54 6.65 -7.45
CA GLY A 52 -9.58 7.50 -6.79
C GLY A 52 -9.09 6.94 -5.47
N ILE A 53 -9.90 6.13 -4.83
CA ILE A 53 -9.58 5.58 -3.52
C ILE A 53 -8.84 4.27 -3.70
N GLY A 54 -7.78 4.07 -2.94
CA GLY A 54 -7.02 2.85 -3.08
C GLY A 54 -7.25 1.90 -1.92
N ALA A 55 -7.39 2.45 -0.73
CA ALA A 55 -7.60 1.65 0.44
C ALA A 55 -8.85 2.12 1.17
N CYS A 56 -9.74 1.22 1.45
CA CYS A 56 -11.00 1.59 2.09
C CYS A 56 -11.38 0.58 3.16
N PHE A 57 -11.90 1.07 4.28
CA PHE A 57 -12.38 0.23 5.35
C PHE A 57 -13.81 -0.13 5.08
N GLU A 58 -14.09 -1.37 5.05
CA GLU A 58 -15.40 -1.87 4.82
C GLU A 58 -16.19 -1.84 6.11
N GLY A 59 -17.11 -0.94 6.16
CA GLY A 59 -17.93 -0.76 7.34
C GLY A 59 -18.79 0.47 7.20
N THR A 60 -18.18 1.62 7.28
CA THR A 60 -18.86 2.88 7.09
C THR A 60 -18.45 3.48 5.74
N GLY A 61 -17.29 3.08 5.27
CA GLY A 61 -16.79 3.61 4.04
C GLY A 61 -15.71 4.63 4.29
N ILE A 62 -14.95 4.40 5.35
CA ILE A 62 -13.85 5.26 5.71
C ILE A 62 -12.67 4.94 4.79
N LYS A 63 -12.07 5.95 4.22
CA LYS A 63 -10.98 5.76 3.31
C LYS A 63 -9.66 5.83 4.05
N ALA A 64 -8.76 4.95 3.71
CA ALA A 64 -7.46 4.86 4.35
C ALA A 64 -6.40 5.52 3.47
N GLY A 65 -6.85 6.16 2.42
CA GLY A 65 -5.97 6.86 1.54
C GLY A 65 -6.38 6.71 0.09
N LYS A 66 -6.08 7.71 -0.69
CA LYS A 66 -6.40 7.68 -2.09
C LYS A 66 -5.17 7.30 -2.91
N TRP A 67 -5.41 6.78 -4.09
CA TRP A 67 -4.37 6.23 -4.92
C TRP A 67 -3.47 7.30 -5.53
N ASN A 68 -2.20 6.96 -5.62
CA ASN A 68 -1.16 7.76 -6.19
C ASN A 68 -0.19 6.76 -6.81
N GLN A 69 0.52 7.16 -7.83
CA GLN A 69 1.31 6.21 -8.61
C GLN A 69 2.81 6.33 -8.33
N LYS A 70 3.15 7.10 -7.33
CA LYS A 70 4.54 7.33 -7.02
C LYS A 70 5.02 6.39 -5.92
N LEU A 71 5.81 5.43 -6.29
CA LEU A 71 6.36 4.50 -5.33
C LEU A 71 7.65 5.06 -4.79
N SER A 72 7.75 5.16 -3.50
CA SER A 72 8.93 5.66 -2.88
C SER A 72 9.87 4.49 -2.60
N TYR A 73 11.06 4.55 -3.13
CA TYR A 73 12.00 3.46 -2.98
C TYR A 73 13.00 3.78 -1.88
N VAL A 74 12.97 2.99 -0.83
CA VAL A 74 13.92 3.15 0.25
C VAL A 74 14.71 1.85 0.42
N ASP A 75 15.70 1.69 -0.45
CA ASP A 75 16.66 0.59 -0.47
C ASP A 75 16.05 -0.79 -0.17
N GLN A 76 15.51 -1.41 -1.21
CA GLN A 76 14.86 -2.74 -1.14
C GLN A 76 13.61 -2.76 -0.26
N VAL A 77 13.07 -1.58 -0.01
CA VAL A 77 11.81 -1.41 0.66
C VAL A 77 11.01 -0.40 -0.14
N LEU A 78 9.87 -0.81 -0.61
CA LEU A 78 8.99 0.07 -1.37
C LEU A 78 7.97 0.70 -0.46
N GLN A 79 7.80 1.96 -0.60
CA GLN A 79 6.85 2.71 0.18
C GLN A 79 5.72 3.16 -0.71
N LEU A 80 4.55 2.67 -0.46
CA LEU A 80 3.36 3.16 -1.11
C LEU A 80 2.49 3.75 -0.05
N VAL A 81 2.41 5.04 -0.04
CA VAL A 81 1.71 5.73 1.00
C VAL A 81 0.40 6.27 0.46
N TYR A 82 -0.68 5.68 0.88
CA TYR A 82 -1.97 6.16 0.54
C TYR A 82 -2.32 7.28 1.49
N GLU A 83 -2.30 8.47 0.99
CA GLU A 83 -2.59 9.63 1.79
C GLU A 83 -3.95 10.19 1.47
N ASP A 84 -4.31 11.23 2.20
CA ASP A 84 -5.59 11.91 2.11
C ASP A 84 -6.73 10.95 2.35
N GLY A 85 -6.78 10.49 3.56
CA GLY A 85 -7.88 9.69 3.99
C GLY A 85 -8.89 10.57 4.62
N ASP A 86 -9.68 10.05 5.48
CA ASP A 86 -10.68 10.86 6.16
C ASP A 86 -10.05 11.59 7.33
N PRO A 87 -10.65 12.70 7.80
CA PRO A 87 -10.12 13.45 8.93
C PRO A 87 -10.30 12.69 10.23
N CYS A 88 -9.31 12.75 11.06
CA CYS A 88 -9.35 12.07 12.32
C CYS A 88 -9.67 13.03 13.43
N PRO A 89 -10.60 12.67 14.33
CA PRO A 89 -11.05 13.54 15.42
C PRO A 89 -9.98 13.77 16.51
N ALA A 90 -8.78 13.30 16.27
CA ALA A 90 -7.70 13.44 17.19
C ALA A 90 -7.08 14.83 17.06
N ASN A 91 -6.71 15.20 15.83
CA ASN A 91 -6.07 16.49 15.60
C ASN A 91 -6.72 17.21 14.45
N LEU A 92 -7.71 16.55 13.82
CA LEU A 92 -8.50 17.09 12.71
C LEU A 92 -7.71 17.21 11.40
N HIS A 93 -6.50 17.77 11.48
CA HIS A 93 -5.63 17.95 10.32
C HIS A 93 -5.03 16.60 9.90
N LEU A 94 -5.18 15.63 10.75
CA LEU A 94 -4.66 14.31 10.50
C LEU A 94 -5.66 13.52 9.70
N LYS A 95 -5.18 12.98 8.63
CA LYS A 95 -5.96 12.16 7.75
C LYS A 95 -5.44 10.75 7.82
N TYR A 96 -6.30 9.80 7.55
CA TYR A 96 -5.92 8.39 7.47
C TYR A 96 -4.87 8.21 6.37
N LYS A 97 -3.74 7.67 6.74
CA LYS A 97 -2.64 7.44 5.83
C LYS A 97 -2.17 6.02 6.02
N SER A 98 -2.02 5.33 4.96
CA SER A 98 -1.61 3.97 5.03
C SER A 98 -0.31 3.82 4.24
N VAL A 99 0.74 3.47 4.93
CA VAL A 99 2.02 3.30 4.30
C VAL A 99 2.38 1.83 4.23
N ILE A 100 2.19 1.28 3.06
CA ILE A 100 2.51 -0.10 2.84
C ILE A 100 3.96 -0.18 2.44
N SER A 101 4.71 -0.79 3.29
CA SER A 101 6.08 -0.99 3.07
C SER A 101 6.27 -2.37 2.50
N PHE A 102 6.63 -2.42 1.26
CA PHE A 102 6.88 -3.65 0.60
C PHE A 102 8.31 -4.01 0.88
N VAL A 103 8.50 -4.99 1.70
CA VAL A 103 9.81 -5.40 2.12
C VAL A 103 10.23 -6.67 1.40
N CYS A 104 11.49 -6.97 1.49
CA CYS A 104 12.10 -8.08 0.81
C CYS A 104 11.79 -9.42 1.45
N LYS A 105 11.17 -10.27 0.66
CA LYS A 105 10.97 -11.64 1.02
C LYS A 105 10.89 -12.43 -0.26
N SER A 106 11.97 -13.08 -0.64
CA SER A 106 11.95 -13.90 -1.82
C SER A 106 11.03 -15.12 -1.61
N ASP A 107 10.92 -15.58 -0.38
CA ASP A 107 9.98 -16.64 -0.07
C ASP A 107 8.61 -16.01 0.21
N ALA A 108 8.02 -15.47 -0.83
CA ALA A 108 6.69 -14.93 -0.77
C ALA A 108 5.96 -15.20 -2.08
N GLY A 109 6.57 -14.75 -3.17
CA GLY A 109 5.98 -14.94 -4.47
C GLY A 109 4.87 -13.93 -4.72
N PRO A 110 3.98 -14.20 -5.69
CA PRO A 110 2.85 -13.30 -5.99
C PRO A 110 1.81 -13.33 -4.86
N THR A 111 1.87 -14.38 -4.07
CA THR A 111 1.03 -14.54 -2.93
C THR A 111 1.73 -13.96 -1.70
N SER A 112 2.15 -12.71 -1.83
CA SER A 112 2.88 -11.98 -0.83
C SER A 112 2.05 -11.82 0.46
N GLN A 113 2.70 -11.93 1.60
CA GLN A 113 2.01 -11.90 2.88
C GLN A 113 2.24 -10.58 3.62
N PRO A 114 1.16 -9.89 3.98
CA PRO A 114 1.22 -8.64 4.71
C PRO A 114 1.25 -8.85 6.23
N LEU A 115 2.12 -8.16 6.89
CA LEU A 115 2.23 -8.21 8.33
C LEU A 115 1.98 -6.83 8.86
N LEU A 116 1.18 -6.74 9.90
CA LEU A 116 0.88 -5.47 10.51
C LEU A 116 2.11 -5.00 11.29
N LEU A 117 2.62 -3.87 10.89
CA LEU A 117 3.83 -3.34 11.45
C LEU A 117 3.49 -2.54 12.71
N SER A 118 2.45 -1.73 12.63
CA SER A 118 2.01 -0.89 13.73
C SER A 118 0.78 -0.10 13.28
N VAL A 119 -0.10 0.16 14.20
CA VAL A 119 -1.26 1.00 13.95
C VAL A 119 -1.25 2.13 14.93
N ASP A 120 -1.22 3.33 14.44
CA ASP A 120 -1.29 4.45 15.32
C ASP A 120 -2.55 5.22 15.08
N GLU A 121 -3.50 5.03 15.95
CA GLU A 121 -4.80 5.65 15.87
C GLU A 121 -4.79 7.10 16.38
N HIS A 122 -3.60 7.62 16.64
CA HIS A 122 -3.45 9.01 17.02
C HIS A 122 -3.29 9.83 15.76
N THR A 123 -2.36 9.40 14.97
CA THR A 123 -1.99 10.09 13.77
C THR A 123 -2.68 9.44 12.55
N CYS A 124 -3.37 8.32 12.80
CA CYS A 124 -4.09 7.55 11.77
C CYS A 124 -3.13 7.04 10.71
N THR A 125 -1.94 6.78 11.12
CA THR A 125 -0.93 6.28 10.25
C THR A 125 -0.87 4.76 10.41
N LEU A 126 -1.18 4.07 9.34
CA LEU A 126 -1.19 2.65 9.31
C LEU A 126 0.12 2.14 8.74
N PHE A 127 0.84 1.37 9.51
CA PHE A 127 2.10 0.83 9.09
C PHE A 127 1.92 -0.65 8.76
N PHE A 128 2.03 -0.98 7.50
CA PHE A 128 1.90 -2.34 7.05
C PHE A 128 3.15 -2.76 6.33
N SER A 129 3.62 -3.94 6.61
CA SER A 129 4.78 -4.45 5.97
C SER A 129 4.39 -5.63 5.10
N TRP A 130 4.48 -5.45 3.83
CA TRP A 130 4.07 -6.45 2.91
C TRP A 130 5.29 -7.21 2.47
N HIS A 131 5.35 -8.47 2.79
CA HIS A 131 6.49 -9.28 2.44
C HIS A 131 6.31 -9.77 1.03
N THR A 132 6.96 -9.12 0.09
CA THR A 132 6.85 -9.50 -1.28
C THR A 132 8.22 -9.68 -1.93
N SER A 133 8.28 -10.54 -2.90
CA SER A 133 9.50 -10.84 -3.58
C SER A 133 9.84 -9.72 -4.57
N LEU A 134 8.80 -9.05 -5.05
CA LEU A 134 8.93 -7.99 -6.06
C LEU A 134 9.54 -6.72 -5.46
N ALA A 135 9.73 -6.72 -4.16
CA ALA A 135 10.25 -5.56 -3.45
C ALA A 135 11.72 -5.73 -3.17
N CYS A 136 12.24 -6.85 -3.56
CA CYS A 136 13.58 -7.17 -3.24
C CYS A 136 14.38 -7.23 -4.52
N GLU A 137 15.68 -7.32 -4.36
CA GLU A 137 16.60 -7.40 -5.48
C GLU A 137 16.34 -8.69 -6.27
N GLN A 138 15.63 -8.55 -7.34
CA GLN A 138 15.34 -9.64 -8.20
C GLN A 138 15.86 -9.24 -9.56
N GLU A 139 16.42 -10.14 -10.29
CA GLU A 139 16.94 -9.82 -11.60
C GLU A 139 15.95 -10.17 -12.68
N VAL A 140 15.10 -11.13 -12.39
CA VAL A 140 14.17 -11.61 -13.37
C VAL A 140 12.86 -10.84 -13.27
N MET A 1 11.24 12.26 -19.66
CA MET A 1 12.40 11.40 -19.42
C MET A 1 11.99 10.08 -18.78
N VAL A 2 10.97 10.11 -17.93
CA VAL A 2 10.59 8.90 -17.22
C VAL A 2 9.12 8.61 -17.39
N GLN A 3 8.79 7.36 -17.36
CA GLN A 3 7.44 6.92 -17.48
C GLN A 3 7.30 5.59 -16.79
N ASP A 4 7.01 5.67 -15.53
CA ASP A 4 6.86 4.51 -14.71
C ASP A 4 5.88 4.78 -13.58
N ASN A 5 4.75 4.19 -13.70
CA ASN A 5 3.70 4.32 -12.73
C ASN A 5 3.44 2.94 -12.16
N CYS A 6 3.56 2.83 -10.83
CA CYS A 6 3.47 1.55 -10.09
C CYS A 6 4.73 0.70 -10.28
N GLN A 7 5.62 1.23 -11.04
CA GLN A 7 6.90 0.68 -11.22
C GLN A 7 7.86 1.79 -10.97
N VAL A 8 8.99 1.49 -10.46
CA VAL A 8 9.96 2.51 -10.20
C VAL A 8 11.32 2.09 -10.71
N THR A 9 11.80 2.86 -11.63
CA THR A 9 13.08 2.65 -12.20
C THR A 9 14.04 3.54 -11.49
N ASN A 10 14.78 2.97 -10.59
CA ASN A 10 15.72 3.73 -9.85
C ASN A 10 17.10 3.52 -10.43
N PRO A 11 17.76 4.61 -10.85
CA PRO A 11 19.13 4.54 -11.41
C PRO A 11 20.17 4.12 -10.38
N ALA A 12 19.74 4.03 -9.13
CA ALA A 12 20.58 3.57 -8.04
C ALA A 12 21.01 2.13 -8.29
N THR A 13 20.05 1.25 -8.47
CA THR A 13 20.35 -0.15 -8.74
C THR A 13 20.21 -0.46 -10.23
N GLY A 14 19.33 0.29 -10.90
CA GLY A 14 19.08 0.09 -12.30
C GLY A 14 18.04 -0.98 -12.53
N TYR A 15 17.38 -1.38 -11.46
CA TYR A 15 16.35 -2.38 -11.55
C TYR A 15 15.00 -1.72 -11.56
N VAL A 16 14.19 -2.11 -12.49
CA VAL A 16 12.86 -1.59 -12.62
C VAL A 16 11.92 -2.45 -11.79
N PHE A 17 11.60 -1.99 -10.62
CA PHE A 17 10.70 -2.71 -9.73
C PHE A 17 9.28 -2.39 -10.11
N ASP A 18 8.63 -3.34 -10.75
CA ASP A 18 7.26 -3.16 -11.22
C ASP A 18 6.26 -3.90 -10.35
N LEU A 19 5.45 -3.16 -9.64
CA LEU A 19 4.48 -3.74 -8.75
C LEU A 19 3.20 -4.09 -9.52
N ASN A 20 3.16 -3.70 -10.81
CA ASN A 20 1.99 -3.98 -11.64
C ASN A 20 1.81 -5.48 -11.84
N SER A 21 2.90 -6.23 -11.81
CA SER A 21 2.80 -7.66 -11.92
C SER A 21 2.35 -8.32 -10.61
N LEU A 22 2.30 -7.56 -9.53
CA LEU A 22 1.90 -8.12 -8.25
C LEU A 22 0.53 -7.56 -7.86
N LYS A 23 -0.08 -6.84 -8.80
CA LYS A 23 -1.37 -6.24 -8.55
C LYS A 23 -2.45 -7.20 -8.18
N ARG A 24 -3.28 -6.75 -7.30
CA ARG A 24 -4.46 -7.43 -6.91
C ARG A 24 -5.58 -6.41 -7.09
N GLU A 25 -6.26 -6.49 -8.21
CA GLU A 25 -7.30 -5.53 -8.58
C GLU A 25 -8.55 -5.72 -7.73
N SER A 26 -8.73 -6.94 -7.25
CA SER A 26 -9.81 -7.24 -6.33
C SER A 26 -9.55 -6.53 -5.01
N GLY A 27 -8.28 -6.27 -4.73
CA GLY A 27 -7.90 -5.66 -3.50
C GLY A 27 -7.68 -6.67 -2.42
N TYR A 28 -6.85 -6.34 -1.47
CA TYR A 28 -6.65 -7.20 -0.34
C TYR A 28 -7.64 -6.83 0.70
N THR A 29 -8.52 -7.73 0.98
CA THR A 29 -9.51 -7.52 1.98
C THR A 29 -9.14 -8.29 3.23
N ILE A 30 -8.45 -7.61 4.10
CA ILE A 30 -7.96 -8.22 5.31
C ILE A 30 -8.52 -7.50 6.50
N SER A 31 -8.62 -8.19 7.58
CA SER A 31 -9.09 -7.61 8.79
C SER A 31 -7.92 -7.36 9.71
N ASP A 32 -7.70 -6.09 10.04
CA ASP A 32 -6.59 -5.69 10.91
C ASP A 32 -6.75 -6.27 12.32
N ILE A 33 -5.76 -6.06 13.15
CA ILE A 33 -5.68 -6.65 14.48
C ILE A 33 -6.85 -6.21 15.42
N ARG A 34 -7.45 -5.05 15.15
CA ARG A 34 -8.56 -4.56 15.99
C ARG A 34 -9.86 -5.24 15.55
N LYS A 35 -9.74 -6.00 14.47
CA LYS A 35 -10.80 -6.73 13.84
C LYS A 35 -11.75 -5.83 13.07
N GLY A 36 -11.25 -5.37 11.93
CA GLY A 36 -12.02 -4.61 11.01
C GLY A 36 -11.47 -4.85 9.62
N SER A 37 -12.33 -4.98 8.64
CA SER A 37 -11.89 -5.31 7.31
C SER A 37 -11.55 -4.05 6.52
N ILE A 38 -10.38 -4.05 5.94
CA ILE A 38 -9.91 -2.98 5.14
C ILE A 38 -9.60 -3.54 3.74
N ARG A 39 -9.90 -2.75 2.75
CA ARG A 39 -9.75 -3.15 1.36
C ARG A 39 -8.76 -2.22 0.69
N LEU A 40 -7.66 -2.74 0.24
CA LEU A 40 -6.69 -1.93 -0.47
C LEU A 40 -6.40 -2.56 -1.82
N GLY A 41 -6.56 -1.80 -2.86
CA GLY A 41 -6.30 -2.33 -4.18
C GLY A 41 -4.93 -1.99 -4.66
N VAL A 42 -4.18 -2.97 -5.13
CA VAL A 42 -2.86 -2.69 -5.63
C VAL A 42 -3.01 -2.15 -7.01
N CYS A 43 -2.61 -0.90 -7.14
CA CYS A 43 -2.68 -0.18 -8.38
C CYS A 43 -4.01 -0.31 -9.10
N GLY A 44 -5.00 0.23 -8.48
CA GLY A 44 -6.31 0.23 -8.99
C GLY A 44 -7.12 1.11 -8.11
N GLU A 45 -8.33 1.32 -8.46
CA GLU A 45 -9.20 2.17 -7.70
C GLU A 45 -10.49 1.43 -7.41
N VAL A 46 -10.93 1.50 -6.21
CA VAL A 46 -12.13 0.83 -5.82
C VAL A 46 -13.34 1.72 -6.05
N LYS A 47 -13.99 1.48 -7.19
CA LYS A 47 -15.15 2.28 -7.64
C LYS A 47 -16.29 2.25 -6.63
N ASP A 48 -16.29 1.22 -5.81
CA ASP A 48 -17.27 1.06 -4.72
C ASP A 48 -17.20 2.24 -3.72
N CYS A 49 -16.05 2.85 -3.62
CA CYS A 49 -15.86 3.99 -2.73
C CYS A 49 -15.87 5.26 -3.52
N GLY A 50 -16.04 5.14 -4.81
CA GLY A 50 -15.92 6.26 -5.68
C GLY A 50 -14.63 6.19 -6.47
N PRO A 51 -14.58 6.72 -7.68
CA PRO A 51 -13.38 6.69 -8.51
C PRO A 51 -12.23 7.49 -7.89
N GLY A 52 -11.04 7.00 -8.12
CA GLY A 52 -9.85 7.63 -7.62
C GLY A 52 -9.50 7.30 -6.18
N ILE A 53 -10.12 6.29 -5.60
CA ILE A 53 -9.78 5.89 -4.23
C ILE A 53 -9.11 4.51 -4.26
N GLY A 54 -8.00 4.38 -3.57
CA GLY A 54 -7.22 3.15 -3.64
C GLY A 54 -7.44 2.22 -2.46
N ALA A 55 -7.76 2.79 -1.30
CA ALA A 55 -7.92 2.00 -0.09
C ALA A 55 -9.11 2.50 0.72
N CYS A 56 -9.87 1.57 1.24
CA CYS A 56 -11.07 1.88 2.02
C CYS A 56 -11.23 0.91 3.16
N PHE A 57 -11.80 1.36 4.24
CA PHE A 57 -12.12 0.47 5.33
C PHE A 57 -13.57 0.07 5.14
N GLU A 58 -13.78 -1.23 4.97
CA GLU A 58 -15.06 -1.78 4.56
C GLU A 58 -16.11 -1.66 5.63
N GLY A 59 -17.06 -0.81 5.39
CA GLY A 59 -18.19 -0.66 6.27
C GLY A 59 -18.66 0.75 6.34
N THR A 60 -17.98 1.56 7.12
CA THR A 60 -18.32 2.95 7.28
C THR A 60 -17.96 3.76 6.02
N GLY A 61 -17.07 3.22 5.20
CA GLY A 61 -16.69 3.90 3.99
C GLY A 61 -15.69 4.99 4.26
N ILE A 62 -14.76 4.70 5.11
CA ILE A 62 -13.71 5.64 5.39
C ILE A 62 -12.52 5.35 4.48
N LYS A 63 -12.02 6.38 3.85
CA LYS A 63 -10.99 6.23 2.85
C LYS A 63 -9.62 6.22 3.53
N ALA A 64 -8.82 5.24 3.22
CA ALA A 64 -7.52 5.07 3.86
C ALA A 64 -6.40 5.63 2.99
N GLY A 65 -6.78 6.29 1.92
CA GLY A 65 -5.81 6.88 1.05
C GLY A 65 -6.30 7.04 -0.36
N LYS A 66 -5.86 8.10 -0.98
CA LYS A 66 -6.14 8.42 -2.35
C LYS A 66 -5.45 7.42 -3.26
N TRP A 67 -6.08 7.10 -4.36
CA TRP A 67 -5.47 6.31 -5.38
C TRP A 67 -4.34 7.14 -5.97
N ASN A 68 -3.15 6.72 -5.70
CA ASN A 68 -1.98 7.40 -6.14
C ASN A 68 -0.93 6.37 -6.39
N GLN A 69 0.08 6.70 -7.14
CA GLN A 69 1.09 5.73 -7.47
C GLN A 69 2.42 6.24 -6.98
N LYS A 70 2.54 6.28 -5.66
CA LYS A 70 3.73 6.75 -5.01
C LYS A 70 4.60 5.58 -4.62
N LEU A 71 5.54 5.28 -5.48
CA LEU A 71 6.47 4.23 -5.26
C LEU A 71 7.78 4.80 -4.86
N SER A 72 8.06 4.70 -3.62
CA SER A 72 9.27 5.19 -3.09
C SER A 72 10.21 4.02 -2.94
N TYR A 73 11.45 4.22 -3.24
CA TYR A 73 12.38 3.14 -3.14
C TYR A 73 13.40 3.41 -2.08
N VAL A 74 13.42 2.56 -1.10
CA VAL A 74 14.43 2.58 -0.09
C VAL A 74 15.33 1.43 -0.45
N ASP A 75 16.58 1.50 -0.05
CA ASP A 75 17.57 0.48 -0.31
C ASP A 75 17.08 -0.88 0.12
N GLN A 76 16.64 -1.62 -0.87
CA GLN A 76 16.15 -2.98 -0.78
C GLN A 76 14.80 -3.05 -0.04
N VAL A 77 14.10 -1.92 0.05
CA VAL A 77 12.79 -1.85 0.69
C VAL A 77 11.85 -1.03 -0.22
N LEU A 78 10.78 -1.63 -0.67
CA LEU A 78 9.85 -0.94 -1.54
C LEU A 78 8.83 -0.19 -0.65
N GLN A 79 8.45 1.01 -1.02
CA GLN A 79 7.50 1.79 -0.24
C GLN A 79 6.31 2.22 -1.09
N LEU A 80 5.14 1.74 -0.76
CA LEU A 80 3.93 2.19 -1.40
C LEU A 80 3.15 2.99 -0.39
N VAL A 81 2.91 4.23 -0.70
CA VAL A 81 2.25 5.10 0.23
C VAL A 81 0.92 5.57 -0.34
N TYR A 82 -0.11 5.47 0.45
CA TYR A 82 -1.41 5.99 0.12
C TYR A 82 -1.58 7.28 0.91
N GLU A 83 -1.49 8.39 0.23
CA GLU A 83 -1.62 9.65 0.90
C GLU A 83 -3.02 10.19 0.76
N ASP A 84 -3.37 11.10 1.66
CA ASP A 84 -4.66 11.79 1.70
C ASP A 84 -5.82 10.83 1.91
N GLY A 85 -6.18 10.64 3.14
CA GLY A 85 -7.26 9.78 3.46
C GLY A 85 -8.42 10.55 4.04
N ASP A 86 -9.26 9.86 4.74
CA ASP A 86 -10.41 10.46 5.41
C ASP A 86 -9.92 10.96 6.79
N PRO A 87 -10.55 12.02 7.36
CA PRO A 87 -10.17 12.59 8.67
C PRO A 87 -9.93 11.54 9.78
N CYS A 88 -9.03 11.86 10.64
CA CYS A 88 -8.63 11.02 11.74
C CYS A 88 -9.34 11.44 13.02
N PRO A 89 -9.95 10.48 13.74
CA PRO A 89 -10.76 10.78 14.95
C PRO A 89 -9.96 11.45 16.07
N ALA A 90 -8.67 11.20 16.12
CA ALA A 90 -7.83 11.68 17.19
C ALA A 90 -7.65 13.18 17.18
N ASN A 91 -7.25 13.74 16.04
CA ASN A 91 -6.95 15.19 15.97
C ASN A 91 -7.72 15.88 14.87
N LEU A 92 -8.63 15.16 14.25
CA LEU A 92 -9.52 15.64 13.17
C LEU A 92 -8.79 15.98 11.86
N HIS A 93 -7.88 16.95 11.89
CA HIS A 93 -7.17 17.41 10.69
C HIS A 93 -6.08 16.47 10.20
N LEU A 94 -5.97 15.35 10.84
CA LEU A 94 -5.07 14.32 10.41
C LEU A 94 -5.87 13.44 9.48
N LYS A 95 -5.24 12.77 8.59
CA LYS A 95 -5.97 11.92 7.68
C LYS A 95 -5.42 10.52 7.77
N TYR A 96 -6.24 9.53 7.44
CA TYR A 96 -5.79 8.16 7.42
C TYR A 96 -4.69 8.02 6.37
N LYS A 97 -3.51 7.67 6.82
CA LYS A 97 -2.38 7.55 5.94
C LYS A 97 -1.95 6.11 5.93
N SER A 98 -1.69 5.57 4.78
CA SER A 98 -1.30 4.17 4.70
C SER A 98 0.08 4.05 4.08
N VAL A 99 1.00 3.44 4.79
CA VAL A 99 2.33 3.22 4.27
C VAL A 99 2.73 1.75 4.37
N ILE A 100 2.84 1.13 3.22
CA ILE A 100 3.15 -0.27 3.15
C ILE A 100 4.62 -0.45 2.81
N SER A 101 5.35 -0.94 3.77
CA SER A 101 6.74 -1.23 3.62
C SER A 101 6.92 -2.63 3.11
N PHE A 102 7.36 -2.75 1.90
CA PHE A 102 7.58 -4.05 1.32
C PHE A 102 8.97 -4.54 1.67
N VAL A 103 9.02 -5.49 2.57
CA VAL A 103 10.25 -6.12 2.97
C VAL A 103 10.37 -7.41 2.19
N CYS A 104 11.54 -7.88 1.98
CA CYS A 104 11.72 -9.00 1.11
C CYS A 104 11.58 -10.32 1.82
N LYS A 105 10.84 -11.18 1.19
CA LYS A 105 10.65 -12.53 1.58
C LYS A 105 10.47 -13.31 0.29
N SER A 106 11.47 -14.04 -0.12
CA SER A 106 11.45 -14.73 -1.40
C SER A 106 10.55 -15.97 -1.33
N ASP A 107 10.20 -16.36 -0.13
CA ASP A 107 9.30 -17.50 0.10
C ASP A 107 7.85 -17.07 0.00
N ALA A 108 7.62 -15.79 -0.21
CA ALA A 108 6.27 -15.25 -0.25
C ALA A 108 5.60 -15.41 -1.61
N GLY A 109 6.35 -15.15 -2.66
CA GLY A 109 5.83 -15.31 -4.00
C GLY A 109 4.83 -14.22 -4.38
N PRO A 110 3.94 -14.51 -5.35
CA PRO A 110 2.95 -13.54 -5.85
C PRO A 110 1.78 -13.33 -4.88
N THR A 111 1.76 -14.08 -3.82
CA THR A 111 0.73 -13.90 -2.83
C THR A 111 1.22 -12.89 -1.79
N SER A 112 2.46 -13.13 -1.30
CA SER A 112 3.15 -12.26 -0.36
C SER A 112 2.50 -12.26 1.06
N GLN A 113 3.33 -12.13 2.08
CA GLN A 113 2.87 -12.20 3.46
C GLN A 113 2.43 -10.84 3.97
N PRO A 114 1.18 -10.73 4.41
CA PRO A 114 0.62 -9.51 4.95
C PRO A 114 0.86 -9.39 6.46
N LEU A 115 1.58 -8.39 6.87
CA LEU A 115 1.85 -8.16 8.27
C LEU A 115 1.54 -6.73 8.64
N LEU A 116 0.72 -6.57 9.61
CA LEU A 116 0.39 -5.30 10.14
C LEU A 116 1.41 -4.97 11.21
N LEU A 117 2.03 -3.83 11.10
CA LEU A 117 3.01 -3.44 12.07
C LEU A 117 2.29 -2.87 13.27
N SER A 118 1.35 -1.96 12.99
CA SER A 118 0.53 -1.35 14.01
C SER A 118 -0.45 -0.40 13.37
N VAL A 119 -1.63 -0.35 13.92
CA VAL A 119 -2.59 0.64 13.55
C VAL A 119 -2.40 1.74 14.57
N ASP A 120 -2.02 2.88 14.12
CA ASP A 120 -1.71 3.97 15.03
C ASP A 120 -2.84 4.98 15.08
N GLU A 121 -3.49 5.08 16.23
CA GLU A 121 -4.58 6.04 16.42
C GLU A 121 -4.05 7.44 16.72
N HIS A 122 -2.75 7.59 16.80
CA HIS A 122 -2.15 8.87 17.21
C HIS A 122 -2.05 9.81 16.03
N THR A 123 -1.68 9.27 14.91
CA THR A 123 -1.54 10.01 13.69
C THR A 123 -2.44 9.45 12.60
N CYS A 124 -3.03 8.27 12.88
CA CYS A 124 -3.86 7.54 11.94
C CYS A 124 -3.05 7.05 10.75
N THR A 125 -1.82 6.70 11.04
CA THR A 125 -0.93 6.16 10.07
C THR A 125 -0.96 4.64 10.19
N LEU A 126 -1.27 4.00 9.11
CA LEU A 126 -1.34 2.58 9.04
C LEU A 126 0.01 2.04 8.61
N PHE A 127 0.66 1.34 9.52
CA PHE A 127 1.96 0.78 9.25
C PHE A 127 1.83 -0.68 8.87
N PHE A 128 2.19 -0.99 7.66
CA PHE A 128 2.15 -2.36 7.17
C PHE A 128 3.52 -2.76 6.69
N SER A 129 3.89 -3.98 6.95
CA SER A 129 5.11 -4.53 6.46
C SER A 129 4.76 -5.76 5.62
N TRP A 130 4.82 -5.59 4.34
CA TRP A 130 4.40 -6.60 3.42
C TRP A 130 5.62 -7.38 3.01
N HIS A 131 5.59 -8.65 3.25
CA HIS A 131 6.72 -9.51 2.94
C HIS A 131 6.54 -10.01 1.54
N THR A 132 7.25 -9.44 0.63
CA THR A 132 7.10 -9.79 -0.76
C THR A 132 8.45 -10.15 -1.37
N SER A 133 8.42 -10.94 -2.40
CA SER A 133 9.62 -11.37 -3.05
C SER A 133 10.11 -10.26 -3.98
N LEU A 134 9.19 -9.43 -4.42
CA LEU A 134 9.49 -8.31 -5.31
C LEU A 134 10.26 -7.19 -4.62
N ALA A 135 10.46 -7.32 -3.32
CA ALA A 135 11.19 -6.32 -2.56
C ALA A 135 12.70 -6.48 -2.74
N CYS A 136 13.10 -7.69 -3.08
CA CYS A 136 14.48 -7.93 -3.44
C CYS A 136 14.68 -7.46 -4.85
N GLU A 137 15.93 -7.21 -5.23
CA GLU A 137 16.26 -6.72 -6.57
C GLU A 137 15.60 -7.62 -7.58
N GLN A 138 14.96 -7.03 -8.55
CA GLN A 138 14.23 -7.83 -9.49
C GLN A 138 15.20 -8.39 -10.50
N GLU A 139 15.27 -9.69 -10.46
CA GLU A 139 16.23 -10.46 -11.20
C GLU A 139 15.72 -10.76 -12.61
N VAL A 140 14.42 -10.86 -12.73
CA VAL A 140 13.78 -11.15 -13.99
C VAL A 140 12.54 -10.27 -14.18
N MET A 1 9.95 8.25 -21.99
CA MET A 1 9.10 8.83 -20.96
C MET A 1 8.24 7.76 -20.36
N VAL A 2 8.33 7.58 -19.08
CA VAL A 2 7.53 6.61 -18.39
C VAL A 2 6.32 7.35 -17.84
N GLN A 3 5.16 6.72 -17.88
CA GLN A 3 3.93 7.34 -17.37
C GLN A 3 3.94 7.32 -15.82
N ASP A 4 5.02 6.75 -15.26
CA ASP A 4 5.22 6.52 -13.82
C ASP A 4 4.01 5.81 -13.25
N ASN A 5 3.98 4.53 -13.47
CA ASN A 5 2.85 3.71 -13.10
C ASN A 5 3.29 2.42 -12.47
N CYS A 6 3.53 2.48 -11.17
CA CYS A 6 3.88 1.31 -10.33
C CYS A 6 5.10 0.53 -10.83
N GLN A 7 5.95 1.21 -11.54
CA GLN A 7 7.18 0.67 -11.98
C GLN A 7 8.24 1.68 -11.69
N VAL A 8 9.18 1.30 -10.87
CA VAL A 8 10.24 2.18 -10.56
C VAL A 8 11.56 1.53 -10.90
N THR A 9 12.32 2.23 -11.68
CA THR A 9 13.62 1.79 -12.08
C THR A 9 14.57 2.32 -11.02
N ASN A 10 15.12 1.45 -10.22
CA ASN A 10 15.98 1.89 -9.16
C ASN A 10 17.38 2.14 -9.70
N PRO A 11 18.05 3.21 -9.28
CA PRO A 11 19.37 3.59 -9.81
C PRO A 11 20.51 2.75 -9.23
N ALA A 12 20.19 1.85 -8.31
CA ALA A 12 21.20 1.02 -7.69
C ALA A 12 21.54 -0.17 -8.57
N THR A 13 20.57 -1.03 -8.80
CA THR A 13 20.78 -2.21 -9.59
C THR A 13 20.30 -2.03 -11.03
N GLY A 14 19.44 -1.05 -11.25
CA GLY A 14 18.89 -0.80 -12.58
C GLY A 14 17.65 -1.65 -12.82
N TYR A 15 17.26 -2.37 -11.80
CA TYR A 15 16.12 -3.26 -11.87
C TYR A 15 14.82 -2.45 -11.85
N VAL A 16 13.92 -2.79 -12.74
CA VAL A 16 12.64 -2.13 -12.83
C VAL A 16 11.65 -2.94 -12.03
N PHE A 17 11.20 -2.40 -10.94
CA PHE A 17 10.24 -3.08 -10.13
C PHE A 17 8.84 -2.81 -10.66
N ASP A 18 8.28 -3.77 -11.35
CA ASP A 18 6.90 -3.67 -11.79
C ASP A 18 6.02 -4.23 -10.73
N LEU A 19 5.31 -3.39 -10.04
CA LEU A 19 4.34 -3.87 -9.08
C LEU A 19 3.07 -4.20 -9.86
N ASN A 20 3.11 -3.82 -11.12
CA ASN A 20 2.07 -3.99 -12.11
C ASN A 20 1.71 -5.45 -12.35
N SER A 21 2.63 -6.35 -12.06
CA SER A 21 2.42 -7.76 -12.26
C SER A 21 1.73 -8.40 -11.03
N LEU A 22 1.64 -7.65 -9.94
CA LEU A 22 1.03 -8.16 -8.72
C LEU A 22 -0.23 -7.36 -8.36
N LYS A 23 -0.29 -6.13 -8.89
CA LYS A 23 -1.35 -5.16 -8.58
C LYS A 23 -2.75 -5.76 -8.67
N ARG A 24 -3.50 -5.49 -7.64
CA ARG A 24 -4.79 -6.08 -7.45
C ARG A 24 -5.79 -4.96 -7.22
N GLU A 25 -6.53 -4.64 -8.26
CA GLU A 25 -7.50 -3.57 -8.24
C GLU A 25 -8.64 -3.89 -7.28
N SER A 26 -9.04 -5.16 -7.23
CA SER A 26 -10.12 -5.59 -6.35
C SER A 26 -9.73 -5.39 -4.87
N GLY A 27 -8.44 -5.24 -4.66
CA GLY A 27 -7.94 -4.92 -3.37
C GLY A 27 -7.72 -6.10 -2.48
N TYR A 28 -6.74 -5.97 -1.62
CA TYR A 28 -6.52 -6.96 -0.61
C TYR A 28 -7.49 -6.68 0.48
N THR A 29 -8.39 -7.57 0.69
CA THR A 29 -9.39 -7.36 1.67
C THR A 29 -9.01 -8.11 2.94
N ILE A 30 -8.44 -7.40 3.87
CA ILE A 30 -8.00 -7.98 5.09
C ILE A 30 -8.80 -7.40 6.24
N SER A 31 -9.06 -8.18 7.22
CA SER A 31 -9.81 -7.74 8.33
C SER A 31 -8.93 -7.63 9.56
N ASP A 32 -9.01 -6.51 10.20
CA ASP A 32 -8.31 -6.24 11.44
C ASP A 32 -8.91 -7.12 12.54
N ILE A 33 -8.12 -7.43 13.56
CA ILE A 33 -8.55 -8.30 14.66
C ILE A 33 -9.72 -7.65 15.45
N ARG A 34 -9.83 -6.34 15.36
CA ARG A 34 -10.91 -5.57 16.00
C ARG A 34 -12.20 -5.66 15.20
N LYS A 35 -12.16 -6.46 14.13
CA LYS A 35 -13.25 -6.73 13.22
C LYS A 35 -13.51 -5.53 12.33
N GLY A 36 -12.82 -5.47 11.24
CA GLY A 36 -12.98 -4.41 10.32
C GLY A 36 -12.26 -4.70 9.05
N SER A 37 -13.00 -4.81 7.99
CA SER A 37 -12.46 -5.13 6.71
C SER A 37 -11.88 -3.90 6.04
N ILE A 38 -10.62 -3.93 5.74
CA ILE A 38 -9.99 -2.89 5.01
C ILE A 38 -9.55 -3.47 3.67
N ARG A 39 -9.92 -2.80 2.63
CA ARG A 39 -9.65 -3.25 1.30
C ARG A 39 -8.76 -2.25 0.62
N LEU A 40 -7.57 -2.67 0.29
CA LEU A 40 -6.63 -1.79 -0.32
C LEU A 40 -6.33 -2.23 -1.72
N GLY A 41 -6.69 -1.42 -2.66
CA GLY A 41 -6.38 -1.70 -4.03
C GLY A 41 -4.98 -1.22 -4.32
N VAL A 42 -4.09 -2.14 -4.54
CA VAL A 42 -2.74 -1.76 -4.83
C VAL A 42 -2.60 -1.48 -6.32
N CYS A 43 -2.27 -0.22 -6.65
CA CYS A 43 -2.11 0.24 -8.05
C CYS A 43 -3.42 0.16 -8.85
N GLY A 44 -4.49 0.03 -8.14
CA GLY A 44 -5.79 0.00 -8.70
C GLY A 44 -6.71 0.68 -7.75
N GLU A 45 -7.61 1.44 -8.27
CA GLU A 45 -8.55 2.18 -7.43
C GLU A 45 -9.61 1.24 -6.92
N VAL A 46 -10.08 1.49 -5.74
CA VAL A 46 -11.06 0.64 -5.15
C VAL A 46 -12.50 1.08 -5.53
N LYS A 47 -13.05 0.41 -6.53
CA LYS A 47 -14.36 0.75 -7.11
C LYS A 47 -15.50 0.58 -6.12
N ASP A 48 -15.24 -0.19 -5.10
CA ASP A 48 -16.19 -0.40 -4.00
C ASP A 48 -16.49 0.93 -3.30
N CYS A 49 -15.49 1.77 -3.19
CA CYS A 49 -15.67 3.06 -2.55
C CYS A 49 -15.67 4.18 -3.58
N GLY A 50 -15.05 3.95 -4.72
CA GLY A 50 -15.07 4.91 -5.78
C GLY A 50 -13.68 5.20 -6.33
N PRO A 51 -13.59 5.60 -7.61
CA PRO A 51 -12.31 5.97 -8.23
C PRO A 51 -11.69 7.18 -7.53
N GLY A 52 -10.39 7.22 -7.48
CA GLY A 52 -9.70 8.25 -6.75
C GLY A 52 -9.30 7.80 -5.37
N ILE A 53 -9.87 6.69 -4.92
CA ILE A 53 -9.58 6.13 -3.62
C ILE A 53 -8.87 4.79 -3.82
N GLY A 54 -7.83 4.54 -3.06
CA GLY A 54 -7.10 3.29 -3.20
C GLY A 54 -7.29 2.40 -2.01
N ALA A 55 -7.15 2.96 -0.84
CA ALA A 55 -7.31 2.21 0.39
C ALA A 55 -8.60 2.63 1.06
N CYS A 56 -9.45 1.70 1.35
CA CYS A 56 -10.73 2.00 1.94
C CYS A 56 -11.09 0.95 2.98
N PHE A 57 -11.63 1.38 4.08
CA PHE A 57 -12.01 0.52 5.18
C PHE A 57 -13.54 0.46 5.20
N GLU A 58 -14.10 -0.74 5.07
CA GLU A 58 -15.55 -0.91 4.98
C GLU A 58 -16.26 -0.47 6.25
N GLY A 59 -15.58 -0.61 7.38
CA GLY A 59 -16.14 -0.18 8.64
C GLY A 59 -16.30 1.33 8.67
N THR A 60 -17.54 1.78 8.69
CA THR A 60 -17.89 3.19 8.69
C THR A 60 -17.64 3.82 7.26
N GLY A 61 -17.19 2.97 6.33
CA GLY A 61 -16.89 3.41 4.97
C GLY A 61 -15.85 4.50 4.92
N ILE A 62 -14.83 4.37 5.72
CA ILE A 62 -13.82 5.40 5.80
C ILE A 62 -12.68 5.17 4.82
N LYS A 63 -12.21 6.25 4.27
CA LYS A 63 -11.12 6.23 3.34
C LYS A 63 -9.82 6.16 4.10
N ALA A 64 -8.90 5.36 3.63
CA ALA A 64 -7.63 5.18 4.29
C ALA A 64 -6.49 5.56 3.36
N GLY A 65 -6.84 6.27 2.29
CA GLY A 65 -5.83 6.71 1.37
C GLY A 65 -6.35 7.01 -0.03
N LYS A 66 -6.02 8.18 -0.49
CA LYS A 66 -6.32 8.68 -1.82
C LYS A 66 -5.43 7.92 -2.79
N TRP A 67 -5.96 7.55 -3.94
CA TRP A 67 -5.19 6.78 -4.88
C TRP A 67 -4.15 7.66 -5.54
N ASN A 68 -2.95 7.17 -5.62
CA ASN A 68 -1.84 7.89 -6.15
C ASN A 68 -0.81 6.89 -6.57
N GLN A 69 0.07 7.31 -7.41
CA GLN A 69 1.17 6.49 -7.83
C GLN A 69 2.47 7.06 -7.26
N LYS A 70 2.81 6.62 -6.07
CA LYS A 70 4.05 7.05 -5.45
C LYS A 70 4.82 5.88 -4.90
N LEU A 71 5.67 5.34 -5.72
CA LEU A 71 6.56 4.29 -5.30
C LEU A 71 7.94 4.86 -5.17
N SER A 72 8.40 4.94 -3.97
CA SER A 72 9.72 5.46 -3.72
C SER A 72 10.61 4.39 -3.13
N TYR A 73 11.75 4.18 -3.72
CA TYR A 73 12.70 3.20 -3.26
C TYR A 73 13.66 3.91 -2.33
N VAL A 74 13.46 3.75 -1.04
CA VAL A 74 14.29 4.39 -0.02
C VAL A 74 14.53 3.37 1.06
N ASP A 75 15.67 3.46 1.74
CA ASP A 75 16.02 2.52 2.83
C ASP A 75 16.22 1.10 2.23
N GLN A 76 16.35 1.08 0.88
CA GLN A 76 16.43 -0.14 0.03
C GLN A 76 15.06 -0.86 0.00
N VAL A 77 14.03 -0.18 0.47
CA VAL A 77 12.68 -0.72 0.57
C VAL A 77 11.71 0.10 -0.33
N LEU A 78 10.65 -0.54 -0.79
CA LEU A 78 9.65 0.13 -1.60
C LEU A 78 8.62 0.79 -0.72
N GLN A 79 8.43 2.06 -0.90
CA GLN A 79 7.44 2.82 -0.14
C GLN A 79 6.23 3.09 -1.01
N LEU A 80 5.08 2.72 -0.55
CA LEU A 80 3.81 3.08 -1.16
C LEU A 80 2.94 3.66 -0.07
N VAL A 81 2.58 4.89 -0.21
CA VAL A 81 1.83 5.52 0.84
C VAL A 81 0.52 6.14 0.36
N TYR A 82 -0.55 5.62 0.88
CA TYR A 82 -1.86 6.11 0.62
C TYR A 82 -2.22 7.13 1.67
N GLU A 83 -2.14 8.37 1.32
CA GLU A 83 -2.45 9.44 2.22
C GLU A 83 -3.75 10.06 1.83
N ASP A 84 -4.31 10.88 2.70
CA ASP A 84 -5.57 11.58 2.47
C ASP A 84 -6.75 10.64 2.41
N GLY A 85 -7.07 10.12 3.55
CA GLY A 85 -8.29 9.40 3.69
C GLY A 85 -9.32 10.30 4.28
N ASP A 86 -10.07 9.80 5.21
CA ASP A 86 -10.99 10.65 5.94
C ASP A 86 -10.25 11.34 7.07
N PRO A 87 -10.72 12.50 7.52
CA PRO A 87 -10.13 13.19 8.66
C PRO A 87 -10.36 12.37 9.93
N CYS A 88 -9.47 12.50 10.86
CA CYS A 88 -9.55 11.77 12.09
C CYS A 88 -10.18 12.59 13.17
N PRO A 89 -11.06 11.98 13.96
CA PRO A 89 -11.80 12.66 15.04
C PRO A 89 -10.87 13.30 16.10
N ALA A 90 -9.68 12.74 16.24
CA ALA A 90 -8.75 13.19 17.26
C ALA A 90 -8.21 14.61 17.00
N ASN A 91 -7.43 14.77 15.94
CA ASN A 91 -6.81 16.07 15.67
C ASN A 91 -7.40 16.76 14.47
N LEU A 92 -8.32 16.09 13.79
CA LEU A 92 -9.00 16.59 12.56
C LEU A 92 -8.07 16.69 11.35
N HIS A 93 -6.95 17.39 11.53
CA HIS A 93 -5.91 17.61 10.52
C HIS A 93 -5.26 16.28 10.06
N LEU A 94 -5.44 15.26 10.85
CA LEU A 94 -4.89 13.96 10.54
C LEU A 94 -5.81 13.24 9.60
N LYS A 95 -5.23 12.53 8.68
CA LYS A 95 -5.97 11.75 7.72
C LYS A 95 -5.62 10.30 7.96
N TYR A 96 -6.54 9.39 7.74
CA TYR A 96 -6.20 7.98 7.76
C TYR A 96 -5.22 7.73 6.62
N LYS A 97 -4.04 7.29 6.95
CA LYS A 97 -3.00 7.11 5.98
C LYS A 97 -2.39 5.74 6.13
N SER A 98 -2.15 5.10 5.02
CA SER A 98 -1.63 3.77 5.03
C SER A 98 -0.28 3.75 4.31
N VAL A 99 0.76 3.42 5.03
CA VAL A 99 2.07 3.34 4.43
C VAL A 99 2.50 1.87 4.34
N ILE A 100 2.64 1.42 3.14
CA ILE A 100 3.04 0.07 2.86
C ILE A 100 4.49 0.06 2.42
N SER A 101 5.28 -0.65 3.13
CA SER A 101 6.65 -0.80 2.79
C SER A 101 6.89 -2.21 2.28
N PHE A 102 7.25 -2.31 1.03
CA PHE A 102 7.47 -3.59 0.40
C PHE A 102 8.89 -4.03 0.63
N VAL A 103 9.04 -5.03 1.45
CA VAL A 103 10.33 -5.59 1.78
C VAL A 103 10.53 -6.88 1.00
N CYS A 104 11.77 -7.28 0.86
CA CYS A 104 12.13 -8.45 0.12
C CYS A 104 11.83 -9.71 0.91
N LYS A 105 11.15 -10.63 0.27
CA LYS A 105 10.86 -11.91 0.84
C LYS A 105 10.54 -12.86 -0.29
N SER A 106 11.45 -13.75 -0.58
CA SER A 106 11.26 -14.72 -1.65
C SER A 106 10.22 -15.77 -1.24
N ASP A 107 10.09 -15.96 0.06
CA ASP A 107 9.15 -16.89 0.68
C ASP A 107 7.72 -16.27 0.77
N ALA A 108 7.50 -15.25 -0.03
CA ALA A 108 6.23 -14.56 -0.04
C ALA A 108 5.33 -15.12 -1.12
N GLY A 109 5.93 -15.43 -2.26
CA GLY A 109 5.21 -16.04 -3.35
C GLY A 109 4.26 -15.08 -4.03
N PRO A 110 3.29 -15.60 -4.81
CA PRO A 110 2.31 -14.78 -5.53
C PRO A 110 1.30 -14.12 -4.59
N THR A 111 1.25 -14.59 -3.37
CA THR A 111 0.38 -14.05 -2.38
C THR A 111 0.98 -12.80 -1.75
N SER A 112 2.24 -12.91 -1.30
CA SER A 112 2.97 -11.83 -0.65
C SER A 112 2.32 -11.43 0.69
N GLN A 113 3.00 -11.77 1.77
CA GLN A 113 2.48 -11.63 3.12
C GLN A 113 2.46 -10.19 3.59
N PRO A 114 1.30 -9.71 4.02
CA PRO A 114 1.14 -8.38 4.55
C PRO A 114 1.28 -8.37 6.07
N LEU A 115 2.36 -7.85 6.56
CA LEU A 115 2.58 -7.76 7.98
C LEU A 115 2.07 -6.44 8.48
N LEU A 116 1.08 -6.49 9.32
CA LEU A 116 0.59 -5.32 9.95
C LEU A 116 1.58 -5.01 11.06
N LEU A 117 2.35 -3.97 10.86
CA LEU A 117 3.40 -3.63 11.79
C LEU A 117 2.81 -3.01 13.03
N SER A 118 2.01 -1.98 12.84
CA SER A 118 1.43 -1.28 13.94
C SER A 118 0.37 -0.33 13.39
N VAL A 119 -0.63 -0.05 14.20
CA VAL A 119 -1.66 0.89 13.86
C VAL A 119 -1.61 2.00 14.88
N ASP A 120 -1.20 3.17 14.47
CA ASP A 120 -1.12 4.26 15.39
C ASP A 120 -2.35 5.11 15.26
N GLU A 121 -3.21 4.97 16.22
CA GLU A 121 -4.48 5.66 16.25
C GLU A 121 -4.33 7.09 16.76
N HIS A 122 -3.10 7.49 16.98
CA HIS A 122 -2.83 8.83 17.46
C HIS A 122 -2.68 9.73 16.27
N THR A 123 -1.96 9.25 15.29
CA THR A 123 -1.65 10.01 14.11
C THR A 123 -2.36 9.41 12.87
N CYS A 124 -3.11 8.32 13.10
CA CYS A 124 -3.90 7.61 12.06
C CYS A 124 -2.98 7.01 11.00
N THR A 125 -1.79 6.66 11.41
CA THR A 125 -0.81 6.14 10.52
C THR A 125 -0.80 4.60 10.61
N LEU A 126 -1.09 3.97 9.52
CA LEU A 126 -1.10 2.53 9.42
C LEU A 126 0.22 2.07 8.83
N PHE A 127 0.97 1.28 9.57
CA PHE A 127 2.25 0.77 9.10
C PHE A 127 2.10 -0.68 8.67
N PHE A 128 2.29 -0.92 7.41
CA PHE A 128 2.20 -2.25 6.85
C PHE A 128 3.47 -2.59 6.11
N SER A 129 4.06 -3.69 6.45
CA SER A 129 5.23 -4.17 5.81
C SER A 129 4.85 -5.34 4.92
N TRP A 130 4.95 -5.16 3.65
CA TRP A 130 4.53 -6.15 2.72
C TRP A 130 5.73 -6.95 2.31
N HIS A 131 5.69 -8.21 2.58
CA HIS A 131 6.79 -9.08 2.23
C HIS A 131 6.50 -9.59 0.85
N THR A 132 7.28 -9.21 -0.12
CA THR A 132 7.02 -9.64 -1.45
C THR A 132 8.31 -10.00 -2.18
N SER A 133 8.18 -10.90 -3.13
CA SER A 133 9.29 -11.37 -3.91
C SER A 133 9.70 -10.31 -4.93
N LEU A 134 8.76 -9.44 -5.26
CA LEU A 134 8.97 -8.40 -6.27
C LEU A 134 9.88 -7.29 -5.78
N ALA A 135 10.26 -7.35 -4.52
CA ALA A 135 11.08 -6.32 -3.91
C ALA A 135 12.52 -6.81 -3.74
N CYS A 136 12.84 -7.87 -4.44
CA CYS A 136 14.14 -8.48 -4.35
C CYS A 136 14.88 -8.32 -5.67
N GLU A 137 16.20 -8.27 -5.61
CA GLU A 137 17.01 -8.16 -6.80
C GLU A 137 17.19 -9.54 -7.38
N GLN A 138 16.99 -9.68 -8.66
CA GLN A 138 17.18 -10.96 -9.28
C GLN A 138 18.64 -11.19 -9.55
N GLU A 139 19.19 -12.18 -8.93
CA GLU A 139 20.58 -12.50 -9.08
C GLU A 139 20.72 -13.38 -10.31
N VAL A 140 20.04 -14.49 -10.28
CA VAL A 140 19.99 -15.45 -11.37
C VAL A 140 18.63 -16.12 -11.37
N MET A 1 8.25 10.93 -21.21
CA MET A 1 9.06 10.22 -20.23
C MET A 1 8.47 8.85 -20.03
N VAL A 2 9.19 7.97 -19.38
CA VAL A 2 8.64 6.66 -19.08
C VAL A 2 7.85 6.83 -17.81
N GLN A 3 6.65 6.35 -17.79
CA GLN A 3 5.83 6.58 -16.64
C GLN A 3 6.02 5.47 -15.65
N ASP A 4 6.59 5.82 -14.54
CA ASP A 4 6.84 4.89 -13.48
C ASP A 4 5.59 4.70 -12.62
N ASN A 5 4.49 4.37 -13.27
CA ASN A 5 3.25 4.13 -12.59
C ASN A 5 3.22 2.69 -12.11
N CYS A 6 3.24 2.55 -10.79
CA CYS A 6 3.17 1.26 -10.10
C CYS A 6 4.46 0.47 -10.37
N GLN A 7 5.50 1.20 -10.63
CA GLN A 7 6.79 0.64 -10.84
C GLN A 7 7.80 1.70 -10.51
N VAL A 8 8.95 1.32 -10.09
CA VAL A 8 10.01 2.31 -9.92
C VAL A 8 11.08 1.97 -10.93
N THR A 9 11.54 2.95 -11.64
CA THR A 9 12.54 2.74 -12.65
C THR A 9 13.54 3.89 -12.66
N ASN A 10 14.72 3.64 -12.15
CA ASN A 10 15.71 4.69 -12.11
C ASN A 10 16.67 4.56 -13.27
N PRO A 11 16.88 5.66 -14.02
CA PRO A 11 17.80 5.66 -15.17
C PRO A 11 19.26 5.55 -14.70
N ALA A 12 19.45 5.72 -13.41
CA ALA A 12 20.74 5.66 -12.79
C ALA A 12 21.31 4.24 -12.82
N THR A 13 20.58 3.27 -12.29
CA THR A 13 21.10 1.92 -12.21
C THR A 13 20.28 0.89 -12.98
N GLY A 14 19.15 1.31 -13.53
CA GLY A 14 18.29 0.38 -14.23
C GLY A 14 17.53 -0.48 -13.26
N TYR A 15 17.18 0.12 -12.16
CA TYR A 15 16.43 -0.53 -11.12
C TYR A 15 14.98 -0.42 -11.52
N VAL A 16 14.41 -1.54 -11.90
CA VAL A 16 13.05 -1.61 -12.42
C VAL A 16 12.26 -2.65 -11.66
N PHE A 17 11.36 -2.20 -10.84
CA PHE A 17 10.48 -3.10 -10.11
C PHE A 17 9.05 -2.80 -10.46
N ASP A 18 8.46 -3.66 -11.23
CA ASP A 18 7.10 -3.51 -11.71
C ASP A 18 6.08 -4.18 -10.78
N LEU A 19 5.32 -3.38 -10.07
CA LEU A 19 4.33 -3.89 -9.14
C LEU A 19 3.00 -4.08 -9.87
N ASN A 20 2.96 -3.66 -11.13
CA ASN A 20 1.77 -3.82 -11.97
C ASN A 20 1.45 -5.28 -12.15
N SER A 21 2.47 -6.12 -12.06
CA SER A 21 2.31 -7.55 -12.17
C SER A 21 1.67 -8.15 -10.88
N LEU A 22 1.58 -7.34 -9.84
CA LEU A 22 1.06 -7.79 -8.56
C LEU A 22 -0.29 -7.13 -8.25
N LYS A 23 -0.81 -6.40 -9.23
CA LYS A 23 -2.12 -5.75 -9.06
C LYS A 23 -3.26 -6.74 -8.76
N ARG A 24 -4.27 -6.24 -8.09
CA ARG A 24 -5.38 -7.02 -7.60
C ARG A 24 -6.43 -7.25 -8.68
N GLU A 25 -7.44 -8.00 -8.37
CA GLU A 25 -8.56 -8.19 -9.26
C GLU A 25 -9.63 -7.10 -8.97
N SER A 26 -10.00 -6.98 -7.71
CA SER A 26 -10.90 -5.94 -7.23
C SER A 26 -10.23 -5.25 -6.04
N GLY A 27 -9.55 -6.04 -5.21
CA GLY A 27 -8.95 -5.53 -4.02
C GLY A 27 -8.72 -6.63 -3.03
N TYR A 28 -7.87 -6.41 -2.09
CA TYR A 28 -7.61 -7.40 -1.07
C TYR A 28 -8.34 -7.03 0.18
N THR A 29 -9.06 -7.96 0.70
CA THR A 29 -9.80 -7.77 1.91
C THR A 29 -9.02 -8.35 3.08
N ILE A 30 -8.35 -7.50 3.81
CA ILE A 30 -7.59 -7.92 4.97
C ILE A 30 -8.14 -7.20 6.18
N SER A 31 -7.97 -7.74 7.34
CA SER A 31 -8.53 -7.12 8.49
C SER A 31 -7.42 -6.49 9.33
N ASP A 32 -7.71 -5.33 9.87
CA ASP A 32 -6.83 -4.58 10.75
C ASP A 32 -6.84 -5.27 12.13
N ILE A 33 -5.97 -4.87 13.03
CA ILE A 33 -5.89 -5.47 14.36
C ILE A 33 -7.16 -5.12 15.17
N ARG A 34 -7.79 -4.03 14.79
CA ARG A 34 -9.04 -3.60 15.40
C ARG A 34 -10.23 -4.31 14.74
N LYS A 35 -9.90 -5.19 13.79
CA LYS A 35 -10.83 -6.03 13.03
C LYS A 35 -11.62 -5.30 11.97
N GLY A 36 -11.23 -4.08 11.72
CA GLY A 36 -11.78 -3.36 10.61
C GLY A 36 -11.26 -3.92 9.33
N SER A 37 -12.13 -4.34 8.46
CA SER A 37 -11.73 -4.91 7.22
C SER A 37 -11.40 -3.82 6.23
N ILE A 38 -10.23 -3.86 5.70
CA ILE A 38 -9.79 -2.86 4.78
C ILE A 38 -9.58 -3.47 3.41
N ARG A 39 -10.11 -2.82 2.43
CA ARG A 39 -10.07 -3.23 1.07
C ARG A 39 -9.10 -2.33 0.35
N LEU A 40 -8.04 -2.90 -0.16
CA LEU A 40 -7.04 -2.10 -0.85
C LEU A 40 -6.81 -2.64 -2.24
N GLY A 41 -6.65 -1.76 -3.17
CA GLY A 41 -6.31 -2.14 -4.51
C GLY A 41 -4.87 -1.80 -4.77
N VAL A 42 -4.22 -2.54 -5.64
CA VAL A 42 -2.83 -2.24 -5.97
C VAL A 42 -2.82 -1.32 -7.16
N CYS A 43 -2.35 -0.10 -6.93
CA CYS A 43 -2.15 0.92 -7.97
C CYS A 43 -3.43 1.19 -8.75
N GLY A 44 -4.55 0.93 -8.12
CA GLY A 44 -5.80 1.08 -8.76
C GLY A 44 -6.80 1.69 -7.85
N GLU A 45 -7.91 2.03 -8.40
CA GLU A 45 -8.95 2.69 -7.70
C GLU A 45 -10.00 1.69 -7.31
N VAL A 46 -10.39 1.70 -6.08
CA VAL A 46 -11.46 0.84 -5.63
C VAL A 46 -12.78 1.57 -5.84
N LYS A 47 -13.37 1.30 -7.01
CA LYS A 47 -14.58 1.99 -7.50
C LYS A 47 -15.70 2.01 -6.48
N ASP A 48 -15.84 0.93 -5.73
CA ASP A 48 -16.89 0.79 -4.73
C ASP A 48 -16.68 1.74 -3.56
N CYS A 49 -15.48 2.24 -3.40
CA CYS A 49 -15.16 3.12 -2.31
C CYS A 49 -14.92 4.55 -2.79
N GLY A 50 -15.22 4.81 -4.04
CA GLY A 50 -15.10 6.13 -4.57
C GLY A 50 -14.04 6.26 -5.63
N PRO A 51 -14.16 7.26 -6.51
CA PRO A 51 -13.20 7.47 -7.58
C PRO A 51 -11.91 8.13 -7.05
N GLY A 52 -10.79 7.57 -7.42
CA GLY A 52 -9.52 8.08 -6.97
C GLY A 52 -9.18 7.62 -5.57
N ILE A 53 -9.80 6.56 -5.13
CA ILE A 53 -9.54 6.02 -3.81
C ILE A 53 -8.91 4.64 -3.98
N GLY A 54 -7.87 4.34 -3.21
CA GLY A 54 -7.19 3.07 -3.38
C GLY A 54 -7.33 2.15 -2.19
N ALA A 55 -7.69 2.70 -1.05
CA ALA A 55 -7.84 1.93 0.18
C ALA A 55 -9.06 2.42 0.95
N CYS A 56 -9.86 1.50 1.42
CA CYS A 56 -11.07 1.84 2.14
C CYS A 56 -11.42 0.79 3.19
N PHE A 57 -12.10 1.20 4.25
CA PHE A 57 -12.56 0.26 5.26
C PHE A 57 -13.96 -0.18 5.00
N GLU A 58 -14.10 -1.46 4.79
CA GLU A 58 -15.34 -2.11 4.53
C GLU A 58 -16.09 -2.27 5.83
N GLY A 59 -17.14 -1.54 5.93
CA GLY A 59 -17.96 -1.55 7.09
C GLY A 59 -18.68 -0.25 7.21
N THR A 60 -17.93 0.77 7.53
CA THR A 60 -18.47 2.11 7.64
C THR A 60 -18.41 2.79 6.26
N GLY A 61 -17.55 2.29 5.39
CA GLY A 61 -17.37 2.87 4.08
C GLY A 61 -16.53 4.12 4.14
N ILE A 62 -15.44 4.05 4.88
CA ILE A 62 -14.55 5.19 5.04
C ILE A 62 -13.30 4.99 4.20
N LYS A 63 -12.71 6.07 3.76
CA LYS A 63 -11.56 6.02 2.90
C LYS A 63 -10.30 6.03 3.75
N ALA A 64 -9.38 5.16 3.43
CA ALA A 64 -8.15 5.02 4.21
C ALA A 64 -6.95 5.28 3.34
N GLY A 65 -7.18 5.90 2.21
CA GLY A 65 -6.10 6.17 1.31
C GLY A 65 -6.57 6.44 -0.10
N LYS A 66 -6.14 7.54 -0.62
CA LYS A 66 -6.45 7.97 -1.95
C LYS A 66 -5.48 7.32 -2.94
N TRP A 67 -5.97 7.05 -4.12
CA TRP A 67 -5.19 6.46 -5.17
C TRP A 67 -4.10 7.42 -5.59
N ASN A 68 -2.92 6.91 -5.62
CA ASN A 68 -1.74 7.63 -5.99
C ASN A 68 -0.69 6.59 -6.12
N GLN A 69 0.33 6.85 -6.85
CA GLN A 69 1.33 5.85 -7.09
C GLN A 69 2.67 6.38 -6.68
N LYS A 70 2.80 6.59 -5.40
CA LYS A 70 4.02 7.10 -4.83
C LYS A 70 4.85 5.95 -4.36
N LEU A 71 5.73 5.49 -5.19
CA LEU A 71 6.66 4.47 -4.79
C LEU A 71 7.95 5.12 -4.42
N SER A 72 8.30 5.00 -3.18
CA SER A 72 9.51 5.58 -2.68
C SER A 72 10.48 4.46 -2.28
N TYR A 73 11.66 4.50 -2.83
CA TYR A 73 12.65 3.52 -2.48
C TYR A 73 13.43 4.03 -1.28
N VAL A 74 13.10 3.51 -0.12
CA VAL A 74 13.70 3.94 1.10
C VAL A 74 14.46 2.82 1.74
N ASP A 75 15.77 2.88 1.60
CA ASP A 75 16.74 1.95 2.17
C ASP A 75 16.34 0.50 1.97
N GLN A 76 16.39 0.08 0.72
CA GLN A 76 16.13 -1.29 0.27
C GLN A 76 14.67 -1.72 0.47
N VAL A 77 13.81 -0.78 0.80
CA VAL A 77 12.42 -1.10 1.00
C VAL A 77 11.55 -0.19 0.14
N LEU A 78 10.56 -0.78 -0.50
CA LEU A 78 9.62 -0.06 -1.33
C LEU A 78 8.49 0.47 -0.47
N GLN A 79 8.35 1.74 -0.43
CA GLN A 79 7.29 2.38 0.35
C GLN A 79 6.18 2.83 -0.58
N LEU A 80 5.00 2.28 -0.38
CA LEU A 80 3.81 2.69 -1.11
C LEU A 80 2.86 3.32 -0.12
N VAL A 81 2.52 4.57 -0.33
CA VAL A 81 1.70 5.28 0.63
C VAL A 81 0.33 5.63 0.04
N TYR A 82 -0.70 5.07 0.60
CA TYR A 82 -2.05 5.45 0.30
C TYR A 82 -2.49 6.41 1.36
N GLU A 83 -2.33 7.65 1.12
CA GLU A 83 -2.67 8.64 2.10
C GLU A 83 -3.85 9.44 1.63
N ASP A 84 -4.32 10.34 2.49
CA ASP A 84 -5.45 11.23 2.25
C ASP A 84 -6.76 10.45 2.14
N GLY A 85 -7.30 10.12 3.28
CA GLY A 85 -8.57 9.44 3.35
C GLY A 85 -9.55 10.23 4.18
N ASP A 86 -10.21 9.59 5.10
CA ASP A 86 -11.10 10.27 6.03
C ASP A 86 -10.29 10.86 7.18
N PRO A 87 -10.81 11.86 7.91
CA PRO A 87 -10.08 12.52 8.97
C PRO A 87 -10.14 11.76 10.29
N CYS A 88 -9.18 12.02 11.12
CA CYS A 88 -9.10 11.44 12.43
C CYS A 88 -9.65 12.43 13.43
N PRO A 89 -10.46 11.97 14.39
CA PRO A 89 -11.10 12.84 15.37
C PRO A 89 -10.14 13.33 16.47
N ALA A 90 -8.86 13.03 16.33
CA ALA A 90 -7.87 13.46 17.30
C ALA A 90 -7.43 14.88 17.01
N ASN A 91 -6.74 15.10 15.91
CA ASN A 91 -6.26 16.45 15.57
C ASN A 91 -7.02 17.05 14.41
N LEU A 92 -7.96 16.28 13.84
CA LEU A 92 -8.81 16.71 12.70
C LEU A 92 -8.05 16.85 11.37
N HIS A 93 -6.95 17.58 11.39
CA HIS A 93 -6.12 17.82 10.20
C HIS A 93 -5.20 16.64 9.87
N LEU A 94 -5.61 15.48 10.29
CA LEU A 94 -4.90 14.26 10.02
C LEU A 94 -5.87 13.33 9.35
N LYS A 95 -5.50 12.83 8.22
CA LYS A 95 -6.30 11.87 7.51
C LYS A 95 -5.54 10.55 7.52
N TYR A 96 -6.23 9.46 7.31
CA TYR A 96 -5.60 8.13 7.30
C TYR A 96 -4.56 7.95 6.17
N LYS A 97 -3.35 7.55 6.55
CA LYS A 97 -2.28 7.19 5.65
C LYS A 97 -2.10 5.69 5.80
N SER A 98 -2.01 4.99 4.75
CA SER A 98 -1.70 3.60 4.83
C SER A 98 -0.42 3.39 4.04
N VAL A 99 0.63 3.00 4.71
CA VAL A 99 1.89 2.79 4.06
C VAL A 99 2.27 1.32 4.07
N ILE A 100 2.52 0.82 2.89
CA ILE A 100 2.90 -0.54 2.73
C ILE A 100 4.38 -0.59 2.37
N SER A 101 5.15 -1.18 3.23
CA SER A 101 6.54 -1.36 3.03
C SER A 101 6.80 -2.74 2.40
N PHE A 102 7.20 -2.75 1.16
CA PHE A 102 7.49 -3.99 0.47
C PHE A 102 8.93 -4.37 0.71
N VAL A 103 9.12 -5.43 1.46
CA VAL A 103 10.43 -5.93 1.78
C VAL A 103 10.67 -7.25 1.06
N CYS A 104 11.92 -7.58 0.83
CA CYS A 104 12.29 -8.81 0.16
C CYS A 104 12.13 -9.99 1.08
N LYS A 105 11.34 -10.94 0.64
CA LYS A 105 11.11 -12.14 1.36
C LYS A 105 10.89 -13.23 0.32
N SER A 106 11.75 -14.20 0.28
CA SER A 106 11.65 -15.26 -0.69
C SER A 106 10.66 -16.31 -0.19
N ASP A 107 10.44 -16.30 1.12
CA ASP A 107 9.47 -17.22 1.79
C ASP A 107 8.05 -16.71 1.62
N ALA A 108 7.89 -15.78 0.72
CA ALA A 108 6.64 -15.17 0.49
C ALA A 108 5.94 -15.89 -0.64
N GLY A 109 6.60 -15.95 -1.78
CA GLY A 109 6.05 -16.63 -2.90
C GLY A 109 5.14 -15.72 -3.68
N PRO A 110 4.34 -16.27 -4.59
CA PRO A 110 3.44 -15.48 -5.45
C PRO A 110 2.27 -14.87 -4.66
N THR A 111 2.03 -15.38 -3.48
CA THR A 111 1.00 -14.87 -2.64
C THR A 111 1.54 -13.78 -1.72
N SER A 112 2.80 -13.99 -1.29
CA SER A 112 3.52 -13.08 -0.42
C SER A 112 2.88 -13.02 0.98
N GLN A 113 3.49 -12.27 1.88
CA GLN A 113 2.95 -12.17 3.22
C GLN A 113 2.50 -10.75 3.49
N PRO A 114 1.22 -10.57 3.77
CA PRO A 114 0.67 -9.29 4.19
C PRO A 114 0.65 -9.22 5.71
N LEU A 115 1.45 -8.38 6.29
CA LEU A 115 1.51 -8.30 7.72
C LEU A 115 1.30 -6.89 8.22
N LEU A 116 0.36 -6.73 9.11
CA LEU A 116 0.14 -5.47 9.76
C LEU A 116 1.24 -5.25 10.77
N LEU A 117 1.97 -4.21 10.61
CA LEU A 117 3.07 -3.93 11.46
C LEU A 117 2.59 -3.21 12.70
N SER A 118 1.88 -2.11 12.51
CA SER A 118 1.42 -1.26 13.59
C SER A 118 0.33 -0.32 13.09
N VAL A 119 -0.57 0.02 13.97
CA VAL A 119 -1.60 0.99 13.70
C VAL A 119 -1.35 2.16 14.61
N ASP A 120 -1.12 3.32 14.06
CA ASP A 120 -0.83 4.49 14.88
C ASP A 120 -1.91 5.55 14.66
N GLU A 121 -2.78 5.71 15.64
CA GLU A 121 -3.85 6.70 15.55
C GLU A 121 -3.40 8.13 15.91
N HIS A 122 -2.13 8.33 16.19
CA HIS A 122 -1.69 9.67 16.56
C HIS A 122 -1.12 10.41 15.35
N THR A 123 -0.67 9.65 14.38
CA THR A 123 -0.22 10.20 13.12
C THR A 123 -1.13 9.71 11.99
N CYS A 124 -2.08 8.84 12.36
CA CYS A 124 -3.08 8.26 11.45
C CYS A 124 -2.43 7.44 10.36
N THR A 125 -1.28 6.90 10.66
CA THR A 125 -0.55 6.15 9.71
C THR A 125 -0.64 4.64 10.04
N LEU A 126 -1.10 3.89 9.08
CA LEU A 126 -1.19 2.46 9.18
C LEU A 126 0.07 1.89 8.57
N PHE A 127 0.78 1.06 9.30
CA PHE A 127 2.02 0.50 8.82
C PHE A 127 1.83 -0.95 8.46
N PHE A 128 2.04 -1.27 7.22
CA PHE A 128 1.91 -2.61 6.72
C PHE A 128 3.21 -3.03 6.11
N SER A 129 3.62 -4.21 6.39
CA SER A 129 4.80 -4.76 5.84
C SER A 129 4.38 -5.86 4.90
N TRP A 130 4.70 -5.71 3.66
CA TRP A 130 4.36 -6.70 2.73
C TRP A 130 5.63 -7.42 2.37
N HIS A 131 5.76 -8.59 2.89
CA HIS A 131 6.92 -9.38 2.64
C HIS A 131 6.67 -10.09 1.35
N THR A 132 7.32 -9.65 0.31
CA THR A 132 7.07 -10.21 -0.98
C THR A 132 8.36 -10.56 -1.69
N SER A 133 8.28 -11.53 -2.56
CA SER A 133 9.40 -11.97 -3.31
C SER A 133 9.63 -11.02 -4.48
N LEU A 134 8.58 -10.31 -4.87
CA LEU A 134 8.64 -9.37 -5.98
C LEU A 134 9.46 -8.13 -5.59
N ALA A 135 9.83 -8.05 -4.32
CA ALA A 135 10.59 -6.93 -3.80
C ALA A 135 12.06 -7.32 -3.67
N CYS A 136 12.36 -8.49 -4.15
CA CYS A 136 13.70 -8.97 -4.15
C CYS A 136 14.38 -8.53 -5.42
N GLU A 137 15.63 -8.16 -5.28
CA GLU A 137 16.48 -7.58 -6.32
C GLU A 137 16.39 -8.28 -7.68
N GLN A 138 16.62 -7.53 -8.70
CA GLN A 138 16.57 -8.02 -10.04
C GLN A 138 17.99 -8.33 -10.48
N GLU A 139 18.12 -9.25 -11.37
CA GLU A 139 19.42 -9.61 -11.90
C GLU A 139 19.63 -8.82 -13.19
N VAL A 140 18.50 -8.49 -13.79
CA VAL A 140 18.38 -7.79 -15.05
C VAL A 140 17.01 -7.14 -15.01
N MET A 1 2.49 11.97 -18.56
CA MET A 1 3.01 11.77 -17.21
C MET A 1 4.32 11.02 -17.29
N VAL A 2 4.89 10.70 -16.14
CA VAL A 2 6.23 10.11 -16.06
C VAL A 2 6.24 8.63 -16.50
N GLN A 3 5.06 7.99 -16.48
CA GLN A 3 4.89 6.54 -16.80
C GLN A 3 5.45 5.66 -15.69
N ASP A 4 5.85 6.29 -14.61
CA ASP A 4 6.40 5.62 -13.46
C ASP A 4 5.26 5.48 -12.46
N ASN A 5 4.26 4.76 -12.91
CA ASN A 5 3.05 4.52 -12.16
C ASN A 5 2.83 3.03 -12.08
N CYS A 6 2.71 2.51 -10.85
CA CYS A 6 2.56 1.06 -10.58
C CYS A 6 3.90 0.34 -10.85
N GLN A 7 4.89 1.12 -11.17
CA GLN A 7 6.21 0.66 -11.39
C GLN A 7 7.09 1.80 -11.01
N VAL A 8 8.21 1.52 -10.44
CA VAL A 8 9.14 2.56 -10.10
C VAL A 8 10.53 2.13 -10.48
N THR A 9 11.20 2.97 -11.20
CA THR A 9 12.53 2.71 -11.61
C THR A 9 13.45 3.33 -10.57
N ASN A 10 14.09 2.50 -9.77
CA ASN A 10 14.93 3.04 -8.70
C ASN A 10 16.29 3.43 -9.25
N PRO A 11 16.84 4.57 -8.82
CA PRO A 11 18.10 5.09 -9.33
C PRO A 11 19.34 4.47 -8.67
N ALA A 12 19.13 3.51 -7.81
CA ALA A 12 20.23 2.88 -7.12
C ALA A 12 20.76 1.70 -7.92
N THR A 13 19.90 0.75 -8.18
CA THR A 13 20.26 -0.43 -8.94
C THR A 13 19.72 -0.37 -10.38
N GLY A 14 18.81 0.56 -10.63
CA GLY A 14 18.26 0.71 -11.96
C GLY A 14 17.19 -0.31 -12.26
N TYR A 15 16.73 -0.99 -11.23
CA TYR A 15 15.71 -1.99 -11.41
C TYR A 15 14.34 -1.35 -11.36
N VAL A 16 13.54 -1.68 -12.33
CA VAL A 16 12.19 -1.22 -12.41
C VAL A 16 11.31 -2.20 -11.69
N PHE A 17 10.80 -1.81 -10.54
CA PHE A 17 9.91 -2.67 -9.78
C PHE A 17 8.54 -2.59 -10.39
N ASP A 18 8.17 -3.64 -11.07
CA ASP A 18 6.90 -3.67 -11.77
C ASP A 18 5.86 -4.33 -10.89
N LEU A 19 5.02 -3.55 -10.28
CA LEU A 19 4.05 -4.06 -9.34
C LEU A 19 2.77 -4.52 -10.08
N ASN A 20 2.78 -4.42 -11.42
CA ASN A 20 1.61 -4.81 -12.23
C ASN A 20 1.45 -6.31 -12.23
N SER A 21 2.51 -7.00 -11.88
CA SER A 21 2.50 -8.43 -11.79
C SER A 21 1.91 -8.89 -10.43
N LEU A 22 1.90 -7.99 -9.47
CA LEU A 22 1.43 -8.32 -8.14
C LEU A 22 0.18 -7.50 -7.83
N LYS A 23 -0.34 -6.84 -8.84
CA LYS A 23 -1.47 -5.97 -8.65
C LYS A 23 -2.75 -6.74 -8.47
N ARG A 24 -3.50 -6.35 -7.50
CA ARG A 24 -4.79 -6.86 -7.28
C ARG A 24 -5.69 -5.66 -7.18
N GLU A 25 -6.28 -5.31 -8.29
CA GLU A 25 -7.12 -4.12 -8.44
C GLU A 25 -8.47 -4.31 -7.79
N SER A 26 -8.79 -5.54 -7.50
CA SER A 26 -10.01 -5.87 -6.82
C SER A 26 -9.86 -5.59 -5.32
N GLY A 27 -8.63 -5.38 -4.89
CA GLY A 27 -8.36 -5.03 -3.54
C GLY A 27 -8.12 -6.22 -2.66
N TYR A 28 -7.13 -6.10 -1.80
CA TYR A 28 -6.88 -7.11 -0.81
C TYR A 28 -7.81 -6.86 0.33
N THR A 29 -8.54 -7.85 0.70
CA THR A 29 -9.46 -7.76 1.78
C THR A 29 -8.87 -8.42 3.01
N ILE A 30 -8.17 -7.65 3.79
CA ILE A 30 -7.50 -8.19 4.95
C ILE A 30 -8.17 -7.72 6.24
N SER A 31 -7.93 -8.44 7.30
CA SER A 31 -8.51 -8.13 8.58
C SER A 31 -7.67 -7.07 9.30
N ASP A 32 -8.33 -6.04 9.73
CA ASP A 32 -7.72 -4.94 10.46
C ASP A 32 -7.75 -5.33 11.96
N ILE A 33 -6.88 -4.73 12.75
CA ILE A 33 -6.80 -5.02 14.18
C ILE A 33 -8.04 -4.43 14.89
N ARG A 34 -8.63 -3.42 14.25
CA ARG A 34 -9.83 -2.75 14.74
C ARG A 34 -11.07 -3.64 14.62
N LYS A 35 -10.88 -4.85 14.09
CA LYS A 35 -11.91 -5.85 13.85
C LYS A 35 -12.81 -5.40 12.71
N GLY A 36 -12.37 -5.69 11.52
CA GLY A 36 -13.09 -5.36 10.35
C GLY A 36 -12.25 -5.68 9.17
N SER A 37 -12.75 -5.44 8.01
CA SER A 37 -12.03 -5.73 6.81
C SER A 37 -11.62 -4.44 6.14
N ILE A 38 -10.43 -4.39 5.63
CA ILE A 38 -9.96 -3.25 4.93
C ILE A 38 -9.58 -3.68 3.54
N ARG A 39 -10.00 -2.92 2.55
CA ARG A 39 -9.82 -3.28 1.17
C ARG A 39 -8.84 -2.32 0.54
N LEU A 40 -7.69 -2.82 0.19
CA LEU A 40 -6.67 -1.99 -0.42
C LEU A 40 -6.35 -2.50 -1.81
N GLY A 41 -6.53 -1.68 -2.78
CA GLY A 41 -6.24 -2.07 -4.13
C GLY A 41 -4.88 -1.60 -4.52
N VAL A 42 -4.06 -2.51 -4.98
CA VAL A 42 -2.75 -2.14 -5.45
C VAL A 42 -2.80 -1.99 -6.97
N CYS A 43 -2.53 -0.78 -7.43
CA CYS A 43 -2.52 -0.42 -8.87
C CYS A 43 -3.92 -0.34 -9.47
N GLY A 44 -4.92 -0.40 -8.62
CA GLY A 44 -6.27 -0.33 -9.05
C GLY A 44 -7.05 0.39 -8.01
N GLU A 45 -7.98 1.17 -8.43
CA GLU A 45 -8.78 1.96 -7.53
C GLU A 45 -9.93 1.11 -7.06
N VAL A 46 -10.28 1.21 -5.81
CA VAL A 46 -11.41 0.48 -5.32
C VAL A 46 -12.70 1.15 -5.78
N LYS A 47 -13.23 0.62 -6.84
CA LYS A 47 -14.39 1.15 -7.53
C LYS A 47 -15.64 1.18 -6.65
N ASP A 48 -15.65 0.37 -5.62
CA ASP A 48 -16.79 0.30 -4.71
C ASP A 48 -16.72 1.42 -3.67
N CYS A 49 -15.54 1.97 -3.47
CA CYS A 49 -15.38 3.06 -2.51
C CYS A 49 -15.21 4.38 -3.26
N GLY A 50 -15.34 4.32 -4.56
CA GLY A 50 -15.24 5.50 -5.37
C GLY A 50 -13.95 5.59 -6.15
N PRO A 51 -13.99 6.15 -7.36
CA PRO A 51 -12.81 6.31 -8.21
C PRO A 51 -11.78 7.25 -7.57
N GLY A 52 -10.57 6.80 -7.51
CA GLY A 52 -9.52 7.59 -6.94
C GLY A 52 -9.15 7.13 -5.56
N ILE A 53 -9.88 6.19 -5.02
CA ILE A 53 -9.56 5.68 -3.71
C ILE A 53 -8.68 4.46 -3.87
N GLY A 54 -7.56 4.45 -3.17
CA GLY A 54 -6.65 3.34 -3.27
C GLY A 54 -6.95 2.31 -2.20
N ALA A 55 -7.26 2.78 -1.01
CA ALA A 55 -7.53 1.92 0.11
C ALA A 55 -8.70 2.46 0.91
N CYS A 56 -9.61 1.60 1.27
CA CYS A 56 -10.77 2.00 2.05
C CYS A 56 -11.10 0.92 3.07
N PHE A 57 -11.66 1.31 4.18
CA PHE A 57 -12.03 0.37 5.21
C PHE A 57 -13.48 0.00 5.07
N GLU A 58 -13.76 -1.30 5.08
CA GLU A 58 -15.10 -1.81 4.91
C GLU A 58 -15.87 -1.63 6.20
N GLY A 59 -16.77 -0.71 6.17
CA GLY A 59 -17.59 -0.43 7.29
C GLY A 59 -18.11 0.98 7.21
N THR A 60 -17.36 1.91 7.77
CA THR A 60 -17.72 3.30 7.76
C THR A 60 -17.58 3.89 6.35
N GLY A 61 -16.73 3.27 5.54
CA GLY A 61 -16.48 3.79 4.21
C GLY A 61 -15.41 4.84 4.23
N ILE A 62 -14.53 4.73 5.20
CA ILE A 62 -13.44 5.68 5.34
C ILE A 62 -12.29 5.30 4.44
N LYS A 63 -11.67 6.29 3.87
CA LYS A 63 -10.56 6.06 2.99
C LYS A 63 -9.26 6.16 3.74
N ALA A 64 -8.37 5.26 3.43
CA ALA A 64 -7.08 5.18 4.08
C ALA A 64 -6.01 5.77 3.17
N GLY A 65 -6.48 6.45 2.13
CA GLY A 65 -5.59 7.10 1.21
C GLY A 65 -6.09 7.06 -0.21
N LYS A 66 -5.79 8.09 -0.94
CA LYS A 66 -6.15 8.19 -2.34
C LYS A 66 -5.16 7.44 -3.21
N TRP A 67 -5.61 6.93 -4.33
CA TRP A 67 -4.77 6.25 -5.25
C TRP A 67 -3.83 7.25 -5.88
N ASN A 68 -2.57 6.97 -5.75
CA ASN A 68 -1.53 7.85 -6.18
C ASN A 68 -0.29 7.03 -6.41
N GLN A 69 0.74 7.62 -6.91
CA GLN A 69 1.92 6.86 -7.26
C GLN A 69 3.06 7.06 -6.29
N LYS A 70 2.77 7.03 -5.00
CA LYS A 70 3.83 7.12 -4.02
C LYS A 70 4.46 5.76 -3.81
N LEU A 71 5.29 5.39 -4.76
CA LEU A 71 6.07 4.19 -4.73
C LEU A 71 7.50 4.63 -4.63
N SER A 72 8.01 4.60 -3.46
CA SER A 72 9.34 5.10 -3.23
C SER A 72 10.29 3.98 -2.87
N TYR A 73 11.48 4.06 -3.39
CA TYR A 73 12.53 3.11 -3.09
C TYR A 73 13.40 3.70 -2.02
N VAL A 74 13.24 3.25 -0.82
CA VAL A 74 14.07 3.76 0.25
C VAL A 74 14.68 2.64 1.07
N ASP A 75 16.01 2.52 0.98
CA ASP A 75 16.80 1.57 1.78
C ASP A 75 16.35 0.13 1.51
N GLN A 76 16.14 -0.15 0.22
CA GLN A 76 15.66 -1.46 -0.28
C GLN A 76 14.26 -1.80 0.24
N VAL A 77 13.56 -0.80 0.72
CA VAL A 77 12.20 -0.97 1.14
C VAL A 77 11.34 -0.21 0.14
N LEU A 78 10.39 -0.89 -0.41
CA LEU A 78 9.52 -0.29 -1.37
C LEU A 78 8.33 0.29 -0.59
N GLN A 79 8.18 1.57 -0.62
CA GLN A 79 7.12 2.22 0.14
C GLN A 79 5.96 2.58 -0.74
N LEU A 80 4.81 2.05 -0.44
CA LEU A 80 3.58 2.47 -1.08
C LEU A 80 2.81 3.28 -0.08
N VAL A 81 2.74 4.56 -0.30
CA VAL A 81 2.11 5.44 0.64
C VAL A 81 0.78 5.98 0.09
N TYR A 82 -0.27 5.68 0.78
CA TYR A 82 -1.57 6.23 0.48
C TYR A 82 -1.79 7.45 1.33
N GLU A 83 -1.90 8.58 0.68
CA GLU A 83 -2.04 9.81 1.37
C GLU A 83 -3.42 10.40 1.15
N ASP A 84 -3.77 11.31 2.02
CA ASP A 84 -5.03 12.05 2.06
C ASP A 84 -6.26 11.16 2.13
N GLY A 85 -6.44 10.55 3.28
CA GLY A 85 -7.62 9.79 3.52
C GLY A 85 -8.67 10.68 4.12
N ASP A 86 -9.33 10.20 5.12
CA ASP A 86 -10.29 11.04 5.82
C ASP A 86 -9.60 11.62 7.05
N PRO A 87 -9.93 12.87 7.43
CA PRO A 87 -9.29 13.52 8.57
C PRO A 87 -9.66 12.88 9.90
N CYS A 88 -8.71 12.79 10.79
CA CYS A 88 -8.93 12.19 12.07
C CYS A 88 -9.19 13.25 13.13
N PRO A 89 -10.12 12.96 14.06
CA PRO A 89 -10.58 13.93 15.08
C PRO A 89 -9.51 14.36 16.09
N ALA A 90 -8.40 13.67 16.13
CA ALA A 90 -7.34 13.99 17.06
C ALA A 90 -6.64 15.30 16.72
N ASN A 91 -6.01 15.37 15.56
CA ASN A 91 -5.26 16.58 15.18
C ASN A 91 -5.77 17.23 13.93
N LEU A 92 -6.75 16.59 13.29
CA LEU A 92 -7.37 17.07 12.02
C LEU A 92 -6.43 16.97 10.81
N HIS A 93 -5.18 17.44 10.95
CA HIS A 93 -4.18 17.37 9.87
C HIS A 93 -3.60 15.98 9.74
N LEU A 94 -3.99 15.11 10.61
CA LEU A 94 -3.58 13.75 10.53
C LEU A 94 -4.73 13.00 9.94
N LYS A 95 -4.51 12.38 8.83
CA LYS A 95 -5.55 11.63 8.18
C LYS A 95 -5.14 10.21 8.11
N TYR A 96 -6.11 9.32 7.86
CA TYR A 96 -5.81 7.90 7.67
C TYR A 96 -4.72 7.77 6.62
N LYS A 97 -3.58 7.37 7.08
CA LYS A 97 -2.39 7.34 6.29
C LYS A 97 -1.99 5.89 6.21
N SER A 98 -1.71 5.40 5.07
CA SER A 98 -1.37 4.02 4.97
C SER A 98 -0.05 3.87 4.25
N VAL A 99 0.91 3.31 4.91
CA VAL A 99 2.19 3.07 4.32
C VAL A 99 2.49 1.58 4.30
N ILE A 100 2.50 1.04 3.12
CA ILE A 100 2.77 -0.35 2.93
C ILE A 100 4.22 -0.51 2.55
N SER A 101 4.98 -1.03 3.45
CA SER A 101 6.36 -1.28 3.24
C SER A 101 6.54 -2.64 2.63
N PHE A 102 6.92 -2.66 1.38
CA PHE A 102 7.18 -3.88 0.69
C PHE A 102 8.59 -4.28 0.95
N VAL A 103 8.74 -5.24 1.79
CA VAL A 103 10.00 -5.80 2.12
C VAL A 103 10.13 -7.08 1.35
N CYS A 104 11.31 -7.58 1.24
CA CYS A 104 11.51 -8.70 0.41
C CYS A 104 11.51 -10.00 1.18
N LYS A 105 10.99 -11.01 0.54
CA LYS A 105 10.90 -12.34 1.05
C LYS A 105 10.94 -13.29 -0.13
N SER A 106 11.97 -14.08 -0.21
CA SER A 106 12.18 -15.00 -1.30
C SER A 106 11.06 -16.05 -1.43
N ASP A 107 10.62 -16.57 -0.30
CA ASP A 107 9.58 -17.62 -0.27
C ASP A 107 8.15 -17.04 -0.28
N ALA A 108 7.97 -15.86 -0.81
CA ALA A 108 6.66 -15.28 -0.85
C ALA A 108 5.99 -15.51 -2.18
N GLY A 109 6.57 -14.97 -3.23
CA GLY A 109 5.98 -15.06 -4.55
C GLY A 109 4.80 -14.12 -4.68
N PRO A 110 3.86 -14.41 -5.60
CA PRO A 110 2.65 -13.59 -5.79
C PRO A 110 1.73 -13.67 -4.56
N THR A 111 1.90 -14.70 -3.76
CA THR A 111 1.17 -14.84 -2.55
C THR A 111 2.03 -14.29 -1.42
N SER A 112 2.30 -13.00 -1.52
CA SER A 112 3.14 -12.29 -0.60
C SER A 112 2.52 -12.26 0.80
N GLN A 113 3.36 -12.23 1.81
CA GLN A 113 2.93 -12.34 3.20
C GLN A 113 2.57 -10.96 3.76
N PRO A 114 1.39 -10.83 4.35
CA PRO A 114 0.97 -9.61 4.98
C PRO A 114 1.34 -9.58 6.46
N LEU A 115 1.88 -8.48 6.90
CA LEU A 115 2.21 -8.32 8.29
C LEU A 115 1.68 -7.00 8.81
N LEU A 116 0.66 -7.07 9.61
CA LEU A 116 0.14 -5.93 10.31
C LEU A 116 1.20 -5.53 11.32
N LEU A 117 1.74 -4.36 11.17
CA LEU A 117 2.83 -3.94 12.01
C LEU A 117 2.32 -3.07 13.15
N SER A 118 1.78 -1.92 12.82
CA SER A 118 1.36 -0.96 13.81
C SER A 118 0.18 -0.14 13.32
N VAL A 119 -0.77 0.08 14.18
CA VAL A 119 -1.95 0.87 13.89
C VAL A 119 -2.14 1.87 15.02
N ASP A 120 -2.10 3.12 14.71
CA ASP A 120 -2.29 4.16 15.72
C ASP A 120 -3.51 4.99 15.40
N GLU A 121 -4.41 5.12 16.36
CA GLU A 121 -5.65 5.87 16.18
C GLU A 121 -5.45 7.39 16.34
N HIS A 122 -4.29 7.78 16.81
CA HIS A 122 -4.04 9.21 17.04
C HIS A 122 -3.62 9.87 15.73
N THR A 123 -2.63 9.30 15.09
CA THR A 123 -2.13 9.81 13.84
C THR A 123 -2.84 9.17 12.66
N CYS A 124 -3.44 8.00 12.93
CA CYS A 124 -4.13 7.18 11.94
C CYS A 124 -3.15 6.62 10.93
N THR A 125 -1.89 6.53 11.35
CA THR A 125 -0.85 6.01 10.54
C THR A 125 -0.89 4.48 10.59
N LEU A 126 -1.05 3.88 9.45
CA LEU A 126 -1.11 2.46 9.31
C LEU A 126 0.22 1.97 8.78
N PHE A 127 0.91 1.19 9.56
CA PHE A 127 2.17 0.61 9.15
C PHE A 127 1.93 -0.84 8.78
N PHE A 128 2.12 -1.15 7.53
CA PHE A 128 1.95 -2.49 7.03
C PHE A 128 3.21 -2.98 6.40
N SER A 129 3.55 -4.20 6.69
CA SER A 129 4.71 -4.82 6.16
C SER A 129 4.24 -5.87 5.15
N TRP A 130 4.56 -5.67 3.91
CA TRP A 130 4.17 -6.59 2.88
C TRP A 130 5.41 -7.31 2.43
N HIS A 131 5.44 -8.59 2.61
CA HIS A 131 6.63 -9.38 2.33
C HIS A 131 6.49 -10.02 0.97
N THR A 132 7.15 -9.45 -0.01
CA THR A 132 7.05 -9.94 -1.36
C THR A 132 8.44 -10.16 -1.96
N SER A 133 8.51 -11.06 -2.91
CA SER A 133 9.75 -11.36 -3.58
C SER A 133 10.08 -10.25 -4.58
N LEU A 134 9.04 -9.56 -5.04
CA LEU A 134 9.14 -8.51 -6.06
C LEU A 134 9.98 -7.33 -5.52
N ALA A 135 10.14 -7.29 -4.21
CA ALA A 135 10.81 -6.19 -3.54
C ALA A 135 12.34 -6.28 -3.62
N CYS A 136 12.85 -7.39 -4.08
CA CYS A 136 14.29 -7.53 -4.24
C CYS A 136 14.67 -7.19 -5.65
N GLU A 137 15.80 -6.51 -5.82
CA GLU A 137 16.39 -6.40 -7.12
C GLU A 137 16.94 -7.76 -7.43
N GLN A 138 16.10 -8.53 -8.03
CA GLN A 138 16.29 -9.92 -8.20
C GLN A 138 17.18 -10.27 -9.33
N GLU A 139 17.71 -11.46 -9.23
CA GLU A 139 18.68 -12.00 -10.16
C GLU A 139 18.08 -12.15 -11.55
N VAL A 140 16.81 -12.47 -11.59
CA VAL A 140 16.13 -12.68 -12.83
C VAL A 140 15.08 -11.62 -13.00
N MET A 1 12.09 6.77 -17.69
CA MET A 1 10.71 6.81 -17.21
C MET A 1 10.58 7.81 -16.08
N VAL A 2 10.09 8.99 -16.40
CA VAL A 2 9.85 10.01 -15.41
C VAL A 2 8.43 9.86 -14.83
N GLN A 3 8.36 9.81 -13.49
CA GLN A 3 7.14 9.58 -12.70
C GLN A 3 6.69 8.12 -12.81
N ASP A 4 6.46 7.50 -11.70
CA ASP A 4 6.14 6.09 -11.71
C ASP A 4 4.68 5.88 -12.03
N ASN A 5 4.43 4.76 -12.62
CA ASN A 5 3.11 4.26 -12.81
C ASN A 5 3.07 2.80 -12.37
N CYS A 6 3.35 2.59 -11.08
CA CYS A 6 3.39 1.25 -10.42
C CYS A 6 4.65 0.51 -10.79
N GLN A 7 5.62 1.26 -11.19
CA GLN A 7 6.87 0.74 -11.61
C GLN A 7 7.93 1.79 -11.37
N VAL A 8 8.88 1.47 -10.55
CA VAL A 8 9.91 2.41 -10.18
C VAL A 8 11.27 1.86 -10.53
N THR A 9 12.03 2.67 -11.19
CA THR A 9 13.34 2.31 -11.62
C THR A 9 14.34 2.98 -10.69
N ASN A 10 14.93 2.22 -9.83
CA ASN A 10 15.83 2.79 -8.84
C ASN A 10 17.25 2.79 -9.39
N PRO A 11 17.97 3.90 -9.23
CA PRO A 11 19.35 4.03 -9.71
C PRO A 11 20.34 3.13 -8.94
N ALA A 12 19.99 2.79 -7.70
CA ALA A 12 20.83 1.96 -6.85
C ALA A 12 21.16 0.61 -7.50
N THR A 13 20.16 -0.17 -7.77
CA THR A 13 20.37 -1.46 -8.39
C THR A 13 20.17 -1.39 -9.90
N GLY A 14 19.57 -0.29 -10.35
CA GLY A 14 19.29 -0.13 -11.76
C GLY A 14 18.22 -1.09 -12.20
N TYR A 15 17.23 -1.25 -11.36
CA TYR A 15 16.19 -2.19 -11.61
C TYR A 15 14.84 -1.54 -11.48
N VAL A 16 13.97 -1.85 -12.41
CA VAL A 16 12.62 -1.37 -12.39
C VAL A 16 11.72 -2.42 -11.74
N PHE A 17 11.11 -2.06 -10.64
CA PHE A 17 10.20 -2.94 -9.94
C PHE A 17 8.82 -2.79 -10.52
N ASP A 18 8.39 -3.78 -11.28
CA ASP A 18 7.06 -3.77 -11.89
C ASP A 18 6.05 -4.33 -10.91
N LEU A 19 5.33 -3.46 -10.23
CA LEU A 19 4.33 -3.89 -9.27
C LEU A 19 3.01 -4.18 -10.01
N ASN A 20 3.11 -4.06 -11.32
CA ASN A 20 2.03 -4.28 -12.27
C ASN A 20 1.50 -5.69 -12.15
N SER A 21 2.36 -6.59 -11.73
CA SER A 21 2.01 -7.99 -11.60
C SER A 21 1.23 -8.24 -10.28
N LEU A 22 1.19 -7.25 -9.39
CA LEU A 22 0.55 -7.44 -8.10
C LEU A 22 -0.72 -6.58 -8.00
N LYS A 23 -1.04 -5.86 -9.09
CA LYS A 23 -2.22 -4.95 -9.16
C LYS A 23 -3.55 -5.59 -8.71
N ARG A 24 -4.50 -4.74 -8.36
CA ARG A 24 -5.82 -5.18 -7.93
C ARG A 24 -6.61 -5.83 -9.05
N GLU A 25 -6.71 -7.13 -9.00
CA GLU A 25 -7.64 -7.84 -9.83
C GLU A 25 -8.92 -7.96 -9.02
N SER A 26 -8.74 -8.31 -7.77
CA SER A 26 -9.81 -8.39 -6.82
C SER A 26 -9.51 -7.45 -5.63
N GLY A 27 -8.24 -7.33 -5.27
CA GLY A 27 -7.87 -6.54 -4.14
C GLY A 27 -7.54 -7.42 -2.98
N TYR A 28 -6.86 -6.89 -2.01
CA TYR A 28 -6.50 -7.64 -0.85
C TYR A 28 -7.30 -7.12 0.30
N THR A 29 -8.06 -7.98 0.90
CA THR A 29 -8.93 -7.59 1.95
C THR A 29 -8.52 -8.32 3.22
N ILE A 30 -7.80 -7.64 4.06
CA ILE A 30 -7.32 -8.24 5.27
C ILE A 30 -8.16 -7.81 6.44
N SER A 31 -8.46 -8.75 7.30
CA SER A 31 -9.27 -8.51 8.43
C SER A 31 -8.39 -8.18 9.63
N ASP A 32 -8.51 -6.97 10.12
CA ASP A 32 -7.79 -6.53 11.28
C ASP A 32 -8.61 -6.84 12.50
N ILE A 33 -8.10 -7.73 13.30
CA ILE A 33 -8.79 -8.23 14.50
C ILE A 33 -9.06 -7.10 15.52
N ARG A 34 -8.34 -6.00 15.38
CA ARG A 34 -8.48 -4.88 16.28
C ARG A 34 -9.74 -4.09 15.97
N LYS A 35 -9.99 -3.79 14.70
CA LYS A 35 -11.15 -2.98 14.36
C LYS A 35 -12.05 -3.63 13.32
N GLY A 36 -11.52 -3.91 12.15
CA GLY A 36 -12.33 -4.46 11.09
C GLY A 36 -11.50 -4.80 9.89
N SER A 37 -12.11 -5.02 8.78
CA SER A 37 -11.40 -5.40 7.58
C SER A 37 -11.03 -4.17 6.75
N ILE A 38 -9.99 -4.29 5.98
CA ILE A 38 -9.55 -3.22 5.11
C ILE A 38 -9.24 -3.81 3.74
N ARG A 39 -9.74 -3.17 2.72
CA ARG A 39 -9.59 -3.63 1.36
C ARG A 39 -8.69 -2.67 0.63
N LEU A 40 -7.56 -3.13 0.21
CA LEU A 40 -6.63 -2.27 -0.46
C LEU A 40 -6.51 -2.66 -1.92
N GLY A 41 -6.49 -1.65 -2.76
CA GLY A 41 -6.23 -1.84 -4.13
C GLY A 41 -4.87 -1.32 -4.44
N VAL A 42 -3.94 -2.21 -4.52
CA VAL A 42 -2.60 -1.83 -4.82
C VAL A 42 -2.50 -1.52 -6.31
N CYS A 43 -2.18 -0.26 -6.62
CA CYS A 43 -2.03 0.20 -8.01
C CYS A 43 -3.40 0.26 -8.74
N GLY A 44 -4.45 -0.03 -8.03
CA GLY A 44 -5.75 -0.05 -8.61
C GLY A 44 -6.70 0.70 -7.77
N GLU A 45 -7.68 1.28 -8.38
CA GLU A 45 -8.63 2.08 -7.68
C GLU A 45 -9.75 1.21 -7.18
N VAL A 46 -10.12 1.35 -5.96
CA VAL A 46 -11.29 0.67 -5.48
C VAL A 46 -12.51 1.55 -5.72
N LYS A 47 -13.03 1.52 -6.96
CA LYS A 47 -14.15 2.40 -7.36
C LYS A 47 -15.41 2.01 -6.64
N ASP A 48 -15.34 0.86 -6.04
CA ASP A 48 -16.35 0.31 -5.16
C ASP A 48 -16.58 1.25 -4.00
N CYS A 49 -15.50 1.92 -3.59
CA CYS A 49 -15.50 2.84 -2.47
C CYS A 49 -15.38 4.28 -3.00
N GLY A 50 -15.38 4.41 -4.30
CA GLY A 50 -15.24 5.72 -4.93
C GLY A 50 -14.08 5.75 -5.90
N PRO A 51 -14.15 6.57 -6.94
CA PRO A 51 -13.07 6.69 -7.92
C PRO A 51 -11.89 7.48 -7.34
N GLY A 52 -10.69 7.16 -7.79
CA GLY A 52 -9.51 7.85 -7.32
C GLY A 52 -9.11 7.44 -5.92
N ILE A 53 -9.68 6.36 -5.43
CA ILE A 53 -9.38 5.89 -4.09
C ILE A 53 -8.64 4.57 -4.20
N GLY A 54 -7.59 4.42 -3.43
CA GLY A 54 -6.81 3.21 -3.54
C GLY A 54 -7.07 2.23 -2.43
N ALA A 55 -7.34 2.72 -1.24
CA ALA A 55 -7.56 1.83 -0.12
C ALA A 55 -8.72 2.32 0.72
N CYS A 56 -9.51 1.40 1.22
CA CYS A 56 -10.64 1.72 2.08
C CYS A 56 -10.80 0.70 3.16
N PHE A 57 -11.24 1.14 4.29
CA PHE A 57 -11.47 0.28 5.42
C PHE A 57 -12.95 -0.06 5.43
N GLU A 58 -13.26 -1.31 5.62
CA GLU A 58 -14.61 -1.79 5.56
C GLU A 58 -15.32 -1.50 6.87
N GLY A 59 -16.11 -0.45 6.85
CA GLY A 59 -16.89 -0.04 7.99
C GLY A 59 -17.96 0.90 7.52
N THR A 60 -17.83 2.17 7.82
CA THR A 60 -18.75 3.16 7.28
C THR A 60 -18.26 3.61 5.87
N GLY A 61 -17.10 3.12 5.50
CA GLY A 61 -16.54 3.46 4.21
C GLY A 61 -15.50 4.51 4.34
N ILE A 62 -14.61 4.33 5.30
CA ILE A 62 -13.55 5.26 5.53
C ILE A 62 -12.40 4.98 4.60
N LYS A 63 -11.92 6.00 3.98
CA LYS A 63 -10.89 5.89 3.00
C LYS A 63 -9.54 5.93 3.67
N ALA A 64 -8.67 5.08 3.22
CA ALA A 64 -7.36 4.94 3.81
C ALA A 64 -6.30 5.59 2.92
N GLY A 65 -6.76 6.36 1.94
CA GLY A 65 -5.85 7.08 1.10
C GLY A 65 -6.31 7.17 -0.34
N LYS A 66 -5.98 8.28 -0.97
CA LYS A 66 -6.30 8.49 -2.38
C LYS A 66 -5.32 7.73 -3.25
N TRP A 67 -5.79 7.27 -4.37
CA TRP A 67 -4.98 6.53 -5.32
C TRP A 67 -3.98 7.51 -5.93
N ASN A 68 -2.73 7.15 -5.92
CA ASN A 68 -1.69 8.03 -6.36
C ASN A 68 -0.51 7.21 -6.72
N GLN A 69 0.36 7.75 -7.53
CA GLN A 69 1.53 7.04 -7.90
C GLN A 69 2.73 7.57 -7.18
N LYS A 70 2.96 7.03 -6.03
CA LYS A 70 4.14 7.34 -5.29
C LYS A 70 4.86 6.09 -4.83
N LEU A 71 5.65 5.55 -5.72
CA LEU A 71 6.51 4.45 -5.35
C LEU A 71 7.87 4.99 -5.03
N SER A 72 8.34 4.66 -3.88
CA SER A 72 9.60 5.13 -3.41
C SER A 72 10.48 3.94 -3.10
N TYR A 73 11.74 4.03 -3.44
CA TYR A 73 12.64 2.99 -3.13
C TYR A 73 13.54 3.44 -2.00
N VAL A 74 13.36 2.86 -0.85
CA VAL A 74 14.15 3.21 0.29
C VAL A 74 14.98 2.02 0.71
N ASP A 75 16.20 1.98 0.17
CA ASP A 75 17.23 0.98 0.44
C ASP A 75 16.70 -0.43 0.70
N GLN A 76 16.54 -1.19 -0.39
CA GLN A 76 16.13 -2.62 -0.36
C GLN A 76 14.68 -2.79 0.15
N VAL A 77 13.96 -1.70 0.29
CA VAL A 77 12.57 -1.71 0.71
C VAL A 77 11.76 -0.81 -0.23
N LEU A 78 10.61 -1.28 -0.65
CA LEU A 78 9.75 -0.53 -1.53
C LEU A 78 8.70 0.19 -0.67
N GLN A 79 8.42 1.43 -0.97
CA GLN A 79 7.44 2.20 -0.20
C GLN A 79 6.31 2.66 -1.10
N LEU A 80 5.10 2.37 -0.70
CA LEU A 80 3.89 2.85 -1.37
C LEU A 80 3.05 3.56 -0.33
N VAL A 81 2.71 4.80 -0.58
CA VAL A 81 2.03 5.59 0.42
C VAL A 81 0.65 6.08 -0.06
N TYR A 82 -0.37 5.73 0.67
CA TYR A 82 -1.69 6.23 0.44
C TYR A 82 -1.98 7.33 1.45
N GLU A 83 -2.12 8.53 0.96
CA GLU A 83 -2.34 9.68 1.81
C GLU A 83 -3.72 10.23 1.57
N ASP A 84 -4.20 11.02 2.53
CA ASP A 84 -5.48 11.70 2.46
C ASP A 84 -6.66 10.75 2.33
N GLY A 85 -7.10 10.23 3.43
CA GLY A 85 -8.27 9.40 3.43
C GLY A 85 -9.45 10.19 3.92
N ASP A 86 -9.73 10.03 5.18
CA ASP A 86 -10.76 10.82 5.85
C ASP A 86 -10.12 11.50 7.05
N PRO A 87 -10.61 12.68 7.45
CA PRO A 87 -10.06 13.41 8.58
C PRO A 87 -10.47 12.78 9.91
N CYS A 88 -9.55 12.68 10.81
CA CYS A 88 -9.80 12.09 12.09
C CYS A 88 -10.02 13.17 13.11
N PRO A 89 -11.08 13.05 13.94
CA PRO A 89 -11.45 14.07 14.95
C PRO A 89 -10.46 14.17 16.12
N ALA A 90 -9.29 13.63 15.95
CA ALA A 90 -8.26 13.68 16.94
C ALA A 90 -7.57 15.04 16.89
N ASN A 91 -7.18 15.46 15.69
CA ASN A 91 -6.53 16.76 15.48
C ASN A 91 -6.91 17.32 14.14
N LEU A 92 -7.89 16.65 13.48
CA LEU A 92 -8.45 17.04 12.19
C LEU A 92 -7.49 16.89 11.01
N HIS A 93 -6.26 17.38 11.17
CA HIS A 93 -5.25 17.32 10.12
C HIS A 93 -4.70 15.90 9.99
N LEU A 94 -5.04 15.09 10.96
CA LEU A 94 -4.66 13.71 10.98
C LEU A 94 -5.69 12.97 10.18
N LYS A 95 -5.23 12.20 9.25
CA LYS A 95 -6.09 11.51 8.35
C LYS A 95 -5.66 10.08 8.27
N TYR A 96 -6.51 9.23 7.77
CA TYR A 96 -6.15 7.84 7.55
C TYR A 96 -5.08 7.79 6.48
N LYS A 97 -3.90 7.40 6.87
CA LYS A 97 -2.79 7.29 5.97
C LYS A 97 -2.22 5.90 6.10
N SER A 98 -1.95 5.29 5.00
CA SER A 98 -1.46 3.96 5.01
C SER A 98 -0.19 3.90 4.20
N VAL A 99 0.86 3.41 4.80
CA VAL A 99 2.10 3.28 4.13
C VAL A 99 2.50 1.81 4.11
N ILE A 100 2.60 1.27 2.94
CA ILE A 100 2.92 -0.12 2.78
C ILE A 100 4.40 -0.22 2.48
N SER A 101 5.09 -0.86 3.37
CA SER A 101 6.47 -1.08 3.26
C SER A 101 6.67 -2.47 2.67
N PHE A 102 7.02 -2.54 1.42
CA PHE A 102 7.24 -3.80 0.76
C PHE A 102 8.65 -4.25 1.00
N VAL A 103 8.80 -5.29 1.75
CA VAL A 103 10.11 -5.83 2.03
C VAL A 103 10.32 -7.10 1.23
N CYS A 104 11.55 -7.45 1.05
CA CYS A 104 11.94 -8.59 0.25
C CYS A 104 11.73 -9.90 0.98
N LYS A 105 11.04 -10.80 0.30
CA LYS A 105 10.86 -12.17 0.71
C LYS A 105 10.84 -12.96 -0.58
N SER A 106 11.86 -13.72 -0.82
CA SER A 106 12.05 -14.40 -2.09
C SER A 106 11.06 -15.55 -2.28
N ASP A 107 10.62 -16.14 -1.20
CA ASP A 107 9.70 -17.25 -1.24
C ASP A 107 8.30 -16.83 -0.81
N ALA A 108 7.98 -15.57 -1.08
CA ALA A 108 6.65 -15.05 -0.79
C ALA A 108 5.71 -15.37 -1.93
N GLY A 109 6.13 -15.01 -3.13
CA GLY A 109 5.32 -15.25 -4.30
C GLY A 109 4.22 -14.22 -4.41
N PRO A 110 3.15 -14.51 -5.17
CA PRO A 110 2.04 -13.58 -5.37
C PRO A 110 1.18 -13.44 -4.11
N THR A 111 1.26 -14.41 -3.22
CA THR A 111 0.54 -14.38 -1.99
C THR A 111 1.47 -13.83 -0.89
N SER A 112 1.94 -12.65 -1.15
CA SER A 112 2.81 -11.92 -0.27
C SER A 112 2.07 -11.62 1.05
N GLN A 113 2.71 -11.92 2.17
CA GLN A 113 2.09 -11.73 3.48
C GLN A 113 2.20 -10.28 3.97
N PRO A 114 1.06 -9.67 4.34
CA PRO A 114 1.01 -8.35 4.90
C PRO A 114 1.12 -8.41 6.43
N LEU A 115 2.26 -8.04 6.93
CA LEU A 115 2.53 -8.05 8.34
C LEU A 115 2.19 -6.69 8.92
N LEU A 116 1.44 -6.68 9.99
CA LEU A 116 1.12 -5.44 10.64
C LEU A 116 2.31 -5.00 11.46
N LEU A 117 2.74 -3.79 11.25
CA LEU A 117 3.81 -3.26 12.03
C LEU A 117 3.25 -2.62 13.27
N SER A 118 2.38 -1.66 13.07
CA SER A 118 1.77 -0.92 14.14
C SER A 118 0.57 -0.17 13.59
N VAL A 119 -0.43 -0.02 14.41
CA VAL A 119 -1.56 0.80 14.10
C VAL A 119 -1.43 2.02 14.97
N ASP A 120 -1.18 3.14 14.36
CA ASP A 120 -0.99 4.35 15.11
C ASP A 120 -2.30 5.11 15.06
N GLU A 121 -3.09 4.84 16.07
CA GLU A 121 -4.51 5.17 16.14
C GLU A 121 -4.82 6.66 16.28
N HIS A 122 -3.98 7.40 16.96
CA HIS A 122 -4.28 8.83 17.17
C HIS A 122 -4.13 9.57 15.86
N THR A 123 -3.17 9.15 15.11
CA THR A 123 -2.82 9.75 13.87
C THR A 123 -3.41 9.01 12.67
N CYS A 124 -4.16 7.94 12.94
CA CYS A 124 -4.83 7.12 11.90
C CYS A 124 -3.84 6.60 10.86
N THR A 125 -2.62 6.37 11.29
CA THR A 125 -1.58 5.94 10.42
C THR A 125 -1.39 4.42 10.53
N LEU A 126 -1.42 3.77 9.40
CA LEU A 126 -1.30 2.33 9.32
C LEU A 126 0.04 1.95 8.72
N PHE A 127 0.84 1.23 9.50
CA PHE A 127 2.13 0.77 9.02
C PHE A 127 2.06 -0.74 8.74
N PHE A 128 2.26 -1.11 7.51
CA PHE A 128 2.20 -2.51 7.09
C PHE A 128 3.45 -2.89 6.34
N SER A 129 3.98 -4.03 6.65
CA SER A 129 5.13 -4.56 6.00
C SER A 129 4.66 -5.70 5.11
N TRP A 130 4.73 -5.51 3.84
CA TRP A 130 4.27 -6.48 2.91
C TRP A 130 5.46 -7.28 2.43
N HIS A 131 5.51 -8.52 2.81
CA HIS A 131 6.60 -9.41 2.45
C HIS A 131 6.35 -9.92 1.04
N THR A 132 6.98 -9.32 0.06
CA THR A 132 6.73 -9.71 -1.29
C THR A 132 8.04 -9.98 -2.05
N SER A 133 7.93 -10.84 -3.05
CA SER A 133 9.05 -11.15 -3.89
C SER A 133 9.27 -10.03 -4.90
N LEU A 134 8.23 -9.24 -5.13
CA LEU A 134 8.29 -8.15 -6.10
C LEU A 134 9.14 -6.99 -5.59
N ALA A 135 9.59 -7.10 -4.34
CA ALA A 135 10.42 -6.08 -3.73
C ALA A 135 11.87 -6.54 -3.75
N CYS A 136 12.09 -7.69 -4.33
CA CYS A 136 13.40 -8.27 -4.44
C CYS A 136 13.90 -8.07 -5.85
N GLU A 137 15.18 -8.22 -6.02
CA GLU A 137 15.77 -8.20 -7.34
C GLU A 137 15.38 -9.49 -8.01
N GLN A 138 14.95 -9.44 -9.23
CA GLN A 138 14.64 -10.66 -9.90
C GLN A 138 15.95 -11.22 -10.43
N GLU A 139 16.33 -12.34 -9.90
CA GLU A 139 17.57 -12.96 -10.27
C GLU A 139 17.29 -14.11 -11.22
N VAL A 140 16.08 -14.62 -11.12
CA VAL A 140 15.59 -15.68 -11.93
C VAL A 140 14.05 -15.62 -11.95
N MET A 1 -0.94 10.51 -20.47
CA MET A 1 -2.38 10.24 -20.57
C MET A 1 -2.96 10.00 -19.19
N VAL A 2 -2.46 8.99 -18.53
CA VAL A 2 -2.95 8.59 -17.24
C VAL A 2 -1.80 8.53 -16.25
N GLN A 3 -2.11 8.56 -15.00
CA GLN A 3 -1.13 8.43 -13.96
C GLN A 3 -1.14 7.00 -13.50
N ASP A 4 -0.35 6.19 -14.13
CA ASP A 4 -0.30 4.77 -13.86
C ASP A 4 1.09 4.29 -14.12
N ASN A 5 1.73 3.79 -13.10
CA ASN A 5 3.08 3.29 -13.21
C ASN A 5 3.13 1.91 -12.60
N CYS A 6 3.08 1.87 -11.27
CA CYS A 6 3.08 0.64 -10.47
C CYS A 6 4.38 -0.16 -10.69
N GLN A 7 5.39 0.52 -11.13
CA GLN A 7 6.67 -0.05 -11.39
C GLN A 7 7.71 1.01 -11.14
N VAL A 8 8.91 0.60 -10.83
CA VAL A 8 9.99 1.51 -10.63
C VAL A 8 11.30 0.81 -10.89
N THR A 9 12.16 1.48 -11.59
CA THR A 9 13.44 0.96 -11.92
C THR A 9 14.45 1.57 -10.96
N ASN A 10 15.29 0.76 -10.37
CA ASN A 10 16.34 1.29 -9.53
C ASN A 10 17.52 1.75 -10.38
N PRO A 11 17.85 3.04 -10.33
CA PRO A 11 18.92 3.62 -11.15
C PRO A 11 20.32 3.02 -10.88
N ALA A 12 20.48 2.33 -9.77
CA ALA A 12 21.76 1.71 -9.47
C ALA A 12 21.98 0.44 -10.30
N THR A 13 21.13 -0.55 -10.10
CA THR A 13 21.33 -1.83 -10.78
C THR A 13 20.49 -1.99 -12.06
N GLY A 14 19.48 -1.18 -12.22
CA GLY A 14 18.69 -1.22 -13.43
C GLY A 14 17.61 -2.28 -13.42
N TYR A 15 17.16 -2.66 -12.24
CA TYR A 15 16.09 -3.63 -12.14
C TYR A 15 14.75 -2.91 -12.05
N VAL A 16 13.79 -3.36 -12.85
CA VAL A 16 12.49 -2.74 -12.90
C VAL A 16 11.52 -3.57 -12.10
N PHE A 17 11.16 -3.08 -10.96
CA PHE A 17 10.24 -3.80 -10.11
C PHE A 17 8.83 -3.56 -10.60
N ASP A 18 8.27 -4.55 -11.25
CA ASP A 18 6.94 -4.42 -11.80
C ASP A 18 5.92 -4.99 -10.84
N LEU A 19 5.37 -4.13 -10.01
CA LEU A 19 4.36 -4.54 -9.06
C LEU A 19 3.02 -4.52 -9.76
N ASN A 20 3.03 -4.00 -10.96
CA ASN A 20 1.85 -3.85 -11.80
C ASN A 20 1.30 -5.21 -12.19
N SER A 21 2.17 -6.19 -12.26
CA SER A 21 1.77 -7.53 -12.60
C SER A 21 1.27 -8.29 -11.35
N LEU A 22 1.51 -7.73 -10.18
CA LEU A 22 1.11 -8.37 -8.93
C LEU A 22 -0.20 -7.76 -8.44
N LYS A 23 -0.32 -6.45 -8.66
CA LYS A 23 -1.42 -5.64 -8.16
C LYS A 23 -2.80 -6.26 -8.30
N ARG A 24 -3.49 -6.30 -7.21
CA ARG A 24 -4.83 -6.84 -7.14
C ARG A 24 -5.81 -5.69 -7.22
N GLU A 25 -6.49 -5.59 -8.34
CA GLU A 25 -7.45 -4.52 -8.60
C GLU A 25 -8.71 -4.67 -7.73
N SER A 26 -9.12 -5.91 -7.46
CA SER A 26 -10.24 -6.15 -6.54
C SER A 26 -9.87 -5.70 -5.11
N GLY A 27 -8.58 -5.54 -4.88
CA GLY A 27 -8.10 -5.08 -3.61
C GLY A 27 -7.97 -6.19 -2.59
N TYR A 28 -6.96 -6.11 -1.78
CA TYR A 28 -6.80 -7.04 -0.69
C TYR A 28 -7.75 -6.64 0.36
N THR A 29 -8.69 -7.48 0.61
CA THR A 29 -9.67 -7.23 1.58
C THR A 29 -9.38 -8.15 2.72
N ILE A 30 -8.70 -7.64 3.70
CA ILE A 30 -8.28 -8.42 4.79
C ILE A 30 -9.15 -8.17 5.99
N SER A 31 -9.55 -9.23 6.63
CA SER A 31 -10.31 -9.16 7.84
C SER A 31 -9.29 -9.11 8.97
N ASP A 32 -8.93 -7.92 9.37
CA ASP A 32 -7.89 -7.78 10.35
C ASP A 32 -8.46 -7.62 11.73
N ILE A 33 -8.04 -8.51 12.59
CA ILE A 33 -8.51 -8.62 13.95
C ILE A 33 -8.12 -7.39 14.82
N ARG A 34 -7.17 -6.58 14.37
CA ARG A 34 -6.74 -5.44 15.16
C ARG A 34 -7.48 -4.16 14.78
N LYS A 35 -7.95 -4.07 13.55
CA LYS A 35 -8.65 -2.86 13.14
C LYS A 35 -10.01 -3.15 12.49
N GLY A 36 -10.02 -3.90 11.41
CA GLY A 36 -11.26 -4.20 10.74
C GLY A 36 -11.00 -4.77 9.37
N SER A 37 -12.03 -4.84 8.55
CA SER A 37 -11.90 -5.35 7.23
C SER A 37 -11.66 -4.19 6.26
N ILE A 38 -10.49 -4.15 5.71
CA ILE A 38 -10.10 -3.07 4.85
C ILE A 38 -9.73 -3.62 3.49
N ARG A 39 -10.10 -2.91 2.46
CA ARG A 39 -9.86 -3.29 1.10
C ARG A 39 -8.84 -2.31 0.52
N LEU A 40 -7.69 -2.81 0.17
CA LEU A 40 -6.65 -1.97 -0.40
C LEU A 40 -6.33 -2.43 -1.80
N GLY A 41 -6.52 -1.58 -2.76
CA GLY A 41 -6.18 -1.91 -4.11
C GLY A 41 -4.77 -1.49 -4.39
N VAL A 42 -3.95 -2.38 -4.89
CA VAL A 42 -2.59 -2.00 -5.25
C VAL A 42 -2.64 -1.33 -6.61
N CYS A 43 -2.28 -0.06 -6.67
CA CYS A 43 -2.11 0.71 -7.92
C CYS A 43 -3.42 1.02 -8.66
N GLY A 44 -4.42 0.24 -8.43
CA GLY A 44 -5.71 0.46 -8.98
C GLY A 44 -6.61 0.97 -7.90
N GLU A 45 -7.43 1.91 -8.22
CA GLU A 45 -8.30 2.51 -7.25
C GLU A 45 -9.44 1.57 -6.91
N VAL A 46 -9.84 1.55 -5.66
CA VAL A 46 -11.00 0.79 -5.28
C VAL A 46 -12.26 1.56 -5.67
N LYS A 47 -12.60 1.42 -6.95
CA LYS A 47 -13.68 2.13 -7.64
C LYS A 47 -15.04 1.92 -6.98
N ASP A 48 -15.10 0.96 -6.10
CA ASP A 48 -16.31 0.63 -5.38
C ASP A 48 -16.55 1.58 -4.21
N CYS A 49 -15.46 2.11 -3.63
CA CYS A 49 -15.56 3.02 -2.48
C CYS A 49 -15.59 4.47 -2.98
N GLY A 50 -15.43 4.61 -4.26
CA GLY A 50 -15.43 5.90 -4.86
C GLY A 50 -14.27 6.04 -5.82
N PRO A 51 -14.36 6.97 -6.76
CA PRO A 51 -13.29 7.23 -7.71
C PRO A 51 -12.08 7.86 -7.05
N GLY A 52 -10.92 7.38 -7.38
CA GLY A 52 -9.71 7.92 -6.84
C GLY A 52 -9.42 7.47 -5.41
N ILE A 53 -10.17 6.52 -4.91
CA ILE A 53 -9.91 5.99 -3.58
C ILE A 53 -9.01 4.77 -3.70
N GLY A 54 -7.97 4.68 -2.89
CA GLY A 54 -7.05 3.56 -3.02
C GLY A 54 -7.25 2.51 -1.94
N ALA A 55 -7.32 2.97 -0.73
CA ALA A 55 -7.53 2.10 0.41
C ALA A 55 -8.81 2.51 1.11
N CYS A 56 -9.67 1.56 1.37
CA CYS A 56 -10.95 1.86 1.98
C CYS A 56 -11.41 0.70 2.85
N PHE A 57 -11.96 1.01 4.00
CA PHE A 57 -12.48 -0.01 4.90
C PHE A 57 -13.84 -0.44 4.39
N GLU A 58 -14.02 -1.73 4.23
CA GLU A 58 -15.21 -2.30 3.66
C GLU A 58 -16.33 -2.28 4.70
N GLY A 59 -17.25 -1.34 4.54
CA GLY A 59 -18.39 -1.28 5.40
C GLY A 59 -18.95 0.12 5.48
N THR A 60 -18.29 0.97 6.21
CA THR A 60 -18.73 2.33 6.39
C THR A 60 -18.32 3.19 5.20
N GLY A 61 -17.29 2.76 4.50
CA GLY A 61 -16.78 3.56 3.42
C GLY A 61 -15.80 4.59 3.94
N ILE A 62 -15.03 4.20 4.93
CA ILE A 62 -14.00 5.05 5.49
C ILE A 62 -12.75 4.90 4.64
N LYS A 63 -12.19 5.99 4.23
CA LYS A 63 -11.06 5.98 3.35
C LYS A 63 -9.80 6.00 4.14
N ALA A 64 -8.89 5.15 3.79
CA ALA A 64 -7.62 5.04 4.47
C ALA A 64 -6.52 5.52 3.54
N GLY A 65 -6.92 6.22 2.51
CA GLY A 65 -5.97 6.72 1.57
C GLY A 65 -6.51 6.86 0.17
N LYS A 66 -6.14 7.95 -0.44
CA LYS A 66 -6.51 8.30 -1.78
C LYS A 66 -5.51 7.68 -2.76
N TRP A 67 -6.02 7.24 -3.88
CA TRP A 67 -5.25 6.63 -4.92
C TRP A 67 -4.24 7.63 -5.50
N ASN A 68 -3.05 7.15 -5.78
CA ASN A 68 -1.96 7.92 -6.29
C ASN A 68 -0.98 6.92 -6.87
N GLN A 69 0.13 7.39 -7.41
CA GLN A 69 1.11 6.49 -8.00
C GLN A 69 2.52 6.80 -7.51
N LYS A 70 2.62 7.26 -6.29
CA LYS A 70 3.90 7.52 -5.71
C LYS A 70 4.49 6.23 -5.13
N LEU A 71 5.07 5.44 -5.99
CA LEU A 71 5.73 4.25 -5.60
C LEU A 71 7.18 4.62 -5.39
N SER A 72 7.53 4.85 -4.16
CA SER A 72 8.82 5.30 -3.80
C SER A 72 9.75 4.11 -3.56
N TYR A 73 11.02 4.36 -3.64
CA TYR A 73 12.04 3.37 -3.40
C TYR A 73 13.02 3.99 -2.43
N VAL A 74 12.97 3.58 -1.19
CA VAL A 74 13.79 4.15 -0.16
C VAL A 74 14.75 3.12 0.36
N ASP A 75 15.97 3.16 -0.18
CA ASP A 75 17.07 2.27 0.18
C ASP A 75 16.66 0.82 0.14
N GLN A 76 16.52 0.32 -1.09
CA GLN A 76 16.18 -1.10 -1.39
C GLN A 76 14.73 -1.48 -0.98
N VAL A 77 14.05 -0.62 -0.26
CA VAL A 77 12.71 -0.91 0.21
C VAL A 77 11.69 -0.10 -0.56
N LEU A 78 10.65 -0.75 -1.02
CA LEU A 78 9.60 -0.08 -1.75
C LEU A 78 8.64 0.57 -0.78
N GLN A 79 8.18 1.74 -1.12
CA GLN A 79 7.31 2.52 -0.27
C GLN A 79 6.10 3.03 -1.03
N LEU A 80 4.94 2.57 -0.67
CA LEU A 80 3.72 3.10 -1.24
C LEU A 80 2.87 3.59 -0.10
N VAL A 81 2.30 4.74 -0.26
CA VAL A 81 1.52 5.31 0.77
C VAL A 81 0.23 5.87 0.21
N TYR A 82 -0.83 5.60 0.88
CA TYR A 82 -2.10 6.14 0.55
C TYR A 82 -2.43 7.21 1.56
N GLU A 83 -2.31 8.44 1.14
CA GLU A 83 -2.58 9.57 1.98
C GLU A 83 -3.94 10.14 1.62
N ASP A 84 -4.48 10.94 2.50
CA ASP A 84 -5.78 11.60 2.34
C ASP A 84 -6.93 10.60 2.29
N GLY A 85 -7.31 10.15 3.44
CA GLY A 85 -8.46 9.33 3.54
C GLY A 85 -9.58 10.17 4.03
N ASP A 86 -9.93 9.98 5.25
CA ASP A 86 -10.88 10.83 5.90
C ASP A 86 -10.14 11.54 7.02
N PRO A 87 -10.67 12.66 7.52
CA PRO A 87 -10.05 13.37 8.63
C PRO A 87 -10.26 12.63 9.95
N CYS A 88 -9.36 12.79 10.86
CA CYS A 88 -9.46 12.14 12.13
C CYS A 88 -9.92 13.10 13.21
N PRO A 89 -10.99 12.74 13.94
CA PRO A 89 -11.60 13.57 14.99
C PRO A 89 -10.64 13.96 16.10
N ALA A 90 -9.59 13.15 16.28
CA ALA A 90 -8.61 13.36 17.30
C ALA A 90 -7.82 14.67 17.11
N ASN A 91 -7.04 14.77 16.04
CA ASN A 91 -6.20 15.96 15.86
C ASN A 91 -6.67 16.84 14.68
N LEU A 92 -7.53 16.30 13.81
CA LEU A 92 -8.02 16.98 12.56
C LEU A 92 -6.94 17.11 11.48
N HIS A 93 -5.74 17.51 11.88
CA HIS A 93 -4.59 17.62 10.96
C HIS A 93 -4.16 16.24 10.50
N LEU A 94 -4.56 15.25 11.24
CA LEU A 94 -4.22 13.91 10.96
C LEU A 94 -5.34 13.28 10.16
N LYS A 95 -4.97 12.49 9.21
CA LYS A 95 -5.88 11.88 8.29
C LYS A 95 -5.53 10.42 8.23
N TYR A 96 -6.43 9.60 7.75
CA TYR A 96 -6.12 8.19 7.56
C TYR A 96 -5.07 8.06 6.49
N LYS A 97 -3.92 7.55 6.87
CA LYS A 97 -2.80 7.39 6.00
C LYS A 97 -2.30 5.97 6.14
N SER A 98 -2.11 5.30 5.05
CA SER A 98 -1.66 3.95 5.07
C SER A 98 -0.35 3.82 4.32
N VAL A 99 0.69 3.38 4.99
CA VAL A 99 1.96 3.23 4.36
C VAL A 99 2.36 1.77 4.34
N ILE A 100 2.54 1.26 3.18
CA ILE A 100 2.89 -0.10 3.01
C ILE A 100 4.35 -0.18 2.66
N SER A 101 5.12 -0.65 3.59
CA SER A 101 6.50 -0.86 3.39
C SER A 101 6.69 -2.23 2.78
N PHE A 102 7.16 -2.26 1.58
CA PHE A 102 7.39 -3.50 0.90
C PHE A 102 8.83 -3.89 1.13
N VAL A 103 9.04 -4.92 1.91
CA VAL A 103 10.39 -5.30 2.29
C VAL A 103 10.82 -6.61 1.63
N CYS A 104 12.10 -6.91 1.72
CA CYS A 104 12.70 -8.08 1.12
C CYS A 104 12.37 -9.33 1.91
N LYS A 105 11.67 -10.24 1.27
CA LYS A 105 11.37 -11.51 1.87
C LYS A 105 11.35 -12.57 0.77
N SER A 106 12.50 -13.13 0.51
CA SER A 106 12.66 -14.14 -0.52
C SER A 106 12.06 -15.47 -0.05
N ASP A 107 11.78 -15.54 1.24
CA ASP A 107 11.20 -16.70 1.89
C ASP A 107 9.67 -16.74 1.67
N ALA A 108 9.14 -15.67 1.09
CA ALA A 108 7.72 -15.59 0.85
C ALA A 108 7.42 -16.08 -0.55
N GLY A 109 7.94 -15.37 -1.53
CA GLY A 109 7.74 -15.76 -2.91
C GLY A 109 6.32 -15.50 -3.38
N PRO A 110 5.64 -16.54 -3.88
CA PRO A 110 4.29 -16.42 -4.47
C PRO A 110 3.20 -16.05 -3.45
N THR A 111 3.49 -16.21 -2.17
CA THR A 111 2.54 -15.84 -1.18
C THR A 111 2.62 -14.36 -0.89
N SER A 112 3.75 -13.94 -0.32
CA SER A 112 3.98 -12.56 0.07
C SER A 112 2.95 -12.10 1.10
N GLN A 113 3.34 -12.16 2.35
CA GLN A 113 2.41 -11.95 3.45
C GLN A 113 2.54 -10.54 4.04
N PRO A 114 1.41 -9.84 4.22
CA PRO A 114 1.36 -8.52 4.81
C PRO A 114 1.30 -8.59 6.33
N LEU A 115 2.35 -8.16 6.97
CA LEU A 115 2.44 -8.19 8.40
C LEU A 115 2.15 -6.79 8.93
N LEU A 116 1.20 -6.72 9.81
CA LEU A 116 0.81 -5.46 10.41
C LEU A 116 1.79 -5.07 11.50
N LEU A 117 2.46 -3.96 11.29
CA LEU A 117 3.45 -3.49 12.23
C LEU A 117 2.78 -2.76 13.36
N SER A 118 1.94 -1.81 13.02
CA SER A 118 1.29 -0.99 14.00
C SER A 118 0.13 -0.29 13.36
N VAL A 119 -0.96 -0.28 14.08
CA VAL A 119 -2.10 0.52 13.72
C VAL A 119 -2.03 1.68 14.66
N ASP A 120 -1.75 2.83 14.15
CA ASP A 120 -1.60 3.96 15.00
C ASP A 120 -2.80 4.82 14.91
N GLU A 121 -3.69 4.69 15.87
CA GLU A 121 -4.90 5.48 15.88
C GLU A 121 -4.69 6.89 16.43
N HIS A 122 -3.44 7.27 16.66
CA HIS A 122 -3.14 8.60 17.10
C HIS A 122 -3.12 9.46 15.87
N THR A 123 -2.35 8.99 14.91
CA THR A 123 -2.08 9.70 13.69
C THR A 123 -2.90 9.11 12.52
N CYS A 124 -3.63 8.02 12.81
CA CYS A 124 -4.44 7.30 11.81
C CYS A 124 -3.56 6.72 10.73
N THR A 125 -2.35 6.39 11.11
CA THR A 125 -1.40 5.88 10.20
C THR A 125 -1.27 4.37 10.36
N LEU A 126 -1.45 3.68 9.27
CA LEU A 126 -1.35 2.25 9.24
C LEU A 126 0.01 1.85 8.74
N PHE A 127 0.75 1.12 9.55
CA PHE A 127 2.07 0.67 9.17
C PHE A 127 2.02 -0.81 8.83
N PHE A 128 2.17 -1.13 7.57
CA PHE A 128 2.12 -2.50 7.09
C PHE A 128 3.41 -2.87 6.40
N SER A 129 3.92 -4.02 6.72
CA SER A 129 5.11 -4.54 6.11
C SER A 129 4.71 -5.70 5.21
N TRP A 130 4.76 -5.49 3.93
CA TRP A 130 4.42 -6.54 3.01
C TRP A 130 5.69 -7.25 2.62
N HIS A 131 5.85 -8.43 3.15
CA HIS A 131 7.02 -9.22 2.94
C HIS A 131 6.92 -9.96 1.63
N THR A 132 7.61 -9.48 0.64
CA THR A 132 7.58 -10.07 -0.66
C THR A 132 8.98 -10.09 -1.26
N SER A 133 9.22 -11.01 -2.12
CA SER A 133 10.47 -11.11 -2.79
C SER A 133 10.55 -10.04 -3.90
N LEU A 134 9.39 -9.61 -4.40
CA LEU A 134 9.29 -8.63 -5.50
C LEU A 134 9.73 -7.23 -4.97
N ALA A 135 9.92 -7.15 -3.67
CA ALA A 135 10.31 -5.90 -3.03
C ALA A 135 11.73 -6.00 -2.54
N CYS A 136 12.39 -7.00 -2.97
CA CYS A 136 13.74 -7.20 -2.66
C CYS A 136 14.48 -6.98 -3.94
N GLU A 137 15.80 -6.81 -3.88
CA GLU A 137 16.58 -6.63 -5.09
C GLU A 137 16.33 -7.82 -5.99
N GLN A 138 16.20 -7.57 -7.26
CA GLN A 138 15.63 -8.55 -8.15
C GLN A 138 16.63 -9.60 -8.55
N GLU A 139 16.33 -10.80 -8.13
CA GLU A 139 17.14 -11.99 -8.38
C GLU A 139 16.40 -12.90 -9.35
N VAL A 140 15.30 -12.40 -9.88
CA VAL A 140 14.51 -13.16 -10.81
C VAL A 140 14.70 -12.56 -12.19
N MET A 1 5.43 9.08 -14.52
CA MET A 1 5.13 10.24 -13.69
C MET A 1 3.75 10.69 -14.02
N VAL A 2 3.11 11.40 -13.10
CA VAL A 2 1.71 11.80 -13.20
C VAL A 2 0.90 10.51 -13.29
N GLN A 3 0.78 9.88 -12.13
CA GLN A 3 0.21 8.54 -11.97
C GLN A 3 1.17 7.52 -12.57
N ASP A 4 2.17 7.16 -11.78
CA ASP A 4 3.23 6.21 -12.15
C ASP A 4 2.63 4.83 -12.52
N ASN A 5 3.42 4.00 -13.17
CA ASN A 5 2.98 2.68 -13.66
C ASN A 5 3.30 1.60 -12.64
N CYS A 6 3.67 2.04 -11.43
CA CYS A 6 4.05 1.15 -10.31
C CYS A 6 5.39 0.52 -10.58
N GLN A 7 6.17 1.15 -11.42
CA GLN A 7 7.45 0.61 -11.75
C GLN A 7 8.51 1.65 -11.56
N VAL A 8 9.52 1.29 -10.83
CA VAL A 8 10.61 2.21 -10.60
C VAL A 8 11.94 1.49 -10.88
N THR A 9 12.79 2.14 -11.62
CA THR A 9 14.06 1.58 -11.97
C THR A 9 15.09 2.04 -10.96
N ASN A 10 15.85 1.12 -10.40
CA ASN A 10 16.88 1.51 -9.49
C ASN A 10 18.17 1.77 -10.28
N PRO A 11 18.89 2.84 -9.98
CA PRO A 11 20.15 3.12 -10.63
C PRO A 11 21.28 2.34 -9.99
N ALA A 12 20.97 1.78 -8.83
CA ALA A 12 21.92 1.00 -8.05
C ALA A 12 22.41 -0.23 -8.81
N THR A 13 21.49 -0.99 -9.36
CA THR A 13 21.84 -2.17 -10.12
C THR A 13 21.23 -2.17 -11.52
N GLY A 14 20.08 -1.56 -11.67
CA GLY A 14 19.42 -1.50 -12.96
C GLY A 14 18.15 -2.33 -12.98
N TYR A 15 17.69 -2.76 -11.82
CA TYR A 15 16.48 -3.55 -11.75
C TYR A 15 15.26 -2.62 -11.70
N VAL A 16 14.24 -2.98 -12.46
CA VAL A 16 13.00 -2.24 -12.49
C VAL A 16 12.00 -2.98 -11.61
N PHE A 17 11.52 -2.34 -10.58
CA PHE A 17 10.56 -2.96 -9.68
C PHE A 17 9.15 -2.74 -10.20
N ASP A 18 8.58 -3.77 -10.78
CA ASP A 18 7.23 -3.69 -11.33
C ASP A 18 6.19 -4.18 -10.36
N LEU A 19 5.50 -3.25 -9.72
CA LEU A 19 4.40 -3.62 -8.81
C LEU A 19 3.15 -3.82 -9.67
N ASN A 20 3.26 -3.42 -10.92
CA ASN A 20 2.19 -3.55 -11.89
C ASN A 20 1.89 -5.00 -12.21
N SER A 21 2.81 -5.88 -11.83
CA SER A 21 2.64 -7.30 -11.97
C SER A 21 1.95 -7.90 -10.71
N LEU A 22 1.77 -7.06 -9.70
CA LEU A 22 1.22 -7.49 -8.42
C LEU A 22 -0.15 -6.82 -8.18
N LYS A 23 -0.67 -6.14 -9.22
CA LYS A 23 -1.99 -5.47 -9.17
C LYS A 23 -3.08 -6.33 -8.49
N ARG A 24 -4.01 -5.64 -7.85
CA ARG A 24 -5.03 -6.26 -7.04
C ARG A 24 -6.03 -7.06 -7.88
N GLU A 25 -6.55 -8.11 -7.30
CA GLU A 25 -7.57 -8.92 -7.91
C GLU A 25 -8.90 -8.14 -7.84
N SER A 26 -9.41 -7.93 -6.65
CA SER A 26 -10.50 -7.01 -6.41
C SER A 26 -9.96 -5.90 -5.50
N GLY A 27 -8.88 -6.23 -4.84
CA GLY A 27 -8.31 -5.40 -3.84
C GLY A 27 -7.93 -6.27 -2.70
N TYR A 28 -6.83 -5.98 -2.06
CA TYR A 28 -6.42 -6.81 -0.95
C TYR A 28 -7.40 -6.57 0.16
N THR A 29 -8.14 -7.58 0.49
CA THR A 29 -9.15 -7.44 1.47
C THR A 29 -8.77 -8.27 2.69
N ILE A 30 -8.08 -7.64 3.59
CA ILE A 30 -7.55 -8.30 4.76
C ILE A 30 -8.17 -7.70 6.00
N SER A 31 -8.25 -8.45 7.04
CA SER A 31 -8.74 -7.93 8.27
C SER A 31 -7.57 -7.43 9.10
N ASP A 32 -7.72 -6.29 9.72
CA ASP A 32 -6.69 -5.76 10.61
C ASP A 32 -6.74 -6.57 11.91
N ILE A 33 -5.84 -6.31 12.82
CA ILE A 33 -5.76 -7.06 14.08
C ILE A 33 -7.10 -6.98 14.89
N ARG A 34 -7.86 -5.92 14.67
CA ARG A 34 -9.14 -5.71 15.36
C ARG A 34 -10.31 -6.29 14.55
N LYS A 35 -9.97 -6.92 13.42
CA LYS A 35 -10.89 -7.66 12.53
C LYS A 35 -11.72 -6.77 11.63
N GLY A 36 -11.22 -5.61 11.35
CA GLY A 36 -11.86 -4.77 10.39
C GLY A 36 -11.27 -5.05 9.04
N SER A 37 -12.10 -5.36 8.10
CA SER A 37 -11.64 -5.66 6.79
C SER A 37 -11.32 -4.39 6.03
N ILE A 38 -10.11 -4.29 5.58
CA ILE A 38 -9.68 -3.17 4.80
C ILE A 38 -9.33 -3.67 3.41
N ARG A 39 -9.77 -2.94 2.42
CA ARG A 39 -9.59 -3.31 1.04
C ARG A 39 -8.66 -2.29 0.37
N LEU A 40 -7.58 -2.74 -0.20
CA LEU A 40 -6.64 -1.83 -0.82
C LEU A 40 -6.39 -2.19 -2.27
N GLY A 41 -6.42 -1.19 -3.12
CA GLY A 41 -6.17 -1.40 -4.52
C GLY A 41 -4.85 -0.79 -4.91
N VAL A 42 -3.95 -1.60 -5.39
CA VAL A 42 -2.65 -1.10 -5.84
C VAL A 42 -2.67 -0.87 -7.34
N CYS A 43 -1.98 0.19 -7.78
CA CYS A 43 -1.87 0.59 -9.20
C CYS A 43 -3.15 1.23 -9.75
N GLY A 44 -4.26 0.72 -9.34
CA GLY A 44 -5.51 1.24 -9.75
C GLY A 44 -6.40 1.44 -8.56
N GLU A 45 -7.26 2.41 -8.65
CA GLU A 45 -8.18 2.75 -7.56
C GLU A 45 -9.18 1.61 -7.29
N VAL A 46 -9.68 1.57 -6.09
CA VAL A 46 -10.65 0.60 -5.71
C VAL A 46 -12.08 1.19 -5.81
N LYS A 47 -12.67 1.05 -7.00
CA LYS A 47 -13.99 1.63 -7.32
C LYS A 47 -15.06 1.00 -6.47
N ASP A 48 -14.75 -0.17 -5.95
CA ASP A 48 -15.65 -0.97 -5.12
C ASP A 48 -16.12 -0.15 -3.93
N CYS A 49 -15.17 0.51 -3.29
CA CYS A 49 -15.47 1.28 -2.10
C CYS A 49 -15.78 2.72 -2.45
N GLY A 50 -15.44 3.12 -3.66
CA GLY A 50 -15.66 4.47 -4.10
C GLY A 50 -14.60 4.90 -5.09
N PRO A 51 -14.99 5.59 -6.17
CA PRO A 51 -14.06 6.07 -7.20
C PRO A 51 -13.02 7.04 -6.62
N GLY A 52 -11.79 6.87 -7.04
CA GLY A 52 -10.68 7.71 -6.61
C GLY A 52 -10.05 7.26 -5.30
N ILE A 53 -10.62 6.27 -4.67
CA ILE A 53 -10.14 5.78 -3.39
C ILE A 53 -9.14 4.65 -3.63
N GLY A 54 -8.08 4.61 -2.83
CA GLY A 54 -7.09 3.56 -3.02
C GLY A 54 -7.10 2.56 -1.89
N ALA A 55 -7.48 3.02 -0.73
CA ALA A 55 -7.55 2.18 0.45
C ALA A 55 -8.83 2.47 1.18
N CYS A 56 -9.64 1.48 1.34
CA CYS A 56 -10.92 1.64 1.95
C CYS A 56 -11.13 0.65 3.07
N PHE A 57 -11.80 1.07 4.08
CA PHE A 57 -12.08 0.22 5.20
C PHE A 57 -13.55 -0.19 5.13
N GLU A 58 -13.79 -1.47 5.15
CA GLU A 58 -15.14 -2.02 5.01
C GLU A 58 -15.89 -2.00 6.35
N GLY A 59 -16.00 -0.82 6.86
CA GLY A 59 -16.69 -0.51 8.06
C GLY A 59 -16.88 0.96 8.07
N THR A 60 -18.13 1.41 8.00
CA THR A 60 -18.51 2.82 7.89
C THR A 60 -18.16 3.39 6.46
N GLY A 61 -17.24 2.73 5.78
CA GLY A 61 -16.79 3.20 4.51
C GLY A 61 -15.69 4.20 4.70
N ILE A 62 -14.89 3.98 5.72
CA ILE A 62 -13.76 4.86 6.03
C ILE A 62 -12.73 4.82 4.90
N LYS A 63 -12.21 5.95 4.55
CA LYS A 63 -11.23 6.05 3.50
C LYS A 63 -9.89 6.19 4.15
N ALA A 64 -9.04 5.26 3.85
CA ALA A 64 -7.72 5.19 4.47
C ALA A 64 -6.67 5.72 3.51
N GLY A 65 -7.12 6.39 2.48
CA GLY A 65 -6.20 6.94 1.53
C GLY A 65 -6.77 6.97 0.13
N LYS A 66 -6.44 8.00 -0.60
CA LYS A 66 -6.93 8.15 -1.95
C LYS A 66 -5.89 7.62 -2.92
N TRP A 67 -6.35 7.22 -4.09
CA TRP A 67 -5.48 6.64 -5.10
C TRP A 67 -4.47 7.67 -5.57
N ASN A 68 -3.25 7.25 -5.67
CA ASN A 68 -2.14 8.08 -6.02
C ASN A 68 -1.01 7.13 -6.26
N GLN A 69 0.02 7.57 -6.88
CA GLN A 69 1.14 6.73 -7.14
C GLN A 69 2.38 7.32 -6.55
N LYS A 70 2.58 7.10 -5.28
CA LYS A 70 3.79 7.53 -4.64
C LYS A 70 4.64 6.30 -4.37
N LEU A 71 5.60 6.08 -5.24
CA LEU A 71 6.52 4.95 -5.16
C LEU A 71 7.88 5.46 -4.77
N SER A 72 8.32 5.13 -3.59
CA SER A 72 9.62 5.57 -3.17
C SER A 72 10.48 4.37 -2.86
N TYR A 73 11.57 4.25 -3.56
CA TYR A 73 12.52 3.21 -3.35
C TYR A 73 13.49 3.64 -2.26
N VAL A 74 13.45 2.97 -1.13
CA VAL A 74 14.33 3.28 -0.04
C VAL A 74 15.14 2.06 0.35
N ASP A 75 16.24 1.87 -0.37
CA ASP A 75 17.24 0.83 -0.16
C ASP A 75 16.63 -0.54 0.07
N GLN A 76 16.28 -1.20 -1.03
CA GLN A 76 15.69 -2.56 -1.04
C GLN A 76 14.29 -2.63 -0.44
N VAL A 77 13.76 -1.51 0.01
CA VAL A 77 12.43 -1.44 0.55
C VAL A 77 11.60 -0.53 -0.33
N LEU A 78 10.46 -1.01 -0.76
CA LEU A 78 9.58 -0.27 -1.62
C LEU A 78 8.51 0.41 -0.77
N GLN A 79 8.40 1.71 -0.85
CA GLN A 79 7.38 2.44 -0.11
C GLN A 79 6.24 2.86 -1.04
N LEU A 80 5.05 2.39 -0.74
CA LEU A 80 3.86 2.83 -1.43
C LEU A 80 2.97 3.52 -0.42
N VAL A 81 2.52 4.70 -0.75
CA VAL A 81 1.78 5.50 0.20
C VAL A 81 0.35 5.79 -0.25
N TYR A 82 -0.59 5.54 0.62
CA TYR A 82 -1.97 5.91 0.43
C TYR A 82 -2.41 6.81 1.56
N GLU A 83 -2.37 8.08 1.31
CA GLU A 83 -2.73 9.05 2.31
C GLU A 83 -3.92 9.88 1.85
N ASP A 84 -4.31 10.82 2.71
CA ASP A 84 -5.40 11.76 2.51
C ASP A 84 -6.74 11.04 2.36
N GLY A 85 -7.13 10.37 3.42
CA GLY A 85 -8.41 9.72 3.47
C GLY A 85 -9.41 10.55 4.21
N ASP A 86 -9.96 10.01 5.26
CA ASP A 86 -10.86 10.77 6.10
C ASP A 86 -10.07 11.46 7.18
N PRO A 87 -10.49 12.67 7.57
CA PRO A 87 -9.89 13.39 8.69
C PRO A 87 -10.29 12.71 9.99
N CYS A 88 -9.39 12.67 10.92
CA CYS A 88 -9.67 12.04 12.19
C CYS A 88 -10.05 13.10 13.20
N PRO A 89 -11.12 12.87 13.98
CA PRO A 89 -11.65 13.85 14.95
C PRO A 89 -10.72 14.06 16.17
N ALA A 90 -9.53 13.49 16.10
CA ALA A 90 -8.54 13.64 17.13
C ALA A 90 -7.82 14.98 16.97
N ASN A 91 -7.33 15.24 15.76
CA ASN A 91 -6.60 16.48 15.49
C ASN A 91 -7.05 17.15 14.19
N LEU A 92 -8.02 16.53 13.51
CA LEU A 92 -8.60 17.04 12.23
C LEU A 92 -7.64 17.00 11.05
N HIS A 93 -6.47 17.59 11.18
CA HIS A 93 -5.48 17.57 10.12
C HIS A 93 -4.82 16.22 10.01
N LEU A 94 -4.96 15.42 11.05
CA LEU A 94 -4.47 14.08 11.01
C LEU A 94 -5.52 13.26 10.31
N LYS A 95 -5.14 12.60 9.27
CA LYS A 95 -6.06 11.83 8.47
C LYS A 95 -5.58 10.40 8.41
N TYR A 96 -6.47 9.50 8.03
CA TYR A 96 -6.12 8.12 7.85
C TYR A 96 -5.12 8.02 6.71
N LYS A 97 -3.93 7.59 7.05
CA LYS A 97 -2.84 7.47 6.13
C LYS A 97 -2.27 6.10 6.25
N SER A 98 -2.06 5.44 5.16
CA SER A 98 -1.52 4.14 5.17
C SER A 98 -0.23 4.14 4.39
N VAL A 99 0.78 3.58 4.96
CA VAL A 99 2.05 3.45 4.31
C VAL A 99 2.42 1.98 4.25
N ILE A 100 2.60 1.49 3.07
CA ILE A 100 2.90 0.11 2.87
C ILE A 100 4.36 -0.02 2.51
N SER A 101 5.12 -0.49 3.45
CA SER A 101 6.50 -0.72 3.26
C SER A 101 6.66 -2.15 2.77
N PHE A 102 7.05 -2.30 1.55
CA PHE A 102 7.25 -3.60 0.97
C PHE A 102 8.64 -4.06 1.28
N VAL A 103 8.74 -5.07 2.10
CA VAL A 103 9.99 -5.66 2.48
C VAL A 103 10.18 -6.93 1.66
N CYS A 104 11.38 -7.40 1.59
CA CYS A 104 11.71 -8.51 0.75
C CYS A 104 11.36 -9.83 1.39
N LYS A 105 10.79 -10.68 0.60
CA LYS A 105 10.51 -12.02 0.98
C LYS A 105 10.47 -12.81 -0.29
N SER A 106 11.56 -13.47 -0.60
CA SER A 106 11.69 -14.26 -1.81
C SER A 106 10.64 -15.38 -1.83
N ASP A 107 10.27 -15.84 -0.65
CA ASP A 107 9.25 -16.83 -0.52
C ASP A 107 8.03 -16.20 0.16
N ALA A 108 7.25 -15.51 -0.62
CA ALA A 108 6.06 -14.84 -0.13
C ALA A 108 4.84 -15.26 -0.92
N GLY A 109 5.06 -15.61 -2.17
CA GLY A 109 4.00 -16.05 -2.99
C GLY A 109 3.39 -14.91 -3.77
N PRO A 110 2.54 -15.21 -4.76
CA PRO A 110 1.89 -14.18 -5.61
C PRO A 110 0.88 -13.35 -4.83
N THR A 111 0.59 -13.80 -3.64
CA THR A 111 -0.27 -13.12 -2.75
C THR A 111 0.53 -12.18 -1.87
N SER A 112 1.71 -12.68 -1.42
CA SER A 112 2.64 -11.98 -0.54
C SER A 112 2.03 -11.82 0.88
N GLN A 113 2.81 -11.41 1.84
CA GLN A 113 2.30 -11.35 3.20
C GLN A 113 2.21 -9.93 3.73
N PRO A 114 1.02 -9.49 4.11
CA PRO A 114 0.80 -8.20 4.70
C PRO A 114 0.90 -8.26 6.23
N LEU A 115 2.02 -7.84 6.76
CA LEU A 115 2.22 -7.83 8.18
C LEU A 115 1.75 -6.51 8.74
N LEU A 116 0.80 -6.56 9.61
CA LEU A 116 0.34 -5.38 10.26
C LEU A 116 1.29 -5.08 11.39
N LEU A 117 2.03 -4.04 11.23
CA LEU A 117 3.02 -3.66 12.19
C LEU A 117 2.38 -2.87 13.31
N SER A 118 1.86 -1.72 12.97
CA SER A 118 1.35 -0.81 13.93
C SER A 118 0.14 -0.11 13.38
N VAL A 119 -0.80 0.13 14.23
CA VAL A 119 -1.94 0.92 13.91
C VAL A 119 -1.89 2.08 14.86
N ASP A 120 -1.63 3.26 14.36
CA ASP A 120 -1.54 4.38 15.24
C ASP A 120 -2.88 5.06 15.31
N GLU A 121 -3.51 4.93 16.44
CA GLU A 121 -4.85 5.42 16.64
C GLU A 121 -4.91 6.91 16.95
N HIS A 122 -3.77 7.57 16.99
CA HIS A 122 -3.77 9.00 17.25
C HIS A 122 -3.59 9.77 15.95
N THR A 123 -2.61 9.38 15.16
CA THR A 123 -2.32 10.04 13.90
C THR A 123 -3.01 9.35 12.73
N CYS A 124 -3.62 8.21 13.01
CA CYS A 124 -4.36 7.42 12.02
C CYS A 124 -3.44 6.88 10.93
N THR A 125 -2.20 6.72 11.27
CA THR A 125 -1.25 6.21 10.35
C THR A 125 -1.12 4.69 10.51
N LEU A 126 -1.29 4.00 9.43
CA LEU A 126 -1.23 2.57 9.41
C LEU A 126 0.12 2.15 8.84
N PHE A 127 0.81 1.29 9.55
CA PHE A 127 2.12 0.81 9.11
C PHE A 127 2.02 -0.65 8.72
N PHE A 128 2.22 -0.93 7.47
CA PHE A 128 2.15 -2.28 6.96
C PHE A 128 3.48 -2.69 6.39
N SER A 129 3.88 -3.89 6.72
CA SER A 129 5.08 -4.45 6.17
C SER A 129 4.69 -5.55 5.21
N TRP A 130 4.76 -5.27 3.94
CA TRP A 130 4.33 -6.22 2.97
C TRP A 130 5.51 -7.04 2.54
N HIS A 131 5.54 -8.26 2.95
CA HIS A 131 6.60 -9.17 2.60
C HIS A 131 6.31 -9.65 1.21
N THR A 132 6.96 -9.08 0.25
CA THR A 132 6.75 -9.48 -1.11
C THR A 132 8.09 -9.66 -1.81
N SER A 133 8.09 -10.51 -2.80
CA SER A 133 9.26 -10.80 -3.56
C SER A 133 9.62 -9.61 -4.48
N LEU A 134 8.60 -8.87 -4.89
CA LEU A 134 8.77 -7.76 -5.85
C LEU A 134 9.41 -6.53 -5.21
N ALA A 135 9.64 -6.60 -3.92
CA ALA A 135 10.18 -5.47 -3.18
C ALA A 135 11.69 -5.39 -3.29
N CYS A 136 12.29 -6.52 -3.53
CA CYS A 136 13.72 -6.63 -3.56
C CYS A 136 14.16 -7.05 -4.93
N GLU A 137 15.45 -7.16 -5.13
CA GLU A 137 15.99 -7.60 -6.38
C GLU A 137 15.72 -9.09 -6.57
N GLN A 138 14.54 -9.37 -7.07
CA GLN A 138 14.02 -10.69 -7.24
C GLN A 138 14.57 -11.30 -8.52
N GLU A 139 14.95 -12.54 -8.43
CA GLU A 139 15.39 -13.27 -9.60
C GLU A 139 14.56 -14.57 -9.76
N VAL A 140 13.99 -15.05 -8.67
CA VAL A 140 13.18 -16.25 -8.67
C VAL A 140 11.72 -15.84 -8.70
N MET A 1 5.97 6.32 -21.66
CA MET A 1 6.26 7.75 -21.77
C MET A 1 7.23 8.17 -20.68
N VAL A 2 6.79 8.06 -19.44
CA VAL A 2 7.60 8.43 -18.29
C VAL A 2 8.03 7.16 -17.55
N GLN A 3 7.23 6.08 -17.75
CA GLN A 3 7.41 4.77 -17.09
C GLN A 3 7.06 4.84 -15.62
N ASP A 4 6.37 5.88 -15.21
CA ASP A 4 6.02 5.99 -13.81
C ASP A 4 4.58 5.67 -13.60
N ASN A 5 4.30 4.40 -13.61
CA ASN A 5 2.98 3.88 -13.28
C ASN A 5 3.15 2.56 -12.65
N CYS A 6 3.21 2.57 -11.32
CA CYS A 6 3.25 1.37 -10.49
C CYS A 6 4.53 0.54 -10.79
N GLN A 7 5.57 1.24 -11.16
CA GLN A 7 6.85 0.63 -11.43
C GLN A 7 7.93 1.63 -11.17
N VAL A 8 9.05 1.17 -10.70
CA VAL A 8 10.16 2.07 -10.46
C VAL A 8 11.48 1.37 -10.74
N THR A 9 12.34 2.05 -11.43
CA THR A 9 13.64 1.57 -11.75
C THR A 9 14.59 2.04 -10.65
N ASN A 10 15.32 1.12 -10.03
CA ASN A 10 16.25 1.51 -8.98
C ASN A 10 17.59 1.91 -9.57
N PRO A 11 18.31 2.87 -8.97
CA PRO A 11 19.57 3.37 -9.50
C PRO A 11 20.79 2.49 -9.15
N ALA A 12 20.56 1.39 -8.47
CA ALA A 12 21.63 0.52 -8.06
C ALA A 12 21.89 -0.57 -9.09
N THR A 13 20.88 -1.35 -9.38
CA THR A 13 21.00 -2.44 -10.31
C THR A 13 20.32 -2.13 -11.64
N GLY A 14 19.44 -1.13 -11.63
CA GLY A 14 18.69 -0.81 -12.83
C GLY A 14 17.51 -1.76 -12.99
N TYR A 15 17.14 -2.39 -11.91
CA TYR A 15 16.01 -3.31 -11.89
C TYR A 15 14.72 -2.50 -11.83
N VAL A 16 13.79 -2.85 -12.65
CA VAL A 16 12.52 -2.19 -12.73
C VAL A 16 11.50 -3.01 -11.95
N PHE A 17 11.07 -2.51 -10.82
CA PHE A 17 10.08 -3.21 -10.03
C PHE A 17 8.72 -2.96 -10.60
N ASP A 18 8.15 -3.95 -11.25
CA ASP A 18 6.85 -3.78 -11.86
C ASP A 18 5.74 -4.33 -10.99
N LEU A 19 5.04 -3.44 -10.35
CA LEU A 19 3.95 -3.82 -9.47
C LEU A 19 2.65 -3.84 -10.24
N ASN A 20 2.70 -3.43 -11.52
CA ASN A 20 1.53 -3.48 -12.39
C ASN A 20 1.09 -4.91 -12.56
N SER A 21 2.07 -5.81 -12.48
CA SER A 21 1.81 -7.21 -12.66
C SER A 21 1.06 -7.77 -11.45
N LEU A 22 1.03 -7.04 -10.36
CA LEU A 22 0.39 -7.50 -9.15
C LEU A 22 -0.83 -6.66 -8.82
N LYS A 23 -1.16 -5.71 -9.70
CA LYS A 23 -2.29 -4.81 -9.46
C LYS A 23 -3.59 -5.55 -9.29
N ARG A 24 -4.16 -5.38 -8.15
CA ARG A 24 -5.36 -6.04 -7.80
C ARG A 24 -6.49 -5.04 -7.82
N GLU A 25 -7.20 -5.03 -8.92
CA GLU A 25 -8.33 -4.15 -9.20
C GLU A 25 -9.45 -4.25 -8.13
N SER A 26 -9.64 -5.42 -7.60
CA SER A 26 -10.63 -5.64 -6.59
C SER A 26 -10.12 -5.22 -5.21
N GLY A 27 -8.82 -5.12 -5.08
CA GLY A 27 -8.20 -4.81 -3.82
C GLY A 27 -7.99 -6.06 -2.97
N TYR A 28 -7.05 -5.99 -2.07
CA TYR A 28 -6.81 -7.07 -1.15
C TYR A 28 -7.61 -6.82 0.10
N THR A 29 -8.30 -7.81 0.56
CA THR A 29 -9.15 -7.68 1.70
C THR A 29 -8.61 -8.46 2.88
N ILE A 30 -7.82 -7.81 3.68
CA ILE A 30 -7.25 -8.45 4.83
C ILE A 30 -8.08 -8.16 6.07
N SER A 31 -8.04 -9.06 6.99
CA SER A 31 -8.87 -8.99 8.15
C SER A 31 -8.11 -8.40 9.32
N ASP A 32 -8.60 -7.28 9.81
CA ASP A 32 -8.04 -6.56 10.93
C ASP A 32 -8.32 -7.27 12.26
N ILE A 33 -7.42 -7.08 13.22
CA ILE A 33 -7.45 -7.74 14.52
C ILE A 33 -8.47 -7.06 15.46
N ARG A 34 -8.86 -5.85 15.09
CA ARG A 34 -9.88 -5.10 15.83
C ARG A 34 -11.27 -5.49 15.28
N LYS A 35 -11.23 -6.42 14.32
CA LYS A 35 -12.38 -6.99 13.64
C LYS A 35 -13.06 -6.04 12.68
N GLY A 36 -12.44 -5.91 11.54
CA GLY A 36 -12.92 -5.11 10.47
C GLY A 36 -12.16 -5.49 9.24
N SER A 37 -12.64 -5.14 8.10
CA SER A 37 -11.97 -5.53 6.89
C SER A 37 -11.35 -4.31 6.25
N ILE A 38 -10.18 -4.45 5.71
CA ILE A 38 -9.56 -3.36 5.03
C ILE A 38 -9.20 -3.80 3.61
N ARG A 39 -9.58 -3.00 2.66
CA ARG A 39 -9.38 -3.29 1.27
C ARG A 39 -8.39 -2.32 0.69
N LEU A 40 -7.29 -2.84 0.20
CA LEU A 40 -6.28 -1.99 -0.38
C LEU A 40 -6.00 -2.43 -1.80
N GLY A 41 -6.09 -1.52 -2.72
CA GLY A 41 -5.76 -1.81 -4.06
C GLY A 41 -4.41 -1.25 -4.36
N VAL A 42 -3.54 -2.03 -4.91
CA VAL A 42 -2.22 -1.52 -5.21
C VAL A 42 -2.22 -0.84 -6.58
N CYS A 43 -1.98 0.48 -6.55
CA CYS A 43 -1.92 1.34 -7.76
C CYS A 43 -3.27 1.38 -8.49
N GLY A 44 -4.29 0.89 -7.85
CA GLY A 44 -5.58 0.85 -8.42
C GLY A 44 -6.57 1.30 -7.41
N GLU A 45 -7.62 1.92 -7.87
CA GLU A 45 -8.63 2.45 -7.02
C GLU A 45 -9.54 1.34 -6.55
N VAL A 46 -9.93 1.41 -5.32
CA VAL A 46 -10.89 0.48 -4.79
C VAL A 46 -12.30 0.97 -5.11
N LYS A 47 -12.76 0.55 -6.28
CA LYS A 47 -14.03 1.01 -6.86
C LYS A 47 -15.19 0.67 -5.95
N ASP A 48 -15.02 -0.39 -5.19
CA ASP A 48 -15.98 -0.83 -4.20
C ASP A 48 -16.27 0.25 -3.19
N CYS A 49 -15.26 1.00 -2.83
CA CYS A 49 -15.41 2.05 -1.84
C CYS A 49 -15.63 3.40 -2.52
N GLY A 50 -15.08 3.56 -3.71
CA GLY A 50 -15.24 4.80 -4.42
C GLY A 50 -14.09 5.07 -5.35
N PRO A 51 -14.29 5.91 -6.37
CA PRO A 51 -13.24 6.26 -7.30
C PRO A 51 -12.23 7.22 -6.66
N GLY A 52 -10.98 7.05 -7.02
CA GLY A 52 -9.94 7.91 -6.51
C GLY A 52 -9.46 7.53 -5.12
N ILE A 53 -9.93 6.41 -4.61
CA ILE A 53 -9.51 5.94 -3.30
C ILE A 53 -8.63 4.72 -3.52
N GLY A 54 -7.48 4.67 -2.88
CA GLY A 54 -6.58 3.55 -3.09
C GLY A 54 -6.75 2.47 -2.04
N ALA A 55 -7.07 2.89 -0.85
CA ALA A 55 -7.25 1.98 0.25
C ALA A 55 -8.44 2.43 1.08
N CYS A 56 -9.24 1.51 1.52
CA CYS A 56 -10.43 1.82 2.29
C CYS A 56 -10.66 0.72 3.33
N PHE A 57 -11.39 1.04 4.36
CA PHE A 57 -11.67 0.10 5.39
C PHE A 57 -13.16 -0.21 5.39
N GLU A 58 -13.50 -1.39 4.91
CA GLU A 58 -14.87 -1.84 4.85
C GLU A 58 -15.34 -2.24 6.21
N GLY A 59 -16.17 -1.42 6.74
CA GLY A 59 -16.68 -1.58 8.05
C GLY A 59 -17.08 -0.25 8.57
N THR A 60 -16.12 0.60 8.79
CA THR A 60 -16.39 1.94 9.23
C THR A 60 -16.68 2.82 8.00
N GLY A 61 -16.22 2.38 6.82
CA GLY A 61 -16.45 3.13 5.60
C GLY A 61 -15.44 4.24 5.44
N ILE A 62 -14.34 4.09 6.14
CA ILE A 62 -13.30 5.09 6.18
C ILE A 62 -12.27 4.85 5.10
N LYS A 63 -11.67 5.91 4.65
CA LYS A 63 -10.64 5.87 3.65
C LYS A 63 -9.30 5.65 4.35
N ALA A 64 -8.32 5.12 3.65
CA ALA A 64 -7.00 4.93 4.24
C ALA A 64 -5.93 5.62 3.40
N GLY A 65 -6.39 6.37 2.41
CA GLY A 65 -5.49 7.10 1.52
C GLY A 65 -6.08 7.17 0.13
N LYS A 66 -5.86 8.29 -0.56
CA LYS A 66 -6.42 8.43 -1.89
C LYS A 66 -5.48 7.80 -2.93
N TRP A 67 -6.02 7.50 -4.10
CA TRP A 67 -5.29 6.85 -5.18
C TRP A 67 -4.14 7.73 -5.66
N ASN A 68 -2.98 7.13 -5.79
CA ASN A 68 -1.76 7.78 -6.18
C ASN A 68 -0.79 6.67 -6.52
N GLN A 69 0.37 7.00 -7.04
CA GLN A 69 1.35 5.99 -7.38
C GLN A 69 2.71 6.34 -6.76
N LYS A 70 2.68 6.81 -5.52
CA LYS A 70 3.89 7.16 -4.80
C LYS A 70 4.66 5.92 -4.40
N LEU A 71 5.71 5.64 -5.11
CA LEU A 71 6.56 4.53 -4.80
C LEU A 71 7.92 5.05 -4.45
N SER A 72 8.17 5.19 -3.18
CA SER A 72 9.44 5.69 -2.71
C SER A 72 10.40 4.52 -2.56
N TYR A 73 11.44 4.52 -3.34
CA TYR A 73 12.43 3.48 -3.23
C TYR A 73 13.54 3.97 -2.33
N VAL A 74 13.55 3.52 -1.12
CA VAL A 74 14.54 3.93 -0.17
C VAL A 74 15.35 2.74 0.31
N ASP A 75 16.47 2.49 -0.38
CA ASP A 75 17.40 1.41 -0.08
C ASP A 75 16.71 0.07 -0.02
N GLN A 76 16.30 -0.39 -1.19
CA GLN A 76 15.67 -1.71 -1.39
C GLN A 76 14.29 -1.86 -0.74
N VAL A 77 13.79 -0.80 -0.14
CA VAL A 77 12.48 -0.82 0.46
C VAL A 77 11.56 0.05 -0.38
N LEU A 78 10.45 -0.51 -0.77
CA LEU A 78 9.44 0.19 -1.54
C LEU A 78 8.41 0.75 -0.61
N GLN A 79 8.29 2.02 -0.60
CA GLN A 79 7.31 2.67 0.23
C GLN A 79 6.14 3.10 -0.62
N LEU A 80 5.01 2.50 -0.38
CA LEU A 80 3.78 2.91 -1.01
C LEU A 80 2.96 3.58 0.05
N VAL A 81 2.86 4.86 -0.05
CA VAL A 81 2.21 5.62 0.97
C VAL A 81 0.92 6.19 0.42
N TYR A 82 -0.17 5.79 0.99
CA TYR A 82 -1.45 6.34 0.65
C TYR A 82 -1.76 7.46 1.60
N GLU A 83 -1.57 8.66 1.13
CA GLU A 83 -1.86 9.81 1.93
C GLU A 83 -3.18 10.43 1.53
N ASP A 84 -3.54 11.48 2.25
CA ASP A 84 -4.81 12.20 2.11
C ASP A 84 -5.99 11.26 2.04
N GLY A 85 -6.18 10.55 3.12
CA GLY A 85 -7.31 9.69 3.22
C GLY A 85 -8.55 10.49 3.45
N ASP A 86 -8.72 10.95 4.65
CA ASP A 86 -9.87 11.70 5.06
C ASP A 86 -9.45 12.30 6.39
N PRO A 87 -10.05 13.42 6.84
CA PRO A 87 -9.72 14.01 8.15
C PRO A 87 -9.86 12.99 9.31
N CYS A 88 -9.02 13.12 10.29
CA CYS A 88 -8.96 12.18 11.39
C CYS A 88 -9.76 12.74 12.59
N PRO A 89 -10.54 11.88 13.29
CA PRO A 89 -11.40 12.29 14.40
C PRO A 89 -10.65 12.89 15.61
N ALA A 90 -9.41 12.47 15.80
CA ALA A 90 -8.62 12.92 16.93
C ALA A 90 -8.14 14.36 16.73
N ASN A 91 -7.67 14.63 15.55
CA ASN A 91 -7.20 15.90 15.15
C ASN A 91 -7.59 15.99 13.72
N LEU A 92 -8.52 16.84 13.45
CA LEU A 92 -9.11 17.02 12.11
C LEU A 92 -8.09 17.40 11.03
N HIS A 93 -6.92 17.82 11.44
CA HIS A 93 -5.89 18.18 10.50
C HIS A 93 -4.96 17.01 10.20
N LEU A 94 -5.19 15.89 10.87
CA LEU A 94 -4.49 14.68 10.56
C LEU A 94 -5.30 13.95 9.52
N LYS A 95 -4.70 13.13 8.74
CA LYS A 95 -5.40 12.42 7.71
C LYS A 95 -5.13 10.95 7.80
N TYR A 96 -6.09 10.17 7.37
CA TYR A 96 -5.92 8.73 7.23
C TYR A 96 -4.80 8.48 6.23
N LYS A 97 -3.77 7.82 6.68
CA LYS A 97 -2.61 7.55 5.87
C LYS A 97 -2.16 6.13 6.09
N SER A 98 -1.75 5.47 5.06
CA SER A 98 -1.27 4.12 5.18
C SER A 98 0.07 3.97 4.46
N VAL A 99 1.07 3.53 5.17
CA VAL A 99 2.36 3.30 4.57
C VAL A 99 2.63 1.79 4.48
N ILE A 100 2.70 1.32 3.26
CA ILE A 100 2.96 -0.07 2.99
C ILE A 100 4.40 -0.20 2.54
N SER A 101 5.20 -0.79 3.37
CA SER A 101 6.59 -1.00 3.08
C SER A 101 6.78 -2.36 2.44
N PHE A 102 7.13 -2.37 1.19
CA PHE A 102 7.39 -3.60 0.49
C PHE A 102 8.83 -4.00 0.72
N VAL A 103 8.99 -5.03 1.51
CA VAL A 103 10.28 -5.57 1.83
C VAL A 103 10.40 -6.95 1.20
N CYS A 104 11.59 -7.48 1.16
CA CYS A 104 11.85 -8.74 0.49
C CYS A 104 11.37 -9.95 1.31
N LYS A 105 11.01 -11.01 0.59
CA LYS A 105 10.63 -12.30 1.15
C LYS A 105 10.54 -13.22 -0.06
N SER A 106 11.38 -14.22 -0.13
CA SER A 106 11.48 -15.02 -1.34
C SER A 106 10.30 -16.00 -1.48
N ASP A 107 9.73 -16.43 -0.37
CA ASP A 107 8.61 -17.40 -0.37
C ASP A 107 7.26 -16.69 -0.36
N ALA A 108 7.28 -15.40 -0.60
CA ALA A 108 6.09 -14.56 -0.46
C ALA A 108 5.00 -14.87 -1.47
N GLY A 109 5.36 -14.88 -2.73
CA GLY A 109 4.37 -15.13 -3.76
C GLY A 109 3.82 -13.82 -4.29
N PRO A 110 2.90 -13.84 -5.27
CA PRO A 110 2.37 -12.63 -5.89
C PRO A 110 1.44 -11.83 -4.96
N THR A 111 0.76 -12.51 -4.05
CA THR A 111 -0.11 -11.85 -3.11
C THR A 111 0.68 -11.45 -1.87
N SER A 112 1.74 -12.21 -1.61
CA SER A 112 2.71 -11.93 -0.57
C SER A 112 2.10 -11.99 0.86
N GLN A 113 2.92 -11.66 1.85
CA GLN A 113 2.50 -11.68 3.23
C GLN A 113 2.55 -10.28 3.86
N PRO A 114 1.41 -9.79 4.37
CA PRO A 114 1.31 -8.49 5.01
C PRO A 114 1.51 -8.60 6.54
N LEU A 115 2.53 -7.97 7.03
CA LEU A 115 2.82 -7.94 8.44
C LEU A 115 2.26 -6.65 9.02
N LEU A 116 1.44 -6.77 10.02
CA LEU A 116 0.87 -5.62 10.67
C LEU A 116 1.87 -5.04 11.64
N LEU A 117 2.35 -3.85 11.34
CA LEU A 117 3.30 -3.21 12.21
C LEU A 117 2.59 -2.50 13.33
N SER A 118 1.59 -1.68 12.97
CA SER A 118 0.82 -0.94 13.96
C SER A 118 -0.32 -0.20 13.26
N VAL A 119 -1.45 -0.19 13.91
CA VAL A 119 -2.57 0.62 13.51
C VAL A 119 -2.68 1.73 14.53
N ASP A 120 -2.36 2.94 14.12
CA ASP A 120 -2.40 4.05 15.04
C ASP A 120 -3.63 4.85 14.79
N GLU A 121 -4.60 4.67 15.62
CA GLU A 121 -5.89 5.30 15.47
C GLU A 121 -5.91 6.73 15.99
N HIS A 122 -4.79 7.19 16.52
CA HIS A 122 -4.74 8.54 17.05
C HIS A 122 -4.27 9.50 15.96
N THR A 123 -3.32 9.05 15.18
CA THR A 123 -2.84 9.84 14.06
C THR A 123 -3.45 9.36 12.76
N CYS A 124 -4.27 8.30 12.86
CA CYS A 124 -4.96 7.70 11.73
C CYS A 124 -3.95 7.23 10.66
N THR A 125 -2.81 6.78 11.13
CA THR A 125 -1.75 6.34 10.27
C THR A 125 -1.54 4.83 10.45
N LEU A 126 -1.53 4.12 9.34
CA LEU A 126 -1.40 2.68 9.33
C LEU A 126 0.00 2.29 8.88
N PHE A 127 0.61 1.35 9.59
CA PHE A 127 1.95 0.88 9.26
C PHE A 127 1.88 -0.61 8.91
N PHE A 128 2.21 -0.94 7.68
CA PHE A 128 2.18 -2.32 7.21
C PHE A 128 3.47 -2.68 6.51
N SER A 129 3.97 -3.86 6.80
CA SER A 129 5.16 -4.36 6.19
C SER A 129 4.75 -5.47 5.24
N TRP A 130 4.85 -5.22 3.98
CA TRP A 130 4.42 -6.16 2.99
C TRP A 130 5.65 -6.90 2.51
N HIS A 131 5.76 -8.13 2.91
CA HIS A 131 6.89 -8.94 2.51
C HIS A 131 6.57 -9.58 1.20
N THR A 132 7.22 -9.13 0.16
CA THR A 132 6.96 -9.62 -1.15
C THR A 132 8.25 -10.01 -1.85
N SER A 133 8.15 -10.98 -2.73
CA SER A 133 9.26 -11.48 -3.46
C SER A 133 9.59 -10.55 -4.61
N LEU A 134 8.59 -9.84 -5.07
CA LEU A 134 8.73 -8.95 -6.20
C LEU A 134 9.55 -7.68 -5.79
N ALA A 135 9.84 -7.58 -4.50
CA ALA A 135 10.57 -6.44 -3.97
C ALA A 135 12.01 -6.83 -3.74
N CYS A 136 12.34 -8.05 -4.10
CA CYS A 136 13.67 -8.53 -3.91
C CYS A 136 14.52 -8.17 -5.11
N GLU A 137 15.70 -7.66 -4.84
CA GLU A 137 16.69 -7.37 -5.86
C GLU A 137 17.07 -8.68 -6.53
N GLN A 138 17.45 -8.61 -7.77
CA GLN A 138 17.79 -9.79 -8.51
C GLN A 138 19.24 -10.14 -8.21
N GLU A 139 19.46 -11.36 -7.81
CA GLU A 139 20.80 -11.85 -7.48
C GLU A 139 21.68 -11.85 -8.70
N VAL A 140 21.25 -12.55 -9.71
CA VAL A 140 21.96 -12.59 -10.93
C VAL A 140 21.05 -12.08 -12.04
N MET A 1 7.38 6.30 -22.93
CA MET A 1 7.95 6.73 -21.67
C MET A 1 8.00 5.59 -20.68
N VAL A 2 8.86 5.71 -19.69
CA VAL A 2 8.90 4.78 -18.59
C VAL A 2 8.42 5.55 -17.38
N GLN A 3 7.16 5.41 -17.12
CA GLN A 3 6.51 6.12 -16.06
C GLN A 3 6.60 5.30 -14.81
N ASP A 4 6.97 5.91 -13.71
CA ASP A 4 7.07 5.18 -12.46
C ASP A 4 5.69 5.09 -11.82
N ASN A 5 4.80 4.42 -12.52
CA ASN A 5 3.43 4.19 -12.10
C ASN A 5 3.30 2.71 -11.85
N CYS A 6 3.31 2.37 -10.56
CA CYS A 6 3.24 0.99 -10.04
C CYS A 6 4.60 0.30 -10.19
N GLN A 7 5.39 0.79 -11.07
CA GLN A 7 6.69 0.31 -11.28
C GLN A 7 7.64 1.43 -10.96
N VAL A 8 8.83 1.11 -10.59
CA VAL A 8 9.82 2.10 -10.33
C VAL A 8 11.16 1.60 -10.82
N THR A 9 11.89 2.46 -11.46
CA THR A 9 13.18 2.09 -11.94
C THR A 9 14.23 2.34 -10.87
N ASN A 10 15.01 1.30 -10.58
CA ASN A 10 16.11 1.38 -9.65
C ASN A 10 17.36 1.72 -10.47
N PRO A 11 17.84 2.95 -10.35
CA PRO A 11 18.95 3.47 -11.17
C PRO A 11 20.29 2.78 -10.91
N ALA A 12 20.44 2.13 -9.78
CA ALA A 12 21.68 1.48 -9.45
C ALA A 12 21.88 0.23 -10.28
N THR A 13 20.91 -0.64 -10.25
CA THR A 13 21.00 -1.89 -10.95
C THR A 13 20.33 -1.85 -12.33
N GLY A 14 19.57 -0.81 -12.57
CA GLY A 14 18.88 -0.65 -13.84
C GLY A 14 17.61 -1.49 -13.91
N TYR A 15 17.29 -2.15 -12.83
CA TYR A 15 16.14 -3.03 -12.80
C TYR A 15 14.87 -2.25 -12.50
N VAL A 16 13.84 -2.54 -13.24
CA VAL A 16 12.57 -1.91 -13.04
C VAL A 16 11.70 -2.82 -12.21
N PHE A 17 11.33 -2.37 -11.04
CA PHE A 17 10.49 -3.12 -10.15
C PHE A 17 9.06 -2.79 -10.45
N ASP A 18 8.35 -3.70 -11.06
CA ASP A 18 6.96 -3.47 -11.38
C ASP A 18 6.08 -4.29 -10.49
N LEU A 19 5.25 -3.60 -9.75
CA LEU A 19 4.30 -4.28 -8.90
C LEU A 19 3.12 -4.75 -9.78
N ASN A 20 3.16 -4.32 -11.05
CA ASN A 20 2.17 -4.65 -12.09
C ASN A 20 1.92 -6.14 -12.23
N SER A 21 2.95 -6.92 -11.97
CA SER A 21 2.87 -8.34 -12.13
C SER A 21 2.12 -8.98 -10.93
N LEU A 22 2.06 -8.27 -9.83
CA LEU A 22 1.48 -8.80 -8.62
C LEU A 22 0.23 -8.00 -8.19
N LYS A 23 -0.04 -6.92 -8.89
CA LYS A 23 -1.12 -6.04 -8.53
C LYS A 23 -2.48 -6.67 -8.76
N ARG A 24 -3.43 -6.22 -8.02
CA ARG A 24 -4.78 -6.66 -8.12
C ARG A 24 -5.65 -5.46 -8.43
N GLU A 25 -6.36 -5.54 -9.53
CA GLU A 25 -7.27 -4.47 -9.97
C GLU A 25 -8.48 -4.37 -9.03
N SER A 26 -8.81 -5.47 -8.39
CA SER A 26 -9.87 -5.52 -7.42
C SER A 26 -9.30 -5.17 -6.03
N GLY A 27 -7.98 -5.06 -5.97
CA GLY A 27 -7.30 -4.77 -4.75
C GLY A 27 -7.25 -5.97 -3.85
N TYR A 28 -6.95 -5.74 -2.62
CA TYR A 28 -6.95 -6.76 -1.62
C TYR A 28 -8.01 -6.40 -0.63
N THR A 29 -8.64 -7.37 -0.09
CA THR A 29 -9.68 -7.13 0.87
C THR A 29 -9.59 -8.20 1.94
N ILE A 30 -9.02 -7.86 3.04
CA ILE A 30 -8.84 -8.79 4.10
C ILE A 30 -9.52 -8.30 5.36
N SER A 31 -10.25 -9.18 5.97
CA SER A 31 -10.85 -8.93 7.24
C SER A 31 -9.77 -9.13 8.30
N ASP A 32 -9.39 -8.06 8.95
CA ASP A 32 -8.36 -8.14 9.96
C ASP A 32 -8.98 -8.36 11.31
N ILE A 33 -8.36 -9.24 12.06
CA ILE A 33 -8.82 -9.67 13.37
C ILE A 33 -8.98 -8.48 14.36
N ARG A 34 -8.15 -7.45 14.23
CA ARG A 34 -8.12 -6.37 15.21
C ARG A 34 -9.30 -5.44 15.10
N LYS A 35 -9.79 -5.22 13.90
CA LYS A 35 -10.84 -4.24 13.73
C LYS A 35 -11.88 -4.68 12.71
N GLY A 36 -11.47 -4.94 11.49
CA GLY A 36 -12.42 -5.29 10.47
C GLY A 36 -11.75 -5.44 9.15
N SER A 37 -12.53 -5.42 8.11
CA SER A 37 -12.05 -5.62 6.77
C SER A 37 -11.46 -4.32 6.20
N ILE A 38 -10.43 -4.47 5.41
CA ILE A 38 -9.78 -3.37 4.77
C ILE A 38 -9.69 -3.67 3.27
N ARG A 39 -10.03 -2.70 2.46
CA ARG A 39 -10.04 -2.87 1.05
C ARG A 39 -9.16 -1.83 0.40
N LEU A 40 -8.01 -2.24 -0.01
CA LEU A 40 -7.06 -1.36 -0.65
C LEU A 40 -6.54 -1.96 -1.93
N GLY A 41 -6.31 -1.13 -2.89
CA GLY A 41 -5.84 -1.60 -4.14
C GLY A 41 -4.42 -1.18 -4.38
N VAL A 42 -3.65 -2.06 -4.93
CA VAL A 42 -2.31 -1.72 -5.30
C VAL A 42 -2.29 -1.39 -6.76
N CYS A 43 -1.93 -0.14 -7.05
CA CYS A 43 -1.80 0.37 -8.42
C CYS A 43 -3.16 0.49 -9.10
N GLY A 44 -4.21 0.52 -8.29
CA GLY A 44 -5.54 0.63 -8.77
C GLY A 44 -6.41 1.26 -7.73
N GLU A 45 -7.60 1.64 -8.09
CA GLU A 45 -8.49 2.31 -7.18
C GLU A 45 -9.59 1.34 -6.77
N VAL A 46 -10.10 1.51 -5.58
CA VAL A 46 -11.22 0.74 -5.14
C VAL A 46 -12.48 1.57 -5.40
N LYS A 47 -13.05 1.36 -6.59
CA LYS A 47 -14.17 2.17 -7.09
C LYS A 47 -15.43 2.01 -6.24
N ASP A 48 -15.43 1.02 -5.40
CA ASP A 48 -16.54 0.74 -4.48
C ASP A 48 -16.53 1.74 -3.32
N CYS A 49 -15.44 2.46 -3.19
CA CYS A 49 -15.32 3.45 -2.16
C CYS A 49 -15.15 4.83 -2.82
N GLY A 50 -15.39 4.86 -4.11
CA GLY A 50 -15.28 6.08 -4.85
C GLY A 50 -14.15 6.05 -5.86
N PRO A 51 -14.14 6.98 -6.82
CA PRO A 51 -13.10 7.03 -7.83
C PRO A 51 -11.84 7.69 -7.30
N GLY A 52 -10.73 7.10 -7.61
CA GLY A 52 -9.47 7.60 -7.19
C GLY A 52 -9.20 7.35 -5.73
N ILE A 53 -9.89 6.41 -5.16
CA ILE A 53 -9.66 6.04 -3.79
C ILE A 53 -8.87 4.75 -3.81
N GLY A 54 -7.68 4.77 -3.29
CA GLY A 54 -6.83 3.61 -3.37
C GLY A 54 -6.96 2.71 -2.18
N ALA A 55 -7.34 3.27 -1.07
CA ALA A 55 -7.48 2.52 0.15
C ALA A 55 -8.74 2.94 0.87
N CYS A 56 -9.50 1.98 1.30
CA CYS A 56 -10.71 2.23 2.03
C CYS A 56 -10.81 1.20 3.14
N PHE A 57 -11.38 1.56 4.24
CA PHE A 57 -11.46 0.66 5.36
C PHE A 57 -12.90 0.42 5.69
N GLU A 58 -13.25 -0.82 5.96
CA GLU A 58 -14.59 -1.13 6.33
C GLU A 58 -14.75 -0.95 7.83
N GLY A 59 -14.95 0.27 8.18
CA GLY A 59 -15.18 0.66 9.52
C GLY A 59 -15.87 1.97 9.52
N THR A 60 -17.20 1.92 9.39
CA THR A 60 -18.05 3.10 9.30
C THR A 60 -17.81 3.80 7.92
N GLY A 61 -17.20 3.06 7.00
CA GLY A 61 -16.89 3.56 5.69
C GLY A 61 -15.92 4.72 5.71
N ILE A 62 -14.69 4.46 6.11
CA ILE A 62 -13.68 5.50 6.12
C ILE A 62 -12.66 5.26 5.00
N LYS A 63 -12.26 6.29 4.33
CA LYS A 63 -11.30 6.17 3.27
C LYS A 63 -9.92 6.30 3.89
N ALA A 64 -9.01 5.48 3.43
CA ALA A 64 -7.70 5.40 4.05
C ALA A 64 -6.61 5.87 3.10
N GLY A 65 -7.01 6.61 2.09
CA GLY A 65 -6.03 7.14 1.18
C GLY A 65 -6.51 7.28 -0.23
N LYS A 66 -6.18 8.40 -0.82
CA LYS A 66 -6.52 8.70 -2.18
C LYS A 66 -5.43 8.10 -3.07
N TRP A 67 -5.83 7.60 -4.21
CA TRP A 67 -4.94 6.91 -5.11
C TRP A 67 -3.94 7.87 -5.73
N ASN A 68 -2.72 7.45 -5.73
CA ASN A 68 -1.60 8.17 -6.22
C ASN A 68 -0.58 7.09 -6.47
N GLN A 69 0.44 7.36 -7.21
CA GLN A 69 1.43 6.35 -7.49
C GLN A 69 2.81 6.77 -7.09
N LYS A 70 3.05 6.70 -5.82
CA LYS A 70 4.35 6.94 -5.28
C LYS A 70 4.98 5.67 -4.82
N LEU A 71 5.73 5.09 -5.72
CA LEU A 71 6.49 3.92 -5.44
C LEU A 71 7.89 4.38 -5.22
N SER A 72 8.20 4.55 -4.00
CA SER A 72 9.46 5.07 -3.60
C SER A 72 10.37 3.89 -3.25
N TYR A 73 11.61 3.94 -3.65
CA TYR A 73 12.50 2.88 -3.31
C TYR A 73 13.50 3.42 -2.33
N VAL A 74 13.28 3.13 -1.08
CA VAL A 74 14.11 3.66 -0.02
C VAL A 74 15.06 2.60 0.47
N ASP A 75 16.22 2.55 -0.17
CA ASP A 75 17.30 1.61 0.15
C ASP A 75 16.79 0.19 0.25
N GLN A 76 16.46 -0.36 -0.90
CA GLN A 76 15.92 -1.71 -1.06
C GLN A 76 14.61 -1.95 -0.28
N VAL A 77 13.88 -0.90 -0.01
CA VAL A 77 12.57 -1.02 0.61
C VAL A 77 11.59 -0.25 -0.25
N LEU A 78 10.60 -0.92 -0.76
CA LEU A 78 9.62 -0.29 -1.60
C LEU A 78 8.59 0.39 -0.67
N GLN A 79 8.20 1.61 -0.99
CA GLN A 79 7.23 2.34 -0.20
C GLN A 79 6.08 2.78 -1.08
N LEU A 80 4.87 2.61 -0.59
CA LEU A 80 3.67 3.10 -1.23
C LEU A 80 2.80 3.73 -0.15
N VAL A 81 2.49 4.99 -0.30
CA VAL A 81 1.77 5.71 0.73
C VAL A 81 0.43 6.22 0.20
N TYR A 82 -0.62 5.94 0.92
CA TYR A 82 -1.94 6.44 0.63
C TYR A 82 -2.31 7.50 1.64
N GLU A 83 -2.40 8.72 1.20
CA GLU A 83 -2.73 9.84 2.05
C GLU A 83 -4.02 10.48 1.60
N ASP A 84 -4.46 11.48 2.35
CA ASP A 84 -5.66 12.31 2.03
C ASP A 84 -6.95 11.46 2.08
N GLY A 85 -7.04 10.63 3.10
CA GLY A 85 -8.24 9.85 3.33
C GLY A 85 -9.23 10.61 4.18
N ASP A 86 -9.89 9.93 5.09
CA ASP A 86 -10.81 10.58 6.03
C ASP A 86 -10.04 11.32 7.11
N PRO A 87 -10.64 12.35 7.73
CA PRO A 87 -9.99 13.09 8.81
C PRO A 87 -9.86 12.22 10.05
N CYS A 88 -8.85 12.44 10.81
CA CYS A 88 -8.65 11.67 12.00
C CYS A 88 -9.17 12.48 13.18
N PRO A 89 -10.07 11.87 13.99
CA PRO A 89 -10.73 12.57 15.11
C PRO A 89 -9.78 13.03 16.23
N ALA A 90 -8.52 12.62 16.14
CA ALA A 90 -7.55 12.99 17.12
C ALA A 90 -7.11 14.42 16.95
N ASN A 91 -6.51 14.75 15.80
CA ASN A 91 -5.98 16.09 15.58
C ASN A 91 -6.66 16.81 14.42
N LEU A 92 -7.55 16.11 13.71
CA LEU A 92 -8.29 16.66 12.54
C LEU A 92 -7.41 16.93 11.31
N HIS A 93 -6.25 17.55 11.52
CA HIS A 93 -5.26 17.79 10.45
C HIS A 93 -4.62 16.46 10.03
N LEU A 94 -4.70 15.51 10.92
CA LEU A 94 -4.22 14.19 10.65
C LEU A 94 -5.32 13.46 9.92
N LYS A 95 -4.96 12.66 8.99
CA LYS A 95 -5.90 11.95 8.16
C LYS A 95 -5.55 10.48 8.18
N TYR A 96 -6.48 9.64 7.79
CA TYR A 96 -6.23 8.23 7.64
C TYR A 96 -5.28 8.03 6.48
N LYS A 97 -4.12 7.57 6.82
CA LYS A 97 -3.04 7.38 5.89
C LYS A 97 -2.53 5.97 6.01
N SER A 98 -2.25 5.36 4.92
CA SER A 98 -1.80 4.01 4.92
C SER A 98 -0.42 3.95 4.27
N VAL A 99 0.55 3.49 5.03
CA VAL A 99 1.89 3.37 4.51
C VAL A 99 2.27 1.90 4.39
N ILE A 100 2.37 1.45 3.17
CA ILE A 100 2.69 0.08 2.93
C ILE A 100 4.18 -0.03 2.73
N SER A 101 4.82 -0.59 3.70
CA SER A 101 6.21 -0.85 3.63
C SER A 101 6.44 -2.23 3.04
N PHE A 102 7.00 -2.27 1.88
CA PHE A 102 7.26 -3.51 1.20
C PHE A 102 8.61 -4.02 1.61
N VAL A 103 8.62 -5.02 2.42
CA VAL A 103 9.85 -5.64 2.88
C VAL A 103 10.00 -6.95 2.15
N CYS A 104 11.17 -7.45 2.03
CA CYS A 104 11.35 -8.59 1.21
C CYS A 104 11.31 -9.89 1.97
N LYS A 105 10.66 -10.84 1.36
CA LYS A 105 10.58 -12.19 1.83
C LYS A 105 10.75 -13.06 0.60
N SER A 106 11.95 -13.53 0.40
CA SER A 106 12.33 -14.23 -0.81
C SER A 106 11.49 -15.49 -1.15
N ASP A 107 10.94 -16.17 -0.14
CA ASP A 107 10.17 -17.39 -0.45
C ASP A 107 8.68 -17.15 -0.42
N ALA A 108 8.29 -15.89 -0.27
CA ALA A 108 6.88 -15.53 -0.19
C ALA A 108 6.17 -15.84 -1.49
N GLY A 109 6.65 -15.24 -2.57
CA GLY A 109 6.09 -15.43 -3.90
C GLY A 109 4.59 -15.20 -3.92
N PRO A 110 3.80 -16.24 -4.19
CA PRO A 110 2.34 -16.16 -4.26
C PRO A 110 1.71 -15.84 -2.90
N THR A 111 2.42 -16.09 -1.83
CA THR A 111 1.92 -15.85 -0.51
C THR A 111 2.76 -14.78 0.19
N SER A 112 2.56 -13.55 -0.23
CA SER A 112 3.20 -12.43 0.37
C SER A 112 2.36 -11.97 1.56
N GLN A 113 2.91 -12.05 2.75
CA GLN A 113 2.17 -11.78 3.97
C GLN A 113 2.30 -10.34 4.45
N PRO A 114 1.15 -9.66 4.63
CA PRO A 114 1.10 -8.32 5.17
C PRO A 114 1.09 -8.37 6.70
N LEU A 115 2.14 -7.88 7.28
CA LEU A 115 2.25 -7.87 8.71
C LEU A 115 1.82 -6.50 9.19
N LEU A 116 0.77 -6.47 9.96
CA LEU A 116 0.29 -5.24 10.52
C LEU A 116 1.08 -4.92 11.77
N LEU A 117 1.87 -3.87 11.69
CA LEU A 117 2.73 -3.48 12.78
C LEU A 117 1.89 -2.93 13.90
N SER A 118 1.10 -1.93 13.58
CA SER A 118 0.26 -1.29 14.52
C SER A 118 -0.66 -0.35 13.75
N VAL A 119 -1.80 -0.09 14.31
CA VAL A 119 -2.72 0.86 13.78
C VAL A 119 -2.61 2.05 14.69
N ASP A 120 -2.08 3.14 14.22
CA ASP A 120 -1.90 4.26 15.11
C ASP A 120 -3.12 5.11 15.12
N GLU A 121 -3.84 5.06 16.19
CA GLU A 121 -5.07 5.78 16.32
C GLU A 121 -4.92 7.27 16.70
N HIS A 122 -3.69 7.77 16.81
CA HIS A 122 -3.47 9.20 17.07
C HIS A 122 -3.36 9.87 15.74
N THR A 123 -2.51 9.31 14.96
CA THR A 123 -2.10 9.87 13.75
C THR A 123 -2.88 9.25 12.59
N CYS A 124 -3.66 8.22 12.90
CA CYS A 124 -4.51 7.49 11.95
C CYS A 124 -3.71 6.96 10.77
N THR A 125 -2.49 6.59 11.05
CA THR A 125 -1.61 6.07 10.08
C THR A 125 -1.49 4.55 10.25
N LEU A 126 -1.72 3.84 9.18
CA LEU A 126 -1.68 2.40 9.17
C LEU A 126 -0.29 1.94 8.77
N PHE A 127 0.35 1.18 9.64
CA PHE A 127 1.69 0.67 9.36
C PHE A 127 1.62 -0.79 8.96
N PHE A 128 1.78 -1.05 7.68
CA PHE A 128 1.74 -2.40 7.16
C PHE A 128 3.07 -2.75 6.51
N SER A 129 3.62 -3.85 6.89
CA SER A 129 4.80 -4.36 6.26
C SER A 129 4.44 -5.60 5.44
N TRP A 130 4.43 -5.44 4.16
CA TRP A 130 4.06 -6.51 3.28
C TRP A 130 5.31 -7.25 2.87
N HIS A 131 5.45 -8.45 3.37
CA HIS A 131 6.60 -9.30 3.11
C HIS A 131 6.41 -9.96 1.77
N THR A 132 7.00 -9.39 0.77
CA THR A 132 6.87 -9.89 -0.56
C THR A 132 8.26 -10.08 -1.17
N SER A 133 8.37 -10.99 -2.11
CA SER A 133 9.64 -11.31 -2.75
C SER A 133 10.08 -10.19 -3.70
N LEU A 134 9.10 -9.45 -4.19
CA LEU A 134 9.32 -8.40 -5.20
C LEU A 134 10.12 -7.22 -4.60
N ALA A 135 10.22 -7.19 -3.30
CA ALA A 135 10.80 -6.06 -2.59
C ALA A 135 12.32 -6.16 -2.40
N CYS A 136 12.94 -7.24 -2.81
CA CYS A 136 14.41 -7.37 -2.70
C CYS A 136 15.07 -6.60 -3.81
N GLU A 137 16.38 -6.45 -3.74
CA GLU A 137 17.14 -5.93 -4.86
C GLU A 137 17.26 -7.12 -5.81
N GLN A 138 16.23 -7.29 -6.58
CA GLN A 138 16.05 -8.43 -7.39
C GLN A 138 16.78 -8.31 -8.69
N GLU A 139 17.67 -9.27 -8.92
CA GLU A 139 18.43 -9.39 -10.15
C GLU A 139 17.47 -9.36 -11.34
N VAL A 140 16.63 -10.36 -11.41
CA VAL A 140 15.57 -10.50 -12.39
C VAL A 140 14.47 -11.25 -11.70
N MET A 1 2.24 4.87 -19.61
CA MET A 1 2.67 3.55 -20.09
C MET A 1 4.19 3.44 -20.16
N VAL A 2 4.90 4.51 -20.57
CA VAL A 2 6.36 4.45 -20.73
C VAL A 2 7.03 4.28 -19.37
N GLN A 3 6.81 5.23 -18.49
CA GLN A 3 7.27 5.17 -17.13
C GLN A 3 6.04 5.41 -16.33
N ASP A 4 5.32 4.35 -16.14
CA ASP A 4 3.98 4.39 -15.59
C ASP A 4 4.04 4.30 -14.06
N ASN A 5 2.91 4.15 -13.41
CA ASN A 5 2.90 4.09 -11.96
C ASN A 5 3.03 2.64 -11.53
N CYS A 6 3.26 2.42 -10.25
CA CYS A 6 3.37 1.08 -9.66
C CYS A 6 4.65 0.37 -10.12
N GLN A 7 5.50 1.10 -10.79
CA GLN A 7 6.73 0.58 -11.29
C GLN A 7 7.81 1.61 -11.10
N VAL A 8 8.97 1.17 -10.69
CA VAL A 8 10.09 2.05 -10.53
C VAL A 8 11.36 1.37 -11.02
N THR A 9 12.12 2.05 -11.81
CA THR A 9 13.33 1.50 -12.36
C THR A 9 14.49 1.86 -11.46
N ASN A 10 15.10 0.88 -10.84
CA ASN A 10 16.21 1.15 -9.96
C ASN A 10 17.46 1.35 -10.81
N PRO A 11 18.22 2.40 -10.54
CA PRO A 11 19.41 2.73 -11.34
C PRO A 11 20.53 1.70 -11.19
N ALA A 12 20.62 1.10 -10.01
CA ALA A 12 21.68 0.14 -9.68
C ALA A 12 21.76 -1.03 -10.66
N THR A 13 20.72 -1.83 -10.71
CA THR A 13 20.73 -3.00 -11.57
C THR A 13 20.02 -2.72 -12.89
N GLY A 14 19.18 -1.71 -12.91
CA GLY A 14 18.47 -1.36 -14.10
C GLY A 14 17.14 -2.08 -14.20
N TYR A 15 16.82 -2.87 -13.18
CA TYR A 15 15.58 -3.60 -13.18
C TYR A 15 14.40 -2.72 -12.83
N VAL A 16 13.41 -2.80 -13.67
CA VAL A 16 12.20 -2.08 -13.51
C VAL A 16 11.29 -2.91 -12.61
N PHE A 17 11.10 -2.46 -11.40
CA PHE A 17 10.25 -3.18 -10.48
C PHE A 17 8.83 -2.75 -10.70
N ASP A 18 8.07 -3.55 -11.40
CA ASP A 18 6.67 -3.27 -11.53
C ASP A 18 5.92 -4.13 -10.57
N LEU A 19 5.21 -3.49 -9.70
CA LEU A 19 4.48 -4.15 -8.65
C LEU A 19 3.13 -4.62 -9.20
N ASN A 20 2.96 -4.41 -10.49
CA ASN A 20 1.78 -4.78 -11.23
C ASN A 20 1.54 -6.29 -11.12
N SER A 21 2.62 -7.04 -10.95
CA SER A 21 2.55 -8.48 -10.81
C SER A 21 1.96 -8.90 -9.44
N LEU A 22 1.99 -7.98 -8.47
CA LEU A 22 1.55 -8.27 -7.11
C LEU A 22 0.13 -7.69 -6.93
N LYS A 23 -0.30 -6.88 -7.87
CA LYS A 23 -1.58 -6.21 -7.78
C LYS A 23 -2.74 -7.15 -7.92
N ARG A 24 -3.81 -6.77 -7.33
CA ARG A 24 -5.05 -7.45 -7.46
C ARG A 24 -6.02 -6.37 -7.86
N GLU A 25 -6.61 -6.53 -9.01
CA GLU A 25 -7.53 -5.52 -9.58
C GLU A 25 -8.66 -5.17 -8.60
N SER A 26 -9.25 -6.17 -8.01
CA SER A 26 -10.36 -5.98 -7.09
C SER A 26 -9.85 -5.59 -5.68
N GLY A 27 -8.53 -5.55 -5.52
CA GLY A 27 -7.93 -5.22 -4.27
C GLY A 27 -7.97 -6.38 -3.29
N TYR A 28 -7.40 -6.17 -2.13
CA TYR A 28 -7.42 -7.15 -1.10
C TYR A 28 -8.31 -6.65 0.02
N THR A 29 -9.39 -7.33 0.23
CA THR A 29 -10.29 -7.01 1.29
C THR A 29 -10.10 -8.02 2.41
N ILE A 30 -9.41 -7.61 3.43
CA ILE A 30 -9.14 -8.48 4.54
C ILE A 30 -9.66 -7.90 5.83
N SER A 31 -10.25 -8.72 6.64
CA SER A 31 -10.67 -8.30 7.93
C SER A 31 -9.58 -8.65 8.92
N ASP A 32 -8.91 -7.64 9.42
CA ASP A 32 -7.95 -7.84 10.45
C ASP A 32 -8.70 -8.09 11.72
N ILE A 33 -8.34 -9.14 12.39
CA ILE A 33 -9.07 -9.61 13.56
C ILE A 33 -9.10 -8.57 14.71
N ARG A 34 -8.18 -7.64 14.71
CA ARG A 34 -8.11 -6.65 15.77
C ARG A 34 -8.76 -5.33 15.34
N LYS A 35 -8.67 -5.02 14.05
CA LYS A 35 -9.19 -3.77 13.53
C LYS A 35 -10.52 -3.88 12.79
N GLY A 36 -10.55 -4.60 11.72
CA GLY A 36 -11.74 -4.71 10.92
C GLY A 36 -11.40 -4.97 9.48
N SER A 37 -12.37 -4.85 8.62
CA SER A 37 -12.21 -5.13 7.23
C SER A 37 -11.69 -3.90 6.49
N ILE A 38 -10.62 -4.08 5.78
CA ILE A 38 -10.02 -3.02 5.02
C ILE A 38 -9.74 -3.55 3.61
N ARG A 39 -9.97 -2.73 2.62
CA ARG A 39 -9.79 -3.10 1.25
C ARG A 39 -8.73 -2.23 0.62
N LEU A 40 -7.66 -2.82 0.19
CA LEU A 40 -6.59 -2.07 -0.41
C LEU A 40 -6.40 -2.51 -1.84
N GLY A 41 -6.53 -1.59 -2.74
CA GLY A 41 -6.26 -1.86 -4.10
C GLY A 41 -4.87 -1.39 -4.41
N VAL A 42 -3.94 -2.32 -4.50
CA VAL A 42 -2.56 -1.98 -4.80
C VAL A 42 -2.49 -1.36 -6.18
N CYS A 43 -2.09 -0.08 -6.22
CA CYS A 43 -1.89 0.69 -7.45
C CYS A 43 -3.18 0.79 -8.28
N GLY A 44 -4.30 0.66 -7.63
CA GLY A 44 -5.55 0.73 -8.30
C GLY A 44 -6.56 1.41 -7.45
N GLU A 45 -7.72 1.66 -7.99
CA GLU A 45 -8.74 2.32 -7.23
C GLU A 45 -9.87 1.36 -6.89
N VAL A 46 -10.34 1.47 -5.69
CA VAL A 46 -11.45 0.69 -5.24
C VAL A 46 -12.73 1.50 -5.42
N LYS A 47 -13.36 1.28 -6.56
CA LYS A 47 -14.54 2.03 -7.01
C LYS A 47 -15.67 2.01 -5.98
N ASP A 48 -15.74 0.95 -5.23
CA ASP A 48 -16.76 0.74 -4.21
C ASP A 48 -16.58 1.69 -3.04
N CYS A 49 -15.41 2.26 -2.92
CA CYS A 49 -15.11 3.16 -1.81
C CYS A 49 -14.88 4.56 -2.34
N GLY A 50 -15.27 4.78 -3.58
CA GLY A 50 -15.08 6.06 -4.17
C GLY A 50 -14.03 6.01 -5.26
N PRO A 51 -14.34 6.52 -6.44
CA PRO A 51 -13.41 6.55 -7.56
C PRO A 51 -12.16 7.35 -7.23
N GLY A 52 -11.04 6.74 -7.44
CA GLY A 52 -9.79 7.37 -7.15
C GLY A 52 -9.27 7.06 -5.75
N ILE A 53 -10.01 6.28 -4.99
CA ILE A 53 -9.56 5.88 -3.65
C ILE A 53 -8.84 4.55 -3.78
N GLY A 54 -7.70 4.40 -3.14
CA GLY A 54 -6.93 3.17 -3.29
C GLY A 54 -7.03 2.29 -2.08
N ALA A 55 -7.04 2.89 -0.92
CA ALA A 55 -7.16 2.14 0.30
C ALA A 55 -8.38 2.60 1.04
N CYS A 56 -9.25 1.70 1.34
CA CYS A 56 -10.45 2.07 2.03
C CYS A 56 -10.77 1.07 3.10
N PHE A 57 -11.46 1.52 4.09
CA PHE A 57 -11.90 0.66 5.14
C PHE A 57 -13.31 0.24 4.79
N GLU A 58 -13.62 -1.01 4.99
CA GLU A 58 -14.90 -1.51 4.60
C GLU A 58 -15.91 -1.32 5.73
N GLY A 59 -16.53 -0.18 5.69
CA GLY A 59 -17.50 0.21 6.66
C GLY A 59 -18.03 1.57 6.28
N THR A 60 -19.02 1.58 5.40
CA THR A 60 -19.68 2.80 4.91
C THR A 60 -18.83 3.56 3.85
N GLY A 61 -17.53 3.58 4.03
CA GLY A 61 -16.66 4.20 3.07
C GLY A 61 -15.66 5.12 3.70
N ILE A 62 -15.00 4.65 4.75
CA ILE A 62 -13.96 5.40 5.40
C ILE A 62 -12.69 5.26 4.54
N LYS A 63 -12.00 6.35 4.29
CA LYS A 63 -10.88 6.33 3.38
C LYS A 63 -9.61 6.16 4.15
N ALA A 64 -8.70 5.38 3.62
CA ALA A 64 -7.43 5.13 4.25
C ALA A 64 -6.30 5.56 3.31
N GLY A 65 -6.67 6.28 2.26
CA GLY A 65 -5.72 6.78 1.32
C GLY A 65 -6.23 6.73 -0.10
N LYS A 66 -6.02 7.79 -0.83
CA LYS A 66 -6.44 7.87 -2.20
C LYS A 66 -5.40 7.21 -3.09
N TRP A 67 -5.83 6.73 -4.24
CA TRP A 67 -4.94 6.11 -5.18
C TRP A 67 -4.06 7.18 -5.78
N ASN A 68 -2.80 6.89 -5.89
CA ASN A 68 -1.83 7.84 -6.33
C ASN A 68 -0.65 7.10 -6.89
N GLN A 69 0.28 7.81 -7.45
CA GLN A 69 1.40 7.22 -8.17
C GLN A 69 2.66 7.19 -7.30
N LYS A 70 2.49 7.47 -6.02
CA LYS A 70 3.63 7.71 -5.17
C LYS A 70 4.27 6.46 -4.59
N LEU A 71 5.34 6.09 -5.20
CA LEU A 71 6.20 5.04 -4.75
C LEU A 71 7.53 5.66 -4.42
N SER A 72 7.93 5.54 -3.21
CA SER A 72 9.19 6.07 -2.80
C SER A 72 10.15 4.93 -2.57
N TYR A 73 11.25 4.96 -3.26
CA TYR A 73 12.22 3.94 -3.10
C TYR A 73 13.25 4.41 -2.11
N VAL A 74 13.10 3.92 -0.93
CA VAL A 74 14.00 4.20 0.14
C VAL A 74 15.01 3.06 0.11
N ASP A 75 16.10 3.20 0.84
CA ASP A 75 17.21 2.21 0.95
C ASP A 75 16.72 0.76 0.89
N GLN A 76 16.69 0.25 -0.35
CA GLN A 76 16.25 -1.09 -0.75
C GLN A 76 14.83 -1.46 -0.33
N VAL A 77 14.02 -0.48 0.00
CA VAL A 77 12.66 -0.76 0.44
C VAL A 77 11.65 0.09 -0.36
N LEU A 78 10.58 -0.54 -0.80
CA LEU A 78 9.53 0.13 -1.57
C LEU A 78 8.48 0.68 -0.65
N GLN A 79 8.38 1.96 -0.60
CA GLN A 79 7.40 2.59 0.23
C GLN A 79 6.24 3.07 -0.62
N LEU A 80 5.08 2.49 -0.42
CA LEU A 80 3.87 2.94 -1.10
C LEU A 80 3.00 3.60 -0.08
N VAL A 81 2.64 4.82 -0.33
CA VAL A 81 1.87 5.55 0.62
C VAL A 81 0.53 5.99 0.02
N TYR A 82 -0.50 5.77 0.77
CA TYR A 82 -1.80 6.23 0.44
C TYR A 82 -2.14 7.38 1.35
N GLU A 83 -2.13 8.56 0.79
CA GLU A 83 -2.39 9.76 1.53
C GLU A 83 -3.82 10.21 1.27
N ASP A 84 -4.29 11.16 2.07
CA ASP A 84 -5.65 11.70 2.00
C ASP A 84 -6.70 10.66 2.31
N GLY A 85 -6.86 10.39 3.57
CA GLY A 85 -7.86 9.48 4.01
C GLY A 85 -8.99 10.24 4.65
N ASP A 86 -9.65 9.64 5.58
CA ASP A 86 -10.72 10.30 6.29
C ASP A 86 -10.14 10.90 7.57
N PRO A 87 -10.60 12.09 8.02
CA PRO A 87 -10.06 12.76 9.21
C PRO A 87 -10.38 12.04 10.51
N CYS A 88 -9.49 12.12 11.44
CA CYS A 88 -9.67 11.51 12.73
C CYS A 88 -9.93 12.59 13.78
N PRO A 89 -10.83 12.31 14.75
CA PRO A 89 -11.21 13.28 15.80
C PRO A 89 -10.11 13.52 16.85
N ALA A 90 -8.92 13.08 16.55
CA ALA A 90 -7.80 13.26 17.44
C ALA A 90 -7.20 14.63 17.25
N ASN A 91 -7.16 15.08 15.99
CA ASN A 91 -6.59 16.39 15.67
C ASN A 91 -7.25 17.01 14.40
N LEU A 92 -8.11 16.24 13.71
CA LEU A 92 -8.79 16.66 12.46
C LEU A 92 -7.84 16.74 11.27
N HIS A 93 -6.66 17.29 11.47
CA HIS A 93 -5.64 17.41 10.41
C HIS A 93 -4.95 16.07 10.19
N LEU A 94 -5.27 15.13 11.03
CA LEU A 94 -4.75 13.80 10.93
C LEU A 94 -5.79 12.96 10.26
N LYS A 95 -5.39 12.22 9.26
CA LYS A 95 -6.30 11.40 8.50
C LYS A 95 -5.76 10.01 8.42
N TYR A 96 -6.63 9.06 8.09
CA TYR A 96 -6.23 7.68 7.89
C TYR A 96 -5.31 7.61 6.70
N LYS A 97 -4.08 7.25 6.97
CA LYS A 97 -3.06 7.19 5.95
C LYS A 97 -2.39 5.85 6.06
N SER A 98 -2.13 5.23 4.97
CA SER A 98 -1.58 3.92 4.99
C SER A 98 -0.26 3.92 4.25
N VAL A 99 0.76 3.38 4.87
CA VAL A 99 2.03 3.26 4.24
C VAL A 99 2.47 1.81 4.29
N ILE A 100 2.61 1.24 3.12
CA ILE A 100 2.97 -0.13 3.02
C ILE A 100 4.43 -0.20 2.64
N SER A 101 5.20 -0.71 3.55
CA SER A 101 6.61 -0.90 3.33
C SER A 101 6.85 -2.28 2.73
N PHE A 102 7.21 -2.31 1.48
CA PHE A 102 7.47 -3.55 0.80
C PHE A 102 8.91 -3.96 1.03
N VAL A 103 9.08 -4.91 1.91
CA VAL A 103 10.36 -5.42 2.27
C VAL A 103 10.61 -6.73 1.51
N CYS A 104 11.84 -7.17 1.52
CA CYS A 104 12.24 -8.32 0.76
C CYS A 104 11.98 -9.62 1.51
N LYS A 105 11.35 -10.54 0.83
CA LYS A 105 11.15 -11.88 1.31
C LYS A 105 11.04 -12.77 0.08
N SER A 106 12.10 -13.44 -0.25
CA SER A 106 12.14 -14.27 -1.45
C SER A 106 11.27 -15.55 -1.29
N ASP A 107 10.87 -15.84 -0.06
CA ASP A 107 10.07 -17.04 0.25
C ASP A 107 8.59 -16.69 0.17
N ALA A 108 8.30 -15.46 -0.18
CA ALA A 108 6.95 -14.94 -0.17
C ALA A 108 6.10 -15.45 -1.33
N GLY A 109 6.46 -15.08 -2.53
CA GLY A 109 5.71 -15.52 -3.68
C GLY A 109 4.88 -14.42 -4.31
N PRO A 110 3.93 -14.79 -5.21
CA PRO A 110 3.13 -13.85 -6.02
C PRO A 110 2.13 -12.99 -5.22
N THR A 111 1.77 -13.40 -4.03
CA THR A 111 0.88 -12.57 -3.25
C THR A 111 1.63 -12.02 -2.05
N SER A 112 2.71 -12.72 -1.68
CA SER A 112 3.61 -12.31 -0.62
C SER A 112 2.93 -12.30 0.77
N GLN A 113 3.65 -11.83 1.78
CA GLN A 113 3.14 -11.84 3.14
C GLN A 113 2.83 -10.43 3.60
N PRO A 114 1.59 -10.15 3.96
CA PRO A 114 1.22 -8.87 4.55
C PRO A 114 1.32 -8.94 6.07
N LEU A 115 2.06 -8.03 6.67
CA LEU A 115 2.18 -8.02 8.10
C LEU A 115 1.87 -6.65 8.67
N LEU A 116 0.97 -6.60 9.61
CA LEU A 116 0.64 -5.38 10.29
C LEU A 116 1.71 -5.10 11.34
N LEU A 117 2.38 -4.00 11.18
CA LEU A 117 3.40 -3.58 12.11
C LEU A 117 2.76 -2.91 13.29
N SER A 118 1.98 -1.89 13.02
CA SER A 118 1.32 -1.13 14.06
C SER A 118 0.30 -0.20 13.45
N VAL A 119 -0.74 0.08 14.18
CA VAL A 119 -1.73 1.02 13.79
C VAL A 119 -1.68 2.15 14.78
N ASP A 120 -1.30 3.32 14.33
CA ASP A 120 -1.24 4.43 15.24
C ASP A 120 -2.56 5.10 15.22
N GLU A 121 -3.28 4.96 16.29
CA GLU A 121 -4.65 5.44 16.35
C GLU A 121 -4.72 6.94 16.64
N HIS A 122 -3.57 7.55 16.86
CA HIS A 122 -3.52 8.95 17.13
C HIS A 122 -3.44 9.73 15.83
N THR A 123 -2.51 9.37 14.99
CA THR A 123 -2.32 10.02 13.71
C THR A 123 -3.01 9.27 12.59
N CYS A 124 -3.50 8.07 12.92
CA CYS A 124 -4.23 7.20 11.99
C CYS A 124 -3.36 6.72 10.85
N THR A 125 -2.08 6.66 11.11
CA THR A 125 -1.15 6.18 10.15
C THR A 125 -0.98 4.65 10.34
N LEU A 126 -1.22 3.92 9.29
CA LEU A 126 -1.17 2.48 9.28
C LEU A 126 0.19 2.04 8.78
N PHE A 127 0.90 1.25 9.58
CA PHE A 127 2.20 0.74 9.19
C PHE A 127 2.10 -0.73 8.86
N PHE A 128 2.36 -1.07 7.63
CA PHE A 128 2.33 -2.45 7.17
C PHE A 128 3.62 -2.81 6.49
N SER A 129 4.10 -4.00 6.73
CA SER A 129 5.25 -4.47 6.03
C SER A 129 4.80 -5.60 5.11
N TRP A 130 4.95 -5.40 3.84
CA TRP A 130 4.56 -6.39 2.91
C TRP A 130 5.84 -7.08 2.52
N HIS A 131 5.94 -8.30 2.92
CA HIS A 131 7.12 -9.09 2.70
C HIS A 131 6.97 -9.71 1.37
N THR A 132 7.60 -9.13 0.38
CA THR A 132 7.42 -9.54 -0.96
C THR A 132 8.72 -9.88 -1.64
N SER A 133 8.64 -10.77 -2.60
CA SER A 133 9.77 -11.19 -3.37
C SER A 133 10.13 -10.09 -4.39
N LEU A 134 9.14 -9.25 -4.72
CA LEU A 134 9.32 -8.19 -5.71
C LEU A 134 10.18 -7.04 -5.17
N ALA A 135 10.53 -7.11 -3.91
CA ALA A 135 11.30 -6.04 -3.27
C ALA A 135 12.74 -6.46 -3.07
N CYS A 136 13.11 -7.55 -3.70
CA CYS A 136 14.42 -8.07 -3.56
C CYS A 136 15.27 -7.68 -4.76
N GLU A 137 16.50 -7.29 -4.51
CA GLU A 137 17.40 -6.89 -5.57
C GLU A 137 18.07 -8.11 -6.10
N GLN A 138 17.94 -8.33 -7.35
CA GLN A 138 18.63 -9.39 -7.97
C GLN A 138 20.01 -8.85 -8.24
N GLU A 139 21.03 -9.49 -7.71
CA GLU A 139 22.38 -9.02 -7.87
C GLU A 139 22.79 -9.16 -9.32
N VAL A 140 22.49 -10.30 -9.88
CA VAL A 140 22.75 -10.58 -11.25
C VAL A 140 21.43 -10.93 -11.87
N MET A 1 7.35 8.99 -13.45
CA MET A 1 5.95 9.45 -13.59
C MET A 1 5.45 9.29 -15.02
N VAL A 2 6.19 9.82 -16.00
CA VAL A 2 5.76 9.77 -17.41
C VAL A 2 5.64 8.34 -17.94
N GLN A 3 4.38 7.84 -17.95
CA GLN A 3 4.06 6.44 -18.32
C GLN A 3 4.84 5.50 -17.40
N ASP A 4 5.04 5.97 -16.19
CA ASP A 4 5.83 5.33 -15.20
C ASP A 4 5.10 5.48 -13.89
N ASN A 5 4.23 4.57 -13.66
CA ASN A 5 3.45 4.54 -12.45
C ASN A 5 3.35 3.12 -12.03
N CYS A 6 3.51 2.87 -10.73
CA CYS A 6 3.46 1.51 -10.18
C CYS A 6 4.57 0.66 -10.74
N GLN A 7 5.63 1.30 -11.12
CA GLN A 7 6.79 0.68 -11.62
C GLN A 7 7.90 1.64 -11.37
N VAL A 8 8.98 1.17 -10.89
CA VAL A 8 10.09 2.03 -10.66
C VAL A 8 11.37 1.32 -10.99
N THR A 9 12.18 1.98 -11.73
CA THR A 9 13.43 1.46 -12.15
C THR A 9 14.49 2.01 -11.23
N ASN A 10 15.32 1.17 -10.68
CA ASN A 10 16.39 1.67 -9.85
C ASN A 10 17.58 2.02 -10.72
N PRO A 11 18.11 3.24 -10.60
CA PRO A 11 19.30 3.65 -11.38
C PRO A 11 20.56 2.91 -10.89
N ALA A 12 20.42 2.32 -9.71
CA ALA A 12 21.47 1.59 -9.07
C ALA A 12 21.84 0.32 -9.85
N THR A 13 20.92 -0.61 -9.99
CA THR A 13 21.24 -1.85 -10.67
C THR A 13 20.55 -1.98 -12.03
N GLY A 14 19.57 -1.13 -12.28
CA GLY A 14 18.88 -1.13 -13.55
C GLY A 14 17.68 -2.05 -13.56
N TYR A 15 17.27 -2.45 -12.39
CA TYR A 15 16.16 -3.37 -12.25
C TYR A 15 14.86 -2.58 -12.10
N VAL A 16 13.83 -3.02 -12.78
CA VAL A 16 12.53 -2.38 -12.75
C VAL A 16 11.61 -3.18 -11.85
N PHE A 17 10.98 -2.53 -10.92
CA PHE A 17 10.02 -3.17 -10.04
C PHE A 17 8.61 -2.77 -10.48
N ASP A 18 7.95 -3.64 -11.23
CA ASP A 18 6.58 -3.38 -11.65
C ASP A 18 5.61 -3.88 -10.62
N LEU A 19 5.08 -3.00 -9.82
CA LEU A 19 4.05 -3.39 -8.88
C LEU A 19 2.74 -3.50 -9.64
N ASN A 20 2.72 -2.93 -10.83
CA ASN A 20 1.57 -3.00 -11.73
C ASN A 20 1.35 -4.44 -12.21
N SER A 21 2.36 -5.27 -12.06
CA SER A 21 2.23 -6.68 -12.41
C SER A 21 1.69 -7.46 -11.20
N LEU A 22 1.69 -6.81 -10.04
CA LEU A 22 1.27 -7.41 -8.78
C LEU A 22 0.03 -6.66 -8.25
N LYS A 23 -0.57 -5.91 -9.15
CA LYS A 23 -1.71 -5.05 -8.85
C LYS A 23 -2.97 -5.82 -8.40
N ARG A 24 -3.97 -5.05 -7.99
CA ARG A 24 -5.27 -5.53 -7.60
C ARG A 24 -5.93 -6.43 -8.66
N GLU A 25 -5.91 -7.70 -8.41
CA GLU A 25 -6.64 -8.65 -9.21
C GLU A 25 -7.89 -8.96 -8.45
N SER A 26 -7.73 -9.17 -7.17
CA SER A 26 -8.83 -9.41 -6.28
C SER A 26 -8.84 -8.32 -5.20
N GLY A 27 -7.68 -7.71 -4.96
CA GLY A 27 -7.57 -6.71 -3.95
C GLY A 27 -7.26 -7.36 -2.63
N TYR A 28 -6.26 -6.88 -1.95
CA TYR A 28 -5.90 -7.45 -0.68
C TYR A 28 -6.89 -7.01 0.35
N THR A 29 -7.62 -7.94 0.87
CA THR A 29 -8.62 -7.67 1.84
C THR A 29 -8.25 -8.43 3.09
N ILE A 30 -7.68 -7.74 4.01
CA ILE A 30 -7.16 -8.35 5.20
C ILE A 30 -8.06 -8.14 6.39
N SER A 31 -8.17 -9.16 7.18
CA SER A 31 -8.98 -9.15 8.34
C SER A 31 -8.10 -8.92 9.56
N ASP A 32 -8.31 -7.80 10.22
CA ASP A 32 -7.63 -7.50 11.47
C ASP A 32 -8.31 -8.25 12.61
N ILE A 33 -7.61 -8.42 13.73
CA ILE A 33 -8.11 -9.19 14.87
C ILE A 33 -9.38 -8.57 15.49
N ARG A 34 -9.59 -7.27 15.28
CA ARG A 34 -10.77 -6.57 15.81
C ARG A 34 -11.97 -6.82 14.86
N LYS A 35 -11.72 -7.65 13.82
CA LYS A 35 -12.67 -8.03 12.77
C LYS A 35 -12.78 -6.85 11.80
N GLY A 36 -11.68 -6.16 11.70
CA GLY A 36 -11.59 -5.03 10.82
C GLY A 36 -11.30 -5.48 9.41
N SER A 37 -12.27 -5.37 8.56
CA SER A 37 -12.12 -5.72 7.18
C SER A 37 -11.56 -4.52 6.41
N ILE A 38 -10.29 -4.54 6.09
CA ILE A 38 -9.72 -3.45 5.34
C ILE A 38 -9.27 -3.93 3.96
N ARG A 39 -9.60 -3.17 2.95
CA ARG A 39 -9.35 -3.51 1.58
C ARG A 39 -8.36 -2.55 0.98
N LEU A 40 -7.32 -3.07 0.40
CA LEU A 40 -6.33 -2.24 -0.23
C LEU A 40 -6.12 -2.70 -1.65
N GLY A 41 -6.27 -1.80 -2.57
CA GLY A 41 -6.05 -2.11 -3.94
C GLY A 41 -4.75 -1.55 -4.39
N VAL A 42 -3.70 -2.34 -4.29
CA VAL A 42 -2.39 -1.92 -4.75
C VAL A 42 -2.44 -1.68 -6.24
N CYS A 43 -2.23 -0.44 -6.63
CA CYS A 43 -2.23 -0.03 -8.03
C CYS A 43 -3.57 -0.28 -8.72
N GLY A 44 -4.59 -0.41 -7.92
CA GLY A 44 -5.89 -0.66 -8.41
C GLY A 44 -6.89 0.00 -7.55
N GLU A 45 -7.22 1.23 -7.91
CA GLU A 45 -8.20 2.03 -7.19
C GLU A 45 -9.53 1.27 -7.10
N VAL A 46 -10.10 1.25 -5.92
CA VAL A 46 -11.33 0.53 -5.68
C VAL A 46 -12.55 1.46 -5.82
N LYS A 47 -13.27 1.31 -6.94
CA LYS A 47 -14.41 2.20 -7.27
C LYS A 47 -15.54 2.06 -6.25
N ASP A 48 -15.49 0.99 -5.48
CA ASP A 48 -16.50 0.67 -4.47
C ASP A 48 -16.47 1.70 -3.34
N CYS A 49 -15.33 2.28 -3.14
CA CYS A 49 -15.14 3.29 -2.13
C CYS A 49 -14.83 4.61 -2.84
N GLY A 50 -15.27 4.69 -4.08
CA GLY A 50 -15.02 5.85 -4.88
C GLY A 50 -13.75 5.70 -5.68
N PRO A 51 -13.75 6.09 -6.96
CA PRO A 51 -12.55 6.01 -7.79
C PRO A 51 -11.45 6.93 -7.28
N GLY A 52 -10.24 6.61 -7.63
CA GLY A 52 -9.09 7.37 -7.20
C GLY A 52 -8.67 7.08 -5.78
N ILE A 53 -9.25 6.07 -5.17
CA ILE A 53 -8.90 5.71 -3.80
C ILE A 53 -8.16 4.39 -3.81
N GLY A 54 -7.08 4.33 -3.06
CA GLY A 54 -6.25 3.16 -3.06
C GLY A 54 -6.67 2.13 -2.03
N ALA A 55 -7.00 2.58 -0.84
CA ALA A 55 -7.35 1.70 0.24
C ALA A 55 -8.50 2.25 1.04
N CYS A 56 -9.32 1.37 1.56
CA CYS A 56 -10.48 1.74 2.38
C CYS A 56 -10.83 0.64 3.36
N PHE A 57 -11.49 1.02 4.43
CA PHE A 57 -11.95 0.08 5.41
C PHE A 57 -13.38 -0.29 5.06
N GLU A 58 -13.59 -1.56 4.79
CA GLU A 58 -14.87 -2.09 4.39
C GLU A 58 -15.80 -2.11 5.60
N GLY A 59 -16.69 -1.15 5.66
CA GLY A 59 -17.62 -1.09 6.76
C GLY A 59 -18.04 0.33 7.03
N THR A 60 -17.11 1.14 7.44
CA THR A 60 -17.39 2.52 7.71
C THR A 60 -17.15 3.37 6.46
N GLY A 61 -16.31 2.88 5.57
CA GLY A 61 -16.04 3.58 4.36
C GLY A 61 -14.98 4.62 4.54
N ILE A 62 -14.20 4.47 5.58
CA ILE A 62 -13.10 5.38 5.81
C ILE A 62 -12.02 5.13 4.78
N LYS A 63 -11.62 6.17 4.10
CA LYS A 63 -10.63 6.04 3.08
C LYS A 63 -9.27 6.10 3.73
N ALA A 64 -8.39 5.22 3.33
CA ALA A 64 -7.08 5.12 3.95
C ALA A 64 -6.02 5.81 3.09
N GLY A 65 -6.47 6.54 2.10
CA GLY A 65 -5.56 7.28 1.26
C GLY A 65 -5.93 7.22 -0.20
N LYS A 66 -5.68 8.30 -0.91
CA LYS A 66 -5.96 8.37 -2.34
C LYS A 66 -4.90 7.62 -3.13
N TRP A 67 -5.30 7.02 -4.23
CA TRP A 67 -4.39 6.23 -5.04
C TRP A 67 -3.50 7.15 -5.84
N ASN A 68 -2.24 6.84 -5.82
CA ASN A 68 -1.20 7.62 -6.42
C ASN A 68 -0.14 6.67 -6.91
N GLN A 69 0.93 7.18 -7.48
CA GLN A 69 1.96 6.31 -7.99
C GLN A 69 3.30 6.62 -7.36
N LYS A 70 3.27 7.15 -6.16
CA LYS A 70 4.47 7.54 -5.48
C LYS A 70 5.11 6.39 -4.75
N LEU A 71 5.85 5.62 -5.50
CA LEU A 71 6.62 4.53 -4.98
C LEU A 71 7.99 5.03 -4.67
N SER A 72 8.25 5.23 -3.44
CA SER A 72 9.50 5.75 -3.02
C SER A 72 10.44 4.58 -2.78
N TYR A 73 11.42 4.44 -3.63
CA TYR A 73 12.40 3.43 -3.49
C TYR A 73 13.46 3.95 -2.54
N VAL A 74 13.41 3.51 -1.32
CA VAL A 74 14.30 3.98 -0.30
C VAL A 74 15.21 2.86 0.16
N ASP A 75 16.38 2.80 -0.44
CA ASP A 75 17.44 1.87 -0.08
C ASP A 75 16.96 0.44 -0.06
N GLN A 76 16.63 -0.04 -1.25
CA GLN A 76 16.17 -1.43 -1.52
C GLN A 76 14.84 -1.78 -0.84
N VAL A 77 14.16 -0.80 -0.30
CA VAL A 77 12.87 -1.02 0.30
C VAL A 77 11.86 -0.14 -0.44
N LEU A 78 10.70 -0.68 -0.74
CA LEU A 78 9.68 0.09 -1.45
C LEU A 78 8.73 0.71 -0.47
N GLN A 79 8.47 1.97 -0.66
CA GLN A 79 7.55 2.68 0.17
C GLN A 79 6.37 3.15 -0.66
N LEU A 80 5.22 2.63 -0.38
CA LEU A 80 3.99 3.06 -1.03
C LEU A 80 3.16 3.73 0.03
N VAL A 81 2.85 4.97 -0.16
CA VAL A 81 2.15 5.70 0.84
C VAL A 81 0.81 6.26 0.33
N TYR A 82 -0.23 5.86 1.00
CA TYR A 82 -1.55 6.36 0.72
C TYR A 82 -1.89 7.42 1.72
N GLU A 83 -1.92 8.65 1.27
CA GLU A 83 -2.24 9.74 2.15
C GLU A 83 -3.51 10.44 1.70
N ASP A 84 -4.00 11.31 2.58
CA ASP A 84 -5.20 12.11 2.38
C ASP A 84 -6.44 11.25 2.19
N GLY A 85 -6.84 10.62 3.27
CA GLY A 85 -8.03 9.80 3.27
C GLY A 85 -9.09 10.40 4.17
N ASP A 86 -9.68 9.58 4.99
CA ASP A 86 -10.74 10.03 5.91
C ASP A 86 -10.10 10.81 7.07
N PRO A 87 -10.70 11.94 7.45
CA PRO A 87 -10.19 12.75 8.55
C PRO A 87 -10.52 12.17 9.91
N CYS A 88 -9.57 12.22 10.80
CA CYS A 88 -9.75 11.70 12.11
C CYS A 88 -10.08 12.85 13.03
N PRO A 89 -11.18 12.77 13.78
CA PRO A 89 -11.68 13.88 14.61
C PRO A 89 -10.86 14.16 15.87
N ALA A 90 -9.73 13.49 16.01
CA ALA A 90 -8.85 13.69 17.13
C ALA A 90 -8.06 14.98 16.95
N ASN A 91 -7.71 15.26 15.71
CA ASN A 91 -6.98 16.49 15.36
C ASN A 91 -7.55 17.15 14.12
N LEU A 92 -8.27 16.37 13.31
CA LEU A 92 -8.95 16.81 12.10
C LEU A 92 -7.97 17.02 10.92
N HIS A 93 -6.76 17.45 11.23
CA HIS A 93 -5.70 17.55 10.21
C HIS A 93 -5.08 16.17 10.04
N LEU A 94 -5.38 15.30 10.97
CA LEU A 94 -4.98 13.94 10.89
C LEU A 94 -5.97 13.21 10.03
N LYS A 95 -5.43 12.45 9.15
CA LYS A 95 -6.17 11.72 8.14
C LYS A 95 -5.66 10.31 8.22
N TYR A 96 -6.35 9.38 7.66
CA TYR A 96 -5.81 8.04 7.56
C TYR A 96 -4.70 8.02 6.50
N LYS A 97 -3.50 7.70 6.95
CA LYS A 97 -2.35 7.56 6.08
C LYS A 97 -1.87 6.15 6.19
N SER A 98 -1.59 5.54 5.08
CA SER A 98 -1.18 4.18 5.07
C SER A 98 0.21 4.10 4.45
N VAL A 99 1.18 3.67 5.24
CA VAL A 99 2.51 3.53 4.75
C VAL A 99 2.86 2.05 4.63
N ILE A 100 3.00 1.61 3.42
CA ILE A 100 3.31 0.25 3.14
C ILE A 100 4.78 0.14 2.78
N SER A 101 5.53 -0.42 3.70
CA SER A 101 6.92 -0.66 3.50
C SER A 101 7.05 -2.08 2.95
N PHE A 102 7.48 -2.20 1.73
CA PHE A 102 7.60 -3.51 1.10
C PHE A 102 8.94 -4.14 1.44
N VAL A 103 8.88 -5.21 2.21
CA VAL A 103 10.03 -5.98 2.63
C VAL A 103 10.04 -7.31 1.87
N CYS A 104 11.15 -8.01 1.93
CA CYS A 104 11.36 -9.20 1.14
C CYS A 104 10.62 -10.42 1.69
N LYS A 105 10.13 -11.24 0.78
CA LYS A 105 9.49 -12.50 1.09
C LYS A 105 9.36 -13.27 -0.21
N SER A 106 10.21 -14.21 -0.45
CA SER A 106 10.12 -15.01 -1.65
C SER A 106 8.88 -15.90 -1.61
N ASP A 107 8.46 -16.26 -0.42
CA ASP A 107 7.23 -17.02 -0.26
C ASP A 107 6.10 -16.06 0.01
N ALA A 108 5.74 -15.34 -1.03
CA ALA A 108 4.62 -14.42 -1.03
C ALA A 108 3.94 -14.48 -2.40
N GLY A 109 4.68 -14.08 -3.43
CA GLY A 109 4.17 -14.14 -4.78
C GLY A 109 3.04 -13.16 -5.05
N PRO A 110 2.05 -13.56 -5.90
CA PRO A 110 0.92 -12.69 -6.31
C PRO A 110 -0.04 -12.35 -5.15
N THR A 111 0.13 -13.01 -4.06
CA THR A 111 -0.62 -12.74 -2.89
C THR A 111 0.39 -12.45 -1.76
N SER A 112 0.93 -11.26 -1.81
CA SER A 112 1.91 -10.84 -0.87
C SER A 112 1.25 -10.62 0.50
N GLN A 113 2.00 -10.87 1.54
CA GLN A 113 1.44 -10.90 2.88
C GLN A 113 1.87 -9.70 3.72
N PRO A 114 0.92 -8.92 4.19
CA PRO A 114 1.18 -7.76 5.03
C PRO A 114 1.41 -8.13 6.49
N LEU A 115 2.36 -7.49 7.09
CA LEU A 115 2.59 -7.62 8.49
C LEU A 115 2.09 -6.32 9.08
N LEU A 116 1.01 -6.40 9.80
CA LEU A 116 0.42 -5.24 10.38
C LEU A 116 1.19 -4.94 11.64
N LEU A 117 1.91 -3.85 11.64
CA LEU A 117 2.70 -3.47 12.77
C LEU A 117 1.79 -2.93 13.85
N SER A 118 1.18 -1.79 13.57
CA SER A 118 0.30 -1.14 14.49
C SER A 118 -0.63 -0.21 13.75
N VAL A 119 -1.86 -0.26 14.10
CA VAL A 119 -2.82 0.70 13.64
C VAL A 119 -2.88 1.76 14.71
N ASP A 120 -2.40 2.94 14.43
CA ASP A 120 -2.44 3.97 15.43
C ASP A 120 -3.72 4.75 15.34
N GLU A 121 -4.46 4.71 16.41
CA GLU A 121 -5.79 5.31 16.48
C GLU A 121 -5.70 6.82 16.75
N HIS A 122 -4.50 7.31 17.01
CA HIS A 122 -4.34 8.71 17.34
C HIS A 122 -4.00 9.55 16.11
N THR A 123 -3.00 9.13 15.36
CA THR A 123 -2.57 9.87 14.18
C THR A 123 -3.17 9.28 12.92
N CYS A 124 -3.70 8.05 13.06
CA CYS A 124 -4.30 7.31 11.96
C CYS A 124 -3.24 6.91 10.94
N THR A 125 -2.02 6.79 11.42
CA THR A 125 -0.92 6.35 10.62
C THR A 125 -0.91 4.82 10.66
N LEU A 126 -1.11 4.21 9.54
CA LEU A 126 -1.14 2.79 9.42
C LEU A 126 0.24 2.29 9.03
N PHE A 127 0.85 1.51 9.92
CA PHE A 127 2.19 0.99 9.69
C PHE A 127 2.11 -0.46 9.23
N PHE A 128 2.47 -0.69 7.98
CA PHE A 128 2.46 -2.02 7.41
C PHE A 128 3.79 -2.35 6.76
N SER A 129 4.23 -3.54 7.00
CA SER A 129 5.39 -4.08 6.33
C SER A 129 4.90 -5.21 5.43
N TRP A 130 4.88 -4.96 4.17
CA TRP A 130 4.32 -5.89 3.23
C TRP A 130 5.39 -6.83 2.77
N HIS A 131 5.24 -8.07 3.10
CA HIS A 131 6.16 -9.11 2.70
C HIS A 131 5.86 -9.45 1.25
N THR A 132 6.65 -8.95 0.36
CA THR A 132 6.43 -9.24 -1.02
C THR A 132 7.72 -9.72 -1.68
N SER A 133 7.56 -10.50 -2.72
CA SER A 133 8.66 -11.04 -3.44
C SER A 133 9.31 -9.94 -4.30
N LEU A 134 8.51 -8.97 -4.70
CA LEU A 134 8.96 -7.90 -5.57
C LEU A 134 9.89 -6.92 -4.82
N ALA A 135 10.03 -7.11 -3.54
CA ALA A 135 10.86 -6.22 -2.74
C ALA A 135 12.26 -6.78 -2.64
N CYS A 136 12.43 -7.95 -3.18
CA CYS A 136 13.70 -8.61 -3.18
C CYS A 136 14.31 -8.36 -4.54
N GLU A 137 15.54 -7.90 -4.61
CA GLU A 137 16.13 -7.68 -5.89
C GLU A 137 16.44 -9.02 -6.51
N GLN A 138 15.92 -9.23 -7.67
CA GLN A 138 16.09 -10.45 -8.38
C GLN A 138 17.44 -10.43 -9.05
N GLU A 139 18.27 -11.31 -8.65
CA GLU A 139 19.58 -11.44 -9.22
C GLU A 139 19.46 -12.38 -10.40
N VAL A 140 18.88 -13.50 -10.13
CA VAL A 140 18.66 -14.52 -11.10
C VAL A 140 17.19 -14.81 -11.08
N MET A 1 5.77 16.06 -12.19
CA MET A 1 7.23 16.10 -12.36
C MET A 1 7.89 14.95 -11.61
N VAL A 2 7.15 14.34 -10.70
CA VAL A 2 7.65 13.21 -9.91
C VAL A 2 7.27 11.89 -10.61
N GLN A 3 8.15 10.93 -10.57
CA GLN A 3 7.87 9.64 -11.17
C GLN A 3 7.13 8.72 -10.22
N ASP A 4 5.85 8.64 -10.41
CA ASP A 4 5.02 7.70 -9.70
C ASP A 4 4.39 6.80 -10.73
N ASN A 5 4.26 5.51 -10.42
CA ASN A 5 3.78 4.52 -11.37
C ASN A 5 3.75 3.17 -10.64
N CYS A 6 3.34 2.11 -11.32
CA CYS A 6 3.30 0.77 -10.74
C CYS A 6 4.65 0.08 -10.94
N GLN A 7 5.63 0.86 -11.34
CA GLN A 7 6.93 0.38 -11.62
C GLN A 7 7.89 1.52 -11.36
N VAL A 8 8.98 1.23 -10.72
CA VAL A 8 9.97 2.23 -10.46
C VAL A 8 11.35 1.71 -10.82
N THR A 9 12.02 2.46 -11.62
CA THR A 9 13.33 2.15 -12.04
C THR A 9 14.28 2.78 -11.04
N ASN A 10 15.04 1.99 -10.33
CA ASN A 10 15.95 2.54 -9.35
C ASN A 10 17.14 3.18 -10.07
N PRO A 11 17.66 4.29 -9.54
CA PRO A 11 18.80 4.96 -10.13
C PRO A 11 20.10 4.18 -9.91
N ALA A 12 20.18 3.49 -8.77
CA ALA A 12 21.39 2.78 -8.37
C ALA A 12 21.80 1.66 -9.34
N THR A 13 20.99 0.63 -9.47
CA THR A 13 21.36 -0.48 -10.33
C THR A 13 20.70 -0.40 -11.71
N GLY A 14 19.74 0.50 -11.86
CA GLY A 14 19.05 0.62 -13.12
C GLY A 14 18.10 -0.53 -13.29
N TYR A 15 17.45 -0.89 -12.22
CA TYR A 15 16.53 -2.00 -12.23
C TYR A 15 15.11 -1.49 -12.04
N VAL A 16 14.23 -1.94 -12.89
CA VAL A 16 12.83 -1.58 -12.85
C VAL A 16 12.10 -2.59 -11.97
N PHE A 17 11.51 -2.11 -10.91
CA PHE A 17 10.70 -2.96 -10.06
C PHE A 17 9.27 -2.91 -10.52
N ASP A 18 8.82 -3.99 -11.11
CA ASP A 18 7.43 -4.07 -11.54
C ASP A 18 6.57 -4.56 -10.42
N LEU A 19 5.80 -3.68 -9.84
CA LEU A 19 4.85 -4.13 -8.86
C LEU A 19 3.60 -4.59 -9.62
N ASN A 20 3.68 -4.40 -10.94
CA ASN A 20 2.70 -4.85 -11.92
C ASN A 20 2.36 -6.32 -11.74
N SER A 21 3.36 -7.11 -11.42
CA SER A 21 3.20 -8.53 -11.24
C SER A 21 2.34 -8.84 -9.98
N LEU A 22 2.25 -7.87 -9.10
CA LEU A 22 1.55 -8.02 -7.84
C LEU A 22 0.35 -7.05 -7.75
N LYS A 23 0.06 -6.34 -8.83
CA LYS A 23 -0.99 -5.36 -8.75
C LYS A 23 -2.34 -5.97 -9.06
N ARG A 24 -3.27 -5.72 -8.20
CA ARG A 24 -4.60 -6.18 -8.38
C ARG A 24 -5.52 -4.98 -8.20
N GLU A 25 -6.26 -4.62 -9.25
CA GLU A 25 -7.16 -3.45 -9.20
C GLU A 25 -8.32 -3.74 -8.26
N SER A 26 -8.76 -4.98 -8.30
CA SER A 26 -9.80 -5.51 -7.44
C SER A 26 -9.42 -5.31 -5.96
N GLY A 27 -8.12 -5.22 -5.72
CA GLY A 27 -7.62 -4.94 -4.42
C GLY A 27 -7.43 -6.15 -3.56
N TYR A 28 -6.92 -5.90 -2.39
CA TYR A 28 -6.71 -6.89 -1.37
C TYR A 28 -7.45 -6.40 -0.15
N THR A 29 -8.31 -7.20 0.36
CA THR A 29 -9.08 -6.85 1.49
C THR A 29 -8.52 -7.51 2.73
N ILE A 30 -7.75 -6.79 3.46
CA ILE A 30 -7.12 -7.30 4.64
C ILE A 30 -7.80 -6.71 5.86
N SER A 31 -7.79 -7.42 6.93
CA SER A 31 -8.50 -6.98 8.10
C SER A 31 -7.55 -6.55 9.22
N ASP A 32 -7.80 -5.39 9.78
CA ASP A 32 -7.08 -4.93 10.96
C ASP A 32 -7.53 -5.74 12.17
N ILE A 33 -6.68 -5.83 13.17
CA ILE A 33 -6.92 -6.66 14.35
C ILE A 33 -8.16 -6.19 15.16
N ARG A 34 -8.48 -4.91 15.04
CA ARG A 34 -9.64 -4.35 15.72
C ARG A 34 -10.91 -4.54 14.89
N LYS A 35 -10.79 -5.23 13.75
CA LYS A 35 -11.88 -5.55 12.80
C LYS A 35 -12.10 -4.45 11.79
N GLY A 36 -11.09 -3.64 11.61
CA GLY A 36 -11.11 -2.65 10.57
C GLY A 36 -10.68 -3.26 9.25
N SER A 37 -11.58 -3.94 8.59
CA SER A 37 -11.32 -4.53 7.31
C SER A 37 -11.17 -3.43 6.25
N ILE A 38 -10.09 -3.47 5.52
CA ILE A 38 -9.77 -2.47 4.56
C ILE A 38 -9.43 -3.12 3.23
N ARG A 39 -9.98 -2.57 2.20
CA ARG A 39 -9.77 -3.04 0.88
C ARG A 39 -8.86 -2.04 0.18
N LEU A 40 -7.71 -2.49 -0.26
CA LEU A 40 -6.76 -1.62 -0.93
C LEU A 40 -6.45 -2.16 -2.29
N GLY A 41 -6.64 -1.36 -3.30
CA GLY A 41 -6.33 -1.77 -4.65
C GLY A 41 -4.96 -1.27 -5.07
N VAL A 42 -4.24 -2.06 -5.85
CA VAL A 42 -2.94 -1.63 -6.33
C VAL A 42 -3.12 -1.15 -7.75
N CYS A 43 -2.87 0.15 -7.96
CA CYS A 43 -3.01 0.78 -9.28
C CYS A 43 -4.47 0.76 -9.75
N GLY A 44 -5.36 0.60 -8.80
CA GLY A 44 -6.73 0.46 -9.11
C GLY A 44 -7.58 1.14 -8.12
N GLU A 45 -8.23 2.19 -8.54
CA GLU A 45 -9.18 2.88 -7.71
C GLU A 45 -10.40 1.99 -7.55
N VAL A 46 -10.87 1.85 -6.36
CA VAL A 46 -12.04 1.09 -6.16
C VAL A 46 -13.23 2.02 -6.24
N LYS A 47 -13.82 2.08 -7.43
CA LYS A 47 -14.88 3.00 -7.77
C LYS A 47 -16.09 2.82 -6.85
N ASP A 48 -16.25 1.61 -6.34
CA ASP A 48 -17.33 1.32 -5.41
C ASP A 48 -17.11 1.93 -4.02
N CYS A 49 -15.89 2.33 -3.73
CA CYS A 49 -15.63 3.06 -2.49
C CYS A 49 -15.48 4.55 -2.79
N GLY A 50 -15.50 4.88 -4.06
CA GLY A 50 -15.37 6.23 -4.47
C GLY A 50 -14.35 6.38 -5.57
N PRO A 51 -14.56 7.29 -6.51
CA PRO A 51 -13.60 7.53 -7.58
C PRO A 51 -12.31 8.13 -7.04
N GLY A 52 -11.22 7.57 -7.46
CA GLY A 52 -9.93 8.00 -7.03
C GLY A 52 -9.61 7.57 -5.62
N ILE A 53 -10.25 6.53 -5.14
CA ILE A 53 -9.96 6.00 -3.82
C ILE A 53 -9.25 4.66 -3.98
N GLY A 54 -8.12 4.52 -3.35
CA GLY A 54 -7.35 3.30 -3.49
C GLY A 54 -7.53 2.34 -2.33
N ALA A 55 -7.67 2.90 -1.15
CA ALA A 55 -7.82 2.09 0.04
C ALA A 55 -9.03 2.56 0.84
N CYS A 56 -9.95 1.68 1.06
CA CYS A 56 -11.18 2.01 1.78
C CYS A 56 -11.48 0.99 2.85
N PHE A 57 -11.99 1.46 3.97
CA PHE A 57 -12.40 0.58 5.05
C PHE A 57 -13.85 0.18 4.85
N GLU A 58 -14.14 -1.06 5.15
CA GLU A 58 -15.49 -1.59 5.08
C GLU A 58 -16.32 -0.96 6.22
N GLY A 59 -15.64 -0.56 7.27
CA GLY A 59 -16.30 0.04 8.39
C GLY A 59 -16.37 1.53 8.21
N THR A 60 -17.58 2.08 8.33
CA THR A 60 -17.86 3.52 8.25
C THR A 60 -17.79 4.05 6.79
N GLY A 61 -17.11 3.33 5.92
CA GLY A 61 -16.96 3.74 4.54
C GLY A 61 -15.94 4.85 4.42
N ILE A 62 -14.98 4.81 5.30
CA ILE A 62 -13.92 5.80 5.32
C ILE A 62 -12.78 5.37 4.43
N LYS A 63 -12.09 6.32 3.88
CA LYS A 63 -10.97 6.04 3.04
C LYS A 63 -9.69 6.14 3.84
N ALA A 64 -8.76 5.30 3.51
CA ALA A 64 -7.48 5.27 4.16
C ALA A 64 -6.44 5.88 3.25
N GLY A 65 -6.93 6.44 2.17
CA GLY A 65 -6.06 7.07 1.24
C GLY A 65 -6.64 7.12 -0.14
N LYS A 66 -6.42 8.21 -0.81
CA LYS A 66 -6.82 8.39 -2.18
C LYS A 66 -5.87 7.63 -3.06
N TRP A 67 -6.37 7.17 -4.17
CA TRP A 67 -5.59 6.43 -5.10
C TRP A 67 -4.48 7.29 -5.67
N ASN A 68 -3.30 6.79 -5.53
CA ASN A 68 -2.12 7.44 -5.97
C ASN A 68 -1.17 6.34 -6.32
N GLN A 69 -0.29 6.63 -7.22
CA GLN A 69 0.64 5.67 -7.74
C GLN A 69 2.03 5.96 -7.21
N LYS A 70 2.10 6.66 -6.10
CA LYS A 70 3.35 7.10 -5.55
C LYS A 70 4.08 5.97 -4.84
N LEU A 71 4.75 5.20 -5.64
CA LEU A 71 5.56 4.12 -5.18
C LEU A 71 6.97 4.64 -4.95
N SER A 72 7.39 4.61 -3.72
CA SER A 72 8.71 5.08 -3.36
C SER A 72 9.62 3.88 -3.13
N TYR A 73 10.90 4.02 -3.44
CA TYR A 73 11.82 2.92 -3.25
C TYR A 73 12.89 3.25 -2.23
N VAL A 74 13.14 2.32 -1.35
CA VAL A 74 14.26 2.32 -0.45
C VAL A 74 14.84 0.93 -0.51
N ASP A 75 16.08 0.76 -0.09
CA ASP A 75 16.80 -0.49 -0.15
C ASP A 75 16.00 -1.65 0.39
N GLN A 76 15.54 -2.45 -0.54
CA GLN A 76 14.82 -3.70 -0.32
C GLN A 76 13.38 -3.47 0.19
N VAL A 77 12.85 -2.25 0.03
CA VAL A 77 11.51 -1.93 0.49
C VAL A 77 10.77 -1.04 -0.54
N LEU A 78 9.61 -1.50 -0.97
CA LEU A 78 8.74 -0.73 -1.84
C LEU A 78 7.71 -0.03 -0.98
N GLN A 79 7.54 1.25 -1.16
CA GLN A 79 6.65 2.02 -0.31
C GLN A 79 5.43 2.57 -1.07
N LEU A 80 4.26 2.09 -0.72
CA LEU A 80 3.02 2.69 -1.20
C LEU A 80 2.42 3.48 -0.08
N VAL A 81 2.25 4.76 -0.29
CA VAL A 81 1.73 5.62 0.75
C VAL A 81 0.41 6.23 0.32
N TYR A 82 -0.64 5.76 0.93
CA TYR A 82 -1.96 6.28 0.70
C TYR A 82 -2.27 7.36 1.72
N GLU A 83 -2.40 8.56 1.23
CA GLU A 83 -2.74 9.70 2.06
C GLU A 83 -4.06 10.26 1.61
N ASP A 84 -4.49 11.35 2.25
CA ASP A 84 -5.75 12.04 1.93
C ASP A 84 -6.97 11.21 2.30
N GLY A 85 -6.79 10.37 3.30
CA GLY A 85 -7.89 9.61 3.84
C GLY A 85 -8.82 10.50 4.67
N ASP A 86 -9.70 9.90 5.41
CA ASP A 86 -10.65 10.64 6.25
C ASP A 86 -9.96 11.25 7.47
N PRO A 87 -10.60 12.25 8.13
CA PRO A 87 -10.05 12.88 9.33
C PRO A 87 -9.96 11.91 10.51
N CYS A 88 -8.92 12.09 11.27
CA CYS A 88 -8.62 11.29 12.44
C CYS A 88 -9.08 12.01 13.72
N PRO A 89 -9.66 11.26 14.69
CA PRO A 89 -10.15 11.84 15.95
C PRO A 89 -9.06 12.50 16.81
N ALA A 90 -7.81 12.12 16.61
CA ALA A 90 -6.69 12.62 17.40
C ALA A 90 -6.33 14.06 17.03
N ASN A 91 -6.62 14.44 15.80
CA ASN A 91 -6.32 15.73 15.26
C ASN A 91 -7.03 15.78 13.94
N LEU A 92 -7.90 16.71 13.82
CA LEU A 92 -8.79 16.88 12.65
C LEU A 92 -8.04 17.02 11.32
N HIS A 93 -6.82 17.50 11.34
CA HIS A 93 -6.05 17.63 10.11
C HIS A 93 -5.23 16.40 9.81
N LEU A 94 -5.37 15.40 10.65
CA LEU A 94 -4.71 14.16 10.40
C LEU A 94 -5.62 13.31 9.59
N LYS A 95 -5.16 12.94 8.47
CA LYS A 95 -5.90 12.07 7.60
C LYS A 95 -5.33 10.71 7.72
N TYR A 96 -6.11 9.71 7.39
CA TYR A 96 -5.63 8.34 7.41
C TYR A 96 -4.50 8.15 6.42
N LYS A 97 -3.37 7.76 6.95
CA LYS A 97 -2.21 7.41 6.17
C LYS A 97 -2.09 5.91 6.16
N SER A 98 -1.92 5.36 5.03
CA SER A 98 -1.73 3.97 4.91
C SER A 98 -0.42 3.74 4.21
N VAL A 99 0.53 3.14 4.89
CA VAL A 99 1.80 2.88 4.30
C VAL A 99 2.04 1.40 4.21
N ILE A 100 2.08 0.93 3.00
CA ILE A 100 2.29 -0.45 2.75
C ILE A 100 3.73 -0.61 2.37
N SER A 101 4.49 -1.06 3.31
CA SER A 101 5.87 -1.29 3.11
C SER A 101 6.09 -2.69 2.64
N PHE A 102 6.47 -2.83 1.42
CA PHE A 102 6.76 -4.11 0.87
C PHE A 102 8.18 -4.40 1.19
N VAL A 103 8.38 -5.25 2.14
CA VAL A 103 9.68 -5.58 2.59
C VAL A 103 10.14 -6.86 1.94
N CYS A 104 11.42 -7.06 1.94
CA CYS A 104 12.02 -8.17 1.27
C CYS A 104 11.82 -9.44 2.07
N LYS A 105 11.21 -10.39 1.43
CA LYS A 105 11.05 -11.69 1.97
C LYS A 105 11.03 -12.66 0.81
N SER A 106 12.19 -13.13 0.47
CA SER A 106 12.39 -14.00 -0.67
C SER A 106 11.75 -15.39 -0.43
N ASP A 107 11.41 -15.69 0.82
CA ASP A 107 10.83 -16.99 1.18
C ASP A 107 9.32 -17.00 0.99
N ALA A 108 8.78 -15.92 0.46
CA ALA A 108 7.34 -15.78 0.26
C ALA A 108 6.89 -16.45 -1.03
N GLY A 109 7.41 -15.98 -2.14
CA GLY A 109 7.05 -16.52 -3.43
C GLY A 109 5.82 -15.84 -4.00
N PRO A 110 4.93 -16.61 -4.66
CA PRO A 110 3.72 -16.05 -5.33
C PRO A 110 2.67 -15.54 -4.33
N THR A 111 2.80 -15.95 -3.09
CA THR A 111 1.89 -15.51 -2.09
C THR A 111 2.68 -14.91 -0.91
N SER A 112 2.90 -13.63 -1.01
CA SER A 112 3.64 -12.88 -0.02
C SER A 112 2.74 -12.63 1.21
N GLN A 113 3.33 -12.56 2.38
CA GLN A 113 2.55 -12.42 3.61
C GLN A 113 2.42 -10.98 4.09
N PRO A 114 1.19 -10.48 4.21
CA PRO A 114 0.91 -9.15 4.72
C PRO A 114 0.82 -9.15 6.24
N LEU A 115 1.73 -8.51 6.88
CA LEU A 115 1.76 -8.48 8.32
C LEU A 115 1.51 -7.07 8.83
N LEU A 116 0.45 -6.90 9.57
CA LEU A 116 0.13 -5.64 10.19
C LEU A 116 1.03 -5.45 11.38
N LEU A 117 1.72 -4.34 11.42
CA LEU A 117 2.59 -4.04 12.52
C LEU A 117 1.77 -3.43 13.64
N SER A 118 1.24 -2.27 13.38
CA SER A 118 0.46 -1.51 14.32
C SER A 118 -0.38 -0.51 13.57
N VAL A 119 -1.44 -0.11 14.18
CA VAL A 119 -2.25 0.94 13.68
C VAL A 119 -2.06 2.08 14.63
N ASP A 120 -1.43 3.11 14.16
CA ASP A 120 -1.09 4.23 15.00
C ASP A 120 -2.30 5.08 15.18
N GLU A 121 -2.85 5.04 16.35
CA GLU A 121 -4.07 5.74 16.71
C GLU A 121 -3.85 7.21 16.99
N HIS A 122 -2.60 7.63 17.03
CA HIS A 122 -2.29 8.99 17.40
C HIS A 122 -2.14 9.88 16.18
N THR A 123 -1.73 9.29 15.09
CA THR A 123 -1.62 10.00 13.84
C THR A 123 -2.61 9.43 12.81
N CYS A 124 -3.14 8.24 13.10
CA CYS A 124 -3.99 7.49 12.19
C CYS A 124 -3.23 7.04 10.97
N THR A 125 -2.19 6.28 11.26
CA THR A 125 -1.30 5.75 10.27
C THR A 125 -1.30 4.22 10.35
N LEU A 126 -1.47 3.59 9.23
CA LEU A 126 -1.49 2.15 9.14
C LEU A 126 -0.11 1.65 8.73
N PHE A 127 0.54 0.87 9.58
CA PHE A 127 1.84 0.32 9.23
C PHE A 127 1.69 -1.15 8.86
N PHE A 128 1.73 -1.42 7.58
CA PHE A 128 1.63 -2.76 7.08
C PHE A 128 2.93 -3.16 6.42
N SER A 129 3.42 -4.31 6.77
CA SER A 129 4.60 -4.82 6.17
C SER A 129 4.22 -5.98 5.27
N TRP A 130 4.30 -5.79 4.01
CA TRP A 130 3.99 -6.83 3.10
C TRP A 130 5.30 -7.52 2.80
N HIS A 131 5.45 -8.70 3.32
CA HIS A 131 6.67 -9.44 3.18
C HIS A 131 6.62 -10.16 1.85
N THR A 132 7.25 -9.56 0.86
CA THR A 132 7.17 -10.06 -0.48
C THR A 132 8.54 -10.28 -1.09
N SER A 133 8.61 -11.21 -2.00
CA SER A 133 9.83 -11.53 -2.66
C SER A 133 10.12 -10.48 -3.74
N LEU A 134 9.05 -9.85 -4.23
CA LEU A 134 9.15 -8.83 -5.27
C LEU A 134 9.78 -7.54 -4.77
N ALA A 135 10.02 -7.47 -3.47
CA ALA A 135 10.55 -6.25 -2.88
C ALA A 135 12.04 -6.31 -2.77
N CYS A 136 12.57 -7.47 -3.02
CA CYS A 136 13.95 -7.70 -2.95
C CYS A 136 14.58 -7.25 -4.25
N GLU A 137 15.70 -6.55 -4.15
CA GLU A 137 16.44 -6.13 -5.32
C GLU A 137 17.06 -7.36 -5.95
N GLN A 138 16.32 -7.96 -6.83
CA GLN A 138 16.70 -9.16 -7.47
C GLN A 138 17.40 -8.82 -8.75
N GLU A 139 18.60 -9.25 -8.87
CA GLU A 139 19.38 -9.02 -10.04
C GLU A 139 18.97 -10.04 -11.10
N VAL A 140 18.84 -11.28 -10.68
CA VAL A 140 18.47 -12.37 -11.55
C VAL A 140 17.19 -12.99 -11.03
N MET A 1 12.17 4.06 -15.03
CA MET A 1 11.56 4.17 -16.36
C MET A 1 11.27 5.64 -16.61
N VAL A 2 11.02 6.00 -17.86
CA VAL A 2 10.67 7.38 -18.20
C VAL A 2 9.36 7.74 -17.50
N GLN A 3 8.47 6.80 -17.52
CA GLN A 3 7.23 6.89 -16.82
C GLN A 3 7.11 5.71 -15.91
N ASP A 4 7.26 5.97 -14.64
CA ASP A 4 7.25 4.93 -13.64
C ASP A 4 5.81 4.69 -13.18
N ASN A 5 5.02 4.08 -14.04
CA ASN A 5 3.64 3.79 -13.70
C ASN A 5 3.55 2.43 -13.03
N CYS A 6 3.57 2.44 -11.70
CA CYS A 6 3.48 1.20 -10.87
C CYS A 6 4.68 0.29 -11.17
N GLN A 7 5.77 0.90 -11.45
CA GLN A 7 7.00 0.26 -11.75
C GLN A 7 8.06 1.27 -11.43
N VAL A 8 9.18 0.85 -10.97
CA VAL A 8 10.25 1.79 -10.70
C VAL A 8 11.59 1.11 -10.94
N THR A 9 12.48 1.79 -11.60
CA THR A 9 13.75 1.24 -11.92
C THR A 9 14.73 1.66 -10.85
N ASN A 10 15.28 0.72 -10.13
CA ASN A 10 16.22 1.07 -9.10
C ASN A 10 17.57 1.37 -9.74
N PRO A 11 18.26 2.41 -9.30
CA PRO A 11 19.53 2.83 -9.89
C PRO A 11 20.72 1.95 -9.51
N ALA A 12 20.48 0.95 -8.67
CA ALA A 12 21.53 0.07 -8.21
C ALA A 12 21.78 -1.05 -9.22
N THR A 13 20.81 -1.93 -9.36
CA THR A 13 20.93 -3.03 -10.30
C THR A 13 20.40 -2.63 -11.66
N GLY A 14 19.50 -1.67 -11.66
CA GLY A 14 18.89 -1.25 -12.90
C GLY A 14 17.66 -2.07 -13.20
N TYR A 15 17.21 -2.82 -12.20
CA TYR A 15 16.05 -3.67 -12.36
C TYR A 15 14.79 -2.87 -12.10
N VAL A 16 13.78 -3.13 -12.89
CA VAL A 16 12.52 -2.46 -12.77
C VAL A 16 11.61 -3.28 -11.88
N PHE A 17 11.23 -2.72 -10.75
CA PHE A 17 10.30 -3.38 -9.87
C PHE A 17 8.91 -3.14 -10.40
N ASP A 18 8.44 -4.09 -11.16
CA ASP A 18 7.16 -4.01 -11.82
C ASP A 18 6.07 -4.57 -10.90
N LEU A 19 5.41 -3.69 -10.18
CA LEU A 19 4.44 -4.11 -9.17
C LEU A 19 3.06 -4.32 -9.79
N ASN A 20 2.92 -3.89 -11.03
CA ASN A 20 1.63 -3.99 -11.72
C ASN A 20 1.30 -5.44 -12.09
N SER A 21 2.28 -6.32 -12.00
CA SER A 21 2.00 -7.74 -12.21
C SER A 21 1.51 -8.39 -10.90
N LEU A 22 1.61 -7.68 -9.79
CA LEU A 22 1.21 -8.24 -8.51
C LEU A 22 -0.04 -7.56 -7.99
N LYS A 23 -0.59 -6.66 -8.76
CA LYS A 23 -1.77 -5.95 -8.36
C LYS A 23 -3.04 -6.68 -8.81
N ARG A 24 -4.12 -6.39 -8.14
CA ARG A 24 -5.41 -6.87 -8.52
C ARG A 24 -6.35 -5.65 -8.57
N GLU A 25 -7.19 -5.53 -9.58
CA GLU A 25 -8.13 -4.40 -9.69
C GLU A 25 -9.22 -4.37 -8.59
N SER A 26 -9.58 -5.54 -8.11
CA SER A 26 -10.50 -5.66 -6.98
C SER A 26 -9.72 -5.39 -5.67
N GLY A 27 -8.41 -5.33 -5.79
CA GLY A 27 -7.57 -5.09 -4.68
C GLY A 27 -7.42 -6.29 -3.78
N TYR A 28 -6.74 -6.11 -2.70
CA TYR A 28 -6.56 -7.13 -1.72
C TYR A 28 -7.30 -6.73 -0.48
N THR A 29 -8.20 -7.55 -0.09
CA THR A 29 -9.02 -7.31 1.05
C THR A 29 -8.52 -8.21 2.14
N ILE A 30 -7.81 -7.63 3.07
CA ILE A 30 -7.20 -8.37 4.12
C ILE A 30 -7.91 -8.10 5.43
N SER A 31 -8.08 -9.12 6.20
CA SER A 31 -8.73 -9.01 7.45
C SER A 31 -7.75 -8.63 8.56
N ASP A 32 -8.21 -7.76 9.41
CA ASP A 32 -7.48 -7.29 10.58
C ASP A 32 -7.89 -8.11 11.81
N ILE A 33 -6.97 -8.22 12.76
CA ILE A 33 -7.14 -9.01 13.99
C ILE A 33 -8.36 -8.54 14.84
N ARG A 34 -8.76 -7.29 14.71
CA ARG A 34 -9.88 -6.72 15.47
C ARG A 34 -11.23 -7.14 14.88
N LYS A 35 -11.18 -7.96 13.85
CA LYS A 35 -12.33 -8.36 13.07
C LYS A 35 -12.84 -7.19 12.27
N GLY A 36 -12.03 -6.83 11.33
CA GLY A 36 -12.32 -5.81 10.40
C GLY A 36 -11.61 -6.17 9.16
N SER A 37 -11.79 -5.45 8.12
CA SER A 37 -11.16 -5.79 6.89
C SER A 37 -10.82 -4.51 6.16
N ILE A 38 -9.75 -4.52 5.43
CA ILE A 38 -9.33 -3.39 4.66
C ILE A 38 -9.00 -3.83 3.24
N ARG A 39 -9.48 -3.07 2.30
CA ARG A 39 -9.37 -3.39 0.91
C ARG A 39 -8.41 -2.39 0.27
N LEU A 40 -7.29 -2.88 -0.18
CA LEU A 40 -6.29 -2.02 -0.78
C LEU A 40 -6.14 -2.33 -2.25
N GLY A 41 -6.21 -1.32 -3.05
CA GLY A 41 -6.05 -1.48 -4.47
C GLY A 41 -4.69 -1.02 -4.90
N VAL A 42 -3.73 -1.93 -4.93
CA VAL A 42 -2.39 -1.62 -5.38
C VAL A 42 -2.46 -1.26 -6.85
N CYS A 43 -2.12 -0.01 -7.17
CA CYS A 43 -2.05 0.48 -8.55
C CYS A 43 -3.40 0.35 -9.28
N GLY A 44 -4.46 0.20 -8.52
CA GLY A 44 -5.78 0.11 -9.07
C GLY A 44 -6.76 0.56 -8.05
N GLU A 45 -7.23 1.78 -8.20
CA GLU A 45 -8.16 2.36 -7.26
C GLU A 45 -9.46 1.55 -7.17
N VAL A 46 -9.87 1.29 -5.96
CA VAL A 46 -11.05 0.52 -5.73
C VAL A 46 -12.31 1.34 -5.90
N LYS A 47 -12.84 1.27 -7.10
CA LYS A 47 -14.06 1.98 -7.47
C LYS A 47 -15.25 1.60 -6.58
N ASP A 48 -15.12 0.47 -5.89
CA ASP A 48 -16.13 0.00 -4.94
C ASP A 48 -16.23 0.96 -3.76
N CYS A 49 -15.12 1.59 -3.42
CA CYS A 49 -15.06 2.47 -2.27
C CYS A 49 -15.03 3.94 -2.69
N GLY A 50 -15.05 4.18 -3.99
CA GLY A 50 -15.04 5.53 -4.49
C GLY A 50 -13.90 5.78 -5.46
N PRO A 51 -14.01 6.80 -6.31
CA PRO A 51 -12.98 7.13 -7.27
C PRO A 51 -11.80 7.86 -6.62
N GLY A 52 -10.63 7.38 -6.90
CA GLY A 52 -9.44 7.95 -6.35
C GLY A 52 -9.08 7.36 -5.02
N ILE A 53 -9.82 6.38 -4.59
CA ILE A 53 -9.55 5.77 -3.32
C ILE A 53 -8.77 4.50 -3.54
N GLY A 54 -7.57 4.46 -3.02
CA GLY A 54 -6.72 3.31 -3.21
C GLY A 54 -6.71 2.38 -2.03
N ALA A 55 -7.11 2.89 -0.90
CA ALA A 55 -7.18 2.08 0.30
C ALA A 55 -8.45 2.39 1.04
N CYS A 56 -9.27 1.40 1.23
CA CYS A 56 -10.51 1.61 1.93
C CYS A 56 -10.72 0.57 3.00
N PHE A 57 -11.16 1.02 4.13
CA PHE A 57 -11.38 0.18 5.26
C PHE A 57 -12.84 -0.23 5.30
N GLU A 58 -13.07 -1.51 5.15
CA GLU A 58 -14.38 -2.08 5.09
C GLU A 58 -15.00 -2.08 6.47
N GLY A 59 -15.91 -1.16 6.63
CA GLY A 59 -16.63 -0.98 7.85
C GLY A 59 -17.65 0.09 7.62
N THR A 60 -17.41 1.28 8.16
CA THR A 60 -18.30 2.40 7.91
C THR A 60 -18.07 2.90 6.47
N GLY A 61 -16.88 2.64 5.96
CA GLY A 61 -16.48 3.16 4.69
C GLY A 61 -15.44 4.20 4.91
N ILE A 62 -14.37 3.81 5.55
CA ILE A 62 -13.34 4.74 5.93
C ILE A 62 -12.25 4.74 4.87
N LYS A 63 -11.94 5.91 4.35
CA LYS A 63 -10.91 6.04 3.34
C LYS A 63 -9.57 6.14 4.04
N ALA A 64 -8.64 5.27 3.66
CA ALA A 64 -7.35 5.20 4.33
C ALA A 64 -6.27 5.81 3.47
N GLY A 65 -6.68 6.46 2.40
CA GLY A 65 -5.76 7.13 1.55
C GLY A 65 -6.19 7.14 0.10
N LYS A 66 -5.84 8.20 -0.57
CA LYS A 66 -6.10 8.38 -1.96
C LYS A 66 -5.03 7.76 -2.80
N TRP A 67 -5.47 7.24 -3.91
CA TRP A 67 -4.69 6.49 -4.84
C TRP A 67 -3.60 7.33 -5.50
N ASN A 68 -2.52 6.67 -5.87
CA ASN A 68 -1.38 7.27 -6.51
C ASN A 68 -0.54 6.17 -7.10
N GLN A 69 0.40 6.52 -7.95
CA GLN A 69 1.27 5.56 -8.60
C GLN A 69 2.69 5.86 -8.21
N LYS A 70 2.85 6.55 -7.11
CA LYS A 70 4.14 6.98 -6.72
C LYS A 70 4.79 5.95 -5.82
N LEU A 71 5.60 5.13 -6.40
CA LEU A 71 6.29 4.11 -5.66
C LEU A 71 7.64 4.65 -5.30
N SER A 72 7.83 4.93 -4.06
CA SER A 72 9.04 5.51 -3.60
C SER A 72 10.03 4.44 -3.15
N TYR A 73 11.17 4.41 -3.77
CA TYR A 73 12.18 3.44 -3.41
C TYR A 73 13.09 4.09 -2.40
N VAL A 74 12.92 3.75 -1.16
CA VAL A 74 13.71 4.35 -0.12
C VAL A 74 14.59 3.32 0.55
N ASP A 75 15.78 3.14 0.00
CA ASP A 75 16.82 2.27 0.52
C ASP A 75 16.32 0.87 0.89
N GLN A 76 16.21 0.03 -0.12
CA GLN A 76 15.79 -1.38 0.00
C GLN A 76 14.31 -1.57 0.36
N VAL A 77 13.59 -0.51 0.69
CA VAL A 77 12.19 -0.65 0.97
C VAL A 77 11.37 0.15 -0.03
N LEU A 78 10.38 -0.49 -0.56
CA LEU A 78 9.48 0.10 -1.49
C LEU A 78 8.36 0.74 -0.67
N GLN A 79 8.18 2.03 -0.76
CA GLN A 79 7.16 2.71 -0.02
C GLN A 79 6.01 3.13 -0.89
N LEU A 80 4.83 2.78 -0.48
CA LEU A 80 3.62 3.22 -1.11
C LEU A 80 2.74 3.83 -0.04
N VAL A 81 2.59 5.12 -0.08
CA VAL A 81 1.85 5.83 0.93
C VAL A 81 0.55 6.37 0.34
N TYR A 82 -0.53 6.09 1.01
CA TYR A 82 -1.81 6.62 0.66
C TYR A 82 -2.16 7.72 1.66
N GLU A 83 -2.34 8.92 1.17
CA GLU A 83 -2.63 10.05 2.04
C GLU A 83 -4.00 10.63 1.72
N ASP A 84 -4.38 11.64 2.51
CA ASP A 84 -5.69 12.34 2.41
C ASP A 84 -6.86 11.37 2.45
N GLY A 85 -7.06 10.79 3.60
CA GLY A 85 -8.14 9.87 3.77
C GLY A 85 -9.29 10.51 4.50
N ASP A 86 -9.83 9.79 5.44
CA ASP A 86 -10.93 10.26 6.25
C ASP A 86 -10.34 11.09 7.41
N PRO A 87 -11.02 12.15 7.87
CA PRO A 87 -10.53 13.01 8.94
C PRO A 87 -10.63 12.32 10.29
N CYS A 88 -9.67 12.54 11.12
CA CYS A 88 -9.64 11.90 12.40
C CYS A 88 -10.16 12.82 13.46
N PRO A 89 -11.06 12.32 14.32
CA PRO A 89 -11.64 13.10 15.44
C PRO A 89 -10.63 13.35 16.58
N ALA A 90 -9.36 13.23 16.26
CA ALA A 90 -8.30 13.48 17.17
C ALA A 90 -7.95 14.95 17.15
N ASN A 91 -7.65 15.47 15.97
CA ASN A 91 -7.31 16.90 15.81
C ASN A 91 -7.96 17.44 14.53
N LEU A 92 -8.80 16.61 13.91
CA LEU A 92 -9.55 16.91 12.65
C LEU A 92 -8.62 17.01 11.43
N HIS A 93 -7.56 17.80 11.54
CA HIS A 93 -6.59 18.03 10.46
C HIS A 93 -5.77 16.74 10.20
N LEU A 94 -5.87 15.81 11.12
CA LEU A 94 -5.22 14.53 10.99
C LEU A 94 -6.09 13.64 10.14
N LYS A 95 -5.49 12.96 9.21
CA LYS A 95 -6.22 12.12 8.31
C LYS A 95 -5.64 10.73 8.36
N TYR A 96 -6.46 9.74 8.07
CA TYR A 96 -6.00 8.39 7.96
C TYR A 96 -5.08 8.25 6.75
N LYS A 97 -3.85 7.90 7.02
CA LYS A 97 -2.82 7.78 6.04
C LYS A 97 -2.17 6.44 6.21
N SER A 98 -1.94 5.76 5.14
CA SER A 98 -1.41 4.44 5.21
C SER A 98 -0.08 4.33 4.45
N VAL A 99 0.95 3.97 5.16
CA VAL A 99 2.24 3.74 4.56
C VAL A 99 2.52 2.24 4.48
N ILE A 100 2.57 1.74 3.28
CA ILE A 100 2.85 0.36 3.06
C ILE A 100 4.30 0.20 2.64
N SER A 101 5.08 -0.36 3.52
CA SER A 101 6.45 -0.63 3.25
C SER A 101 6.56 -2.04 2.72
N PHE A 102 7.05 -2.18 1.52
CA PHE A 102 7.22 -3.47 0.93
C PHE A 102 8.56 -4.05 1.33
N VAL A 103 8.52 -5.06 2.15
CA VAL A 103 9.70 -5.73 2.63
C VAL A 103 9.78 -7.09 1.95
N CYS A 104 10.96 -7.61 1.79
CA CYS A 104 11.12 -8.81 1.04
C CYS A 104 10.81 -10.05 1.84
N LYS A 105 10.20 -11.00 1.18
CA LYS A 105 9.91 -12.28 1.73
C LYS A 105 9.60 -13.23 0.60
N SER A 106 10.59 -13.99 0.18
CA SER A 106 10.47 -14.95 -0.90
C SER A 106 9.36 -15.99 -0.65
N ASP A 107 9.15 -16.29 0.62
CA ASP A 107 8.14 -17.28 1.06
C ASP A 107 6.72 -16.78 0.83
N ALA A 108 6.59 -15.49 0.59
CA ALA A 108 5.27 -14.88 0.42
C ALA A 108 4.71 -15.13 -0.97
N GLY A 109 5.56 -15.02 -1.96
CA GLY A 109 5.15 -15.28 -3.30
C GLY A 109 4.49 -14.07 -3.96
N PRO A 110 3.76 -14.30 -5.07
CA PRO A 110 3.14 -13.22 -5.85
C PRO A 110 1.88 -12.65 -5.17
N THR A 111 1.37 -13.36 -4.21
CA THR A 111 0.24 -12.91 -3.44
C THR A 111 0.73 -12.04 -2.30
N SER A 112 1.82 -12.52 -1.69
CA SER A 112 2.53 -11.81 -0.64
C SER A 112 1.76 -11.78 0.70
N GLN A 113 2.48 -11.50 1.78
CA GLN A 113 1.91 -11.54 3.10
C GLN A 113 1.90 -10.15 3.75
N PRO A 114 0.73 -9.67 4.12
CA PRO A 114 0.59 -8.37 4.77
C PRO A 114 0.83 -8.47 6.28
N LEU A 115 1.79 -7.73 6.77
CA LEU A 115 2.10 -7.72 8.17
C LEU A 115 1.79 -6.33 8.70
N LEU A 116 0.88 -6.27 9.62
CA LEU A 116 0.54 -5.03 10.26
C LEU A 116 1.58 -4.71 11.30
N LEU A 117 2.27 -3.62 11.09
CA LEU A 117 3.32 -3.23 11.97
C LEU A 117 2.74 -2.57 13.20
N SER A 118 1.95 -1.52 13.00
CA SER A 118 1.36 -0.75 14.08
C SER A 118 0.23 0.12 13.55
N VAL A 119 -0.86 0.15 14.27
CA VAL A 119 -1.93 1.05 13.98
C VAL A 119 -1.84 2.18 14.98
N ASP A 120 -1.48 3.35 14.54
CA ASP A 120 -1.40 4.46 15.45
C ASP A 120 -2.60 5.32 15.29
N GLU A 121 -3.54 5.16 16.17
CA GLU A 121 -4.81 5.86 16.11
C GLU A 121 -4.68 7.29 16.67
N HIS A 122 -3.45 7.68 16.96
CA HIS A 122 -3.14 9.02 17.46
C HIS A 122 -2.88 9.97 16.30
N THR A 123 -1.99 9.57 15.40
CA THR A 123 -1.69 10.38 14.22
C THR A 123 -2.43 9.88 12.99
N CYS A 124 -3.04 8.70 13.15
CA CYS A 124 -3.80 8.00 12.09
C CYS A 124 -2.88 7.50 11.00
N THR A 125 -1.64 7.31 11.36
CA THR A 125 -0.67 6.81 10.47
C THR A 125 -0.64 5.29 10.60
N LEU A 126 -1.03 4.63 9.55
CA LEU A 126 -1.08 3.19 9.53
C LEU A 126 0.21 2.64 8.97
N PHE A 127 0.90 1.83 9.74
CA PHE A 127 2.16 1.27 9.30
C PHE A 127 1.95 -0.18 8.89
N PHE A 128 2.13 -0.45 7.63
CA PHE A 128 1.97 -1.78 7.08
C PHE A 128 3.24 -2.22 6.41
N SER A 129 3.57 -3.46 6.60
CA SER A 129 4.73 -4.02 5.98
C SER A 129 4.28 -5.20 5.12
N TRP A 130 4.37 -5.01 3.83
CA TRP A 130 3.91 -5.99 2.89
C TRP A 130 5.10 -6.85 2.53
N HIS A 131 5.07 -8.08 2.96
CA HIS A 131 6.16 -9.01 2.69
C HIS A 131 5.95 -9.59 1.34
N THR A 132 6.75 -9.19 0.40
CA THR A 132 6.65 -9.65 -0.95
C THR A 132 8.01 -10.07 -1.48
N SER A 133 8.01 -10.97 -2.42
CA SER A 133 9.21 -11.46 -3.02
C SER A 133 9.84 -10.36 -3.92
N LEU A 134 8.99 -9.47 -4.43
CA LEU A 134 9.41 -8.43 -5.38
C LEU A 134 10.25 -7.33 -4.71
N ALA A 135 10.38 -7.39 -3.40
CA ALA A 135 11.14 -6.37 -2.69
C ALA A 135 12.62 -6.71 -2.69
N CYS A 136 12.92 -7.90 -3.14
CA CYS A 136 14.28 -8.30 -3.38
C CYS A 136 14.59 -8.04 -4.82
N GLU A 137 15.80 -7.65 -5.08
CA GLU A 137 16.22 -7.38 -6.42
C GLU A 137 16.32 -8.68 -7.19
N GLN A 138 15.37 -8.86 -8.04
CA GLN A 138 15.25 -10.04 -8.84
C GLN A 138 16.18 -9.89 -10.04
N GLU A 139 16.88 -10.97 -10.35
CA GLU A 139 17.82 -11.01 -11.48
C GLU A 139 17.03 -10.69 -12.76
N VAL A 140 16.09 -11.54 -13.07
CA VAL A 140 15.17 -11.35 -14.16
C VAL A 140 13.82 -11.73 -13.61
N MET A 1 2.17 7.84 -16.26
CA MET A 1 2.26 7.98 -17.73
C MET A 1 3.72 7.88 -18.19
N VAL A 2 4.48 8.93 -17.95
CA VAL A 2 5.86 8.98 -18.36
C VAL A 2 6.75 8.52 -17.22
N GLN A 3 6.51 9.07 -16.04
CA GLN A 3 7.28 8.70 -14.88
C GLN A 3 6.87 7.33 -14.40
N ASP A 4 7.78 6.67 -13.70
CA ASP A 4 7.57 5.34 -13.13
C ASP A 4 6.32 5.34 -12.26
N ASN A 5 5.26 4.77 -12.76
CA ASN A 5 4.02 4.69 -12.02
C ASN A 5 3.65 3.24 -11.86
N CYS A 6 3.42 2.84 -10.61
CA CYS A 6 3.09 1.43 -10.27
C CYS A 6 4.29 0.51 -10.42
N GLN A 7 5.36 1.06 -10.84
CA GLN A 7 6.58 0.37 -11.01
C GLN A 7 7.63 1.39 -10.76
N VAL A 8 8.81 0.96 -10.50
CA VAL A 8 9.88 1.88 -10.35
C VAL A 8 11.18 1.27 -10.86
N THR A 9 11.75 1.92 -11.80
CA THR A 9 13.01 1.58 -12.31
C THR A 9 14.04 2.38 -11.51
N ASN A 10 14.71 1.70 -10.61
CA ASN A 10 15.65 2.40 -9.75
C ASN A 10 16.96 2.58 -10.49
N PRO A 11 17.56 3.77 -10.42
CA PRO A 11 18.80 4.08 -11.14
C PRO A 11 20.02 3.43 -10.48
N ALA A 12 19.83 2.95 -9.27
CA ALA A 12 20.87 2.34 -8.51
C ALA A 12 21.34 1.05 -9.17
N THR A 13 20.49 0.08 -9.18
CA THR A 13 20.84 -1.21 -9.74
C THR A 13 20.30 -1.38 -11.16
N GLY A 14 19.26 -0.64 -11.49
CA GLY A 14 18.70 -0.72 -12.82
C GLY A 14 17.57 -1.72 -12.90
N TYR A 15 17.29 -2.39 -11.80
CA TYR A 15 16.23 -3.36 -11.79
C TYR A 15 14.89 -2.66 -11.76
N VAL A 16 13.99 -3.17 -12.53
CA VAL A 16 12.68 -2.62 -12.66
C VAL A 16 11.74 -3.43 -11.80
N PHE A 17 11.09 -2.80 -10.88
CA PHE A 17 10.17 -3.49 -10.03
C PHE A 17 8.78 -2.95 -10.28
N ASP A 18 7.95 -3.76 -10.92
CA ASP A 18 6.58 -3.36 -11.18
C ASP A 18 5.65 -4.08 -10.25
N LEU A 19 4.83 -3.33 -9.59
CA LEU A 19 3.92 -3.92 -8.66
C LEU A 19 2.61 -4.24 -9.39
N ASN A 20 2.65 -4.03 -10.70
CA ASN A 20 1.54 -4.31 -11.59
C ASN A 20 1.31 -5.81 -11.68
N SER A 21 2.35 -6.58 -11.48
CA SER A 21 2.20 -8.00 -11.50
C SER A 21 1.61 -8.55 -10.19
N LEU A 22 1.69 -7.75 -9.14
CA LEU A 22 1.17 -8.19 -7.84
C LEU A 22 -0.08 -7.43 -7.45
N LYS A 23 -0.55 -6.59 -8.32
CA LYS A 23 -1.74 -5.83 -8.04
C LYS A 23 -2.96 -6.66 -8.40
N ARG A 24 -4.03 -6.38 -7.74
CA ARG A 24 -5.27 -7.03 -8.01
C ARG A 24 -6.26 -5.95 -8.38
N GLU A 25 -6.95 -6.11 -9.50
CA GLU A 25 -7.87 -5.11 -10.02
C GLU A 25 -8.98 -4.81 -9.00
N SER A 26 -9.50 -5.86 -8.39
CA SER A 26 -10.56 -5.74 -7.43
C SER A 26 -10.02 -5.38 -6.02
N GLY A 27 -8.70 -5.19 -5.93
CA GLY A 27 -8.07 -4.82 -4.68
C GLY A 27 -7.94 -5.97 -3.70
N TYR A 28 -7.14 -5.76 -2.69
CA TYR A 28 -6.96 -6.72 -1.64
C TYR A 28 -7.82 -6.32 -0.47
N THR A 29 -8.65 -7.22 -0.07
CA THR A 29 -9.55 -6.98 1.01
C THR A 29 -9.01 -7.72 2.22
N ILE A 30 -8.31 -7.02 3.08
CA ILE A 30 -7.66 -7.64 4.21
C ILE A 30 -8.34 -7.26 5.53
N SER A 31 -8.73 -8.25 6.28
CA SER A 31 -9.34 -8.04 7.57
C SER A 31 -8.24 -8.12 8.62
N ASP A 32 -8.00 -7.03 9.32
CA ASP A 32 -6.96 -7.03 10.34
C ASP A 32 -7.44 -6.73 11.74
N ILE A 33 -7.59 -7.81 12.49
CA ILE A 33 -7.84 -7.81 13.90
C ILE A 33 -9.18 -7.14 14.26
N ARG A 34 -9.15 -5.93 14.77
CA ARG A 34 -10.37 -5.22 15.16
C ARG A 34 -10.62 -3.98 14.34
N LYS A 35 -9.63 -3.54 13.56
CA LYS A 35 -9.81 -2.34 12.75
C LYS A 35 -10.82 -2.61 11.66
N GLY A 36 -10.79 -3.82 11.16
CA GLY A 36 -11.79 -4.23 10.23
C GLY A 36 -11.16 -4.68 8.97
N SER A 37 -11.95 -4.73 7.94
CA SER A 37 -11.47 -5.10 6.67
C SER A 37 -11.14 -3.86 5.88
N ILE A 38 -9.94 -3.76 5.43
CA ILE A 38 -9.53 -2.67 4.63
C ILE A 38 -9.24 -3.19 3.23
N ARG A 39 -9.83 -2.56 2.27
CA ARG A 39 -9.68 -2.94 0.90
C ARG A 39 -8.78 -1.95 0.20
N LEU A 40 -7.67 -2.43 -0.30
CA LEU A 40 -6.70 -1.59 -0.94
C LEU A 40 -6.53 -2.02 -2.38
N GLY A 41 -6.75 -1.13 -3.29
CA GLY A 41 -6.59 -1.43 -4.67
C GLY A 41 -5.28 -0.92 -5.19
N VAL A 42 -4.29 -1.77 -5.24
CA VAL A 42 -3.00 -1.39 -5.78
C VAL A 42 -3.18 -1.11 -7.27
N CYS A 43 -2.98 0.15 -7.65
CA CYS A 43 -3.09 0.61 -9.04
C CYS A 43 -4.49 0.38 -9.64
N GLY A 44 -5.44 0.11 -8.79
CA GLY A 44 -6.79 -0.07 -9.19
C GLY A 44 -7.66 0.57 -8.17
N GLU A 45 -8.33 1.60 -8.56
CA GLU A 45 -9.16 2.36 -7.65
C GLU A 45 -10.28 1.50 -7.14
N VAL A 46 -10.60 1.64 -5.90
CA VAL A 46 -11.69 0.88 -5.38
C VAL A 46 -12.99 1.62 -5.63
N LYS A 47 -13.60 1.34 -6.78
CA LYS A 47 -14.87 1.97 -7.18
C LYS A 47 -15.97 1.60 -6.20
N ASP A 48 -15.72 0.53 -5.45
CA ASP A 48 -16.54 0.07 -4.34
C ASP A 48 -16.62 1.15 -3.24
N CYS A 49 -15.64 2.03 -3.22
CA CYS A 49 -15.59 3.09 -2.23
C CYS A 49 -15.56 4.45 -2.96
N GLY A 50 -15.68 4.39 -4.27
CA GLY A 50 -15.63 5.59 -5.08
C GLY A 50 -14.28 5.75 -5.77
N PRO A 51 -14.24 6.42 -6.93
CA PRO A 51 -12.99 6.66 -7.65
C PRO A 51 -12.08 7.63 -6.89
N GLY A 52 -10.79 7.53 -7.10
CA GLY A 52 -9.85 8.35 -6.40
C GLY A 52 -9.43 7.73 -5.08
N ILE A 53 -10.11 6.69 -4.67
CA ILE A 53 -9.83 6.04 -3.41
C ILE A 53 -8.97 4.82 -3.67
N GLY A 54 -7.89 4.71 -2.92
CA GLY A 54 -7.00 3.58 -3.10
C GLY A 54 -7.23 2.54 -2.03
N ALA A 55 -7.25 2.98 -0.79
CA ALA A 55 -7.49 2.09 0.32
C ALA A 55 -8.72 2.58 1.05
N CYS A 56 -9.61 1.69 1.36
CA CYS A 56 -10.87 2.05 2.01
C CYS A 56 -11.21 1.08 3.13
N PHE A 57 -11.91 1.56 4.14
CA PHE A 57 -12.28 0.77 5.30
C PHE A 57 -13.68 0.17 5.16
N GLU A 58 -13.90 -0.86 5.97
CA GLU A 58 -15.13 -1.63 6.08
C GLU A 58 -16.33 -0.80 6.58
N GLY A 59 -16.07 0.30 7.25
CA GLY A 59 -17.16 1.06 7.82
C GLY A 59 -17.25 2.47 7.28
N THR A 60 -18.45 2.84 6.84
CA THR A 60 -18.79 4.19 6.38
C THR A 60 -18.20 4.51 4.98
N GLY A 61 -17.28 3.68 4.53
CA GLY A 61 -16.62 3.92 3.28
C GLY A 61 -15.59 5.00 3.45
N ILE A 62 -14.95 5.00 4.60
CA ILE A 62 -13.91 5.95 4.88
C ILE A 62 -12.62 5.49 4.26
N LYS A 63 -11.86 6.42 3.76
CA LYS A 63 -10.66 6.11 3.05
C LYS A 63 -9.45 6.12 3.96
N ALA A 64 -8.56 5.24 3.65
CA ALA A 64 -7.31 5.07 4.37
C ALA A 64 -6.18 5.63 3.52
N GLY A 65 -6.57 6.40 2.54
CA GLY A 65 -5.65 7.03 1.66
C GLY A 65 -6.19 7.03 0.25
N LYS A 66 -5.94 8.10 -0.45
CA LYS A 66 -6.37 8.21 -1.81
C LYS A 66 -5.44 7.47 -2.74
N TRP A 67 -5.95 7.17 -3.91
CA TRP A 67 -5.23 6.41 -4.88
C TRP A 67 -4.04 7.22 -5.38
N ASN A 68 -2.95 6.55 -5.60
CA ASN A 68 -1.75 7.16 -6.08
C ASN A 68 -0.90 6.08 -6.70
N GLN A 69 0.15 6.49 -7.32
CA GLN A 69 1.09 5.63 -8.02
C GLN A 69 2.50 5.91 -7.54
N LYS A 70 2.59 6.43 -6.34
CA LYS A 70 3.84 6.91 -5.82
C LYS A 70 4.60 5.77 -5.13
N LEU A 71 5.60 5.26 -5.80
CA LEU A 71 6.41 4.17 -5.28
C LEU A 71 7.78 4.70 -4.89
N SER A 72 8.21 4.36 -3.69
CA SER A 72 9.51 4.78 -3.23
C SER A 72 10.33 3.53 -2.88
N TYR A 73 11.34 3.25 -3.67
CA TYR A 73 12.21 2.11 -3.45
C TYR A 73 13.42 2.57 -2.66
N VAL A 74 13.43 2.25 -1.39
CA VAL A 74 14.50 2.64 -0.51
C VAL A 74 15.05 1.42 0.23
N ASP A 75 16.22 0.96 -0.19
CA ASP A 75 16.94 -0.13 0.48
C ASP A 75 16.10 -1.38 0.55
N GLN A 76 15.75 -1.88 -0.64
CA GLN A 76 14.93 -3.07 -0.84
C GLN A 76 13.57 -2.99 -0.14
N VAL A 77 13.10 -1.78 0.09
CA VAL A 77 11.79 -1.57 0.64
C VAL A 77 11.00 -0.63 -0.25
N LEU A 78 9.86 -1.09 -0.72
CA LEU A 78 8.97 -0.25 -1.49
C LEU A 78 8.01 0.41 -0.57
N GLN A 79 7.99 1.67 -0.62
CA GLN A 79 7.10 2.44 0.20
C GLN A 79 5.95 2.89 -0.63
N LEU A 80 4.78 2.40 -0.30
CA LEU A 80 3.57 2.83 -0.93
C LEU A 80 2.70 3.49 0.12
N VAL A 81 2.68 4.80 0.10
CA VAL A 81 1.95 5.55 1.08
C VAL A 81 0.71 6.14 0.46
N TYR A 82 -0.41 5.79 0.99
CA TYR A 82 -1.66 6.36 0.57
C TYR A 82 -1.91 7.64 1.35
N GLU A 83 -1.79 8.74 0.64
CA GLU A 83 -1.95 10.07 1.21
C GLU A 83 -3.42 10.48 1.23
N ASP A 84 -3.74 11.38 2.16
CA ASP A 84 -5.05 12.04 2.31
C ASP A 84 -6.22 11.07 2.46
N GLY A 85 -6.46 10.67 3.68
CA GLY A 85 -7.56 9.79 3.95
C GLY A 85 -8.68 10.52 4.65
N ASP A 86 -9.44 9.81 5.44
CA ASP A 86 -10.50 10.44 6.21
C ASP A 86 -9.93 11.01 7.50
N PRO A 87 -10.48 12.13 7.98
CA PRO A 87 -9.97 12.85 9.15
C PRO A 87 -10.28 12.12 10.46
N CYS A 88 -9.36 12.19 11.36
CA CYS A 88 -9.50 11.57 12.65
C CYS A 88 -9.79 12.62 13.71
N PRO A 89 -10.65 12.30 14.69
CA PRO A 89 -11.06 13.24 15.74
C PRO A 89 -9.96 13.54 16.79
N ALA A 90 -8.75 13.12 16.51
CA ALA A 90 -7.64 13.33 17.42
C ALA A 90 -7.08 14.74 17.26
N ASN A 91 -6.69 15.08 16.03
CA ASN A 91 -6.12 16.41 15.76
C ASN A 91 -6.72 17.04 14.53
N LEU A 92 -7.77 16.39 13.99
CA LEU A 92 -8.50 16.84 12.78
C LEU A 92 -7.67 16.70 11.48
N HIS A 93 -6.49 17.29 11.47
CA HIS A 93 -5.60 17.28 10.30
C HIS A 93 -4.93 15.91 10.15
N LEU A 94 -5.04 15.10 11.18
CA LEU A 94 -4.53 13.75 11.12
C LEU A 94 -5.59 12.92 10.43
N LYS A 95 -5.18 12.17 9.48
CA LYS A 95 -6.08 11.41 8.66
C LYS A 95 -5.61 9.99 8.55
N TYR A 96 -6.49 9.12 8.15
CA TYR A 96 -6.17 7.74 7.90
C TYR A 96 -5.25 7.63 6.72
N LYS A 97 -4.04 7.23 6.98
CA LYS A 97 -3.04 7.11 5.95
C LYS A 97 -2.44 5.74 6.07
N SER A 98 -2.06 5.17 4.99
CA SER A 98 -1.54 3.85 5.03
C SER A 98 -0.21 3.74 4.31
N VAL A 99 0.80 3.32 5.01
CA VAL A 99 2.08 3.12 4.43
C VAL A 99 2.40 1.64 4.41
N ILE A 100 2.42 1.11 3.22
CA ILE A 100 2.71 -0.27 3.05
C ILE A 100 4.16 -0.38 2.64
N SER A 101 4.96 -0.83 3.56
CA SER A 101 6.33 -1.05 3.33
C SER A 101 6.52 -2.45 2.78
N PHE A 102 6.88 -2.52 1.55
CA PHE A 102 7.14 -3.77 0.90
C PHE A 102 8.57 -4.11 1.17
N VAL A 103 8.77 -5.01 2.09
CA VAL A 103 10.07 -5.42 2.53
C VAL A 103 10.46 -6.74 1.88
N CYS A 104 11.74 -7.03 1.86
CA CYS A 104 12.25 -8.18 1.15
C CYS A 104 12.02 -9.51 1.85
N LYS A 105 11.32 -10.37 1.16
CA LYS A 105 11.16 -11.77 1.51
C LYS A 105 11.17 -12.52 0.21
N SER A 106 12.32 -13.04 -0.14
CA SER A 106 12.56 -13.66 -1.43
C SER A 106 11.68 -14.87 -1.69
N ASP A 107 11.25 -15.55 -0.66
CA ASP A 107 10.43 -16.74 -0.85
C ASP A 107 8.98 -16.51 -0.47
N ALA A 108 8.59 -15.24 -0.41
CA ALA A 108 7.22 -14.89 -0.11
C ALA A 108 6.31 -15.25 -1.28
N GLY A 109 6.81 -15.04 -2.47
CA GLY A 109 6.07 -15.39 -3.64
C GLY A 109 5.22 -14.25 -4.15
N PRO A 110 4.38 -14.51 -5.18
CA PRO A 110 3.52 -13.47 -5.79
C PRO A 110 2.37 -13.07 -4.88
N THR A 111 2.14 -13.87 -3.89
CA THR A 111 1.16 -13.60 -2.90
C THR A 111 1.73 -12.62 -1.91
N SER A 112 2.95 -12.94 -1.45
CA SER A 112 3.69 -12.15 -0.48
C SER A 112 3.02 -12.21 0.90
N GLN A 113 3.73 -11.87 1.93
CA GLN A 113 3.19 -12.03 3.27
C GLN A 113 2.84 -10.67 3.86
N PRO A 114 1.56 -10.46 4.20
CA PRO A 114 1.09 -9.23 4.79
C PRO A 114 1.16 -9.27 6.32
N LEU A 115 1.97 -8.40 6.88
CA LEU A 115 2.11 -8.29 8.30
C LEU A 115 1.63 -6.93 8.76
N LEU A 116 0.65 -6.93 9.62
CA LEU A 116 0.20 -5.72 10.26
C LEU A 116 1.28 -5.31 11.26
N LEU A 117 1.92 -4.21 11.01
CA LEU A 117 3.01 -3.79 11.84
C LEU A 117 2.50 -2.95 13.00
N SER A 118 1.92 -1.82 12.68
CA SER A 118 1.49 -0.89 13.69
C SER A 118 0.24 -0.14 13.26
N VAL A 119 -0.67 0.03 14.17
CA VAL A 119 -1.87 0.79 13.94
C VAL A 119 -1.92 1.89 14.97
N ASP A 120 -1.77 3.12 14.55
CA ASP A 120 -1.81 4.22 15.49
C ASP A 120 -3.19 4.84 15.51
N GLU A 121 -3.77 4.91 16.69
CA GLU A 121 -5.13 5.43 16.88
C GLU A 121 -5.21 6.96 16.91
N HIS A 122 -4.09 7.65 16.93
CA HIS A 122 -4.13 9.10 16.96
C HIS A 122 -3.84 9.72 15.61
N THR A 123 -2.74 9.31 15.03
CA THR A 123 -2.32 9.84 13.76
C THR A 123 -2.97 9.09 12.61
N CYS A 124 -3.54 7.91 12.95
CA CYS A 124 -4.25 7.05 11.99
C CYS A 124 -3.33 6.57 10.89
N THR A 125 -2.05 6.57 11.16
CA THR A 125 -1.10 6.12 10.24
C THR A 125 -0.96 4.61 10.39
N LEU A 126 -1.33 3.91 9.36
CA LEU A 126 -1.27 2.48 9.36
C LEU A 126 0.06 2.05 8.81
N PHE A 127 0.74 1.22 9.54
CA PHE A 127 2.02 0.72 9.14
C PHE A 127 1.89 -0.76 8.81
N PHE A 128 2.13 -1.09 7.57
CA PHE A 128 2.04 -2.45 7.10
C PHE A 128 3.38 -2.91 6.57
N SER A 129 3.74 -4.12 6.90
CA SER A 129 4.94 -4.69 6.40
C SER A 129 4.56 -5.81 5.43
N TRP A 130 4.69 -5.53 4.18
CA TRP A 130 4.33 -6.47 3.17
C TRP A 130 5.61 -7.15 2.73
N HIS A 131 5.79 -8.35 3.14
CA HIS A 131 6.99 -9.09 2.83
C HIS A 131 6.84 -9.65 1.44
N THR A 132 7.45 -9.01 0.48
CA THR A 132 7.32 -9.41 -0.88
C THR A 132 8.68 -9.71 -1.51
N SER A 133 8.65 -10.55 -2.50
CA SER A 133 9.82 -10.93 -3.21
C SER A 133 10.24 -9.81 -4.18
N LEU A 134 9.29 -9.00 -4.61
CA LEU A 134 9.55 -7.89 -5.55
C LEU A 134 10.31 -6.75 -4.88
N ALA A 135 10.52 -6.86 -3.60
CA ALA A 135 11.21 -5.83 -2.85
C ALA A 135 12.70 -6.11 -2.83
N CYS A 136 13.02 -7.35 -3.00
CA CYS A 136 14.37 -7.83 -2.92
C CYS A 136 15.14 -7.39 -4.14
N GLU A 137 16.40 -7.04 -3.93
CA GLU A 137 17.26 -6.74 -5.03
C GLU A 137 17.58 -8.07 -5.69
N GLN A 138 16.81 -8.37 -6.69
CA GLN A 138 16.84 -9.66 -7.30
C GLN A 138 18.00 -9.76 -8.28
N GLU A 139 18.77 -10.81 -8.13
CA GLU A 139 19.92 -11.04 -8.97
C GLU A 139 19.47 -11.62 -10.30
N VAL A 140 18.59 -12.58 -10.24
CA VAL A 140 18.10 -13.25 -11.43
C VAL A 140 16.61 -12.99 -11.53
N MET A 1 13.93 7.32 -13.41
CA MET A 1 13.91 8.14 -14.61
C MET A 1 12.79 9.19 -14.59
N VAL A 2 11.51 8.76 -14.54
CA VAL A 2 10.36 9.69 -14.60
C VAL A 2 9.04 8.93 -14.62
N GLN A 3 9.03 7.76 -15.24
CA GLN A 3 7.81 6.94 -15.36
C GLN A 3 7.76 5.94 -14.23
N ASP A 4 8.49 6.28 -13.19
CA ASP A 4 8.65 5.46 -12.04
C ASP A 4 7.52 5.72 -11.06
N ASN A 5 6.36 5.23 -11.41
CA ASN A 5 5.18 5.38 -10.58
C ASN A 5 5.05 4.22 -9.59
N CYS A 6 4.70 3.07 -10.09
CA CYS A 6 4.61 1.86 -9.30
C CYS A 6 5.51 0.83 -9.90
N GLN A 7 6.36 1.31 -10.74
CA GLN A 7 7.37 0.56 -11.34
C GLN A 7 8.58 1.44 -11.34
N VAL A 8 9.59 1.04 -10.66
CA VAL A 8 10.77 1.87 -10.52
C VAL A 8 12.00 1.01 -10.67
N THR A 9 13.00 1.55 -11.31
CA THR A 9 14.20 0.81 -11.53
C THR A 9 15.37 1.55 -10.89
N ASN A 10 16.47 0.88 -10.79
CA ASN A 10 17.66 1.47 -10.26
C ASN A 10 18.79 1.13 -11.22
N PRO A 11 19.82 1.97 -11.32
CA PRO A 11 20.95 1.73 -12.24
C PRO A 11 21.99 0.77 -11.64
N ALA A 12 21.60 0.07 -10.59
CA ALA A 12 22.48 -0.86 -9.94
C ALA A 12 22.29 -2.24 -10.49
N THR A 13 21.08 -2.75 -10.44
CA THR A 13 20.77 -4.03 -10.99
C THR A 13 20.05 -3.88 -12.32
N GLY A 14 19.34 -2.76 -12.46
CA GLY A 14 18.59 -2.50 -13.65
C GLY A 14 17.29 -3.25 -13.64
N TYR A 15 16.81 -3.53 -12.47
CA TYR A 15 15.58 -4.25 -12.31
C TYR A 15 14.48 -3.24 -12.07
N VAL A 16 13.40 -3.38 -12.76
CA VAL A 16 12.26 -2.53 -12.60
C VAL A 16 11.29 -3.23 -11.67
N PHE A 17 11.13 -2.73 -10.47
CA PHE A 17 10.18 -3.33 -9.54
C PHE A 17 8.80 -2.90 -9.97
N ASP A 18 8.07 -3.77 -10.60
CA ASP A 18 6.76 -3.45 -11.10
C ASP A 18 5.70 -4.02 -10.22
N LEU A 19 5.06 -3.17 -9.47
CA LEU A 19 4.01 -3.59 -8.56
C LEU A 19 2.68 -3.65 -9.33
N ASN A 20 2.73 -3.25 -10.58
CA ASN A 20 1.56 -3.22 -11.40
C ASN A 20 1.10 -4.63 -11.76
N SER A 21 1.99 -5.59 -11.68
CA SER A 21 1.60 -6.96 -11.93
C SER A 21 0.94 -7.58 -10.67
N LEU A 22 0.98 -6.84 -9.57
CA LEU A 22 0.44 -7.29 -8.29
C LEU A 22 -0.74 -6.40 -7.88
N LYS A 23 -1.22 -5.55 -8.80
CA LYS A 23 -2.40 -4.68 -8.56
C LYS A 23 -3.66 -5.51 -8.21
N ARG A 24 -4.74 -4.80 -7.90
CA ARG A 24 -5.99 -5.43 -7.53
C ARG A 24 -6.62 -6.18 -8.69
N GLU A 25 -6.33 -7.42 -8.75
CA GLU A 25 -7.01 -8.32 -9.62
C GLU A 25 -8.09 -8.95 -8.76
N SER A 26 -7.70 -9.20 -7.53
CA SER A 26 -8.56 -9.66 -6.50
C SER A 26 -8.56 -8.58 -5.39
N GLY A 27 -7.35 -8.04 -5.13
CA GLY A 27 -7.18 -7.09 -4.08
C GLY A 27 -6.62 -7.75 -2.86
N TYR A 28 -6.32 -6.98 -1.86
CA TYR A 28 -5.87 -7.52 -0.59
C TYR A 28 -6.94 -7.20 0.42
N THR A 29 -7.21 -8.09 1.32
CA THR A 29 -8.19 -7.83 2.35
C THR A 29 -7.76 -8.44 3.68
N ILE A 30 -7.29 -7.59 4.56
CA ILE A 30 -6.87 -8.00 5.87
C ILE A 30 -7.72 -7.27 6.90
N SER A 31 -7.97 -7.89 8.01
CA SER A 31 -8.82 -7.28 9.01
C SER A 31 -8.06 -6.95 10.28
N ASP A 32 -8.12 -5.69 10.65
CA ASP A 32 -7.58 -5.22 11.91
C ASP A 32 -8.43 -5.79 13.06
N ILE A 33 -7.83 -5.89 14.24
CA ILE A 33 -8.47 -6.47 15.45
C ILE A 33 -9.79 -5.72 15.82
N ARG A 34 -9.91 -4.48 15.42
CA ARG A 34 -11.10 -3.65 15.67
C ARG A 34 -12.20 -3.95 14.67
N LYS A 35 -11.94 -4.92 13.81
CA LYS A 35 -12.80 -5.32 12.72
C LYS A 35 -12.87 -4.25 11.68
N GLY A 36 -11.72 -4.02 11.13
CA GLY A 36 -11.57 -3.12 10.05
C GLY A 36 -10.98 -3.88 8.91
N SER A 37 -11.84 -4.41 8.08
CA SER A 37 -11.40 -5.15 6.94
C SER A 37 -10.99 -4.18 5.86
N ILE A 38 -9.73 -4.03 5.68
CA ILE A 38 -9.22 -3.10 4.74
C ILE A 38 -8.87 -3.82 3.46
N ARG A 39 -9.41 -3.33 2.40
CA ARG A 39 -9.20 -3.87 1.13
C ARG A 39 -8.33 -2.90 0.37
N LEU A 40 -7.24 -3.38 -0.13
CA LEU A 40 -6.31 -2.54 -0.79
C LEU A 40 -6.13 -2.94 -2.22
N GLY A 41 -6.02 -1.96 -3.05
CA GLY A 41 -5.65 -2.13 -4.40
C GLY A 41 -4.43 -1.29 -4.61
N VAL A 42 -3.39 -1.85 -5.10
CA VAL A 42 -2.17 -1.10 -5.26
C VAL A 42 -2.12 -0.42 -6.59
N CYS A 43 -2.06 0.90 -6.56
CA CYS A 43 -1.89 1.75 -7.73
C CYS A 43 -3.12 1.76 -8.63
N GLY A 44 -4.21 1.21 -8.13
CA GLY A 44 -5.45 1.18 -8.86
C GLY A 44 -6.55 1.53 -7.93
N GLU A 45 -7.39 2.45 -8.33
CA GLU A 45 -8.48 2.90 -7.48
C GLU A 45 -9.59 1.87 -7.42
N VAL A 46 -9.99 1.53 -6.22
CA VAL A 46 -11.08 0.62 -6.00
C VAL A 46 -12.39 1.39 -5.86
N LYS A 47 -13.15 1.42 -6.95
CA LYS A 47 -14.40 2.20 -7.06
C LYS A 47 -15.45 1.63 -6.13
N ASP A 48 -15.16 0.46 -5.63
CA ASP A 48 -15.94 -0.28 -4.67
C ASP A 48 -16.16 0.61 -3.44
N CYS A 49 -15.11 1.27 -3.02
CA CYS A 49 -15.17 2.10 -1.84
C CYS A 49 -15.22 3.57 -2.20
N GLY A 50 -15.07 3.88 -3.47
CA GLY A 50 -15.13 5.24 -3.92
C GLY A 50 -14.11 5.53 -4.98
N PRO A 51 -14.26 6.61 -5.72
CA PRO A 51 -13.32 6.96 -6.76
C PRO A 51 -12.11 7.67 -6.20
N GLY A 52 -10.96 7.33 -6.72
CA GLY A 52 -9.73 7.89 -6.25
C GLY A 52 -9.33 7.38 -4.89
N ILE A 53 -9.71 6.15 -4.58
CA ILE A 53 -9.37 5.53 -3.32
C ILE A 53 -8.61 4.24 -3.63
N GLY A 54 -7.46 4.05 -3.02
CA GLY A 54 -6.70 2.84 -3.28
C GLY A 54 -6.80 1.84 -2.16
N ALA A 55 -6.85 2.34 -0.96
CA ALA A 55 -6.98 1.50 0.21
C ALA A 55 -8.22 1.92 0.96
N CYS A 56 -9.09 1.00 1.21
CA CYS A 56 -10.34 1.34 1.86
C CYS A 56 -10.74 0.31 2.86
N PHE A 57 -11.50 0.71 3.82
CA PHE A 57 -12.06 -0.19 4.79
C PHE A 57 -13.43 -0.60 4.32
N GLU A 58 -13.59 -1.85 4.05
CA GLU A 58 -14.80 -2.39 3.51
C GLU A 58 -15.86 -2.45 4.60
N GLY A 59 -16.74 -1.48 4.57
CA GLY A 59 -17.83 -1.40 5.50
C GLY A 59 -18.73 -0.25 5.11
N THR A 60 -18.52 0.91 5.71
CA THR A 60 -19.32 2.08 5.38
C THR A 60 -18.61 2.95 4.33
N GLY A 61 -17.30 3.06 4.42
CA GLY A 61 -16.59 3.87 3.46
C GLY A 61 -15.42 4.61 4.07
N ILE A 62 -14.78 4.02 5.09
CA ILE A 62 -13.60 4.62 5.68
C ILE A 62 -12.45 4.48 4.68
N LYS A 63 -11.85 5.58 4.35
CA LYS A 63 -10.82 5.61 3.34
C LYS A 63 -9.47 5.61 4.02
N ALA A 64 -8.57 4.77 3.56
CA ALA A 64 -7.27 4.63 4.19
C ALA A 64 -6.18 5.29 3.36
N GLY A 65 -6.58 5.95 2.29
CA GLY A 65 -5.64 6.63 1.44
C GLY A 65 -6.19 6.82 0.04
N LYS A 66 -5.92 7.98 -0.53
CA LYS A 66 -6.36 8.27 -1.88
C LYS A 66 -5.45 7.63 -2.91
N TRP A 67 -6.00 7.41 -4.07
CA TRP A 67 -5.29 6.80 -5.16
C TRP A 67 -4.14 7.68 -5.62
N ASN A 68 -2.98 7.12 -5.63
CA ASN A 68 -1.77 7.77 -6.06
C ASN A 68 -0.76 6.70 -6.31
N GLN A 69 0.01 6.85 -7.34
CA GLN A 69 1.00 5.88 -7.70
C GLN A 69 2.38 6.43 -7.38
N LYS A 70 2.74 6.33 -6.12
CA LYS A 70 3.98 6.89 -5.63
C LYS A 70 4.79 5.86 -4.87
N LEU A 71 5.73 5.26 -5.53
CA LEU A 71 6.64 4.36 -4.86
C LEU A 71 7.94 5.05 -4.60
N SER A 72 8.16 5.35 -3.37
CA SER A 72 9.36 5.95 -2.94
C SER A 72 10.36 4.87 -2.54
N TYR A 73 11.43 4.77 -3.29
CA TYR A 73 12.45 3.81 -3.03
C TYR A 73 13.46 4.46 -2.12
N VAL A 74 13.37 4.13 -0.85
CA VAL A 74 14.20 4.72 0.18
C VAL A 74 14.68 3.60 1.07
N ASP A 75 15.93 3.68 1.54
CA ASP A 75 16.55 2.67 2.44
C ASP A 75 16.57 1.29 1.75
N GLN A 76 16.54 1.31 0.41
CA GLN A 76 16.51 0.10 -0.43
C GLN A 76 15.19 -0.68 -0.22
N VAL A 77 14.20 -0.02 0.35
CA VAL A 77 12.91 -0.64 0.60
C VAL A 77 11.83 0.18 -0.12
N LEU A 78 10.73 -0.45 -0.43
CA LEU A 78 9.64 0.22 -1.11
C LEU A 78 8.69 0.79 -0.10
N GLN A 79 8.37 2.03 -0.25
CA GLN A 79 7.41 2.66 0.63
C GLN A 79 6.23 3.17 -0.18
N LEU A 80 5.07 2.62 0.06
CA LEU A 80 3.86 3.09 -0.56
C LEU A 80 2.94 3.59 0.50
N VAL A 81 2.88 4.88 0.64
CA VAL A 81 2.03 5.44 1.63
C VAL A 81 0.80 6.09 1.01
N TYR A 82 -0.33 5.50 1.28
CA TYR A 82 -1.60 6.02 0.86
C TYR A 82 -2.00 7.07 1.86
N GLU A 83 -1.84 8.30 1.50
CA GLU A 83 -2.17 9.36 2.38
C GLU A 83 -3.48 10.00 2.02
N ASP A 84 -4.02 10.71 3.00
CA ASP A 84 -5.21 11.54 2.88
C ASP A 84 -6.43 10.69 2.55
N GLY A 85 -6.81 9.86 3.46
CA GLY A 85 -7.96 9.03 3.25
C GLY A 85 -9.21 9.67 3.75
N ASP A 86 -9.55 9.36 4.96
CA ASP A 86 -10.75 9.85 5.56
C ASP A 86 -10.34 10.58 6.84
N PRO A 87 -11.09 11.61 7.27
CA PRO A 87 -10.75 12.38 8.48
C PRO A 87 -10.63 11.50 9.73
N CYS A 88 -9.64 11.78 10.51
CA CYS A 88 -9.36 11.05 11.70
C CYS A 88 -9.83 11.85 12.90
N PRO A 89 -10.63 11.22 13.80
CA PRO A 89 -11.20 11.88 14.98
C PRO A 89 -10.17 12.26 16.07
N ALA A 90 -8.91 12.26 15.70
CA ALA A 90 -7.87 12.67 16.59
C ALA A 90 -7.72 14.19 16.56
N ASN A 91 -7.81 14.78 15.37
CA ASN A 91 -7.71 16.25 15.24
C ASN A 91 -8.43 16.76 13.98
N LEU A 92 -9.22 15.87 13.34
CA LEU A 92 -10.02 16.14 12.12
C LEU A 92 -9.13 16.35 10.89
N HIS A 93 -8.17 17.27 10.99
CA HIS A 93 -7.25 17.60 9.88
C HIS A 93 -6.35 16.41 9.56
N LEU A 94 -6.17 15.55 10.53
CA LEU A 94 -5.37 14.36 10.38
C LEU A 94 -6.24 13.35 9.70
N LYS A 95 -5.70 12.59 8.82
CA LYS A 95 -6.49 11.68 8.05
C LYS A 95 -5.84 10.33 8.05
N TYR A 96 -6.62 9.29 7.80
CA TYR A 96 -6.11 7.93 7.71
C TYR A 96 -5.07 7.85 6.60
N LYS A 97 -3.87 7.45 6.96
CA LYS A 97 -2.79 7.30 6.02
C LYS A 97 -2.18 5.94 6.26
N SER A 98 -1.91 5.22 5.23
CA SER A 98 -1.39 3.89 5.37
C SER A 98 -0.08 3.73 4.62
N VAL A 99 0.98 3.46 5.34
CA VAL A 99 2.26 3.27 4.73
C VAL A 99 2.60 1.79 4.66
N ILE A 100 2.57 1.27 3.48
CA ILE A 100 2.87 -0.09 3.23
C ILE A 100 4.32 -0.17 2.78
N SER A 101 5.16 -0.70 3.62
CA SER A 101 6.54 -0.83 3.30
C SER A 101 6.75 -2.25 2.78
N PHE A 102 7.22 -2.34 1.56
CA PHE A 102 7.40 -3.60 0.91
C PHE A 102 8.79 -4.15 1.16
N VAL A 103 8.85 -5.15 2.00
CA VAL A 103 10.07 -5.88 2.27
C VAL A 103 10.00 -7.13 1.41
N CYS A 104 11.05 -7.88 1.31
CA CYS A 104 11.01 -8.94 0.35
C CYS A 104 10.83 -10.33 0.93
N LYS A 105 10.05 -11.10 0.22
CA LYS A 105 9.87 -12.50 0.44
C LYS A 105 9.52 -13.15 -0.88
N SER A 106 10.51 -13.77 -1.49
CA SER A 106 10.38 -14.39 -2.80
C SER A 106 9.41 -15.60 -2.81
N ASP A 107 9.01 -16.03 -1.64
CA ASP A 107 8.09 -17.15 -1.51
C ASP A 107 6.65 -16.68 -1.43
N ALA A 108 6.42 -15.39 -1.62
CA ALA A 108 5.07 -14.85 -1.63
C ALA A 108 4.40 -15.20 -2.98
N GLY A 109 4.78 -14.50 -4.03
CA GLY A 109 4.36 -14.88 -5.37
C GLY A 109 3.37 -13.91 -5.96
N PRO A 110 2.16 -14.38 -6.30
CA PRO A 110 1.09 -13.53 -6.85
C PRO A 110 0.26 -12.90 -5.72
N THR A 111 0.84 -12.92 -4.57
CA THR A 111 0.31 -12.40 -3.41
C THR A 111 1.53 -12.05 -2.58
N SER A 112 1.32 -11.61 -1.41
CA SER A 112 2.37 -11.18 -0.52
C SER A 112 1.89 -11.32 0.91
N GLN A 113 2.81 -11.45 1.84
CA GLN A 113 2.46 -11.66 3.24
C GLN A 113 2.27 -10.32 3.93
N PRO A 114 1.09 -10.10 4.49
CA PRO A 114 0.77 -8.88 5.22
C PRO A 114 1.12 -9.01 6.70
N LEU A 115 1.85 -8.06 7.21
CA LEU A 115 2.18 -8.05 8.61
C LEU A 115 1.87 -6.65 9.13
N LEU A 116 0.91 -6.57 10.03
CA LEU A 116 0.54 -5.32 10.64
C LEU A 116 1.64 -4.93 11.61
N LEU A 117 2.40 -3.94 11.23
CA LEU A 117 3.51 -3.50 12.00
C LEU A 117 3.04 -2.71 13.20
N SER A 118 2.24 -1.70 12.97
CA SER A 118 1.78 -0.83 14.02
C SER A 118 0.68 0.09 13.50
N VAL A 119 -0.20 0.49 14.37
CA VAL A 119 -1.23 1.43 14.04
C VAL A 119 -1.15 2.57 15.03
N ASP A 120 -1.17 3.77 14.55
CA ASP A 120 -1.09 4.92 15.42
C ASP A 120 -2.40 5.68 15.45
N GLU A 121 -3.02 5.75 16.61
CA GLU A 121 -4.30 6.46 16.76
C GLU A 121 -4.09 7.95 16.89
N HIS A 122 -2.86 8.38 17.04
CA HIS A 122 -2.55 9.79 17.21
C HIS A 122 -2.75 10.54 15.91
N THR A 123 -2.35 9.93 14.82
CA THR A 123 -2.50 10.55 13.52
C THR A 123 -3.33 9.70 12.56
N CYS A 124 -3.70 8.48 13.00
CA CYS A 124 -4.41 7.50 12.16
C CYS A 124 -3.52 6.99 11.04
N THR A 125 -2.25 6.92 11.33
CA THR A 125 -1.27 6.44 10.41
C THR A 125 -1.09 4.93 10.64
N LEU A 126 -1.24 4.18 9.59
CA LEU A 126 -1.13 2.75 9.61
C LEU A 126 0.24 2.35 9.08
N PHE A 127 0.92 1.48 9.78
CA PHE A 127 2.23 1.00 9.35
C PHE A 127 2.12 -0.48 8.99
N PHE A 128 2.41 -0.80 7.75
CA PHE A 128 2.32 -2.18 7.28
C PHE A 128 3.65 -2.67 6.75
N SER A 129 3.98 -3.88 7.11
CA SER A 129 5.13 -4.56 6.62
C SER A 129 4.66 -5.57 5.59
N TRP A 130 4.87 -5.28 4.35
CA TRP A 130 4.38 -6.12 3.31
C TRP A 130 5.51 -6.97 2.78
N HIS A 131 5.38 -8.25 2.90
CA HIS A 131 6.41 -9.18 2.48
C HIS A 131 6.11 -9.63 1.07
N THR A 132 6.74 -9.02 0.10
CA THR A 132 6.47 -9.31 -1.28
C THR A 132 7.73 -9.74 -2.02
N SER A 133 7.54 -10.55 -3.02
CA SER A 133 8.61 -11.02 -3.86
C SER A 133 9.08 -9.91 -4.81
N LEU A 134 8.19 -8.98 -5.06
CA LEU A 134 8.45 -7.88 -5.98
C LEU A 134 9.43 -6.86 -5.42
N ALA A 135 9.82 -7.04 -4.17
CA ALA A 135 10.73 -6.10 -3.53
C ALA A 135 12.19 -6.54 -3.69
N CYS A 136 12.40 -7.71 -4.24
CA CYS A 136 13.74 -8.22 -4.45
C CYS A 136 14.28 -7.86 -5.78
N GLU A 137 15.53 -7.47 -5.79
CA GLU A 137 16.25 -7.29 -6.99
C GLU A 137 16.57 -8.69 -7.48
N GLN A 138 15.95 -9.07 -8.58
CA GLN A 138 16.07 -10.43 -9.06
C GLN A 138 17.38 -10.55 -9.79
N GLU A 139 18.22 -11.40 -9.28
CA GLU A 139 19.57 -11.55 -9.79
C GLU A 139 19.60 -12.40 -11.05
N VAL A 140 18.60 -13.21 -11.23
CA VAL A 140 18.48 -14.01 -12.43
C VAL A 140 17.25 -13.54 -13.16
N MET A 1 0.55 11.98 -15.05
CA MET A 1 -0.54 12.16 -14.09
C MET A 1 -1.72 11.29 -14.48
N VAL A 2 -2.22 10.52 -13.51
CA VAL A 2 -3.33 9.58 -13.71
C VAL A 2 -2.90 8.51 -14.71
N GLN A 3 -1.80 7.88 -14.37
CA GLN A 3 -1.21 6.83 -15.15
C GLN A 3 -0.91 5.67 -14.23
N ASP A 4 -1.53 4.55 -14.47
CA ASP A 4 -1.28 3.38 -13.66
C ASP A 4 -0.03 2.63 -14.14
N ASN A 5 1.09 3.21 -13.83
CA ASN A 5 2.38 2.61 -14.16
C ASN A 5 2.61 1.39 -13.26
N CYS A 6 2.50 1.62 -11.96
CA CYS A 6 2.61 0.61 -10.93
C CYS A 6 3.97 -0.08 -11.01
N GLN A 7 4.98 0.68 -11.40
CA GLN A 7 6.30 0.15 -11.54
C GLN A 7 7.29 1.23 -11.29
N VAL A 8 8.46 0.85 -10.87
CA VAL A 8 9.53 1.78 -10.65
C VAL A 8 10.83 1.15 -11.10
N THR A 9 11.65 1.92 -11.75
CA THR A 9 12.89 1.44 -12.21
C THR A 9 13.98 1.98 -11.30
N ASN A 10 14.63 1.11 -10.57
CA ASN A 10 15.67 1.57 -9.68
C ASN A 10 16.95 1.74 -10.50
N PRO A 11 17.61 2.89 -10.37
CA PRO A 11 18.81 3.20 -11.13
C PRO A 11 20.04 2.48 -10.61
N ALA A 12 19.88 1.75 -9.53
CA ALA A 12 20.97 1.04 -8.92
C ALA A 12 21.32 -0.20 -9.72
N THR A 13 20.32 -1.04 -9.96
CA THR A 13 20.52 -2.30 -10.66
C THR A 13 19.93 -2.29 -12.08
N GLY A 14 19.08 -1.32 -12.37
CA GLY A 14 18.41 -1.31 -13.66
C GLY A 14 17.26 -2.29 -13.68
N TYR A 15 16.72 -2.53 -12.50
CA TYR A 15 15.61 -3.45 -12.34
C TYR A 15 14.32 -2.68 -12.24
N VAL A 16 13.44 -2.96 -13.15
CA VAL A 16 12.14 -2.37 -13.13
C VAL A 16 11.24 -3.29 -12.32
N PHE A 17 10.80 -2.81 -11.19
CA PHE A 17 9.93 -3.59 -10.37
C PHE A 17 8.53 -3.13 -10.60
N ASP A 18 7.73 -3.96 -11.21
CA ASP A 18 6.35 -3.62 -11.37
C ASP A 18 5.53 -4.41 -10.38
N LEU A 19 4.70 -3.73 -9.70
CA LEU A 19 3.89 -4.33 -8.69
C LEU A 19 2.61 -4.87 -9.32
N ASN A 20 2.51 -4.68 -10.64
CA ASN A 20 1.38 -5.19 -11.44
C ASN A 20 1.39 -6.69 -11.38
N SER A 21 2.58 -7.24 -11.40
CA SER A 21 2.78 -8.68 -11.36
C SER A 21 2.45 -9.28 -9.98
N LEU A 22 2.13 -8.43 -9.01
CA LEU A 22 1.85 -8.89 -7.67
C LEU A 22 0.38 -8.62 -7.33
N LYS A 23 -0.10 -7.46 -7.72
CA LYS A 23 -1.45 -7.01 -7.38
C LYS A 23 -2.57 -7.86 -8.01
N ARG A 24 -3.63 -8.02 -7.24
CA ARG A 24 -4.84 -8.69 -7.68
C ARG A 24 -5.75 -7.65 -8.35
N GLU A 25 -6.72 -8.10 -9.14
CA GLU A 25 -7.69 -7.24 -9.84
C GLU A 25 -8.33 -6.22 -8.89
N SER A 26 -8.90 -6.72 -7.83
CA SER A 26 -9.60 -5.92 -6.84
C SER A 26 -8.64 -5.40 -5.75
N GLY A 27 -7.40 -5.80 -5.84
CA GLY A 27 -6.44 -5.45 -4.85
C GLY A 27 -6.49 -6.46 -3.74
N TYR A 28 -6.40 -6.02 -2.53
CA TYR A 28 -6.49 -6.93 -1.41
C TYR A 28 -7.55 -6.51 -0.45
N THR A 29 -8.48 -7.39 -0.25
CA THR A 29 -9.52 -7.21 0.69
C THR A 29 -9.25 -8.21 1.82
N ILE A 30 -8.58 -7.77 2.84
CA ILE A 30 -8.16 -8.64 3.92
C ILE A 30 -8.93 -8.34 5.20
N SER A 31 -9.02 -9.35 6.04
CA SER A 31 -9.70 -9.21 7.30
C SER A 31 -8.79 -8.51 8.30
N ASP A 32 -9.31 -7.52 8.97
CA ASP A 32 -8.56 -6.75 9.95
C ASP A 32 -9.00 -7.13 11.36
N ILE A 33 -8.07 -7.07 12.29
CA ILE A 33 -8.28 -7.47 13.69
C ILE A 33 -9.34 -6.58 14.42
N ARG A 34 -9.50 -5.35 13.95
CA ARG A 34 -10.40 -4.39 14.59
C ARG A 34 -11.83 -4.60 14.10
N LYS A 35 -12.00 -5.62 13.26
CA LYS A 35 -13.23 -6.01 12.61
C LYS A 35 -13.58 -5.06 11.50
N GLY A 36 -13.02 -5.32 10.36
CA GLY A 36 -13.23 -4.55 9.21
C GLY A 36 -12.54 -5.22 8.08
N SER A 37 -12.95 -4.95 6.89
CA SER A 37 -12.33 -5.56 5.76
C SER A 37 -11.66 -4.48 4.93
N ILE A 38 -10.36 -4.36 5.06
CA ILE A 38 -9.67 -3.31 4.35
C ILE A 38 -9.38 -3.75 2.93
N ARG A 39 -9.92 -3.00 2.00
CA ARG A 39 -9.70 -3.25 0.62
C ARG A 39 -8.84 -2.16 0.06
N LEU A 40 -7.67 -2.53 -0.32
CA LEU A 40 -6.74 -1.64 -0.93
C LEU A 40 -6.32 -2.12 -2.30
N GLY A 41 -6.63 -1.30 -3.28
CA GLY A 41 -6.30 -1.62 -4.63
C GLY A 41 -4.95 -1.09 -4.98
N VAL A 42 -3.98 -1.98 -5.08
CA VAL A 42 -2.62 -1.60 -5.43
C VAL A 42 -2.64 -0.93 -6.80
N CYS A 43 -2.26 0.34 -6.82
CA CYS A 43 -2.17 1.15 -8.04
C CYS A 43 -3.54 1.33 -8.71
N GLY A 44 -4.59 0.98 -7.99
CA GLY A 44 -5.89 0.99 -8.56
C GLY A 44 -6.86 1.73 -7.71
N GLU A 45 -8.04 1.91 -8.24
CA GLU A 45 -9.08 2.60 -7.53
C GLU A 45 -10.15 1.62 -7.13
N VAL A 46 -10.69 1.81 -5.97
CA VAL A 46 -11.78 1.01 -5.51
C VAL A 46 -13.08 1.82 -5.61
N LYS A 47 -13.75 1.70 -6.75
CA LYS A 47 -14.95 2.49 -7.07
C LYS A 47 -16.09 2.17 -6.15
N ASP A 48 -15.99 1.05 -5.46
CA ASP A 48 -16.99 0.64 -4.48
C ASP A 48 -17.02 1.61 -3.30
N CYS A 49 -15.93 2.34 -3.11
CA CYS A 49 -15.87 3.31 -2.04
C CYS A 49 -15.83 4.73 -2.62
N GLY A 50 -15.57 4.82 -3.90
CA GLY A 50 -15.52 6.10 -4.56
C GLY A 50 -14.41 6.17 -5.60
N PRO A 51 -14.54 7.04 -6.60
CA PRO A 51 -13.51 7.22 -7.61
C PRO A 51 -12.29 7.93 -7.04
N GLY A 52 -11.12 7.52 -7.45
CA GLY A 52 -9.91 8.12 -6.97
C GLY A 52 -9.51 7.67 -5.58
N ILE A 53 -10.20 6.66 -5.05
CA ILE A 53 -9.86 6.13 -3.74
C ILE A 53 -9.20 4.79 -3.93
N GLY A 54 -8.12 4.55 -3.22
CA GLY A 54 -7.40 3.31 -3.40
C GLY A 54 -7.60 2.33 -2.26
N ALA A 55 -7.67 2.85 -1.05
CA ALA A 55 -7.83 2.01 0.12
C ALA A 55 -9.05 2.43 0.90
N CYS A 56 -9.95 1.52 1.13
CA CYS A 56 -11.15 1.84 1.85
C CYS A 56 -11.47 0.76 2.87
N PHE A 57 -12.17 1.15 3.90
CA PHE A 57 -12.57 0.28 4.95
C PHE A 57 -13.93 -0.31 4.59
N GLU A 58 -13.90 -1.55 4.10
CA GLU A 58 -15.09 -2.38 3.70
C GLU A 58 -16.13 -1.67 2.83
N GLY A 59 -15.70 -0.62 2.18
CA GLY A 59 -16.57 0.20 1.36
C GLY A 59 -17.68 0.91 2.13
N THR A 60 -17.48 1.20 3.42
CA THR A 60 -18.51 1.91 4.17
C THR A 60 -18.38 3.41 3.92
N GLY A 61 -17.25 3.80 3.39
CA GLY A 61 -17.02 5.17 3.09
C GLY A 61 -15.80 5.70 3.79
N ILE A 62 -15.32 4.95 4.78
CA ILE A 62 -14.13 5.37 5.51
C ILE A 62 -12.90 5.03 4.69
N LYS A 63 -12.17 6.04 4.33
CA LYS A 63 -11.06 5.90 3.46
C LYS A 63 -9.77 5.80 4.24
N ALA A 64 -8.91 4.91 3.82
CA ALA A 64 -7.64 4.68 4.48
C ALA A 64 -6.52 5.14 3.55
N GLY A 65 -6.91 5.84 2.51
CA GLY A 65 -5.95 6.34 1.57
C GLY A 65 -6.55 6.57 0.21
N LYS A 66 -6.30 7.73 -0.32
CA LYS A 66 -6.76 8.12 -1.62
C LYS A 66 -5.78 7.53 -2.64
N TRP A 67 -6.24 7.33 -3.85
CA TRP A 67 -5.40 6.79 -4.88
C TRP A 67 -4.40 7.83 -5.33
N ASN A 68 -3.16 7.43 -5.33
CA ASN A 68 -2.09 8.26 -5.78
C ASN A 68 -0.96 7.33 -6.16
N GLN A 69 -0.30 7.63 -7.24
CA GLN A 69 0.81 6.80 -7.65
C GLN A 69 2.08 7.24 -6.98
N LYS A 70 2.22 6.87 -5.75
CA LYS A 70 3.41 7.14 -5.03
C LYS A 70 4.14 5.87 -4.70
N LEU A 71 5.08 5.55 -5.54
CA LEU A 71 5.88 4.37 -5.39
C LEU A 71 7.28 4.79 -5.01
N SER A 72 7.58 4.64 -3.77
CA SER A 72 8.84 5.06 -3.23
C SER A 72 9.77 3.86 -3.08
N TYR A 73 11.04 4.07 -3.37
CA TYR A 73 12.05 3.03 -3.18
C TYR A 73 13.07 3.61 -2.23
N VAL A 74 13.01 3.24 -0.98
CA VAL A 74 13.89 3.82 0.02
C VAL A 74 14.46 2.74 0.89
N ASP A 75 15.80 2.69 1.02
CA ASP A 75 16.50 1.75 1.94
C ASP A 75 16.14 0.29 1.57
N GLN A 76 15.97 0.07 0.26
CA GLN A 76 15.60 -1.22 -0.32
C GLN A 76 14.15 -1.64 0.00
N VAL A 77 13.41 -0.83 0.71
CA VAL A 77 12.04 -1.16 1.00
C VAL A 77 11.14 -0.41 0.03
N LEU A 78 10.19 -1.10 -0.53
CA LEU A 78 9.29 -0.49 -1.47
C LEU A 78 8.18 0.16 -0.67
N GLN A 79 7.85 1.38 -0.97
CA GLN A 79 6.86 2.07 -0.19
C GLN A 79 5.70 2.55 -1.04
N LEU A 80 4.54 2.00 -0.77
CA LEU A 80 3.33 2.48 -1.39
C LEU A 80 2.61 3.31 -0.35
N VAL A 81 2.53 4.59 -0.61
CA VAL A 81 2.01 5.52 0.36
C VAL A 81 0.60 6.00 -0.02
N TYR A 82 -0.36 5.60 0.78
CA TYR A 82 -1.73 6.06 0.62
C TYR A 82 -1.94 7.25 1.54
N GLU A 83 -2.18 8.38 0.97
CA GLU A 83 -2.41 9.61 1.71
C GLU A 83 -3.84 10.04 1.55
N ASP A 84 -4.27 10.96 2.40
CA ASP A 84 -5.64 11.49 2.42
C ASP A 84 -6.66 10.41 2.68
N GLY A 85 -6.81 10.08 3.93
CA GLY A 85 -7.81 9.14 4.33
C GLY A 85 -8.98 9.87 4.93
N ASP A 86 -9.38 9.47 6.09
CA ASP A 86 -10.44 10.17 6.81
C ASP A 86 -9.91 10.82 8.06
N PRO A 87 -10.47 11.97 8.46
CA PRO A 87 -10.00 12.76 9.61
C PRO A 87 -10.20 12.03 10.94
N CYS A 88 -9.20 12.05 11.75
CA CYS A 88 -9.24 11.43 13.05
C CYS A 88 -9.52 12.48 14.13
N PRO A 89 -10.20 12.09 15.22
CA PRO A 89 -10.67 13.02 16.25
C PRO A 89 -9.58 13.59 17.18
N ALA A 90 -8.32 13.28 16.93
CA ALA A 90 -7.26 13.76 17.80
C ALA A 90 -6.82 15.16 17.40
N ASN A 91 -6.23 15.28 16.23
CA ASN A 91 -5.74 16.57 15.74
C ASN A 91 -6.57 17.06 14.57
N LEU A 92 -7.60 16.29 14.21
CA LEU A 92 -8.54 16.61 13.13
C LEU A 92 -7.93 16.50 11.73
N HIS A 93 -6.87 17.23 11.46
CA HIS A 93 -6.26 17.25 10.13
C HIS A 93 -5.44 15.97 9.89
N LEU A 94 -5.23 15.20 10.93
CA LEU A 94 -4.52 13.95 10.79
C LEU A 94 -5.52 12.92 10.33
N LYS A 95 -5.20 12.29 9.24
CA LYS A 95 -6.11 11.37 8.61
C LYS A 95 -5.50 10.00 8.56
N TYR A 96 -6.33 9.00 8.35
CA TYR A 96 -5.88 7.63 8.15
C TYR A 96 -4.93 7.56 6.96
N LYS A 97 -3.69 7.34 7.27
CA LYS A 97 -2.63 7.27 6.30
C LYS A 97 -2.14 5.85 6.29
N SER A 98 -2.00 5.26 5.15
CA SER A 98 -1.56 3.91 5.11
C SER A 98 -0.28 3.81 4.29
N VAL A 99 0.78 3.37 4.92
CA VAL A 99 2.03 3.18 4.24
C VAL A 99 2.40 1.71 4.22
N ILE A 100 2.28 1.11 3.07
CA ILE A 100 2.60 -0.27 2.93
C ILE A 100 4.04 -0.36 2.50
N SER A 101 4.86 -0.78 3.40
CA SER A 101 6.21 -0.99 3.13
C SER A 101 6.38 -2.43 2.71
N PHE A 102 6.78 -2.61 1.52
CA PHE A 102 7.00 -3.90 1.00
C PHE A 102 8.40 -4.29 1.38
N VAL A 103 8.48 -5.15 2.33
CA VAL A 103 9.71 -5.59 2.92
C VAL A 103 10.14 -6.84 2.20
N CYS A 104 11.42 -7.07 2.16
CA CYS A 104 11.97 -8.15 1.41
C CYS A 104 11.76 -9.49 2.08
N LYS A 105 11.36 -10.42 1.26
CA LYS A 105 11.26 -11.80 1.57
C LYS A 105 11.51 -12.51 0.27
N SER A 106 12.69 -13.02 0.10
CA SER A 106 13.08 -13.68 -1.13
C SER A 106 12.23 -14.91 -1.37
N ASP A 107 11.93 -15.63 -0.33
CA ASP A 107 11.12 -16.79 -0.49
C ASP A 107 9.68 -16.46 -0.15
N ALA A 108 9.07 -15.71 -1.04
CA ALA A 108 7.67 -15.38 -0.92
C ALA A 108 6.95 -15.57 -2.26
N GLY A 109 7.43 -14.89 -3.27
CA GLY A 109 6.81 -14.94 -4.57
C GLY A 109 5.51 -14.18 -4.57
N PRO A 110 4.52 -14.62 -5.37
CA PRO A 110 3.21 -13.96 -5.41
C PRO A 110 2.47 -14.19 -4.09
N THR A 111 2.87 -15.24 -3.38
CA THR A 111 2.33 -15.53 -2.10
C THR A 111 3.17 -14.85 -1.04
N SER A 112 3.09 -13.56 -1.07
CA SER A 112 3.78 -12.71 -0.16
C SER A 112 3.07 -12.71 1.19
N GLN A 113 3.76 -12.28 2.22
CA GLN A 113 3.21 -12.30 3.55
C GLN A 113 2.84 -10.90 4.01
N PRO A 114 1.58 -10.68 4.35
CA PRO A 114 1.12 -9.40 4.89
C PRO A 114 1.53 -9.29 6.37
N LEU A 115 1.71 -8.08 6.84
CA LEU A 115 2.05 -7.87 8.23
C LEU A 115 1.62 -6.51 8.70
N LEU A 116 0.78 -6.51 9.69
CA LEU A 116 0.43 -5.29 10.36
C LEU A 116 1.58 -4.97 11.30
N LEU A 117 2.27 -3.89 11.02
CA LEU A 117 3.45 -3.55 11.77
C LEU A 117 3.08 -2.69 12.98
N SER A 118 2.22 -1.72 12.75
CA SER A 118 1.84 -0.78 13.80
C SER A 118 0.62 0.01 13.34
N VAL A 119 -0.18 0.42 14.30
CA VAL A 119 -1.34 1.24 14.05
C VAL A 119 -1.27 2.40 15.01
N ASP A 120 -1.05 3.58 14.51
CA ASP A 120 -0.92 4.72 15.37
C ASP A 120 -2.24 5.42 15.52
N GLU A 121 -2.70 5.54 16.75
CA GLU A 121 -3.98 6.18 17.05
C GLU A 121 -3.92 7.71 17.04
N HIS A 122 -2.72 8.27 17.01
CA HIS A 122 -2.58 9.72 17.09
C HIS A 122 -2.66 10.36 15.72
N THR A 123 -1.84 9.87 14.82
CA THR A 123 -1.74 10.39 13.49
C THR A 123 -2.56 9.56 12.52
N CYS A 124 -2.92 8.34 12.95
CA CYS A 124 -3.67 7.37 12.15
C CYS A 124 -2.83 6.81 11.03
N THR A 125 -1.53 6.84 11.22
CA THR A 125 -0.63 6.28 10.29
C THR A 125 -0.58 4.77 10.51
N LEU A 126 -0.96 4.05 9.50
CA LEU A 126 -1.00 2.62 9.51
C LEU A 126 0.28 2.11 8.90
N PHE A 127 0.96 1.25 9.60
CA PHE A 127 2.20 0.70 9.12
C PHE A 127 2.02 -0.74 8.77
N PHE A 128 2.21 -1.05 7.52
CA PHE A 128 2.13 -2.41 7.04
C PHE A 128 3.45 -2.80 6.43
N SER A 129 3.88 -4.00 6.66
CA SER A 129 5.06 -4.51 6.05
C SER A 129 4.73 -5.77 5.27
N TRP A 130 4.67 -5.62 3.99
CA TRP A 130 4.29 -6.68 3.10
C TRP A 130 5.55 -7.40 2.65
N HIS A 131 5.76 -8.58 3.15
CA HIS A 131 6.95 -9.36 2.85
C HIS A 131 6.80 -9.99 1.48
N THR A 132 7.37 -9.36 0.49
CA THR A 132 7.28 -9.81 -0.86
C THR A 132 8.66 -9.84 -1.51
N SER A 133 8.82 -10.68 -2.50
CA SER A 133 10.05 -10.83 -3.20
C SER A 133 10.28 -9.67 -4.18
N LEU A 134 9.19 -9.05 -4.61
CA LEU A 134 9.25 -7.93 -5.56
C LEU A 134 9.81 -6.66 -4.91
N ALA A 135 10.04 -6.74 -3.62
CA ALA A 135 10.54 -5.63 -2.85
C ALA A 135 12.03 -5.81 -2.61
N CYS A 136 12.54 -6.91 -3.06
CA CYS A 136 13.92 -7.20 -2.89
C CYS A 136 14.66 -6.79 -4.13
N GLU A 137 15.86 -6.32 -3.96
CA GLU A 137 16.74 -6.13 -5.06
C GLU A 137 17.00 -7.55 -5.56
N GLN A 138 16.50 -7.86 -6.72
CA GLN A 138 16.41 -9.23 -7.14
C GLN A 138 17.70 -9.81 -7.67
N GLU A 139 17.91 -11.08 -7.33
CA GLU A 139 19.07 -11.86 -7.72
C GLU A 139 19.04 -12.20 -9.21
N VAL A 140 17.85 -12.38 -9.72
CA VAL A 140 17.64 -12.80 -11.08
C VAL A 140 16.65 -11.86 -11.78
N MET A 1 7.05 16.97 -16.71
CA MET A 1 7.30 16.59 -15.32
C MET A 1 7.60 15.11 -15.28
N VAL A 2 8.03 14.62 -14.15
CA VAL A 2 8.39 13.22 -14.01
C VAL A 2 7.16 12.45 -13.60
N GLN A 3 6.74 11.51 -14.41
CA GLN A 3 5.61 10.68 -14.08
C GLN A 3 6.06 9.64 -13.08
N ASP A 4 5.40 9.59 -11.96
CA ASP A 4 5.73 8.60 -10.95
C ASP A 4 4.82 7.41 -11.19
N ASN A 5 5.39 6.24 -11.29
CA ASN A 5 4.61 5.07 -11.70
C ASN A 5 4.90 3.91 -10.74
N CYS A 6 4.09 2.88 -10.80
CA CYS A 6 4.20 1.72 -9.93
C CYS A 6 5.30 0.78 -10.35
N GLN A 7 6.00 1.16 -11.39
CA GLN A 7 7.16 0.45 -11.78
C GLN A 7 8.33 1.41 -11.65
N VAL A 8 9.25 1.08 -10.82
CA VAL A 8 10.37 1.94 -10.63
C VAL A 8 11.66 1.25 -11.00
N THR A 9 12.37 1.85 -11.90
CA THR A 9 13.62 1.33 -12.36
C THR A 9 14.73 2.00 -11.58
N ASN A 10 15.59 1.22 -10.98
CA ASN A 10 16.69 1.81 -10.30
C ASN A 10 17.85 1.89 -11.26
N PRO A 11 18.53 3.03 -11.32
CA PRO A 11 19.65 3.22 -12.21
C PRO A 11 20.95 2.62 -11.65
N ALA A 12 20.85 1.97 -10.52
CA ALA A 12 21.99 1.35 -9.89
C ALA A 12 22.34 0.04 -10.58
N THR A 13 21.48 -0.95 -10.43
CA THR A 13 21.71 -2.24 -11.01
C THR A 13 20.91 -2.45 -12.29
N GLY A 14 19.87 -1.64 -12.46
CA GLY A 14 19.07 -1.71 -13.67
C GLY A 14 17.78 -2.50 -13.51
N TYR A 15 17.53 -2.98 -12.30
CA TYR A 15 16.32 -3.73 -12.04
C TYR A 15 15.09 -2.84 -12.03
N VAL A 16 14.01 -3.35 -12.57
CA VAL A 16 12.75 -2.66 -12.61
C VAL A 16 11.80 -3.34 -11.64
N PHE A 17 11.36 -2.62 -10.66
CA PHE A 17 10.43 -3.17 -9.69
C PHE A 17 9.02 -2.79 -10.13
N ASP A 18 8.30 -3.73 -10.72
CA ASP A 18 6.94 -3.47 -11.16
C ASP A 18 5.96 -4.02 -10.16
N LEU A 19 5.26 -3.15 -9.50
CA LEU A 19 4.33 -3.55 -8.48
C LEU A 19 2.96 -3.92 -9.10
N ASN A 20 2.85 -3.78 -10.40
CA ASN A 20 1.58 -4.06 -11.08
C ASN A 20 1.42 -5.55 -11.28
N SER A 21 2.54 -6.24 -11.25
CA SER A 21 2.61 -7.68 -11.33
C SER A 21 2.24 -8.29 -9.96
N LEU A 22 2.14 -7.45 -8.94
CA LEU A 22 1.86 -7.91 -7.59
C LEU A 22 0.41 -7.55 -7.22
N LYS A 23 0.05 -6.31 -7.53
CA LYS A 23 -1.23 -5.69 -7.15
C LYS A 23 -2.46 -6.54 -7.48
N ARG A 24 -3.46 -6.43 -6.64
CA ARG A 24 -4.70 -7.10 -6.85
C ARG A 24 -5.69 -6.05 -7.34
N GLU A 25 -6.33 -6.32 -8.45
CA GLU A 25 -7.21 -5.35 -9.11
C GLU A 25 -8.43 -4.98 -8.26
N SER A 26 -9.04 -5.96 -7.63
CA SER A 26 -10.19 -5.72 -6.81
C SER A 26 -9.77 -5.36 -5.36
N GLY A 27 -8.47 -5.20 -5.15
CA GLY A 27 -7.96 -4.84 -3.87
C GLY A 27 -7.85 -6.01 -2.91
N TYR A 28 -7.05 -5.85 -1.89
CA TYR A 28 -6.90 -6.86 -0.88
C TYR A 28 -7.75 -6.48 0.31
N THR A 29 -8.70 -7.29 0.65
CA THR A 29 -9.50 -7.06 1.83
C THR A 29 -8.88 -7.84 2.98
N ILE A 30 -8.16 -7.15 3.81
CA ILE A 30 -7.51 -7.75 4.94
C ILE A 30 -8.01 -7.12 6.21
N SER A 31 -8.18 -7.91 7.22
CA SER A 31 -8.62 -7.44 8.47
C SER A 31 -7.43 -7.35 9.40
N ASP A 32 -7.34 -6.28 10.14
CA ASP A 32 -6.27 -6.12 11.11
C ASP A 32 -6.68 -6.83 12.40
N ILE A 33 -5.77 -6.87 13.37
CA ILE A 33 -6.02 -7.57 14.63
C ILE A 33 -7.18 -6.89 15.43
N ARG A 34 -7.45 -5.64 15.13
CA ARG A 34 -8.51 -4.88 15.77
C ARG A 34 -9.84 -4.99 14.98
N LYS A 35 -9.81 -5.79 13.90
CA LYS A 35 -10.99 -6.11 13.06
C LYS A 35 -11.33 -5.05 12.03
N GLY A 36 -10.39 -4.21 11.73
CA GLY A 36 -10.61 -3.26 10.69
C GLY A 36 -10.38 -3.91 9.36
N SER A 37 -11.45 -4.19 8.66
CA SER A 37 -11.36 -4.82 7.37
C SER A 37 -11.11 -3.77 6.32
N ILE A 38 -9.87 -3.63 5.95
CA ILE A 38 -9.46 -2.65 5.03
C ILE A 38 -9.19 -3.30 3.66
N ARG A 39 -9.69 -2.67 2.65
CA ARG A 39 -9.55 -3.12 1.30
C ARG A 39 -8.61 -2.16 0.61
N LEU A 40 -7.45 -2.63 0.26
CA LEU A 40 -6.48 -1.77 -0.39
C LEU A 40 -6.22 -2.24 -1.80
N GLY A 41 -6.43 -1.37 -2.73
CA GLY A 41 -6.11 -1.64 -4.08
C GLY A 41 -4.78 -1.02 -4.38
N VAL A 42 -3.88 -1.78 -4.88
CA VAL A 42 -2.58 -1.27 -5.17
C VAL A 42 -2.59 -0.68 -6.58
N CYS A 43 -2.36 0.63 -6.69
CA CYS A 43 -2.25 1.34 -7.97
C CYS A 43 -3.57 1.45 -8.73
N GLY A 44 -4.60 0.91 -8.15
CA GLY A 44 -5.89 0.90 -8.74
C GLY A 44 -6.87 1.31 -7.71
N GLU A 45 -7.82 2.07 -8.10
CA GLU A 45 -8.81 2.60 -7.21
C GLU A 45 -9.79 1.52 -6.82
N VAL A 46 -10.14 1.49 -5.57
CA VAL A 46 -11.15 0.60 -5.10
C VAL A 46 -12.52 1.15 -5.42
N LYS A 47 -12.99 0.84 -6.62
CA LYS A 47 -14.30 1.26 -7.11
C LYS A 47 -15.42 0.80 -6.20
N ASP A 48 -15.10 -0.19 -5.38
CA ASP A 48 -16.00 -0.77 -4.40
C ASP A 48 -16.26 0.19 -3.25
N CYS A 49 -15.37 1.15 -3.08
CA CYS A 49 -15.53 2.14 -2.02
C CYS A 49 -15.68 3.55 -2.58
N GLY A 50 -15.25 3.75 -3.80
CA GLY A 50 -15.37 5.04 -4.40
C GLY A 50 -14.23 5.35 -5.34
N PRO A 51 -14.45 6.21 -6.32
CA PRO A 51 -13.43 6.59 -7.31
C PRO A 51 -12.33 7.42 -6.68
N GLY A 52 -11.12 7.18 -7.13
CA GLY A 52 -9.97 7.91 -6.63
C GLY A 52 -9.56 7.49 -5.22
N ILE A 53 -10.12 6.42 -4.73
CA ILE A 53 -9.76 5.93 -3.41
C ILE A 53 -8.94 4.67 -3.59
N GLY A 54 -7.83 4.56 -2.87
CA GLY A 54 -6.98 3.40 -3.04
C GLY A 54 -7.17 2.39 -1.94
N ALA A 55 -7.30 2.87 -0.74
CA ALA A 55 -7.49 2.04 0.42
C ALA A 55 -8.73 2.50 1.16
N CYS A 56 -9.56 1.58 1.56
CA CYS A 56 -10.79 1.93 2.24
C CYS A 56 -11.13 0.89 3.29
N PHE A 57 -11.81 1.29 4.32
CA PHE A 57 -12.32 0.36 5.29
C PHE A 57 -13.71 -0.03 4.88
N GLU A 58 -13.90 -1.30 4.64
CA GLU A 58 -15.17 -1.79 4.22
C GLU A 58 -16.11 -1.85 5.39
N GLY A 59 -17.05 -0.97 5.37
CA GLY A 59 -18.01 -0.85 6.43
C GLY A 59 -18.74 0.45 6.29
N THR A 60 -18.06 1.52 6.61
CA THR A 60 -18.62 2.84 6.43
C THR A 60 -18.14 3.44 5.12
N GLY A 61 -17.06 2.87 4.60
CA GLY A 61 -16.49 3.33 3.38
C GLY A 61 -15.46 4.40 3.62
N ILE A 62 -14.97 4.46 4.84
CA ILE A 62 -13.97 5.45 5.22
C ILE A 62 -12.65 5.18 4.50
N LYS A 63 -12.09 6.23 4.01
CA LYS A 63 -10.90 6.18 3.19
C LYS A 63 -9.68 6.02 4.09
N ALA A 64 -8.77 5.17 3.69
CA ALA A 64 -7.54 4.95 4.42
C ALA A 64 -6.37 5.30 3.51
N GLY A 65 -6.67 6.06 2.49
CA GLY A 65 -5.68 6.45 1.54
C GLY A 65 -6.29 6.71 0.18
N LYS A 66 -6.05 7.88 -0.32
CA LYS A 66 -6.52 8.29 -1.61
C LYS A 66 -5.57 7.79 -2.67
N TRP A 67 -6.10 7.42 -3.82
CA TRP A 67 -5.32 6.88 -4.91
C TRP A 67 -4.28 7.86 -5.36
N ASN A 68 -3.07 7.39 -5.50
CA ASN A 68 -1.95 8.16 -5.92
C ASN A 68 -0.90 7.17 -6.30
N GLN A 69 -0.12 7.48 -7.29
CA GLN A 69 0.95 6.62 -7.66
C GLN A 69 2.25 7.28 -7.36
N LYS A 70 2.69 7.13 -6.15
CA LYS A 70 3.94 7.67 -5.71
C LYS A 70 4.77 6.56 -5.11
N LEU A 71 5.74 6.12 -5.85
CA LEU A 71 6.62 5.03 -5.47
C LEU A 71 7.93 5.54 -4.94
N SER A 72 8.22 5.24 -3.72
CA SER A 72 9.46 5.62 -3.12
C SER A 72 10.25 4.34 -2.90
N TYR A 73 11.56 4.42 -2.99
CA TYR A 73 12.35 3.26 -2.80
C TYR A 73 13.45 3.52 -1.80
N VAL A 74 13.52 2.66 -0.84
CA VAL A 74 14.54 2.64 0.14
C VAL A 74 15.31 1.35 -0.13
N ASP A 75 16.55 1.28 0.29
CA ASP A 75 17.35 0.07 0.14
C ASP A 75 16.59 -1.12 0.61
N GLN A 76 16.28 -1.98 -0.35
CA GLN A 76 15.55 -3.22 -0.21
C GLN A 76 14.16 -3.05 0.46
N VAL A 77 13.63 -1.85 0.41
CA VAL A 77 12.32 -1.58 0.96
C VAL A 77 11.53 -0.68 0.00
N LEU A 78 10.42 -1.19 -0.48
CA LEU A 78 9.58 -0.45 -1.39
C LEU A 78 8.58 0.33 -0.53
N GLN A 79 8.41 1.61 -0.79
CA GLN A 79 7.51 2.44 0.00
C GLN A 79 6.35 2.95 -0.82
N LEU A 80 5.16 2.52 -0.45
CA LEU A 80 3.93 2.98 -1.07
C LEU A 80 3.02 3.53 0.02
N VAL A 81 2.82 4.82 0.00
CA VAL A 81 2.03 5.48 1.01
C VAL A 81 0.73 6.02 0.43
N TYR A 82 -0.35 5.61 1.01
CA TYR A 82 -1.65 6.10 0.67
C TYR A 82 -2.06 7.14 1.68
N GLU A 83 -1.93 8.38 1.32
CA GLU A 83 -2.31 9.46 2.20
C GLU A 83 -3.66 10.02 1.86
N ASP A 84 -4.06 11.01 2.65
CA ASP A 84 -5.30 11.77 2.52
C ASP A 84 -6.54 10.88 2.43
N GLY A 85 -6.84 10.24 3.53
CA GLY A 85 -7.99 9.38 3.59
C GLY A 85 -9.15 10.08 4.23
N ASP A 86 -9.78 9.41 5.16
CA ASP A 86 -10.86 10.00 5.91
C ASP A 86 -10.29 10.68 7.12
N PRO A 87 -10.82 11.84 7.47
CA PRO A 87 -10.32 12.61 8.63
C PRO A 87 -10.57 11.89 9.94
N CYS A 88 -9.64 11.99 10.81
CA CYS A 88 -9.77 11.39 12.10
C CYS A 88 -10.24 12.43 13.10
N PRO A 89 -11.16 12.06 13.99
CA PRO A 89 -11.82 13.01 14.92
C PRO A 89 -10.86 13.75 15.85
N ALA A 90 -9.70 13.20 16.07
CA ALA A 90 -8.74 13.78 16.96
C ALA A 90 -8.17 15.10 16.44
N ASN A 91 -7.68 15.13 15.22
CA ASN A 91 -7.11 16.36 14.68
C ASN A 91 -7.74 16.82 13.38
N LEU A 92 -8.60 16.00 12.79
CA LEU A 92 -9.31 16.28 11.51
C LEU A 92 -8.39 16.32 10.29
N HIS A 93 -7.33 17.10 10.37
CA HIS A 93 -6.34 17.16 9.30
C HIS A 93 -5.48 15.92 9.27
N LEU A 94 -5.55 15.14 10.32
CA LEU A 94 -4.90 13.86 10.35
C LEU A 94 -5.90 12.88 9.81
N LYS A 95 -5.50 12.05 8.90
CA LYS A 95 -6.42 11.17 8.24
C LYS A 95 -5.87 9.78 8.21
N TYR A 96 -6.74 8.81 7.97
CA TYR A 96 -6.33 7.43 7.85
C TYR A 96 -5.40 7.32 6.65
N LYS A 97 -4.19 6.94 6.91
CA LYS A 97 -3.20 6.82 5.90
C LYS A 97 -2.55 5.47 6.03
N SER A 98 -2.22 4.87 4.93
CA SER A 98 -1.66 3.56 4.94
C SER A 98 -0.29 3.59 4.31
N VAL A 99 0.70 3.27 5.08
CA VAL A 99 2.04 3.18 4.58
C VAL A 99 2.44 1.72 4.49
N ILE A 100 2.55 1.26 3.28
CA ILE A 100 2.88 -0.11 3.06
C ILE A 100 4.37 -0.20 2.79
N SER A 101 5.05 -0.77 3.73
CA SER A 101 6.45 -0.95 3.65
C SER A 101 6.69 -2.36 3.11
N PHE A 102 7.17 -2.44 1.92
CA PHE A 102 7.41 -3.71 1.29
C PHE A 102 8.80 -4.18 1.66
N VAL A 103 8.87 -5.28 2.39
CA VAL A 103 10.11 -5.88 2.79
C VAL A 103 10.32 -7.18 2.01
N CYS A 104 11.55 -7.55 1.81
CA CYS A 104 11.91 -8.67 0.93
C CYS A 104 11.62 -10.01 1.60
N LYS A 105 10.84 -10.81 0.92
CA LYS A 105 10.51 -12.14 1.38
C LYS A 105 10.54 -13.06 0.16
N SER A 106 11.50 -13.95 0.11
CA SER A 106 11.71 -14.82 -1.04
C SER A 106 10.58 -15.86 -1.13
N ASP A 107 9.93 -16.11 0.00
CA ASP A 107 8.81 -17.08 0.10
C ASP A 107 7.56 -16.55 -0.58
N ALA A 108 7.59 -15.30 -0.98
CA ALA A 108 6.42 -14.65 -1.48
C ALA A 108 6.23 -14.77 -2.97
N GLY A 109 6.98 -14.01 -3.73
CA GLY A 109 6.71 -13.91 -5.14
C GLY A 109 5.47 -13.06 -5.33
N PRO A 110 4.60 -13.36 -6.31
CA PRO A 110 3.34 -12.65 -6.49
C PRO A 110 2.38 -12.93 -5.32
N THR A 111 2.61 -14.04 -4.63
CA THR A 111 1.83 -14.40 -3.50
C THR A 111 2.51 -13.90 -2.23
N SER A 112 2.48 -12.60 -2.07
CA SER A 112 3.14 -11.94 -0.99
C SER A 112 2.38 -12.08 0.35
N GLN A 113 3.04 -11.71 1.42
CA GLN A 113 2.48 -11.84 2.75
C GLN A 113 2.11 -10.47 3.32
N PRO A 114 0.84 -10.27 3.66
CA PRO A 114 0.38 -9.04 4.32
C PRO A 114 0.51 -9.15 5.84
N LEU A 115 1.12 -8.18 6.48
CA LEU A 115 1.27 -8.22 7.92
C LEU A 115 1.11 -6.82 8.49
N LEU A 116 0.37 -6.71 9.59
CA LEU A 116 0.25 -5.46 10.30
C LEU A 116 1.49 -5.28 11.13
N LEU A 117 2.14 -4.17 10.95
CA LEU A 117 3.37 -3.91 11.66
C LEU A 117 3.08 -3.09 12.90
N SER A 118 2.17 -2.14 12.77
CA SER A 118 1.79 -1.25 13.85
C SER A 118 0.68 -0.34 13.35
N VAL A 119 -0.05 0.25 14.25
CA VAL A 119 -1.06 1.22 13.92
C VAL A 119 -1.04 2.34 14.95
N ASP A 120 -1.18 3.55 14.49
CA ASP A 120 -1.21 4.70 15.38
C ASP A 120 -2.53 5.39 15.26
N GLU A 121 -3.24 5.48 16.35
CA GLU A 121 -4.58 6.08 16.37
C GLU A 121 -4.55 7.60 16.44
N HIS A 122 -3.37 8.17 16.59
CA HIS A 122 -3.26 9.62 16.73
C HIS A 122 -3.26 10.24 15.37
N THR A 123 -2.41 9.73 14.54
CA THR A 123 -2.21 10.24 13.22
C THR A 123 -2.95 9.38 12.20
N CYS A 124 -3.46 8.23 12.69
CA CYS A 124 -4.17 7.24 11.88
C CYS A 124 -3.24 6.63 10.85
N THR A 125 -2.01 6.44 11.27
CA THR A 125 -1.00 5.88 10.44
C THR A 125 -1.04 4.36 10.55
N LEU A 126 -1.37 3.72 9.46
CA LEU A 126 -1.38 2.28 9.38
C LEU A 126 -0.04 1.81 8.84
N PHE A 127 0.72 1.09 9.65
CA PHE A 127 2.02 0.59 9.24
C PHE A 127 1.86 -0.87 8.86
N PHE A 128 2.03 -1.17 7.60
CA PHE A 128 1.93 -2.53 7.13
C PHE A 128 3.21 -2.97 6.48
N SER A 129 3.66 -4.11 6.87
CA SER A 129 4.85 -4.67 6.32
C SER A 129 4.48 -5.75 5.33
N TRP A 130 4.60 -5.43 4.08
CA TRP A 130 4.21 -6.32 3.05
C TRP A 130 5.43 -7.11 2.65
N HIS A 131 5.38 -8.37 2.89
CA HIS A 131 6.50 -9.23 2.63
C HIS A 131 6.41 -9.72 1.21
N THR A 132 7.21 -9.14 0.34
CA THR A 132 7.17 -9.48 -1.06
C THR A 132 8.59 -9.63 -1.61
N SER A 133 8.76 -10.43 -2.64
CA SER A 133 10.05 -10.60 -3.26
C SER A 133 10.39 -9.35 -4.07
N LEU A 134 9.36 -8.65 -4.51
CA LEU A 134 9.49 -7.46 -5.37
C LEU A 134 10.09 -6.27 -4.65
N ALA A 135 10.29 -6.41 -3.35
CA ALA A 135 10.88 -5.35 -2.55
C ALA A 135 12.37 -5.31 -2.78
N CYS A 136 12.93 -6.47 -2.98
CA CYS A 136 14.33 -6.58 -3.25
C CYS A 136 14.57 -6.72 -4.70
N GLU A 137 15.82 -6.66 -5.07
CA GLU A 137 16.23 -6.83 -6.42
C GLU A 137 15.94 -8.27 -6.80
N GLN A 138 14.93 -8.43 -7.61
CA GLN A 138 14.42 -9.74 -7.95
C GLN A 138 15.28 -10.39 -9.00
N GLU A 139 15.24 -11.70 -9.00
CA GLU A 139 16.03 -12.51 -9.89
C GLU A 139 15.59 -12.28 -11.33
N VAL A 140 14.30 -12.36 -11.56
CA VAL A 140 13.72 -12.12 -12.85
C VAL A 140 12.66 -11.04 -12.67
#